data_2L1C
#
_entry.id   2L1C
#
loop_
_entity.id
_entity.type
_entity.pdbx_description
1 polymer 'SHC (Src homology 2 domain containing) transforming protein 1, isoform CRA_d'
2 polymer 'Integrin beta-3'
#
loop_
_entity_poly.entity_id
_entity_poly.type
_entity_poly.pdbx_seq_one_letter_code
_entity_poly.pdbx_strand_id
1 'polypeptide(L)'
;GSSHHHHHHSSGLVPRGSHMGQLGGEEWTRHGSFVNKPTRGWLHPNDKVMGPGVSYLVRYMGCVEVLQSMRALDFNTRTQ
VTREAISLVCEAVPGAKGATRRRKPCSRPLSSILGRSNLKFAGMPITLTVSTSSLNLMAADCKQIIANHHMQSISFASGG
DPDTAEYVAYVAKDPVNQRACHILECPEGLAQDVISTIGQAFELRFKQYLR
;
A
2 'polypeptide(L)' RAKWDTANNPL(PTR)KEATSTFTNIT(PTR)RGT B
#
# COMPACT_ATOMS: atom_id res chain seq x y z
N GLY A 21 -4.24 -31.65 22.60
CA GLY A 21 -5.44 -31.73 21.74
C GLY A 21 -5.47 -30.65 20.69
N GLN A 22 -6.47 -30.68 19.83
CA GLN A 22 -6.64 -29.66 18.82
C GLN A 22 -8.09 -29.17 18.85
N LEU A 23 -8.29 -28.01 19.43
CA LEU A 23 -9.64 -27.48 19.60
C LEU A 23 -9.76 -26.13 18.94
N GLY A 24 -10.18 -26.14 17.68
CA GLY A 24 -10.35 -24.90 16.94
C GLY A 24 -9.05 -24.41 16.35
N GLY A 25 -9.15 -23.67 15.26
CA GLY A 25 -7.99 -23.11 14.62
C GLY A 25 -8.40 -21.97 13.73
N GLU A 26 -8.29 -22.18 12.44
CA GLU A 26 -8.69 -21.19 11.47
C GLU A 26 -9.50 -21.81 10.34
N GLU A 27 -10.62 -21.19 10.02
CA GLU A 27 -11.38 -21.56 8.84
C GLU A 27 -11.05 -20.59 7.72
N TRP A 28 -10.41 -21.10 6.68
CA TRP A 28 -9.89 -20.26 5.62
C TRP A 28 -10.93 -20.06 4.54
N THR A 29 -11.80 -19.10 4.76
CA THR A 29 -12.84 -18.81 3.81
C THR A 29 -13.22 -17.33 3.90
N ARG A 30 -12.60 -16.54 3.04
CA ARG A 30 -12.77 -15.10 3.06
C ARG A 30 -13.83 -14.68 2.06
N HIS A 31 -15.03 -14.45 2.56
CA HIS A 31 -16.17 -14.11 1.73
C HIS A 31 -17.10 -13.18 2.48
N GLY A 32 -17.18 -11.94 2.03
CA GLY A 32 -18.01 -10.96 2.70
C GLY A 32 -18.18 -9.71 1.87
N SER A 33 -19.05 -9.78 0.88
CA SER A 33 -19.29 -8.65 0.00
C SER A 33 -20.23 -7.66 0.65
N PHE A 34 -19.95 -6.37 0.45
CA PHE A 34 -20.79 -5.32 0.99
C PHE A 34 -21.87 -4.96 -0.01
N VAL A 35 -23.12 -5.21 0.37
CA VAL A 35 -24.24 -4.92 -0.50
C VAL A 35 -25.23 -3.97 0.19
N ASN A 36 -25.39 -2.79 -0.41
CA ASN A 36 -26.31 -1.79 0.09
C ASN A 36 -26.65 -0.83 -1.05
N LYS A 37 -27.93 -0.70 -1.35
CA LYS A 37 -28.34 0.14 -2.48
C LYS A 37 -29.22 1.31 -2.04
N PRO A 38 -28.60 2.47 -1.77
CA PRO A 38 -29.35 3.73 -1.62
C PRO A 38 -29.70 4.29 -2.99
N THR A 39 -28.87 3.92 -3.97
CA THR A 39 -29.01 4.32 -5.35
C THR A 39 -27.90 3.67 -6.16
N ARG A 40 -28.02 3.67 -7.48
CA ARG A 40 -26.98 3.15 -8.35
C ARG A 40 -26.64 4.18 -9.43
N GLY A 41 -27.13 5.40 -9.23
CA GLY A 41 -26.84 6.46 -10.17
C GLY A 41 -25.47 7.07 -9.93
N TRP A 42 -24.44 6.24 -10.01
CA TRP A 42 -23.08 6.69 -9.80
C TRP A 42 -22.33 6.75 -11.11
N LEU A 43 -21.06 7.14 -11.06
CA LEU A 43 -20.21 7.10 -12.24
C LEU A 43 -19.44 5.79 -12.27
N HIS A 44 -18.67 5.56 -13.32
CA HIS A 44 -17.98 4.29 -13.55
C HIS A 44 -17.24 3.78 -12.29
N PRO A 45 -16.27 4.54 -11.73
CA PRO A 45 -15.55 4.12 -10.53
C PRO A 45 -16.44 4.06 -9.28
N ASN A 46 -17.26 5.09 -9.11
CA ASN A 46 -18.12 5.24 -7.93
C ASN A 46 -19.10 4.06 -7.84
N ASP A 47 -19.62 3.66 -8.99
CA ASP A 47 -20.56 2.54 -9.09
C ASP A 47 -19.98 1.30 -8.45
N LYS A 48 -18.72 1.03 -8.77
CA LYS A 48 -18.04 -0.15 -8.27
C LYS A 48 -17.65 0.01 -6.83
N VAL A 49 -16.93 1.07 -6.51
CA VAL A 49 -16.44 1.27 -5.13
C VAL A 49 -17.58 1.20 -4.12
N MET A 50 -18.77 1.63 -4.54
CA MET A 50 -19.95 1.57 -3.69
C MET A 50 -20.66 0.22 -3.82
N GLY A 51 -20.46 -0.43 -4.95
CA GLY A 51 -21.02 -1.75 -5.17
C GLY A 51 -19.98 -2.86 -5.02
N PRO A 52 -19.56 -3.47 -6.15
CA PRO A 52 -18.56 -4.55 -6.14
C PRO A 52 -17.15 -4.05 -5.77
N GLY A 53 -16.66 -3.08 -6.53
CA GLY A 53 -15.37 -2.50 -6.27
C GLY A 53 -14.54 -2.38 -7.53
N VAL A 54 -13.86 -1.25 -7.71
CA VAL A 54 -13.02 -1.03 -8.88
C VAL A 54 -11.76 -1.87 -8.77
N SER A 55 -11.17 -2.18 -9.92
CA SER A 55 -10.04 -3.08 -9.98
C SER A 55 -8.97 -2.54 -10.93
N TYR A 56 -7.73 -2.50 -10.44
CA TYR A 56 -6.61 -2.03 -11.24
C TYR A 56 -5.55 -3.13 -11.35
N LEU A 57 -4.72 -3.07 -12.38
CA LEU A 57 -3.69 -4.08 -12.58
C LEU A 57 -2.41 -3.67 -11.87
N VAL A 58 -1.93 -4.52 -10.98
CA VAL A 58 -0.74 -4.23 -10.19
C VAL A 58 0.15 -5.46 -10.11
N ARG A 59 1.40 -5.27 -9.74
CA ARG A 59 2.33 -6.38 -9.57
C ARG A 59 2.98 -6.34 -8.19
N TYR A 60 2.77 -7.38 -7.42
CA TYR A 60 3.39 -7.50 -6.12
C TYR A 60 4.89 -7.57 -6.29
N MET A 61 5.58 -6.54 -5.85
CA MET A 61 7.02 -6.45 -5.98
C MET A 61 7.64 -6.08 -4.64
N GLY A 62 7.98 -7.09 -3.85
CA GLY A 62 8.65 -6.86 -2.58
C GLY A 62 7.69 -6.40 -1.50
N CYS A 63 8.09 -6.57 -0.24
CA CYS A 63 7.29 -6.11 0.88
C CYS A 63 8.19 -5.71 2.04
N VAL A 64 7.91 -4.57 2.66
CA VAL A 64 8.72 -4.12 3.77
C VAL A 64 7.89 -4.06 5.04
N GLU A 65 8.39 -4.71 6.08
CA GLU A 65 7.68 -4.85 7.32
C GLU A 65 7.95 -3.65 8.23
N VAL A 66 6.93 -2.82 8.41
CA VAL A 66 7.06 -1.61 9.19
C VAL A 66 6.28 -1.74 10.51
N LEU A 67 7.00 -1.69 11.62
CA LEU A 67 6.39 -1.86 12.94
C LEU A 67 5.98 -0.51 13.54
N GLN A 68 5.71 0.44 12.66
CA GLN A 68 5.40 1.80 13.09
C GLN A 68 4.15 2.31 12.35
N SER A 69 3.72 3.51 12.69
CA SER A 69 2.57 4.11 12.03
C SER A 69 2.81 5.59 11.79
N MET A 70 1.92 6.23 11.02
CA MET A 70 2.02 7.67 10.78
C MET A 70 1.91 8.43 12.09
N ARG A 71 1.08 7.92 13.01
CA ARG A 71 0.96 8.49 14.35
C ARG A 71 2.34 8.60 15.00
N ALA A 72 3.17 7.58 14.76
CA ALA A 72 4.43 7.44 15.47
C ALA A 72 5.63 7.95 14.67
N LEU A 73 5.46 8.09 13.36
CA LEU A 73 6.58 8.42 12.49
C LEU A 73 6.67 9.91 12.20
N ASP A 74 7.87 10.32 11.81
CA ASP A 74 8.18 11.70 11.48
C ASP A 74 7.71 12.01 10.06
N PHE A 75 7.43 13.28 9.80
CA PHE A 75 6.90 13.72 8.51
C PHE A 75 7.77 13.26 7.33
N ASN A 76 9.08 13.34 7.48
CA ASN A 76 9.98 12.91 6.41
C ASN A 76 10.23 11.42 6.54
N THR A 77 10.38 10.98 7.78
CA THR A 77 10.65 9.59 8.10
C THR A 77 9.61 8.66 7.45
N ARG A 78 8.32 8.98 7.61
CA ARG A 78 7.28 8.12 7.06
C ARG A 78 7.35 8.07 5.53
N THR A 79 7.75 9.17 4.92
CA THR A 79 7.92 9.22 3.49
C THR A 79 9.17 8.44 3.09
N GLN A 80 10.14 8.40 3.99
CA GLN A 80 11.43 7.83 3.68
C GLN A 80 11.34 6.33 3.77
N VAL A 81 10.66 5.86 4.81
CA VAL A 81 10.47 4.45 5.03
C VAL A 81 9.62 3.83 3.92
N THR A 82 8.62 4.59 3.44
CA THR A 82 7.79 4.10 2.35
C THR A 82 8.59 4.05 1.05
N ARG A 83 9.25 5.15 0.74
CA ARG A 83 10.07 5.23 -0.47
C ARG A 83 11.21 4.22 -0.39
N GLU A 84 11.76 3.99 0.81
CA GLU A 84 12.79 2.98 1.01
C GLU A 84 12.35 1.67 0.40
N ALA A 85 11.19 1.19 0.85
CA ALA A 85 10.62 -0.06 0.36
C ALA A 85 10.58 -0.07 -1.15
N ILE A 86 9.90 0.90 -1.71
CA ILE A 86 9.78 1.02 -3.16
C ILE A 86 11.16 1.13 -3.83
N SER A 87 12.12 1.68 -3.11
CA SER A 87 13.42 2.00 -3.67
C SER A 87 14.29 0.74 -3.78
N LEU A 88 14.65 0.16 -2.66
CA LEU A 88 15.53 -1.00 -2.68
C LEU A 88 14.86 -2.19 -3.35
N VAL A 89 13.53 -2.20 -3.33
CA VAL A 89 12.78 -3.20 -4.06
C VAL A 89 12.99 -3.04 -5.56
N CYS A 90 12.71 -1.85 -6.08
CA CYS A 90 12.78 -1.61 -7.50
C CYS A 90 14.22 -1.68 -7.99
N GLU A 91 15.16 -1.41 -7.09
CA GLU A 91 16.56 -1.37 -7.47
C GLU A 91 17.26 -2.68 -7.11
N ALA A 92 16.48 -3.74 -6.88
CA ALA A 92 17.08 -5.03 -6.58
C ALA A 92 16.23 -6.20 -7.07
N VAL A 93 14.97 -6.24 -6.68
CA VAL A 93 14.12 -7.40 -7.00
C VAL A 93 13.63 -7.34 -8.44
N PRO A 94 13.23 -8.48 -9.02
CA PRO A 94 12.73 -8.55 -10.38
C PRO A 94 11.36 -7.88 -10.52
N GLY A 95 11.04 -7.45 -11.73
CA GLY A 95 9.78 -6.81 -12.00
C GLY A 95 9.97 -5.37 -12.44
N ALA A 96 10.84 -4.65 -11.74
CA ALA A 96 11.13 -3.25 -12.05
C ALA A 96 11.67 -3.09 -13.46
N LYS A 97 11.19 -2.08 -14.17
CA LYS A 97 11.65 -1.80 -15.52
C LYS A 97 12.92 -0.95 -15.48
N GLY A 98 13.16 -0.31 -14.34
CA GLY A 98 14.35 0.50 -14.20
C GLY A 98 15.06 0.26 -12.89
N ALA A 99 16.17 -0.47 -12.96
CA ALA A 99 17.01 -0.72 -11.81
C ALA A 99 18.48 -0.62 -12.19
N THR A 100 19.29 -0.14 -11.25
CA THR A 100 20.73 -0.13 -11.41
C THR A 100 21.35 -1.16 -10.46
N ARG A 101 20.47 -1.79 -9.68
CA ARG A 101 20.85 -2.77 -8.68
C ARG A 101 21.77 -2.15 -7.63
N ARG A 102 21.15 -1.58 -6.60
CA ARG A 102 21.89 -1.05 -5.47
C ARG A 102 21.20 -1.44 -4.18
N ARG A 103 21.71 -2.46 -3.54
CA ARG A 103 21.18 -2.90 -2.26
C ARG A 103 22.27 -2.85 -1.22
N LYS A 104 21.99 -2.19 -0.11
CA LYS A 104 22.86 -2.24 1.04
C LYS A 104 22.74 -3.63 1.66
N PRO A 105 23.77 -4.46 1.45
CA PRO A 105 23.67 -5.91 1.71
C PRO A 105 23.36 -6.24 3.16
N CYS A 106 24.34 -6.10 4.03
CA CYS A 106 24.15 -6.35 5.44
C CYS A 106 24.19 -5.04 6.21
N SER A 107 23.04 -4.39 6.27
CA SER A 107 22.93 -3.10 6.94
C SER A 107 21.49 -2.88 7.39
N ARG A 108 21.17 -1.68 7.84
CA ARG A 108 19.83 -1.37 8.29
C ARG A 108 18.95 -1.01 7.09
N PRO A 109 17.61 -1.11 7.24
CA PRO A 109 16.68 -0.78 6.15
C PRO A 109 16.84 0.67 5.68
N LEU A 110 16.53 1.61 6.55
CA LEU A 110 16.81 3.02 6.28
C LEU A 110 17.45 3.68 7.51
N SER A 111 16.86 3.47 8.66
CA SER A 111 17.47 3.88 9.92
C SER A 111 16.99 2.97 11.03
N SER A 112 16.60 1.75 10.63
CA SER A 112 15.96 0.78 11.52
C SER A 112 14.81 1.44 12.27
N ILE A 113 14.15 2.38 11.60
CA ILE A 113 13.01 3.10 12.17
C ILE A 113 11.82 2.17 12.22
N LEU A 114 11.67 1.42 11.16
CA LEU A 114 10.61 0.45 11.03
C LEU A 114 11.15 -0.96 11.28
N GLY A 115 10.47 -1.97 10.78
CA GLY A 115 10.93 -3.33 10.93
C GLY A 115 12.13 -3.62 10.06
N ARG A 116 11.87 -4.05 8.83
CA ARG A 116 12.94 -4.37 7.89
C ARG A 116 12.35 -4.63 6.51
N SER A 117 13.19 -4.51 5.50
CA SER A 117 12.76 -4.73 4.13
C SER A 117 12.86 -6.21 3.78
N ASN A 118 11.72 -6.80 3.39
CA ASN A 118 11.69 -8.22 3.07
C ASN A 118 11.41 -8.42 1.58
N LEU A 119 12.46 -8.59 0.81
CA LEU A 119 12.32 -8.71 -0.62
C LEU A 119 12.00 -10.17 -0.98
N LYS A 120 10.85 -10.65 -0.55
CA LYS A 120 10.45 -12.02 -0.78
C LYS A 120 9.31 -12.13 -1.78
N PHE A 121 8.25 -11.35 -1.58
CA PHE A 121 7.09 -11.42 -2.45
C PHE A 121 7.24 -10.50 -3.64
N ALA A 122 8.01 -10.92 -4.63
CA ALA A 122 8.24 -10.10 -5.80
C ALA A 122 7.98 -10.88 -7.08
N GLY A 123 7.11 -10.35 -7.92
CA GLY A 123 6.84 -10.97 -9.21
C GLY A 123 5.49 -11.66 -9.27
N MET A 124 4.52 -11.13 -8.54
CA MET A 124 3.19 -11.75 -8.54
C MET A 124 2.13 -10.78 -9.03
N PRO A 125 1.42 -11.13 -10.11
CA PRO A 125 0.35 -10.28 -10.65
C PRO A 125 -0.85 -10.19 -9.71
N ILE A 126 -1.29 -8.97 -9.43
CA ILE A 126 -2.42 -8.75 -8.56
C ILE A 126 -3.34 -7.67 -9.11
N THR A 127 -4.38 -7.36 -8.35
CA THR A 127 -5.39 -6.42 -8.76
C THR A 127 -5.83 -5.54 -7.59
N LEU A 128 -5.62 -4.25 -7.72
CA LEU A 128 -5.99 -3.28 -6.68
C LEU A 128 -7.51 -3.12 -6.68
N THR A 129 -8.16 -3.61 -5.65
CA THR A 129 -9.61 -3.53 -5.57
C THR A 129 -10.05 -2.53 -4.49
N VAL A 130 -10.70 -1.47 -4.92
CA VAL A 130 -11.15 -0.43 -4.00
C VAL A 130 -12.61 -0.64 -3.62
N SER A 131 -12.90 -0.59 -2.33
CA SER A 131 -14.26 -0.81 -1.85
C SER A 131 -14.57 0.12 -0.68
N THR A 132 -15.87 0.44 -0.52
CA THR A 132 -16.36 1.34 0.54
C THR A 132 -15.67 1.12 1.88
N SER A 133 -15.61 -0.12 2.33
CA SER A 133 -14.96 -0.44 3.59
C SER A 133 -13.92 -1.53 3.38
N SER A 134 -13.37 -1.61 2.18
CA SER A 134 -12.44 -2.67 1.83
C SER A 134 -11.35 -2.16 0.90
N LEU A 135 -10.16 -2.70 1.04
CA LEU A 135 -9.08 -2.37 0.12
C LEU A 135 -8.19 -3.59 -0.02
N ASN A 136 -8.65 -4.54 -0.81
CA ASN A 136 -7.99 -5.82 -0.95
C ASN A 136 -7.46 -5.98 -2.37
N LEU A 137 -6.47 -6.84 -2.53
CA LEU A 137 -5.89 -7.07 -3.83
C LEU A 137 -6.14 -8.51 -4.27
N MET A 138 -6.67 -8.66 -5.46
CA MET A 138 -6.96 -9.99 -5.98
C MET A 138 -5.76 -10.49 -6.76
N ALA A 139 -5.20 -11.62 -6.34
CA ALA A 139 -4.06 -12.18 -7.04
C ALA A 139 -4.47 -12.67 -8.42
N ALA A 140 -3.97 -11.99 -9.45
CA ALA A 140 -4.25 -12.34 -10.83
C ALA A 140 -3.47 -13.60 -11.21
N ASP A 141 -2.66 -14.05 -10.27
CA ASP A 141 -1.91 -15.29 -10.41
C ASP A 141 -2.83 -16.50 -10.22
N CYS A 142 -4.09 -16.21 -9.89
CA CYS A 142 -5.12 -17.24 -9.66
C CYS A 142 -4.86 -17.99 -8.36
N LYS A 143 -4.32 -17.27 -7.39
CA LYS A 143 -4.01 -17.85 -6.10
C LYS A 143 -5.19 -17.65 -5.16
N GLN A 144 -5.51 -16.39 -4.89
CA GLN A 144 -6.58 -16.03 -3.99
C GLN A 144 -6.63 -14.52 -3.84
N ILE A 145 -7.33 -14.03 -2.84
CA ILE A 145 -7.38 -12.61 -2.58
C ILE A 145 -6.54 -12.27 -1.35
N ILE A 146 -5.65 -11.31 -1.51
CA ILE A 146 -4.75 -10.91 -0.44
C ILE A 146 -5.15 -9.56 0.14
N ALA A 147 -4.30 -9.02 1.02
CA ALA A 147 -4.56 -7.76 1.70
C ALA A 147 -5.75 -7.91 2.64
N ASN A 148 -6.37 -6.79 2.99
CA ASN A 148 -7.51 -6.83 3.90
C ASN A 148 -8.69 -6.08 3.31
N HIS A 149 -9.87 -6.68 3.42
CA HIS A 149 -11.08 -6.04 2.94
C HIS A 149 -11.66 -5.19 4.05
N HIS A 150 -10.84 -4.27 4.55
CA HIS A 150 -11.21 -3.44 5.68
C HIS A 150 -10.47 -2.11 5.61
N MET A 151 -11.21 -1.05 5.33
CA MET A 151 -10.62 0.29 5.16
C MET A 151 -9.94 0.76 6.44
N GLN A 152 -10.55 0.46 7.58
CA GLN A 152 -10.07 0.95 8.88
C GLN A 152 -8.77 0.28 9.32
N SER A 153 -8.20 -0.55 8.48
CA SER A 153 -6.98 -1.24 8.84
C SER A 153 -5.87 -1.00 7.81
N ILE A 154 -5.81 0.20 7.26
CA ILE A 154 -4.74 0.57 6.35
C ILE A 154 -3.83 1.60 7.00
N SER A 155 -2.84 2.09 6.27
CA SER A 155 -1.94 3.11 6.80
C SER A 155 -1.45 4.08 5.72
N PHE A 156 -0.54 3.61 4.87
CA PHE A 156 0.10 4.48 3.88
C PHE A 156 -0.33 4.10 2.47
N ALA A 157 -0.14 5.02 1.53
CA ALA A 157 -0.22 4.70 0.12
C ALA A 157 0.62 5.68 -0.68
N SER A 158 1.65 5.17 -1.32
CA SER A 158 2.54 5.99 -2.11
C SER A 158 2.10 5.94 -3.56
N GLY A 159 1.85 7.11 -4.14
CA GLY A 159 1.37 7.16 -5.49
C GLY A 159 1.15 8.59 -5.96
N GLY A 160 0.19 8.77 -6.87
CA GLY A 160 -0.05 10.06 -7.44
C GLY A 160 0.74 10.24 -8.72
N ASP A 161 1.56 11.27 -8.78
CA ASP A 161 2.44 11.49 -9.93
C ASP A 161 3.80 12.07 -9.49
N PRO A 162 4.49 11.42 -8.53
CA PRO A 162 5.78 11.86 -8.04
C PRO A 162 6.94 11.19 -8.79
N ASP A 163 8.13 11.28 -8.21
CA ASP A 163 9.31 10.61 -8.76
C ASP A 163 9.07 9.12 -8.88
N THR A 164 8.22 8.66 -7.99
CA THR A 164 7.97 7.27 -7.78
C THR A 164 6.69 6.84 -8.51
N ALA A 165 6.17 7.71 -9.36
CA ALA A 165 4.90 7.44 -10.04
C ALA A 165 4.95 6.16 -10.88
N GLU A 166 6.14 5.69 -11.20
CA GLU A 166 6.32 4.48 -12.01
C GLU A 166 6.15 3.23 -11.15
N TYR A 167 6.27 3.38 -9.84
CA TYR A 167 6.11 2.27 -8.91
C TYR A 167 5.21 2.69 -7.76
N VAL A 168 4.13 1.98 -7.55
CA VAL A 168 3.16 2.39 -6.56
C VAL A 168 3.34 1.56 -5.29
N ALA A 169 2.79 2.01 -4.18
CA ALA A 169 2.92 1.28 -2.94
C ALA A 169 1.75 1.56 -2.02
N TYR A 170 1.42 0.60 -1.18
CA TYR A 170 0.44 0.81 -0.15
C TYR A 170 0.87 0.08 1.12
N VAL A 171 0.67 0.74 2.24
CA VAL A 171 1.03 0.17 3.53
C VAL A 171 -0.23 -0.04 4.35
N ALA A 172 -0.45 -1.25 4.79
CA ALA A 172 -1.65 -1.56 5.56
C ALA A 172 -1.31 -2.58 6.63
N LYS A 173 -2.31 -2.94 7.43
CA LYS A 173 -2.14 -4.03 8.38
C LYS A 173 -1.91 -5.33 7.62
N ASP A 174 -0.78 -5.96 7.89
CA ASP A 174 -0.33 -7.10 7.09
C ASP A 174 -0.85 -8.41 7.68
N PRO A 175 -1.14 -9.40 6.82
CA PRO A 175 -1.57 -10.72 7.27
C PRO A 175 -0.46 -11.48 8.02
N VAL A 176 0.78 -11.05 7.83
CA VAL A 176 1.91 -11.68 8.50
C VAL A 176 2.45 -10.76 9.59
N ASN A 177 2.92 -9.58 9.18
CA ASN A 177 3.50 -8.61 10.12
C ASN A 177 2.38 -7.74 10.68
N GLN A 178 2.74 -6.77 11.51
CA GLN A 178 1.76 -5.84 12.05
C GLN A 178 1.34 -4.86 10.97
N ARG A 179 2.32 -4.37 10.23
CA ARG A 179 2.07 -3.49 9.08
C ARG A 179 3.15 -3.72 8.04
N ALA A 180 2.77 -3.63 6.78
CA ALA A 180 3.73 -3.85 5.72
C ALA A 180 3.46 -2.96 4.52
N CYS A 181 4.55 -2.49 3.91
CA CYS A 181 4.49 -1.75 2.68
C CYS A 181 4.59 -2.71 1.52
N HIS A 182 3.56 -2.73 0.69
CA HIS A 182 3.55 -3.60 -0.48
C HIS A 182 3.69 -2.75 -1.73
N ILE A 183 4.70 -3.05 -2.53
CA ILE A 183 5.01 -2.23 -3.70
C ILE A 183 4.41 -2.87 -4.96
N LEU A 184 3.73 -2.07 -5.76
CA LEU A 184 3.05 -2.54 -6.94
C LEU A 184 3.78 -2.06 -8.20
N GLU A 185 4.08 -2.99 -9.07
CA GLU A 185 4.74 -2.68 -10.32
C GLU A 185 3.72 -2.67 -11.46
N CYS A 186 4.07 -2.01 -12.56
CA CYS A 186 3.21 -1.88 -13.72
C CYS A 186 1.90 -1.17 -13.37
N PRO A 187 1.97 0.08 -12.86
CA PRO A 187 0.79 0.82 -12.43
C PRO A 187 -0.10 1.23 -13.59
N GLU A 188 0.51 1.71 -14.67
CA GLU A 188 -0.23 2.11 -15.87
C GLU A 188 -1.17 3.28 -15.57
N GLY A 189 -0.94 3.91 -14.43
CA GLY A 189 -1.78 5.03 -14.02
C GLY A 189 -2.46 4.77 -12.70
N LEU A 190 -2.40 3.53 -12.21
CA LEU A 190 -3.06 3.14 -10.97
C LEU A 190 -2.63 4.04 -9.81
N ALA A 191 -1.40 4.56 -9.88
CA ALA A 191 -0.87 5.41 -8.82
C ALA A 191 -1.87 6.50 -8.42
N GLN A 192 -2.02 7.50 -9.27
CA GLN A 192 -2.93 8.60 -9.01
C GLN A 192 -4.37 8.13 -9.01
N ASP A 193 -4.66 7.10 -9.81
CA ASP A 193 -6.02 6.60 -9.96
C ASP A 193 -6.53 6.03 -8.65
N VAL A 194 -5.86 5.00 -8.14
CA VAL A 194 -6.29 4.36 -6.90
C VAL A 194 -6.27 5.37 -5.74
N ILE A 195 -5.25 6.22 -5.71
CA ILE A 195 -5.15 7.21 -4.64
C ILE A 195 -6.37 8.12 -4.64
N SER A 196 -6.70 8.65 -5.81
CA SER A 196 -7.86 9.53 -5.94
C SER A 196 -9.15 8.77 -5.67
N THR A 197 -9.27 7.58 -6.26
CA THR A 197 -10.45 6.75 -6.10
C THR A 197 -10.70 6.40 -4.63
N ILE A 198 -9.71 5.77 -4.00
CA ILE A 198 -9.85 5.38 -2.59
C ILE A 198 -10.12 6.59 -1.72
N GLY A 199 -9.35 7.64 -1.92
CA GLY A 199 -9.50 8.85 -1.15
C GLY A 199 -10.89 9.44 -1.27
N GLN A 200 -11.34 9.64 -2.50
CA GLN A 200 -12.62 10.30 -2.75
C GLN A 200 -13.81 9.38 -2.47
N ALA A 201 -13.60 8.07 -2.62
CA ALA A 201 -14.63 7.10 -2.26
C ALA A 201 -14.92 7.22 -0.76
N PHE A 202 -13.86 7.04 0.04
CA PHE A 202 -13.98 7.19 1.48
C PHE A 202 -14.42 8.61 1.84
N GLU A 203 -14.02 9.56 1.01
CA GLU A 203 -14.36 10.97 1.20
C GLU A 203 -15.87 11.19 1.18
N LEU A 204 -16.63 10.25 0.60
CA LEU A 204 -18.07 10.38 0.57
C LEU A 204 -18.63 10.42 2.00
N ARG A 205 -17.86 9.89 2.94
CA ARG A 205 -18.20 9.96 4.34
C ARG A 205 -17.04 10.54 5.15
N PHE A 206 -16.25 11.39 4.50
CA PHE A 206 -15.10 12.03 5.12
C PHE A 206 -15.55 13.25 5.94
N LYS A 207 -15.21 13.26 7.21
CA LYS A 207 -15.56 14.36 8.09
C LYS A 207 -14.40 15.35 8.18
N GLN A 208 -14.73 16.62 8.34
CA GLN A 208 -13.72 17.69 8.34
C GLN A 208 -13.08 17.83 9.72
N TYR A 209 -13.60 17.07 10.67
CA TYR A 209 -13.17 17.16 12.05
C TYR A 209 -11.78 16.58 12.27
N LEU A 210 -11.31 15.82 11.30
CA LEU A 210 -10.04 15.13 11.42
C LEU A 210 -9.27 15.11 10.10
N ARG A 211 -8.05 14.58 10.16
CA ARG A 211 -7.13 14.49 9.02
C ARG A 211 -6.57 15.87 8.69
N ARG B 1 18.61 18.51 16.30
CA ARG B 1 19.42 18.44 15.06
C ARG B 1 18.53 18.69 13.85
N ALA B 2 19.11 19.22 12.79
CA ALA B 2 18.36 19.55 11.59
C ALA B 2 19.16 19.24 10.33
N LYS B 3 18.89 18.08 9.75
CA LYS B 3 19.48 17.71 8.47
C LYS B 3 18.44 17.91 7.37
N TRP B 4 17.52 16.95 7.30
CA TRP B 4 16.47 16.89 6.30
C TRP B 4 15.80 15.53 6.43
N ASP B 5 16.64 14.52 6.40
CA ASP B 5 16.21 13.14 6.58
C ASP B 5 16.96 12.49 7.73
N THR B 6 16.67 11.22 7.98
CA THR B 6 17.35 10.47 9.03
C THR B 6 18.69 9.93 8.51
N ALA B 7 18.74 9.70 7.20
CA ALA B 7 19.90 9.11 6.53
C ALA B 7 19.52 8.86 5.08
N ASN B 8 20.50 8.83 4.20
CA ASN B 8 20.21 8.63 2.78
C ASN B 8 21.42 8.06 2.03
N ASN B 9 21.10 7.22 1.07
CA ASN B 9 22.08 6.58 0.18
C ASN B 9 21.31 5.89 -0.94
N PRO B 10 21.98 5.16 -1.88
CA PRO B 10 21.29 4.51 -3.03
C PRO B 10 20.09 3.64 -2.64
N LEU B 11 20.08 3.14 -1.40
CA LEU B 11 19.00 2.25 -0.97
C LEU B 11 17.81 3.05 -0.46
N LYS B 13 16.21 6.88 0.66
CA LYS B 13 15.99 8.31 0.80
C LYS B 13 14.53 8.63 0.48
N GLU B 14 13.99 9.68 1.10
CA GLU B 14 12.60 10.07 0.87
C GLU B 14 12.45 10.71 -0.51
N ALA B 15 11.45 10.26 -1.26
CA ALA B 15 11.18 10.80 -2.59
C ALA B 15 9.91 10.19 -3.18
N THR B 16 8.77 10.71 -2.75
CA THR B 16 7.47 10.25 -3.23
C THR B 16 6.36 10.83 -2.33
N SER B 17 5.12 10.60 -2.73
CA SER B 17 3.98 11.05 -1.96
C SER B 17 3.24 9.84 -1.39
N THR B 18 3.31 9.67 -0.07
CA THR B 18 2.66 8.54 0.57
C THR B 18 1.71 9.00 1.67
N PHE B 19 0.45 8.63 1.52
CA PHE B 19 -0.60 9.00 2.44
C PHE B 19 -1.84 8.19 2.10
N THR B 20 -2.96 8.47 2.75
CA THR B 20 -4.24 7.84 2.38
C THR B 20 -5.41 8.75 2.75
N ASN B 21 -5.84 8.63 3.99
CA ASN B 21 -6.99 9.35 4.50
C ASN B 21 -7.03 9.21 6.02
N ILE B 22 -8.13 9.57 6.63
CA ILE B 22 -8.26 9.46 8.07
C ILE B 22 -8.69 8.04 8.46
N THR B 23 -7.73 7.14 8.49
CA THR B 23 -7.96 5.80 8.97
C THR B 23 -7.06 5.50 10.17
N ARG B 25 -4.15 7.57 11.04
CA ARG B 25 -3.57 8.76 11.66
C ARG B 25 -3.99 10.02 10.88
N GLY B 26 -4.63 10.95 11.58
CA GLY B 26 -5.01 12.22 10.98
C GLY B 26 -3.80 13.12 10.78
N THR B 27 -3.13 12.95 9.66
CA THR B 27 -1.96 13.73 9.33
C THR B 27 -2.21 14.53 8.05
N GLY A 21 -18.06 -32.67 15.46
CA GLY A 21 -17.44 -33.55 14.45
C GLY A 21 -16.02 -33.16 14.12
N GLN A 22 -15.21 -34.15 13.80
CA GLN A 22 -13.82 -33.93 13.40
C GLN A 22 -13.70 -34.05 11.90
N LEU A 23 -12.98 -33.13 11.27
CA LEU A 23 -12.89 -33.09 9.82
C LEU A 23 -11.44 -33.06 9.37
N GLY A 24 -11.24 -33.34 8.09
CA GLY A 24 -9.91 -33.25 7.50
C GLY A 24 -9.83 -32.08 6.56
N GLY A 25 -10.15 -30.90 7.08
CA GLY A 25 -10.21 -29.72 6.26
C GLY A 25 -11.44 -28.92 6.59
N GLU A 26 -11.26 -27.79 7.27
CA GLU A 26 -12.37 -27.00 7.76
C GLU A 26 -12.44 -25.68 6.99
N GLU A 27 -13.63 -25.30 6.60
CA GLU A 27 -13.80 -24.09 5.83
C GLU A 27 -14.02 -22.91 6.76
N TRP A 28 -12.99 -22.10 6.92
CA TRP A 28 -13.05 -20.94 7.79
C TRP A 28 -13.16 -19.67 6.96
N THR A 29 -14.39 -19.18 6.82
CA THR A 29 -14.63 -17.98 6.05
C THR A 29 -15.97 -17.37 6.42
N ARG A 30 -16.15 -16.10 6.09
CA ARG A 30 -17.42 -15.40 6.33
C ARG A 30 -17.89 -14.75 5.04
N HIS A 31 -18.88 -15.34 4.41
CA HIS A 31 -19.40 -14.83 3.14
C HIS A 31 -20.87 -14.44 3.29
N GLY A 32 -21.19 -13.79 4.40
CA GLY A 32 -22.54 -13.36 4.65
C GLY A 32 -22.78 -11.99 4.03
N SER A 33 -22.66 -11.93 2.72
CA SER A 33 -22.75 -10.69 1.98
C SER A 33 -24.02 -9.92 2.33
N PHE A 34 -23.87 -8.66 2.69
CA PHE A 34 -25.00 -7.83 3.07
C PHE A 34 -25.71 -7.28 1.85
N VAL A 35 -26.97 -7.64 1.68
CA VAL A 35 -27.76 -7.21 0.54
C VAL A 35 -28.79 -6.18 1.00
N ASN A 36 -28.87 -5.08 0.26
CA ASN A 36 -29.81 -4.00 0.58
C ASN A 36 -30.08 -3.15 -0.65
N LYS A 37 -30.92 -2.15 -0.49
CA LYS A 37 -31.22 -1.22 -1.57
C LYS A 37 -30.75 0.19 -1.21
N PRO A 38 -29.51 0.55 -1.59
CA PRO A 38 -28.98 1.88 -1.38
C PRO A 38 -29.17 2.77 -2.60
N THR A 39 -28.91 4.07 -2.44
CA THR A 39 -28.92 4.99 -3.56
C THR A 39 -27.73 4.70 -4.46
N ARG A 40 -27.98 4.01 -5.57
CA ARG A 40 -26.91 3.53 -6.42
C ARG A 40 -26.58 4.51 -7.55
N GLY A 41 -26.82 5.78 -7.30
CA GLY A 41 -26.54 6.79 -8.30
C GLY A 41 -25.08 7.21 -8.30
N TRP A 42 -24.18 6.26 -8.57
CA TRP A 42 -22.75 6.57 -8.61
C TRP A 42 -22.25 6.64 -10.05
N LEU A 43 -20.94 6.76 -10.20
CA LEU A 43 -20.30 6.68 -11.51
C LEU A 43 -19.59 5.33 -11.63
N HIS A 44 -18.94 5.09 -12.77
CA HIS A 44 -18.30 3.79 -13.06
C HIS A 44 -17.42 3.27 -11.90
N PRO A 45 -16.38 4.02 -11.46
CA PRO A 45 -15.53 3.58 -10.33
C PRO A 45 -16.29 3.53 -9.01
N ASN A 46 -17.11 4.55 -8.77
CA ASN A 46 -17.84 4.70 -7.53
C ASN A 46 -18.82 3.55 -7.34
N ASP A 47 -19.39 3.11 -8.45
CA ASP A 47 -20.30 1.96 -8.49
C ASP A 47 -19.68 0.77 -7.79
N LYS A 48 -18.44 0.49 -8.16
CA LYS A 48 -17.75 -0.67 -7.64
C LYS A 48 -17.31 -0.43 -6.22
N VAL A 49 -16.51 0.60 -6.04
CA VAL A 49 -15.92 0.91 -4.74
C VAL A 49 -16.99 0.92 -3.63
N MET A 50 -18.19 1.32 -3.99
CA MET A 50 -19.31 1.35 -3.04
C MET A 50 -20.05 0.01 -3.01
N GLY A 51 -20.00 -0.72 -4.11
CA GLY A 51 -20.66 -2.02 -4.17
C GLY A 51 -19.67 -3.19 -4.11
N PRO A 52 -19.31 -3.78 -5.28
CA PRO A 52 -18.43 -4.96 -5.35
C PRO A 52 -16.94 -4.64 -5.08
N GLY A 53 -16.53 -3.44 -5.43
CA GLY A 53 -15.15 -3.03 -5.26
C GLY A 53 -14.39 -2.96 -6.57
N VAL A 54 -13.66 -1.86 -6.80
CA VAL A 54 -12.82 -1.74 -7.99
C VAL A 54 -11.59 -2.62 -7.84
N SER A 55 -11.02 -3.00 -8.96
CA SER A 55 -9.91 -3.93 -8.97
C SER A 55 -8.84 -3.50 -9.98
N TYR A 56 -7.62 -3.37 -9.51
CA TYR A 56 -6.50 -2.96 -10.35
C TYR A 56 -5.45 -4.06 -10.42
N LEU A 57 -4.64 -4.04 -11.46
CA LEU A 57 -3.57 -5.03 -11.61
C LEU A 57 -2.30 -4.51 -10.97
N VAL A 58 -1.76 -5.27 -10.01
CA VAL A 58 -0.57 -4.86 -9.28
C VAL A 58 0.37 -6.05 -9.12
N ARG A 59 1.63 -5.77 -8.82
CA ARG A 59 2.61 -6.84 -8.62
C ARG A 59 3.28 -6.69 -7.27
N TYR A 60 3.11 -7.70 -6.42
CA TYR A 60 3.77 -7.71 -5.12
C TYR A 60 5.27 -7.78 -5.33
N MET A 61 5.93 -6.70 -4.98
CA MET A 61 7.36 -6.60 -5.15
C MET A 61 8.01 -6.12 -3.85
N GLY A 62 8.39 -7.07 -3.01
CA GLY A 62 9.07 -6.77 -1.77
C GLY A 62 8.13 -6.20 -0.72
N CYS A 63 8.55 -6.24 0.54
CA CYS A 63 7.76 -5.69 1.62
C CYS A 63 8.67 -5.19 2.73
N VAL A 64 8.39 -4.01 3.25
CA VAL A 64 9.21 -3.46 4.30
C VAL A 64 8.44 -3.40 5.61
N GLU A 65 9.00 -4.04 6.62
CA GLU A 65 8.36 -4.13 7.92
C GLU A 65 8.59 -2.83 8.67
N VAL A 66 7.55 -2.02 8.75
CA VAL A 66 7.62 -0.71 9.38
C VAL A 66 6.85 -0.71 10.70
N LEU A 67 7.54 -0.50 11.81
CA LEU A 67 6.89 -0.53 13.12
C LEU A 67 6.42 0.87 13.51
N GLN A 68 6.19 1.70 12.50
CA GLN A 68 5.84 3.10 12.70
C GLN A 68 4.76 3.53 11.70
N SER A 69 4.23 4.74 11.88
CA SER A 69 3.23 5.29 10.97
C SER A 69 3.40 6.81 10.90
N MET A 70 2.57 7.48 10.08
CA MET A 70 2.68 8.93 9.90
C MET A 70 2.55 9.67 11.23
N ARG A 71 1.61 9.21 12.05
CA ARG A 71 1.41 9.78 13.38
C ARG A 71 2.64 9.62 14.29
N ALA A 72 3.58 8.79 13.88
CA ALA A 72 4.76 8.51 14.69
C ALA A 72 6.05 8.84 13.93
N LEU A 73 5.92 9.33 12.71
CA LEU A 73 7.07 9.59 11.87
C LEU A 73 7.18 11.06 11.53
N ASP A 74 8.35 11.43 11.00
CA ASP A 74 8.61 12.80 10.60
C ASP A 74 8.04 13.05 9.21
N PHE A 75 7.79 14.32 8.90
CA PHE A 75 7.27 14.72 7.59
C PHE A 75 8.10 14.12 6.46
N ASN A 76 9.41 14.20 6.58
CA ASN A 76 10.30 13.68 5.55
C ASN A 76 10.53 12.19 5.78
N THR A 77 10.73 11.83 7.05
CA THR A 77 11.02 10.45 7.43
C THR A 77 9.99 9.48 6.84
N ARG A 78 8.70 9.77 7.01
CA ARG A 78 7.65 8.90 6.49
C ARG A 78 7.82 8.70 4.99
N THR A 79 8.12 9.79 4.31
CA THR A 79 8.32 9.76 2.87
C THR A 79 9.59 9.00 2.51
N GLN A 80 10.58 9.03 3.41
CA GLN A 80 11.87 8.47 3.11
C GLN A 80 11.83 6.97 3.30
N VAL A 81 11.23 6.56 4.41
CA VAL A 81 11.12 5.15 4.73
C VAL A 81 10.32 4.42 3.66
N THR A 82 9.30 5.08 3.13
CA THR A 82 8.47 4.48 2.11
C THR A 82 9.20 4.46 0.75
N ARG A 83 9.80 5.59 0.39
CA ARG A 83 10.52 5.68 -0.88
C ARG A 83 11.76 4.81 -0.87
N GLU A 84 12.32 4.60 0.33
CA GLU A 84 13.40 3.64 0.51
C GLU A 84 12.95 2.27 0.02
N ALA A 85 11.85 1.80 0.60
CA ALA A 85 11.31 0.49 0.27
C ALA A 85 11.20 0.31 -1.23
N ILE A 86 10.42 1.18 -1.85
CA ILE A 86 10.18 1.11 -3.29
C ILE A 86 11.50 1.16 -4.06
N SER A 87 12.51 1.81 -3.48
CA SER A 87 13.77 2.03 -4.17
C SER A 87 14.61 0.75 -4.18
N LEU A 88 15.07 0.33 -3.00
CA LEU A 88 15.96 -0.82 -2.92
C LEU A 88 15.26 -2.09 -3.37
N VAL A 89 13.94 -2.11 -3.25
CA VAL A 89 13.16 -3.21 -3.79
C VAL A 89 13.27 -3.24 -5.32
N CYS A 90 12.92 -2.14 -5.96
CA CYS A 90 12.89 -2.08 -7.41
C CYS A 90 14.31 -2.12 -7.99
N GLU A 91 15.30 -1.84 -7.15
CA GLU A 91 16.68 -1.83 -7.58
C GLU A 91 17.42 -3.07 -7.09
N ALA A 92 16.69 -4.10 -6.68
CA ALA A 92 17.33 -5.33 -6.24
C ALA A 92 16.50 -6.57 -6.53
N VAL A 93 15.24 -6.56 -6.11
CA VAL A 93 14.39 -7.74 -6.24
C VAL A 93 13.85 -7.90 -7.66
N PRO A 94 13.42 -9.12 -8.03
CA PRO A 94 12.76 -9.36 -9.30
C PRO A 94 11.34 -8.82 -9.30
N GLY A 95 10.85 -8.48 -10.46
CA GLY A 95 9.51 -7.93 -10.58
C GLY A 95 9.54 -6.50 -11.04
N ALA A 96 10.62 -5.80 -10.72
CA ALA A 96 10.80 -4.41 -11.11
C ALA A 96 10.87 -4.26 -12.62
N LYS A 97 10.66 -3.04 -13.09
CA LYS A 97 10.69 -2.76 -14.52
C LYS A 97 12.12 -2.54 -15.00
N GLY A 98 12.96 -2.06 -14.11
CA GLY A 98 14.35 -1.84 -14.44
C GLY A 98 15.20 -1.62 -13.20
N ALA A 99 16.01 -2.61 -12.87
CA ALA A 99 16.88 -2.52 -11.69
C ALA A 99 18.34 -2.41 -12.11
N THR A 100 19.01 -1.38 -11.62
CA THR A 100 20.42 -1.19 -11.90
C THR A 100 21.24 -1.73 -10.73
N ARG A 101 20.53 -2.26 -9.74
CA ARG A 101 21.12 -2.85 -8.55
C ARG A 101 21.71 -1.77 -7.65
N ARG A 102 20.88 -1.20 -6.79
CA ARG A 102 21.35 -0.27 -5.79
C ARG A 102 21.25 -0.88 -4.40
N ARG A 103 22.40 -1.23 -3.85
CA ARG A 103 22.48 -1.78 -2.52
C ARG A 103 23.65 -1.15 -1.81
N LYS A 104 23.35 -0.23 -0.92
CA LYS A 104 24.39 0.45 -0.16
C LYS A 104 24.92 -0.48 0.92
N PRO A 105 26.23 -0.38 1.22
CA PRO A 105 26.96 -1.37 2.04
C PRO A 105 26.51 -1.46 3.49
N CYS A 106 25.61 -0.58 3.89
CA CYS A 106 25.06 -0.62 5.24
C CYS A 106 24.13 -1.83 5.41
N SER A 107 23.91 -2.24 6.64
CA SER A 107 23.00 -3.32 6.91
C SER A 107 21.83 -2.82 7.76
N ARG A 108 21.14 -1.82 7.23
CA ARG A 108 19.92 -1.31 7.82
C ARG A 108 19.04 -0.75 6.70
N PRO A 109 17.74 -0.52 6.95
CA PRO A 109 16.82 -0.04 5.92
C PRO A 109 17.21 1.35 5.40
N LEU A 110 16.94 2.37 6.18
CA LEU A 110 17.34 3.73 5.83
C LEU A 110 18.08 4.36 7.01
N SER A 111 17.45 4.33 8.16
CA SER A 111 18.07 4.80 9.39
C SER A 111 17.60 3.94 10.56
N SER A 112 17.04 2.78 10.24
CA SER A 112 16.43 1.92 11.24
C SER A 112 15.34 2.67 12.01
N ILE A 113 14.62 3.53 11.28
CA ILE A 113 13.50 4.27 11.85
C ILE A 113 12.35 3.30 12.06
N LEU A 114 12.09 2.55 11.01
CA LEU A 114 11.08 1.53 11.02
C LEU A 114 11.72 0.18 11.36
N GLY A 115 11.09 -0.91 10.94
CA GLY A 115 11.67 -2.22 11.17
C GLY A 115 12.85 -2.46 10.25
N ARG A 116 12.57 -2.98 9.06
CA ARG A 116 13.63 -3.23 8.07
C ARG A 116 13.01 -3.61 6.72
N SER A 117 13.80 -3.49 5.67
CA SER A 117 13.36 -3.82 4.34
C SER A 117 13.48 -5.33 4.12
N ASN A 118 12.33 -5.99 3.93
CA ASN A 118 12.32 -7.44 3.81
C ASN A 118 11.98 -7.84 2.39
N LEU A 119 13.01 -8.07 1.60
CA LEU A 119 12.83 -8.38 0.20
C LEU A 119 12.49 -9.86 0.04
N LYS A 120 11.34 -10.27 0.57
CA LYS A 120 10.96 -11.66 0.53
C LYS A 120 9.87 -11.93 -0.50
N PHE A 121 8.77 -11.21 -0.41
CA PHE A 121 7.66 -11.43 -1.31
C PHE A 121 7.80 -10.56 -2.56
N ALA A 122 8.53 -11.06 -3.53
CA ALA A 122 8.76 -10.30 -4.75
C ALA A 122 8.45 -11.13 -5.99
N GLY A 123 7.52 -10.63 -6.80
CA GLY A 123 7.19 -11.29 -8.04
C GLY A 123 5.88 -12.04 -8.01
N MET A 124 4.90 -11.49 -7.30
CA MET A 124 3.60 -12.14 -7.22
C MET A 124 2.50 -11.21 -7.75
N PRO A 125 1.75 -11.66 -8.75
CA PRO A 125 0.65 -10.87 -9.33
C PRO A 125 -0.52 -10.74 -8.34
N ILE A 126 -0.96 -9.52 -8.13
CA ILE A 126 -2.08 -9.25 -7.23
C ILE A 126 -3.07 -8.29 -7.85
N THR A 127 -4.11 -7.98 -7.10
CA THR A 127 -5.19 -7.15 -7.58
C THR A 127 -5.62 -6.17 -6.49
N LEU A 128 -5.42 -4.88 -6.76
CA LEU A 128 -5.77 -3.84 -5.81
C LEU A 128 -7.29 -3.69 -5.77
N THR A 129 -7.90 -4.20 -4.71
CA THR A 129 -9.34 -4.14 -4.58
C THR A 129 -9.74 -3.05 -3.59
N VAL A 130 -10.29 -1.97 -4.12
CA VAL A 130 -10.71 -0.86 -3.29
C VAL A 130 -12.17 -1.02 -2.90
N SER A 131 -12.41 -1.05 -1.61
CA SER A 131 -13.75 -1.26 -1.09
C SER A 131 -14.13 -0.17 -0.11
N THR A 132 -15.43 0.11 -0.04
CA THR A 132 -15.98 1.15 0.82
C THR A 132 -15.39 1.13 2.24
N SER A 133 -15.23 -0.07 2.79
CA SER A 133 -14.67 -0.22 4.12
C SER A 133 -13.51 -1.22 4.11
N SER A 134 -12.89 -1.41 2.95
CA SER A 134 -11.82 -2.40 2.81
C SER A 134 -10.79 -1.98 1.77
N LEU A 135 -9.58 -2.47 1.93
CA LEU A 135 -8.54 -2.25 0.94
C LEU A 135 -7.63 -3.47 0.90
N ASN A 136 -8.15 -4.52 0.30
CA ASN A 136 -7.45 -5.79 0.27
C ASN A 136 -7.01 -6.11 -1.15
N LEU A 137 -5.97 -6.92 -1.27
CA LEU A 137 -5.44 -7.26 -2.58
C LEU A 137 -5.67 -8.73 -2.85
N MET A 138 -6.28 -9.01 -3.99
CA MET A 138 -6.54 -10.39 -4.38
C MET A 138 -5.36 -10.92 -5.16
N ALA A 139 -4.72 -11.96 -4.65
CA ALA A 139 -3.59 -12.56 -5.35
C ALA A 139 -4.03 -13.17 -6.67
N ALA A 140 -3.60 -12.55 -7.78
CA ALA A 140 -3.93 -13.01 -9.11
C ALA A 140 -3.19 -14.31 -9.41
N ASP A 141 -2.32 -14.67 -8.47
CA ASP A 141 -1.63 -15.95 -8.48
C ASP A 141 -2.60 -17.08 -8.16
N CYS A 142 -3.84 -16.71 -7.83
CA CYS A 142 -4.88 -17.65 -7.45
C CYS A 142 -4.51 -18.32 -6.12
N LYS A 143 -3.84 -17.54 -5.28
CA LYS A 143 -3.36 -18.04 -4.01
C LYS A 143 -4.41 -17.81 -2.94
N GLN A 144 -4.66 -16.54 -2.66
CA GLN A 144 -5.70 -16.14 -1.72
C GLN A 144 -5.84 -14.63 -1.75
N ILE A 145 -6.43 -14.06 -0.72
CA ILE A 145 -6.56 -12.62 -0.64
C ILE A 145 -5.73 -12.08 0.51
N ILE A 146 -4.89 -11.11 0.20
CA ILE A 146 -3.99 -10.54 1.19
C ILE A 146 -4.44 -9.14 1.61
N ALA A 147 -3.63 -8.51 2.46
CA ALA A 147 -3.88 -7.14 2.94
C ALA A 147 -5.05 -7.09 3.91
N ASN A 148 -5.53 -5.88 4.19
CA ASN A 148 -6.57 -5.69 5.21
C ASN A 148 -7.94 -5.52 4.58
N HIS A 149 -8.92 -6.13 5.23
CA HIS A 149 -10.32 -5.95 4.83
C HIS A 149 -10.89 -4.76 5.60
N HIS A 150 -10.00 -3.81 5.90
CA HIS A 150 -10.36 -2.63 6.65
C HIS A 150 -9.75 -1.41 5.99
N MET A 151 -10.54 -0.36 5.87
CA MET A 151 -10.05 0.90 5.36
C MET A 151 -9.35 1.65 6.48
N GLN A 152 -9.90 1.49 7.68
CA GLN A 152 -9.38 2.19 8.85
C GLN A 152 -7.96 1.76 9.15
N SER A 153 -7.72 0.48 9.04
CA SER A 153 -6.50 -0.15 9.48
C SER A 153 -5.37 0.00 8.45
N ILE A 154 -5.25 1.19 7.88
CA ILE A 154 -4.19 1.48 6.94
C ILE A 154 -3.23 2.50 7.54
N SER A 155 -2.36 3.06 6.71
CA SER A 155 -1.44 4.08 7.19
C SER A 155 -1.23 5.15 6.12
N PHE A 156 -0.53 4.80 5.05
CA PHE A 156 -0.29 5.73 3.94
C PHE A 156 -0.01 4.95 2.66
N ALA A 157 0.17 5.67 1.55
CA ALA A 157 0.35 5.02 0.26
C ALA A 157 1.04 5.95 -0.72
N SER A 158 2.03 5.43 -1.41
CA SER A 158 2.78 6.22 -2.36
C SER A 158 2.23 6.02 -3.76
N GLY A 159 1.86 7.10 -4.40
CA GLY A 159 1.26 7.03 -5.71
C GLY A 159 1.02 8.40 -6.28
N GLY A 160 -0.01 8.50 -7.12
CA GLY A 160 -0.28 9.75 -7.79
C GLY A 160 0.43 9.81 -9.12
N ASP A 161 1.26 10.82 -9.30
CA ASP A 161 2.06 10.92 -10.52
C ASP A 161 3.43 11.56 -10.21
N PRO A 162 4.21 10.97 -9.29
CA PRO A 162 5.51 11.48 -8.92
C PRO A 162 6.66 10.85 -9.72
N ASP A 163 7.88 11.07 -9.23
CA ASP A 163 9.10 10.49 -9.81
C ASP A 163 9.01 8.99 -9.83
N THR A 164 8.17 8.50 -8.95
CA THR A 164 8.07 7.12 -8.64
C THR A 164 6.75 6.55 -9.17
N ALA A 165 6.07 7.30 -10.03
CA ALA A 165 4.73 6.92 -10.47
C ALA A 165 4.67 5.55 -11.15
N GLU A 166 5.79 5.05 -11.66
CA GLU A 166 5.80 3.74 -12.33
C GLU A 166 5.95 2.60 -11.32
N TYR A 167 6.13 2.94 -10.06
CA TYR A 167 6.18 1.96 -8.98
C TYR A 167 5.33 2.46 -7.82
N VAL A 168 4.29 1.73 -7.48
CA VAL A 168 3.34 2.20 -6.49
C VAL A 168 3.60 1.51 -5.17
N ALA A 169 3.07 2.05 -4.08
CA ALA A 169 3.24 1.46 -2.78
C ALA A 169 2.08 1.78 -1.87
N TYR A 170 1.77 0.87 -0.96
CA TYR A 170 0.75 1.12 0.03
C TYR A 170 1.20 0.47 1.33
N VAL A 171 1.06 1.17 2.43
CA VAL A 171 1.46 0.67 3.72
C VAL A 171 0.33 0.79 4.72
N ALA A 172 0.02 -0.33 5.34
CA ALA A 172 -1.07 -0.41 6.29
C ALA A 172 -0.62 -1.26 7.46
N LYS A 173 -1.49 -1.48 8.43
CA LYS A 173 -1.11 -2.41 9.50
C LYS A 173 -1.44 -3.83 9.09
N ASP A 174 -0.45 -4.44 8.43
CA ASP A 174 -0.56 -5.77 7.87
C ASP A 174 -0.88 -6.80 8.96
N PRO A 175 -1.97 -7.56 8.80
CA PRO A 175 -2.38 -8.58 9.79
C PRO A 175 -1.38 -9.71 9.93
N VAL A 176 -0.54 -9.91 8.92
CA VAL A 176 0.44 -10.98 8.96
C VAL A 176 1.78 -10.45 9.48
N ASN A 177 1.77 -9.16 9.80
CA ASN A 177 2.96 -8.47 10.29
C ASN A 177 2.54 -7.47 11.37
N GLN A 178 3.36 -6.45 11.60
CA GLN A 178 2.97 -5.34 12.47
C GLN A 178 2.32 -4.27 11.61
N ARG A 179 3.16 -3.47 10.97
CA ARG A 179 2.74 -2.55 9.93
C ARG A 179 3.70 -2.79 8.77
N ALA A 180 3.22 -2.75 7.54
CA ALA A 180 4.07 -3.11 6.44
C ALA A 180 3.80 -2.28 5.20
N CYS A 181 4.88 -1.88 4.55
CA CYS A 181 4.83 -1.17 3.29
C CYS A 181 4.95 -2.19 2.15
N HIS A 182 3.95 -2.23 1.30
CA HIS A 182 3.92 -3.17 0.18
C HIS A 182 4.09 -2.39 -1.13
N ILE A 183 5.07 -2.80 -1.92
CA ILE A 183 5.35 -2.12 -3.18
C ILE A 183 4.71 -2.88 -4.34
N LEU A 184 4.00 -2.16 -5.20
CA LEU A 184 3.29 -2.75 -6.32
C LEU A 184 3.96 -2.37 -7.63
N GLU A 185 4.27 -3.37 -8.42
CA GLU A 185 4.84 -3.14 -9.74
C GLU A 185 3.76 -3.27 -10.81
N CYS A 186 4.06 -2.77 -12.00
CA CYS A 186 3.13 -2.80 -13.14
C CYS A 186 1.83 -2.08 -12.80
N PRO A 187 1.90 -0.79 -12.43
CA PRO A 187 0.72 -0.04 -12.02
C PRO A 187 -0.24 0.23 -13.17
N GLU A 188 0.31 0.61 -14.32
CA GLU A 188 -0.51 0.89 -15.50
C GLU A 188 -1.49 2.03 -15.22
N GLY A 189 -1.14 2.89 -14.27
CA GLY A 189 -2.02 3.98 -13.92
C GLY A 189 -2.65 3.80 -12.56
N LEU A 190 -2.50 2.61 -11.97
CA LEU A 190 -3.10 2.31 -10.66
C LEU A 190 -2.65 3.33 -9.62
N ALA A 191 -1.46 3.90 -9.80
CA ALA A 191 -0.92 4.86 -8.84
C ALA A 191 -1.94 5.95 -8.51
N GLN A 192 -2.18 6.83 -9.48
CA GLN A 192 -3.11 7.93 -9.28
C GLN A 192 -4.54 7.42 -9.22
N ASP A 193 -4.79 6.30 -9.89
CA ASP A 193 -6.14 5.76 -9.97
C ASP A 193 -6.61 5.30 -8.59
N VAL A 194 -5.86 4.38 -7.98
CA VAL A 194 -6.24 3.87 -6.66
C VAL A 194 -6.22 4.98 -5.62
N ILE A 195 -5.23 5.87 -5.70
CA ILE A 195 -5.13 6.97 -4.75
C ILE A 195 -6.38 7.85 -4.82
N SER A 196 -6.73 8.25 -6.03
CA SER A 196 -7.87 9.11 -6.25
C SER A 196 -9.19 8.37 -5.93
N THR A 197 -9.23 7.08 -6.25
CA THR A 197 -10.41 6.27 -5.95
C THR A 197 -10.60 6.09 -4.44
N ILE A 198 -9.59 5.55 -3.76
CA ILE A 198 -9.65 5.34 -2.31
C ILE A 198 -9.96 6.64 -1.59
N GLY A 199 -9.30 7.71 -2.03
CA GLY A 199 -9.54 9.02 -1.47
C GLY A 199 -10.99 9.44 -1.60
N GLN A 200 -11.50 9.45 -2.83
CA GLN A 200 -12.88 9.86 -3.08
C GLN A 200 -13.88 8.94 -2.38
N ALA A 201 -13.58 7.65 -2.38
CA ALA A 201 -14.44 6.66 -1.75
C ALA A 201 -14.65 6.99 -0.29
N PHE A 202 -13.56 6.95 0.48
CA PHE A 202 -13.63 7.24 1.90
C PHE A 202 -14.09 8.68 2.14
N GLU A 203 -13.82 9.54 1.16
CA GLU A 203 -14.22 10.95 1.23
C GLU A 203 -15.75 11.09 1.31
N LEU A 204 -16.47 10.10 0.81
CA LEU A 204 -17.92 10.13 0.84
C LEU A 204 -18.42 9.89 2.27
N ARG A 205 -17.51 9.43 3.12
CA ARG A 205 -17.83 9.10 4.51
C ARG A 205 -16.92 9.87 5.48
N PHE A 206 -16.01 10.66 4.93
CA PHE A 206 -14.96 11.28 5.74
C PHE A 206 -15.47 12.51 6.46
N LYS A 207 -14.78 12.87 7.54
CA LYS A 207 -15.10 14.08 8.29
C LYS A 207 -13.97 15.09 8.11
N GLN A 208 -14.34 16.36 7.96
CA GLN A 208 -13.35 17.42 7.74
C GLN A 208 -12.91 17.98 9.09
N TYR A 209 -13.37 17.31 10.14
CA TYR A 209 -13.01 17.63 11.51
C TYR A 209 -11.53 17.36 11.77
N LEU A 210 -10.93 16.58 10.89
CA LEU A 210 -9.53 16.21 11.02
C LEU A 210 -8.82 16.28 9.66
N ARG A 211 -7.59 15.79 9.63
CA ARG A 211 -6.75 15.74 8.42
C ARG A 211 -6.22 17.13 8.09
N ARG B 1 26.61 20.92 4.70
CA ARG B 1 25.37 20.63 3.95
C ARG B 1 24.15 20.86 4.83
N ALA B 2 22.98 20.58 4.28
CA ALA B 2 21.75 20.64 5.05
C ALA B 2 21.24 19.23 5.31
N LYS B 3 20.36 19.09 6.29
CA LYS B 3 19.81 17.78 6.62
C LYS B 3 18.33 17.87 6.92
N TRP B 4 17.53 17.66 5.88
CA TRP B 4 16.09 17.59 6.00
C TRP B 4 15.68 16.15 6.24
N ASP B 5 16.58 15.25 5.85
CA ASP B 5 16.37 13.83 5.90
C ASP B 5 17.16 13.21 7.04
N THR B 6 17.06 11.89 7.15
CA THR B 6 17.80 11.12 8.13
C THR B 6 19.04 10.47 7.50
N ALA B 7 19.02 10.37 6.17
CA ALA B 7 20.04 9.64 5.41
C ALA B 7 19.69 9.68 3.92
N ASN B 8 20.67 9.48 3.03
CA ASN B 8 20.41 9.65 1.60
C ASN B 8 21.52 9.05 0.73
N ASN B 9 21.15 8.01 0.00
CA ASN B 9 21.99 7.37 -1.02
C ASN B 9 21.04 6.58 -1.93
N PRO B 10 21.52 5.98 -3.06
CA PRO B 10 20.67 5.15 -3.90
C PRO B 10 20.19 3.90 -3.18
N LEU B 11 19.07 4.06 -2.49
CA LEU B 11 18.43 3.00 -1.71
C LEU B 11 17.34 3.63 -0.89
N LYS B 13 15.92 7.57 0.29
CA LYS B 13 15.77 9.01 0.33
C LYS B 13 14.36 9.38 -0.11
N GLU B 14 13.86 10.49 0.36
CA GLU B 14 12.51 10.92 0.04
C GLU B 14 12.43 11.40 -1.42
N ALA B 15 11.51 10.80 -2.19
CA ALA B 15 11.38 11.12 -3.61
C ALA B 15 10.07 10.63 -4.18
N THR B 16 9.03 10.58 -3.35
CA THR B 16 7.72 10.16 -3.82
C THR B 16 6.65 10.76 -2.91
N SER B 17 5.41 10.75 -3.36
CA SER B 17 4.30 11.24 -2.57
C SER B 17 3.54 10.08 -1.96
N THR B 18 3.69 9.90 -0.65
CA THR B 18 3.02 8.83 0.05
C THR B 18 2.15 9.36 1.18
N PHE B 19 0.86 9.10 1.07
CA PHE B 19 -0.12 9.62 2.00
C PHE B 19 -1.45 8.90 1.81
N THR B 20 -2.45 9.34 2.58
CA THR B 20 -3.82 8.87 2.45
C THR B 20 -4.74 9.98 2.96
N ASN B 21 -6.02 9.70 3.09
CA ASN B 21 -6.94 10.64 3.71
C ASN B 21 -6.94 10.41 5.22
N ILE B 22 -7.93 10.95 5.92
CA ILE B 22 -7.94 10.84 7.37
C ILE B 22 -8.45 9.47 7.82
N THR B 23 -7.53 8.54 7.93
CA THR B 23 -7.85 7.21 8.41
C THR B 23 -7.04 6.87 9.65
N ARG B 25 -4.11 8.97 10.56
CA ARG B 25 -3.38 10.16 10.99
C ARG B 25 -3.73 11.35 10.08
N GLY B 26 -4.17 12.44 10.71
CA GLY B 26 -4.50 13.64 9.98
C GLY B 26 -3.27 14.50 9.76
N THR B 27 -2.88 14.69 8.51
CA THR B 27 -1.67 15.43 8.20
C THR B 27 -1.86 16.26 6.92
N GLY A 21 -5.89 -30.24 7.87
CA GLY A 21 -4.79 -30.89 8.65
C GLY A 21 -4.88 -30.59 10.12
N GLN A 22 -4.30 -29.46 10.53
CA GLN A 22 -4.29 -29.07 11.93
C GLN A 22 -5.24 -27.90 12.15
N LEU A 23 -5.68 -27.75 13.38
CA LEU A 23 -6.71 -26.79 13.68
C LEU A 23 -6.13 -25.41 13.94
N GLY A 24 -6.64 -24.45 13.21
CA GLY A 24 -6.10 -23.10 13.25
C GLY A 24 -6.14 -22.47 11.88
N GLY A 25 -7.21 -22.76 11.15
CA GLY A 25 -7.35 -22.28 9.80
C GLY A 25 -8.79 -22.08 9.44
N GLU A 26 -9.19 -20.83 9.29
CA GLU A 26 -10.56 -20.48 9.00
C GLU A 26 -10.65 -19.82 7.65
N GLU A 27 -11.85 -19.64 7.16
CA GLU A 27 -12.04 -18.95 5.90
C GLU A 27 -12.17 -17.45 6.17
N TRP A 28 -11.09 -16.73 5.96
CA TRP A 28 -11.05 -15.31 6.27
C TRP A 28 -11.56 -14.46 5.13
N THR A 29 -12.29 -15.08 4.24
CA THR A 29 -12.83 -14.37 3.10
C THR A 29 -14.34 -14.54 3.07
N ARG A 30 -15.02 -13.66 2.34
CA ARG A 30 -16.47 -13.66 2.33
C ARG A 30 -17.03 -14.45 1.16
N HIS A 31 -17.82 -15.46 1.49
CA HIS A 31 -18.50 -16.25 0.48
C HIS A 31 -19.87 -15.64 0.19
N GLY A 32 -20.14 -15.38 -1.07
CA GLY A 32 -21.36 -14.71 -1.43
C GLY A 32 -21.19 -13.21 -1.40
N SER A 33 -20.86 -12.64 -2.55
CA SER A 33 -20.57 -11.21 -2.65
C SER A 33 -21.74 -10.38 -2.14
N PHE A 34 -21.46 -9.47 -1.21
CA PHE A 34 -22.47 -8.56 -0.69
C PHE A 34 -22.96 -7.65 -1.80
N VAL A 35 -24.25 -7.38 -1.82
CA VAL A 35 -24.85 -6.61 -2.90
C VAL A 35 -25.68 -5.45 -2.37
N ASN A 36 -25.65 -4.35 -3.09
CA ASN A 36 -26.49 -3.20 -2.81
C ASN A 36 -26.71 -2.43 -4.09
N LYS A 37 -27.93 -1.92 -4.27
CA LYS A 37 -28.26 -1.22 -5.50
C LYS A 37 -29.43 -0.25 -5.29
N PRO A 38 -29.12 0.96 -4.80
CA PRO A 38 -30.08 2.03 -4.68
C PRO A 38 -30.02 2.94 -5.90
N THR A 39 -30.16 4.24 -5.70
CA THR A 39 -29.93 5.20 -6.77
C THR A 39 -28.46 5.14 -7.17
N ARG A 40 -28.19 4.80 -8.42
CA ARG A 40 -26.82 4.62 -8.86
C ARG A 40 -26.29 5.80 -9.63
N GLY A 41 -26.36 6.98 -9.02
CA GLY A 41 -25.79 8.16 -9.63
C GLY A 41 -24.30 8.25 -9.37
N TRP A 42 -23.61 7.14 -9.61
CA TRP A 42 -22.19 7.06 -9.34
C TRP A 42 -21.43 7.02 -10.66
N LEU A 43 -20.15 7.38 -10.61
CA LEU A 43 -19.27 7.19 -11.76
C LEU A 43 -18.71 5.78 -11.72
N HIS A 44 -17.92 5.41 -12.72
CA HIS A 44 -17.47 4.03 -12.88
C HIS A 44 -16.79 3.47 -11.62
N PRO A 45 -15.74 4.12 -11.09
CA PRO A 45 -15.07 3.64 -9.87
C PRO A 45 -15.98 3.71 -8.64
N ASN A 46 -16.73 4.80 -8.55
CA ASN A 46 -17.60 5.05 -7.40
C ASN A 46 -18.69 4.00 -7.32
N ASP A 47 -19.22 3.63 -8.47
CA ASP A 47 -20.31 2.65 -8.54
C ASP A 47 -19.90 1.36 -7.86
N LYS A 48 -18.65 0.98 -8.07
CA LYS A 48 -18.13 -0.26 -7.52
C LYS A 48 -17.71 -0.09 -6.09
N VAL A 49 -16.89 0.92 -5.84
CA VAL A 49 -16.37 1.16 -4.50
C VAL A 49 -17.51 1.23 -3.47
N MET A 50 -18.65 1.72 -3.94
CA MET A 50 -19.84 1.80 -3.12
C MET A 50 -20.63 0.49 -3.16
N GLY A 51 -20.59 -0.18 -4.30
CA GLY A 51 -21.25 -1.47 -4.43
C GLY A 51 -20.31 -2.64 -4.15
N PRO A 52 -19.86 -3.36 -5.19
CA PRO A 52 -18.96 -4.50 -5.04
C PRO A 52 -17.52 -4.10 -4.70
N GLY A 53 -16.95 -3.23 -5.53
CA GLY A 53 -15.59 -2.75 -5.30
C GLY A 53 -14.78 -2.71 -6.58
N VAL A 54 -14.02 -1.64 -6.78
CA VAL A 54 -13.16 -1.52 -7.96
C VAL A 54 -11.95 -2.42 -7.81
N SER A 55 -11.40 -2.81 -8.94
CA SER A 55 -10.27 -3.72 -8.96
C SER A 55 -9.22 -3.23 -9.95
N TYR A 56 -7.99 -3.08 -9.48
CA TYR A 56 -6.89 -2.64 -10.32
C TYR A 56 -5.83 -3.72 -10.40
N LEU A 57 -5.04 -3.71 -11.45
CA LEU A 57 -3.99 -4.71 -11.62
C LEU A 57 -2.72 -4.26 -10.93
N VAL A 58 -2.22 -5.10 -10.03
CA VAL A 58 -1.02 -4.77 -9.26
C VAL A 58 -0.14 -6.01 -9.17
N ARG A 59 1.12 -5.83 -8.78
CA ARG A 59 2.00 -6.96 -8.58
C ARG A 59 2.76 -6.82 -7.26
N TYR A 60 2.60 -7.80 -6.40
CA TYR A 60 3.28 -7.84 -5.12
C TYR A 60 4.77 -7.90 -5.35
N MET A 61 5.45 -6.83 -4.98
CA MET A 61 6.87 -6.72 -5.17
C MET A 61 7.55 -6.26 -3.88
N GLY A 62 7.90 -7.22 -3.04
CA GLY A 62 8.61 -6.93 -1.80
C GLY A 62 7.68 -6.39 -0.72
N CYS A 63 8.11 -6.50 0.53
CA CYS A 63 7.34 -5.98 1.64
C CYS A 63 8.27 -5.49 2.74
N VAL A 64 8.01 -4.32 3.29
CA VAL A 64 8.84 -3.79 4.35
C VAL A 64 8.06 -3.69 5.64
N GLU A 65 8.57 -4.35 6.67
CA GLU A 65 7.88 -4.43 7.93
C GLU A 65 8.14 -3.17 8.74
N VAL A 66 7.13 -2.31 8.80
CA VAL A 66 7.25 -1.02 9.47
C VAL A 66 6.57 -1.09 10.83
N LEU A 67 7.33 -0.92 11.90
CA LEU A 67 6.77 -1.01 13.25
C LEU A 67 6.38 0.37 13.75
N GLN A 68 6.08 1.26 12.81
CA GLN A 68 5.77 2.64 13.12
C GLN A 68 4.57 3.09 12.30
N SER A 69 4.05 4.26 12.58
CA SER A 69 2.89 4.77 11.89
C SER A 69 3.02 6.25 11.58
N MET A 70 2.07 6.80 10.83
CA MET A 70 2.14 8.20 10.39
C MET A 70 2.23 9.16 11.56
N ARG A 71 1.47 8.90 12.62
CA ARG A 71 1.46 9.78 13.78
C ARG A 71 2.66 9.51 14.69
N ALA A 72 3.48 8.54 14.30
CA ALA A 72 4.67 8.18 15.05
C ALA A 72 5.92 8.38 14.22
N LEU A 73 5.74 9.00 13.06
CA LEU A 73 6.84 9.25 12.14
C LEU A 73 6.84 10.69 11.67
N ASP A 74 8.00 11.16 11.28
CA ASP A 74 8.17 12.50 10.75
C ASP A 74 7.64 12.56 9.32
N PHE A 75 7.36 13.76 8.83
CA PHE A 75 6.90 13.94 7.46
C PHE A 75 7.91 13.38 6.47
N ASN A 76 9.19 13.67 6.68
CA ASN A 76 10.24 13.18 5.78
C ASN A 76 10.47 11.71 6.07
N THR A 77 10.56 11.39 7.35
CA THR A 77 10.80 10.02 7.78
C THR A 77 9.78 9.06 7.19
N ARG A 78 8.49 9.36 7.36
CA ARG A 78 7.44 8.45 6.91
C ARG A 78 7.51 8.28 5.39
N THR A 79 7.88 9.35 4.70
CA THR A 79 8.00 9.30 3.25
C THR A 79 9.26 8.55 2.85
N GLN A 80 10.25 8.56 3.74
CA GLN A 80 11.52 7.97 3.43
C GLN A 80 11.43 6.48 3.63
N VAL A 81 10.73 6.08 4.69
CA VAL A 81 10.53 4.68 4.98
C VAL A 81 9.67 4.02 3.89
N THR A 82 8.70 4.75 3.37
CA THR A 82 7.84 4.23 2.33
C THR A 82 8.62 4.13 1.01
N ARG A 83 9.29 5.21 0.64
CA ARG A 83 10.07 5.23 -0.59
C ARG A 83 11.23 4.25 -0.49
N GLU A 84 11.79 4.11 0.71
CA GLU A 84 12.83 3.11 0.97
C GLU A 84 12.39 1.77 0.42
N ALA A 85 11.25 1.31 0.92
CA ALA A 85 10.68 0.04 0.52
C ALA A 85 10.62 -0.07 -0.98
N ILE A 86 9.93 0.86 -1.59
CA ILE A 86 9.74 0.87 -3.04
C ILE A 86 11.09 0.96 -3.76
N SER A 87 12.08 1.54 -3.09
CA SER A 87 13.37 1.82 -3.70
C SER A 87 14.22 0.56 -3.78
N LEU A 88 14.68 0.08 -2.62
CA LEU A 88 15.56 -1.07 -2.60
C LEU A 88 14.87 -2.31 -3.16
N VAL A 89 13.54 -2.33 -3.09
CA VAL A 89 12.77 -3.39 -3.70
C VAL A 89 12.90 -3.33 -5.21
N CYS A 90 12.53 -2.20 -5.79
CA CYS A 90 12.51 -2.05 -7.25
C CYS A 90 13.93 -2.09 -7.82
N GLU A 91 14.91 -1.82 -6.99
CA GLU A 91 16.30 -1.81 -7.42
C GLU A 91 17.02 -3.07 -6.98
N ALA A 92 16.28 -4.13 -6.63
CA ALA A 92 16.92 -5.37 -6.23
C ALA A 92 16.08 -6.60 -6.60
N VAL A 93 14.84 -6.65 -6.15
CA VAL A 93 13.99 -7.81 -6.40
C VAL A 93 13.57 -7.87 -7.88
N PRO A 94 13.19 -9.07 -8.36
CA PRO A 94 12.67 -9.23 -9.70
C PRO A 94 11.24 -8.73 -9.82
N GLY A 95 10.87 -8.30 -11.01
CA GLY A 95 9.52 -7.82 -11.24
C GLY A 95 9.49 -6.35 -11.61
N ALA A 96 10.39 -5.57 -11.00
CA ALA A 96 10.46 -4.13 -11.26
C ALA A 96 10.70 -3.84 -12.74
N LYS A 97 10.28 -2.66 -13.17
CA LYS A 97 10.41 -2.27 -14.56
C LYS A 97 11.87 -2.00 -14.92
N GLY A 98 12.53 -1.22 -14.08
CA GLY A 98 13.92 -0.90 -14.33
C GLY A 98 14.73 -0.90 -13.04
N ALA A 99 15.53 -1.95 -12.87
CA ALA A 99 16.40 -2.08 -11.71
C ALA A 99 17.85 -2.00 -12.16
N THR A 100 18.61 -1.12 -11.53
CA THR A 100 20.03 -1.03 -11.82
C THR A 100 20.81 -1.73 -10.71
N ARG A 101 20.06 -2.35 -9.80
CA ARG A 101 20.59 -3.05 -8.65
C ARG A 101 21.34 -2.11 -7.72
N ARG A 102 20.60 -1.52 -6.79
CA ARG A 102 21.22 -0.77 -5.71
C ARG A 102 20.90 -1.44 -4.40
N ARG A 103 21.85 -2.21 -3.89
CA ARG A 103 21.66 -2.88 -2.62
C ARG A 103 22.86 -2.65 -1.75
N LYS A 104 22.76 -1.67 -0.86
CA LYS A 104 23.80 -1.41 0.13
C LYS A 104 23.98 -2.66 1.00
N PRO A 105 25.13 -3.32 0.87
CA PRO A 105 25.38 -4.63 1.51
C PRO A 105 25.41 -4.55 3.02
N CYS A 106 25.98 -3.48 3.55
CA CYS A 106 26.06 -3.30 4.99
C CYS A 106 25.49 -1.94 5.38
N SER A 107 24.16 -1.88 5.43
CA SER A 107 23.47 -0.66 5.79
C SER A 107 22.24 -0.95 6.65
N ARG A 108 21.52 0.10 6.98
CA ARG A 108 20.26 -0.02 7.68
C ARG A 108 19.14 0.19 6.66
N PRO A 109 17.87 -0.16 6.97
CA PRO A 109 16.77 -0.02 5.99
C PRO A 109 16.71 1.38 5.40
N LEU A 110 16.39 2.37 6.23
CA LEU A 110 16.47 3.77 5.83
C LEU A 110 17.10 4.60 6.95
N SER A 111 16.84 4.19 8.17
CA SER A 111 17.53 4.72 9.35
C SER A 111 17.18 3.86 10.56
N SER A 112 16.78 2.62 10.28
CA SER A 112 16.32 1.70 11.32
C SER A 112 15.17 2.31 12.12
N ILE A 113 14.45 3.23 11.49
CA ILE A 113 13.33 3.93 12.11
C ILE A 113 12.16 2.97 12.27
N LEU A 114 11.99 2.15 11.26
CA LEU A 114 10.92 1.19 11.23
C LEU A 114 11.45 -0.21 11.57
N GLY A 115 10.79 -1.25 11.09
CA GLY A 115 11.26 -2.60 11.33
C GLY A 115 12.44 -2.94 10.43
N ARG A 116 12.16 -3.41 9.23
CA ARG A 116 13.21 -3.73 8.27
C ARG A 116 12.60 -4.05 6.91
N SER A 117 13.41 -3.97 5.88
CA SER A 117 12.96 -4.28 4.54
C SER A 117 13.01 -5.79 4.30
N ASN A 118 11.87 -6.40 4.01
CA ASN A 118 11.81 -7.84 3.80
C ASN A 118 11.43 -8.15 2.37
N LEU A 119 12.43 -8.27 1.53
CA LEU A 119 12.23 -8.53 0.13
C LEU A 119 11.99 -10.01 -0.08
N LYS A 120 10.87 -10.50 0.47
CA LYS A 120 10.53 -11.91 0.38
C LYS A 120 9.40 -12.15 -0.60
N PHE A 121 8.32 -11.40 -0.49
CA PHE A 121 7.19 -11.59 -1.37
C PHE A 121 7.32 -10.72 -2.61
N ALA A 122 8.06 -11.20 -3.61
CA ALA A 122 8.26 -10.42 -4.82
C ALA A 122 7.97 -11.24 -6.06
N GLY A 123 7.00 -10.77 -6.83
CA GLY A 123 6.66 -11.43 -8.07
C GLY A 123 5.35 -12.17 -8.00
N MET A 124 4.35 -11.57 -7.39
CA MET A 124 3.04 -12.19 -7.32
C MET A 124 1.96 -11.24 -7.82
N PRO A 125 1.27 -11.58 -8.91
CA PRO A 125 0.20 -10.75 -9.46
C PRO A 125 -0.99 -10.65 -8.51
N ILE A 126 -1.43 -9.43 -8.25
CA ILE A 126 -2.56 -9.18 -7.36
C ILE A 126 -3.51 -8.15 -7.96
N THR A 127 -4.54 -7.81 -7.20
CA THR A 127 -5.57 -6.91 -7.66
C THR A 127 -6.01 -5.96 -6.54
N LEU A 128 -5.82 -4.67 -6.76
CA LEU A 128 -6.17 -3.66 -5.77
C LEU A 128 -7.69 -3.51 -5.75
N THR A 129 -8.32 -3.99 -4.68
CA THR A 129 -9.76 -3.95 -4.58
C THR A 129 -10.19 -2.92 -3.53
N VAL A 130 -10.80 -1.85 -4.00
CA VAL A 130 -11.21 -0.75 -3.13
C VAL A 130 -12.67 -0.91 -2.72
N SER A 131 -12.94 -0.78 -1.43
CA SER A 131 -14.28 -0.93 -0.90
C SER A 131 -14.54 0.10 0.20
N THR A 132 -15.81 0.51 0.34
CA THR A 132 -16.21 1.49 1.34
C THR A 132 -15.67 1.18 2.75
N SER A 133 -15.58 -0.10 3.07
CA SER A 133 -15.09 -0.51 4.37
C SER A 133 -13.95 -1.53 4.25
N SER A 134 -13.31 -1.56 3.08
CA SER A 134 -12.27 -2.57 2.84
C SER A 134 -11.24 -2.08 1.83
N LEU A 135 -10.07 -2.68 1.88
CA LEU A 135 -9.01 -2.40 0.91
C LEU A 135 -8.13 -3.62 0.82
N ASN A 136 -8.65 -4.64 0.16
CA ASN A 136 -7.97 -5.92 0.08
C ASN A 136 -7.49 -6.17 -1.34
N LEU A 137 -6.50 -7.02 -1.47
CA LEU A 137 -5.94 -7.32 -2.77
C LEU A 137 -6.19 -8.77 -3.13
N MET A 138 -6.81 -8.99 -4.27
CA MET A 138 -7.09 -10.33 -4.74
C MET A 138 -5.91 -10.83 -5.56
N ALA A 139 -5.28 -11.90 -5.11
CA ALA A 139 -4.14 -12.45 -5.83
C ALA A 139 -4.57 -12.97 -7.19
N ALA A 140 -4.09 -12.31 -8.24
CA ALA A 140 -4.40 -12.73 -9.61
C ALA A 140 -3.62 -13.99 -9.93
N ASP A 141 -2.66 -14.26 -9.05
CA ASP A 141 -1.94 -15.52 -9.01
C ASP A 141 -2.90 -16.67 -8.72
N CYS A 142 -4.10 -16.31 -8.26
CA CYS A 142 -5.14 -17.26 -7.92
C CYS A 142 -4.74 -18.04 -6.67
N LYS A 143 -4.06 -17.33 -5.76
CA LYS A 143 -3.62 -17.91 -4.51
C LYS A 143 -4.73 -17.81 -3.50
N GLN A 144 -5.14 -16.57 -3.24
CA GLN A 144 -6.25 -16.24 -2.36
C GLN A 144 -6.38 -14.73 -2.28
N ILE A 145 -7.14 -14.24 -1.33
CA ILE A 145 -7.29 -12.81 -1.18
C ILE A 145 -6.50 -12.33 0.04
N ILE A 146 -5.53 -11.46 -0.22
CA ILE A 146 -4.63 -10.96 0.81
C ILE A 146 -5.06 -9.57 1.27
N ALA A 147 -4.18 -8.93 2.06
CA ALA A 147 -4.39 -7.57 2.55
C ALA A 147 -5.52 -7.52 3.57
N ASN A 148 -6.06 -6.34 3.79
CA ASN A 148 -7.06 -6.15 4.83
C ASN A 148 -8.47 -6.00 4.27
N HIS A 149 -9.38 -6.76 4.85
CA HIS A 149 -10.79 -6.65 4.49
C HIS A 149 -11.43 -5.54 5.30
N HIS A 150 -10.59 -4.64 5.80
CA HIS A 150 -11.02 -3.50 6.59
C HIS A 150 -10.27 -2.26 6.16
N MET A 151 -10.97 -1.13 6.14
CA MET A 151 -10.35 0.16 5.89
C MET A 151 -9.74 0.69 7.19
N GLN A 152 -10.33 0.27 8.30
CA GLN A 152 -9.95 0.79 9.62
C GLN A 152 -8.55 0.33 10.04
N SER A 153 -7.98 -0.60 9.29
CA SER A 153 -6.69 -1.17 9.67
C SER A 153 -5.60 -0.84 8.65
N ILE A 154 -5.67 0.32 8.02
CA ILE A 154 -4.67 0.71 7.03
C ILE A 154 -3.67 1.69 7.64
N SER A 155 -2.72 2.17 6.82
CA SER A 155 -1.73 3.13 7.29
C SER A 155 -1.30 4.10 6.17
N PHE A 156 -0.38 3.66 5.32
CA PHE A 156 0.19 4.53 4.29
C PHE A 156 -0.33 4.13 2.90
N ALA A 157 -0.24 5.05 1.96
CA ALA A 157 -0.40 4.71 0.57
C ALA A 157 0.44 5.65 -0.30
N SER A 158 1.46 5.10 -0.93
CA SER A 158 2.34 5.86 -1.79
C SER A 158 1.87 5.74 -3.23
N GLY A 159 1.62 6.88 -3.86
CA GLY A 159 1.10 6.87 -5.21
C GLY A 159 0.93 8.27 -5.74
N GLY A 160 -0.04 8.44 -6.62
CA GLY A 160 -0.25 9.72 -7.24
C GLY A 160 0.58 9.88 -8.48
N ASP A 161 1.40 10.92 -8.52
CA ASP A 161 2.31 11.14 -9.64
C ASP A 161 3.60 11.83 -9.18
N PRO A 162 4.36 11.18 -8.28
CA PRO A 162 5.65 11.68 -7.82
C PRO A 162 6.81 11.07 -8.60
N ASP A 163 8.03 11.29 -8.10
CA ASP A 163 9.24 10.70 -8.69
C ASP A 163 9.31 9.19 -8.48
N THR A 164 8.18 8.63 -8.15
CA THR A 164 8.08 7.24 -7.81
C THR A 164 6.83 6.64 -8.48
N ALA A 165 6.14 7.47 -9.26
CA ALA A 165 4.84 7.09 -9.84
C ALA A 165 4.90 5.83 -10.70
N GLU A 166 6.10 5.43 -11.09
CA GLU A 166 6.31 4.22 -11.87
C GLU A 166 5.98 2.98 -11.04
N TYR A 167 6.07 3.12 -9.73
CA TYR A 167 5.77 2.05 -8.81
C TYR A 167 4.79 2.54 -7.74
N VAL A 168 3.98 1.65 -7.20
CA VAL A 168 2.99 2.06 -6.20
C VAL A 168 3.25 1.31 -4.90
N ALA A 169 2.70 1.79 -3.80
CA ALA A 169 2.86 1.10 -2.52
C ALA A 169 1.70 1.40 -1.60
N TYR A 170 1.31 0.40 -0.82
CA TYR A 170 0.31 0.62 0.21
C TYR A 170 0.79 -0.02 1.50
N VAL A 171 0.64 0.69 2.59
CA VAL A 171 1.06 0.21 3.89
C VAL A 171 -0.16 0.02 4.77
N ALA A 172 -0.33 -1.18 5.29
CA ALA A 172 -1.52 -1.47 6.09
C ALA A 172 -1.16 -2.38 7.26
N LYS A 173 -2.06 -2.47 8.23
CA LYS A 173 -1.82 -3.32 9.39
C LYS A 173 -2.21 -4.75 9.05
N ASP A 174 -1.26 -5.51 8.50
CA ASP A 174 -1.54 -6.89 8.11
C ASP A 174 -1.17 -7.85 9.23
N PRO A 175 -1.85 -9.00 9.28
CA PRO A 175 -1.62 -10.03 10.30
C PRO A 175 -0.33 -10.82 10.07
N VAL A 176 0.44 -10.40 9.08
CA VAL A 176 1.71 -11.03 8.78
C VAL A 176 2.74 -10.61 9.83
N ASN A 177 2.58 -9.40 10.36
CA ASN A 177 3.39 -8.94 11.47
C ASN A 177 2.62 -7.91 12.29
N GLN A 178 2.82 -6.64 11.98
CA GLN A 178 2.12 -5.55 12.67
C GLN A 178 1.49 -4.64 11.63
N ARG A 179 2.34 -3.96 10.88
CA ARG A 179 1.92 -3.31 9.65
C ARG A 179 3.09 -3.30 8.69
N ALA A 180 2.81 -3.49 7.42
CA ALA A 180 3.88 -3.64 6.44
C ALA A 180 3.60 -2.84 5.19
N CYS A 181 4.67 -2.30 4.62
CA CYS A 181 4.60 -1.57 3.38
C CYS A 181 4.71 -2.54 2.21
N HIS A 182 3.64 -2.64 1.43
CA HIS A 182 3.61 -3.55 0.31
C HIS A 182 3.73 -2.77 -1.00
N ILE A 183 4.70 -3.13 -1.82
CA ILE A 183 4.95 -2.39 -3.05
C ILE A 183 4.30 -3.10 -4.24
N LEU A 184 3.63 -2.32 -5.09
CA LEU A 184 2.92 -2.86 -6.24
C LEU A 184 3.62 -2.48 -7.52
N GLU A 185 3.83 -3.47 -8.37
CA GLU A 185 4.39 -3.27 -9.68
C GLU A 185 3.27 -3.34 -10.72
N CYS A 186 3.53 -2.80 -11.91
CA CYS A 186 2.57 -2.78 -13.00
C CYS A 186 1.32 -1.98 -12.62
N PRO A 187 1.49 -0.69 -12.27
CA PRO A 187 0.36 0.14 -11.84
C PRO A 187 -0.59 0.47 -12.99
N GLU A 188 -0.03 0.83 -14.14
CA GLU A 188 -0.83 1.17 -15.32
C GLU A 188 -1.70 2.40 -15.03
N GLY A 189 -1.32 3.15 -13.99
CA GLY A 189 -2.09 4.29 -13.59
C GLY A 189 -2.75 4.11 -12.23
N LEU A 190 -2.68 2.88 -11.70
CA LEU A 190 -3.32 2.56 -10.43
C LEU A 190 -2.86 3.50 -9.32
N ALA A 191 -1.63 4.03 -9.46
CA ALA A 191 -1.07 4.93 -8.45
C ALA A 191 -2.06 6.04 -8.10
N GLN A 192 -2.21 6.99 -9.01
CA GLN A 192 -3.11 8.12 -8.79
C GLN A 192 -4.56 7.65 -8.76
N ASP A 193 -4.85 6.57 -9.47
CA ASP A 193 -6.21 6.07 -9.61
C ASP A 193 -6.72 5.58 -8.26
N VAL A 194 -6.05 4.59 -7.67
CA VAL A 194 -6.48 4.03 -6.40
C VAL A 194 -6.43 5.08 -5.30
N ILE A 195 -5.41 5.94 -5.33
CA ILE A 195 -5.29 6.99 -4.33
C ILE A 195 -6.50 7.91 -4.39
N SER A 196 -6.86 8.35 -5.60
CA SER A 196 -8.00 9.22 -5.79
C SER A 196 -9.30 8.49 -5.45
N THR A 197 -9.39 7.24 -5.88
CA THR A 197 -10.58 6.43 -5.63
C THR A 197 -10.80 6.20 -4.14
N ILE A 198 -9.80 5.62 -3.47
CA ILE A 198 -9.88 5.34 -2.04
C ILE A 198 -10.15 6.62 -1.25
N GLY A 199 -9.45 7.69 -1.63
CA GLY A 199 -9.65 8.97 -0.97
C GLY A 199 -11.06 9.50 -1.18
N GLN A 200 -11.47 9.60 -2.45
CA GLN A 200 -12.79 10.14 -2.79
C GLN A 200 -13.90 9.31 -2.17
N ALA A 201 -13.73 8.00 -2.18
CA ALA A 201 -14.72 7.08 -1.62
C ALA A 201 -14.86 7.30 -0.11
N PHE A 202 -13.75 7.16 0.61
CA PHE A 202 -13.80 7.26 2.06
C PHE A 202 -14.04 8.69 2.49
N GLU A 203 -13.87 9.63 1.55
CA GLU A 203 -14.17 11.03 1.80
C GLU A 203 -15.67 11.21 2.09
N LEU A 204 -16.47 10.25 1.66
CA LEU A 204 -17.89 10.27 1.95
C LEU A 204 -18.13 9.89 3.42
N ARG A 205 -17.04 9.61 4.13
CA ARG A 205 -17.06 9.39 5.57
C ARG A 205 -16.14 10.40 6.25
N PHE A 206 -15.66 11.35 5.46
CA PHE A 206 -14.75 12.39 5.96
C PHE A 206 -15.52 13.51 6.63
N LYS A 207 -14.93 14.06 7.66
CA LYS A 207 -15.44 15.27 8.28
C LYS A 207 -14.31 16.28 8.31
N GLN A 208 -14.64 17.55 8.16
CA GLN A 208 -13.62 18.57 7.99
C GLN A 208 -13.06 19.01 9.33
N TYR A 209 -13.45 18.25 10.34
CA TYR A 209 -12.94 18.41 11.70
C TYR A 209 -11.51 17.91 11.78
N LEU A 210 -11.12 17.07 10.82
CA LEU A 210 -9.81 16.44 10.83
C LEU A 210 -9.36 16.09 9.41
N ARG A 211 -8.20 15.42 9.32
CA ARG A 211 -7.63 14.96 8.04
C ARG A 211 -7.24 16.15 7.17
N ARG B 1 22.47 11.81 11.70
CA ARG B 1 22.57 12.26 10.30
C ARG B 1 21.33 13.04 9.91
N ALA B 2 21.51 14.31 9.54
CA ALA B 2 20.39 15.14 9.14
C ALA B 2 20.85 16.28 8.23
N LYS B 3 20.80 16.04 6.92
CA LYS B 3 21.07 17.07 5.94
C LYS B 3 19.75 17.73 5.56
N TRP B 4 18.70 16.97 5.74
CA TRP B 4 17.34 17.30 5.32
C TRP B 4 16.47 16.13 5.71
N ASP B 5 16.96 14.96 5.36
CA ASP B 5 16.38 13.69 5.75
C ASP B 5 17.17 13.09 6.90
N THR B 6 16.88 11.83 7.20
CA THR B 6 17.56 11.12 8.28
C THR B 6 18.76 10.30 7.75
N ALA B 7 18.80 10.09 6.43
CA ALA B 7 19.84 9.27 5.79
C ALA B 7 19.51 9.08 4.31
N ASN B 8 20.53 9.00 3.45
CA ASN B 8 20.28 8.87 2.03
C ASN B 8 21.47 8.27 1.27
N ASN B 9 21.16 7.21 0.54
CA ASN B 9 22.08 6.54 -0.39
C ASN B 9 21.23 5.74 -1.36
N PRO B 10 21.79 5.11 -2.42
CA PRO B 10 21.00 4.29 -3.34
C PRO B 10 20.38 3.07 -2.64
N LEU B 11 19.24 3.30 -2.01
CA LEU B 11 18.48 2.29 -1.30
C LEU B 11 17.36 2.97 -0.55
N LYS B 13 15.81 6.76 0.71
CA LYS B 13 15.61 8.19 0.49
C LYS B 13 14.10 8.46 0.38
N GLU B 14 13.68 9.71 0.51
CA GLU B 14 12.30 10.08 0.24
C GLU B 14 12.19 10.64 -1.17
N ALA B 15 11.20 10.20 -1.93
CA ALA B 15 11.05 10.63 -3.33
C ALA B 15 9.65 10.36 -3.86
N THR B 16 8.68 10.29 -2.95
CA THR B 16 7.32 9.99 -3.32
C THR B 16 6.36 10.68 -2.38
N SER B 17 5.07 10.46 -2.58
CA SER B 17 4.06 11.02 -1.71
C SER B 17 3.20 9.90 -1.14
N THR B 18 3.16 9.80 0.19
CA THR B 18 2.43 8.73 0.84
C THR B 18 1.53 9.26 1.96
N PHE B 19 0.28 8.81 1.92
CA PHE B 19 -0.75 9.18 2.88
C PHE B 19 -1.96 8.31 2.63
N THR B 20 -3.08 8.58 3.29
CA THR B 20 -4.33 7.87 2.99
C THR B 20 -5.55 8.69 3.40
N ASN B 21 -6.15 8.29 4.51
CA ASN B 21 -7.42 8.84 4.98
C ASN B 21 -7.41 8.95 6.48
N ILE B 22 -8.45 9.54 7.05
CA ILE B 22 -8.56 9.62 8.50
C ILE B 22 -9.02 8.28 9.07
N THR B 23 -8.06 7.41 9.28
CA THR B 23 -8.34 6.10 9.81
C THR B 23 -7.32 5.72 10.89
N ARG B 25 -4.57 7.97 11.14
CA ARG B 25 -3.93 9.28 11.29
C ARG B 25 -4.60 10.27 10.34
N GLY B 26 -4.80 11.50 10.79
CA GLY B 26 -5.27 12.55 9.91
C GLY B 26 -4.16 13.08 9.05
N THR B 27 -4.04 12.57 7.84
CA THR B 27 -2.96 12.95 6.94
C THR B 27 -3.27 12.49 5.52
N GLY A 21 -11.52 -40.99 11.02
CA GLY A 21 -12.27 -39.71 10.87
C GLY A 21 -12.83 -39.24 12.20
N GLN A 22 -13.43 -38.06 12.19
CA GLN A 22 -13.99 -37.49 13.41
C GLN A 22 -15.50 -37.45 13.30
N LEU A 23 -16.16 -37.40 14.45
CA LEU A 23 -17.61 -37.47 14.50
C LEU A 23 -18.20 -36.08 14.62
N GLY A 24 -18.82 -35.62 13.55
CA GLY A 24 -19.39 -34.29 13.54
C GLY A 24 -18.83 -33.45 12.41
N GLY A 25 -18.00 -32.49 12.76
CA GLY A 25 -17.40 -31.64 11.76
C GLY A 25 -18.25 -30.42 11.47
N GLU A 26 -17.71 -29.25 11.73
CA GLU A 26 -18.44 -28.02 11.53
C GLU A 26 -17.82 -27.25 10.39
N GLU A 27 -18.67 -26.64 9.59
CA GLU A 27 -18.20 -25.94 8.42
C GLU A 27 -17.68 -24.56 8.81
N TRP A 28 -16.38 -24.45 8.97
CA TRP A 28 -15.76 -23.20 9.36
C TRP A 28 -15.31 -22.42 8.13
N THR A 29 -15.98 -22.68 7.03
CA THR A 29 -15.66 -22.03 5.79
C THR A 29 -16.95 -21.51 5.13
N ARG A 30 -17.57 -20.55 5.80
CA ARG A 30 -18.84 -20.01 5.37
C ARG A 30 -18.78 -18.51 5.19
N HIS A 31 -19.80 -17.97 4.55
CA HIS A 31 -20.03 -16.54 4.50
C HIS A 31 -21.50 -16.27 4.79
N GLY A 32 -21.77 -15.76 5.98
CA GLY A 32 -23.14 -15.62 6.43
C GLY A 32 -23.61 -14.21 6.28
N SER A 33 -22.67 -13.30 6.09
CA SER A 33 -23.01 -11.92 5.90
C SER A 33 -23.26 -11.64 4.43
N PHE A 34 -24.50 -11.30 4.12
CA PHE A 34 -24.88 -10.96 2.75
C PHE A 34 -25.31 -9.50 2.68
N VAL A 35 -24.44 -8.67 2.15
CA VAL A 35 -24.74 -7.26 2.01
C VAL A 35 -25.03 -6.91 0.55
N ASN A 36 -26.31 -6.86 0.23
CA ASN A 36 -26.73 -6.52 -1.12
C ASN A 36 -28.03 -5.72 -1.06
N LYS A 37 -28.05 -4.59 -1.73
CA LYS A 37 -29.20 -3.71 -1.70
C LYS A 37 -29.28 -2.91 -3.01
N PRO A 38 -30.49 -2.82 -3.59
CA PRO A 38 -30.69 -2.15 -4.87
C PRO A 38 -30.56 -0.64 -4.79
N THR A 39 -29.36 -0.15 -5.06
CA THR A 39 -29.10 1.28 -5.12
C THR A 39 -27.92 1.57 -6.04
N ARG A 40 -28.12 2.53 -6.94
CA ARG A 40 -27.08 2.90 -7.88
C ARG A 40 -26.90 4.42 -7.89
N GLY A 41 -26.93 5.04 -9.05
CA GLY A 41 -26.79 6.48 -9.10
C GLY A 41 -25.34 6.92 -8.96
N TRP A 42 -24.52 6.09 -8.31
CA TRP A 42 -23.10 6.34 -8.20
C TRP A 42 -22.48 6.19 -9.57
N LEU A 43 -21.32 6.78 -9.78
CA LEU A 43 -20.60 6.49 -10.98
C LEU A 43 -19.91 5.14 -10.83
N HIS A 44 -19.40 4.62 -11.93
CA HIS A 44 -18.91 3.24 -11.98
C HIS A 44 -17.89 2.91 -10.87
N PRO A 45 -16.83 3.73 -10.66
CA PRO A 45 -15.86 3.47 -9.57
C PRO A 45 -16.50 3.58 -8.19
N ASN A 46 -17.32 4.61 -7.99
CA ASN A 46 -18.00 4.84 -6.72
C ASN A 46 -18.93 3.69 -6.41
N ASP A 47 -19.60 3.20 -7.44
CA ASP A 47 -20.52 2.09 -7.33
C ASP A 47 -19.81 0.91 -6.67
N LYS A 48 -18.59 0.66 -7.14
CA LYS A 48 -17.80 -0.43 -6.62
C LYS A 48 -17.28 -0.13 -5.23
N VAL A 49 -16.51 0.94 -5.10
CA VAL A 49 -15.88 1.24 -3.81
C VAL A 49 -16.90 1.25 -2.66
N MET A 50 -18.12 1.64 -2.98
CA MET A 50 -19.20 1.65 -1.99
C MET A 50 -19.82 0.27 -1.85
N GLY A 51 -19.79 -0.50 -2.94
CA GLY A 51 -20.30 -1.86 -2.90
C GLY A 51 -19.19 -2.91 -2.86
N PRO A 52 -18.91 -3.58 -3.99
CA PRO A 52 -17.93 -4.68 -4.05
C PRO A 52 -16.47 -4.20 -3.93
N GLY A 53 -16.18 -3.04 -4.51
CA GLY A 53 -14.84 -2.50 -4.50
C GLY A 53 -14.21 -2.52 -5.88
N VAL A 54 -13.55 -1.42 -6.26
CA VAL A 54 -12.84 -1.36 -7.53
C VAL A 54 -11.58 -2.19 -7.46
N SER A 55 -11.09 -2.61 -8.60
CA SER A 55 -9.95 -3.50 -8.67
C SER A 55 -8.94 -3.04 -9.71
N TYR A 56 -7.69 -2.92 -9.30
CA TYR A 56 -6.61 -2.53 -10.20
C TYR A 56 -5.55 -3.62 -10.27
N LEU A 57 -4.75 -3.62 -11.32
CA LEU A 57 -3.69 -4.61 -11.48
C LEU A 57 -2.40 -4.09 -10.87
N VAL A 58 -1.81 -4.88 -9.97
CA VAL A 58 -0.60 -4.48 -9.27
C VAL A 58 0.34 -5.68 -9.14
N ARG A 59 1.61 -5.42 -8.90
CA ARG A 59 2.59 -6.49 -8.73
C ARG A 59 3.29 -6.35 -7.40
N TYR A 60 3.14 -7.33 -6.54
CA TYR A 60 3.81 -7.36 -5.26
C TYR A 60 5.31 -7.43 -5.49
N MET A 61 6.00 -6.35 -5.16
CA MET A 61 7.42 -6.28 -5.36
C MET A 61 8.10 -5.79 -4.09
N GLY A 62 8.47 -6.73 -3.23
CA GLY A 62 9.15 -6.41 -2.00
C GLY A 62 8.20 -5.86 -0.94
N CYS A 63 8.64 -5.89 0.31
CA CYS A 63 7.83 -5.38 1.41
C CYS A 63 8.72 -4.85 2.51
N VAL A 64 8.38 -3.69 3.05
CA VAL A 64 9.19 -3.09 4.09
C VAL A 64 8.42 -3.04 5.40
N GLU A 65 8.98 -3.66 6.43
CA GLU A 65 8.33 -3.77 7.71
C GLU A 65 8.55 -2.50 8.51
N VAL A 66 7.49 -1.72 8.66
CA VAL A 66 7.59 -0.42 9.33
C VAL A 66 6.85 -0.46 10.67
N LEU A 67 7.60 -0.24 11.74
CA LEU A 67 7.06 -0.27 13.09
C LEU A 67 6.74 1.14 13.55
N GLN A 68 6.74 2.08 12.62
CA GLN A 68 6.43 3.47 12.91
C GLN A 68 5.21 3.88 12.12
N SER A 69 4.79 5.13 12.28
CA SER A 69 3.61 5.65 11.60
C SER A 69 3.82 7.13 11.29
N MET A 70 2.92 7.74 10.53
CA MET A 70 3.02 9.17 10.23
C MET A 70 2.95 10.00 11.50
N ARG A 71 2.05 9.62 12.40
CA ARG A 71 2.00 10.15 13.75
C ARG A 71 3.38 10.15 14.44
N ALA A 72 4.23 9.21 14.05
CA ALA A 72 5.50 9.00 14.72
C ALA A 72 6.69 9.22 13.80
N LEU A 73 6.44 9.84 12.65
CA LEU A 73 7.52 10.09 11.69
C LEU A 73 7.56 11.55 11.28
N ASP A 74 8.72 11.95 10.79
CA ASP A 74 8.94 13.30 10.32
C ASP A 74 8.33 13.49 8.93
N PHE A 75 8.03 14.75 8.60
CA PHE A 75 7.43 15.10 7.31
C PHE A 75 8.22 14.50 6.15
N ASN A 76 9.53 14.56 6.23
CA ASN A 76 10.37 14.04 5.15
C ASN A 76 10.72 12.58 5.42
N THR A 77 11.00 12.26 6.67
CA THR A 77 11.34 10.90 7.07
C THR A 77 10.30 9.90 6.57
N ARG A 78 9.01 10.25 6.69
CA ARG A 78 7.94 9.35 6.26
C ARG A 78 8.04 9.07 4.75
N THR A 79 8.23 10.13 3.97
CA THR A 79 8.35 9.99 2.53
C THR A 79 9.65 9.28 2.16
N GLN A 80 10.60 9.38 3.06
CA GLN A 80 11.94 8.88 2.81
C GLN A 80 11.88 7.38 2.90
N VAL A 81 11.26 6.92 3.99
CA VAL A 81 11.10 5.49 4.23
C VAL A 81 10.23 4.84 3.15
N THR A 82 9.30 5.60 2.58
CA THR A 82 8.45 5.07 1.53
C THR A 82 9.25 4.89 0.24
N ARG A 83 9.83 5.98 -0.26
CA ARG A 83 10.63 5.93 -1.46
C ARG A 83 11.82 5.01 -1.30
N GLU A 84 12.44 4.99 -0.12
CA GLU A 84 13.53 4.05 0.14
C GLU A 84 13.11 2.64 -0.23
N ALA A 85 11.97 2.21 0.31
CA ALA A 85 11.43 0.89 0.01
C ALA A 85 11.36 0.66 -1.49
N ILE A 86 10.60 1.51 -2.16
CA ILE A 86 10.42 1.41 -3.61
C ILE A 86 11.75 1.51 -4.35
N SER A 87 12.73 2.13 -3.72
CA SER A 87 14.02 2.38 -4.33
C SER A 87 14.88 1.12 -4.34
N LEU A 88 15.29 0.66 -3.17
CA LEU A 88 16.15 -0.51 -3.08
C LEU A 88 15.42 -1.75 -3.56
N VAL A 89 14.09 -1.74 -3.50
CA VAL A 89 13.31 -2.82 -4.05
C VAL A 89 13.45 -2.85 -5.56
N CYS A 90 13.11 -1.74 -6.21
CA CYS A 90 13.11 -1.68 -7.67
C CYS A 90 14.52 -1.81 -8.22
N GLU A 91 15.51 -1.49 -7.39
CA GLU A 91 16.89 -1.55 -7.81
C GLU A 91 17.60 -2.75 -7.22
N ALA A 92 16.86 -3.79 -6.86
CA ALA A 92 17.48 -5.01 -6.36
C ALA A 92 16.66 -6.25 -6.69
N VAL A 93 15.38 -6.24 -6.33
CA VAL A 93 14.53 -7.40 -6.54
C VAL A 93 14.07 -7.47 -7.99
N PRO A 94 13.69 -8.66 -8.47
CA PRO A 94 13.17 -8.84 -9.82
C PRO A 94 11.75 -8.29 -9.97
N GLY A 95 11.41 -7.89 -11.18
CA GLY A 95 10.09 -7.36 -11.44
C GLY A 95 10.15 -5.98 -12.06
N ALA A 96 10.93 -5.10 -11.45
CA ALA A 96 11.10 -3.73 -11.93
C ALA A 96 11.60 -3.71 -13.38
N LYS A 97 11.21 -2.68 -14.12
CA LYS A 97 11.63 -2.56 -15.51
C LYS A 97 13.14 -2.33 -15.60
N GLY A 98 13.58 -1.19 -15.12
CA GLY A 98 14.99 -0.86 -15.18
C GLY A 98 15.63 -0.85 -13.81
N ALA A 99 16.39 -1.89 -13.52
CA ALA A 99 17.15 -1.98 -12.28
C ALA A 99 18.64 -2.07 -12.58
N THR A 100 19.42 -1.21 -11.95
CA THR A 100 20.85 -1.21 -12.12
C THR A 100 21.50 -1.85 -10.90
N ARG A 101 20.66 -2.34 -10.01
CA ARG A 101 21.06 -2.97 -8.77
C ARG A 101 21.85 -2.02 -7.89
N ARG A 102 21.17 -1.04 -7.32
CA ARG A 102 21.78 -0.19 -6.32
C ARG A 102 21.29 -0.61 -4.94
N ARG A 103 22.15 -1.27 -4.19
CA ARG A 103 21.82 -1.62 -2.83
C ARG A 103 23.02 -1.41 -1.93
N LYS A 104 22.86 -0.54 -0.95
CA LYS A 104 23.83 -0.38 0.10
C LYS A 104 23.78 -1.59 1.02
N PRO A 105 24.89 -2.34 1.12
CA PRO A 105 24.94 -3.61 1.86
C PRO A 105 24.94 -3.43 3.37
N CYS A 106 23.98 -2.67 3.87
CA CYS A 106 23.82 -2.46 5.30
C CYS A 106 22.52 -3.12 5.76
N SER A 107 22.51 -3.64 6.98
CA SER A 107 21.33 -4.31 7.49
C SER A 107 20.40 -3.33 8.21
N ARG A 108 19.98 -2.31 7.48
CA ARG A 108 19.00 -1.35 7.97
C ARG A 108 18.20 -0.85 6.78
N PRO A 109 17.02 -0.27 7.00
CA PRO A 109 16.21 0.28 5.91
C PRO A 109 16.84 1.54 5.31
N LEU A 110 16.65 2.70 5.94
CA LEU A 110 17.28 3.93 5.44
C LEU A 110 18.15 4.61 6.50
N SER A 111 17.72 4.53 7.75
CA SER A 111 18.42 5.13 8.86
C SER A 111 17.97 4.46 10.14
N SER A 112 17.50 3.21 9.97
CA SER A 112 16.90 2.42 11.04
C SER A 112 15.84 3.22 11.82
N ILE A 113 15.16 4.10 11.09
CA ILE A 113 14.03 4.86 11.63
C ILE A 113 12.83 3.95 11.80
N LEU A 114 12.64 3.10 10.80
CA LEU A 114 11.57 2.12 10.83
C LEU A 114 12.17 0.72 10.86
N GLY A 115 11.31 -0.31 10.79
CA GLY A 115 11.76 -1.68 10.97
C GLY A 115 12.91 -2.06 10.07
N ARG A 116 12.59 -2.42 8.82
CA ARG A 116 13.62 -2.74 7.84
C ARG A 116 12.98 -3.12 6.50
N SER A 117 13.76 -2.97 5.44
CA SER A 117 13.31 -3.32 4.11
C SER A 117 13.48 -4.82 3.87
N ASN A 118 12.38 -5.52 3.69
CA ASN A 118 12.43 -6.97 3.55
C ASN A 118 12.12 -7.37 2.12
N LEU A 119 13.17 -7.58 1.36
CA LEU A 119 13.02 -7.92 -0.04
C LEU A 119 12.74 -9.41 -0.21
N LYS A 120 11.59 -9.86 0.31
CA LYS A 120 11.24 -11.26 0.26
C LYS A 120 10.12 -11.54 -0.72
N PHE A 121 9.00 -10.86 -0.57
CA PHE A 121 7.86 -11.10 -1.41
C PHE A 121 7.89 -10.22 -2.65
N ALA A 122 8.51 -10.72 -3.71
CA ALA A 122 8.62 -9.98 -4.95
C ALA A 122 8.26 -10.84 -6.15
N GLY A 123 7.44 -10.28 -7.03
CA GLY A 123 7.13 -10.94 -8.27
C GLY A 123 5.76 -11.57 -8.30
N MET A 124 4.89 -11.17 -7.40
CA MET A 124 3.58 -11.79 -7.28
C MET A 124 2.48 -10.88 -7.80
N PRO A 125 1.69 -11.36 -8.78
CA PRO A 125 0.57 -10.59 -9.31
C PRO A 125 -0.57 -10.42 -8.30
N ILE A 126 -1.01 -9.19 -8.11
CA ILE A 126 -2.10 -8.91 -7.18
C ILE A 126 -3.09 -7.91 -7.78
N THR A 127 -4.11 -7.60 -7.01
CA THR A 127 -5.18 -6.73 -7.45
C THR A 127 -5.58 -5.75 -6.35
N LEU A 128 -5.39 -4.46 -6.61
CA LEU A 128 -5.71 -3.42 -5.65
C LEU A 128 -7.23 -3.27 -5.56
N THR A 129 -7.81 -3.68 -4.45
CA THR A 129 -9.25 -3.58 -4.28
C THR A 129 -9.60 -2.46 -3.31
N VAL A 130 -10.15 -1.38 -3.86
CA VAL A 130 -10.49 -0.21 -3.07
C VAL A 130 -11.93 -0.26 -2.60
N SER A 131 -12.13 -0.13 -1.30
CA SER A 131 -13.45 -0.08 -0.72
C SER A 131 -13.55 1.10 0.23
N THR A 132 -14.74 1.69 0.34
CA THR A 132 -14.95 2.84 1.19
C THR A 132 -14.65 2.53 2.65
N SER A 133 -14.61 1.25 3.00
CA SER A 133 -14.28 0.83 4.34
C SER A 133 -13.16 -0.22 4.35
N SER A 134 -12.54 -0.46 3.20
CA SER A 134 -11.57 -1.55 3.09
C SER A 134 -10.50 -1.24 2.03
N LEU A 135 -9.33 -1.83 2.20
CA LEU A 135 -8.26 -1.65 1.21
C LEU A 135 -7.41 -2.91 1.17
N ASN A 136 -7.91 -3.91 0.48
CA ASN A 136 -7.28 -5.21 0.43
C ASN A 136 -6.84 -5.55 -0.98
N LEU A 137 -5.86 -6.43 -1.11
CA LEU A 137 -5.35 -6.81 -2.42
C LEU A 137 -5.57 -8.29 -2.66
N MET A 138 -6.16 -8.61 -3.80
CA MET A 138 -6.44 -9.98 -4.15
C MET A 138 -5.27 -10.57 -4.91
N ALA A 139 -4.67 -11.63 -4.39
CA ALA A 139 -3.56 -12.29 -5.07
C ALA A 139 -4.02 -12.96 -6.35
N ALA A 140 -3.58 -12.41 -7.48
CA ALA A 140 -3.94 -12.95 -8.79
C ALA A 140 -3.19 -14.24 -9.07
N ASP A 141 -2.33 -14.61 -8.13
CA ASP A 141 -1.61 -15.87 -8.18
C ASP A 141 -2.52 -17.01 -7.74
N CYS A 142 -3.77 -16.67 -7.44
CA CYS A 142 -4.79 -17.64 -7.01
C CYS A 142 -4.44 -18.23 -5.65
N LYS A 143 -3.95 -17.37 -4.76
CA LYS A 143 -3.60 -17.78 -3.42
C LYS A 143 -4.73 -17.44 -2.46
N GLN A 144 -4.89 -16.16 -2.22
CA GLN A 144 -5.89 -15.65 -1.30
C GLN A 144 -5.92 -14.13 -1.36
N ILE A 145 -6.48 -13.50 -0.35
CA ILE A 145 -6.53 -12.05 -0.32
C ILE A 145 -5.58 -11.53 0.76
N ILE A 146 -4.74 -10.58 0.39
CA ILE A 146 -3.78 -10.02 1.31
C ILE A 146 -4.20 -8.61 1.72
N ALA A 147 -3.35 -7.94 2.49
CA ALA A 147 -3.65 -6.62 3.05
C ALA A 147 -4.79 -6.74 4.07
N ASN A 148 -5.48 -5.65 4.35
CA ASN A 148 -6.53 -5.69 5.35
C ASN A 148 -7.83 -5.07 4.85
N HIS A 149 -8.93 -5.58 5.37
CA HIS A 149 -10.25 -5.15 4.94
C HIS A 149 -10.74 -3.98 5.77
N HIS A 150 -9.82 -3.08 6.12
CA HIS A 150 -10.16 -1.93 6.95
C HIS A 150 -9.45 -0.66 6.46
N MET A 151 -10.22 0.26 5.91
CA MET A 151 -9.68 1.56 5.51
C MET A 151 -9.17 2.32 6.73
N GLN A 152 -9.74 1.99 7.88
CA GLN A 152 -9.36 2.61 9.14
C GLN A 152 -8.03 2.08 9.63
N SER A 153 -7.54 1.05 8.98
CA SER A 153 -6.33 0.39 9.41
C SER A 153 -5.23 0.50 8.36
N ILE A 154 -5.19 1.62 7.66
CA ILE A 154 -4.14 1.88 6.70
C ILE A 154 -3.14 2.87 7.29
N SER A 155 -2.21 3.35 6.48
CA SER A 155 -1.27 4.35 6.93
C SER A 155 -1.06 5.41 5.85
N PHE A 156 -0.30 5.07 4.81
CA PHE A 156 -0.04 6.00 3.72
C PHE A 156 0.32 5.25 2.44
N ALA A 157 0.47 5.95 1.34
CA ALA A 157 0.73 5.32 0.06
C ALA A 157 1.40 6.29 -0.90
N SER A 158 2.46 5.85 -1.52
CA SER A 158 3.18 6.69 -2.46
C SER A 158 2.71 6.42 -3.86
N GLY A 159 2.29 7.47 -4.54
CA GLY A 159 1.75 7.33 -5.88
C GLY A 159 1.34 8.66 -6.46
N GLY A 160 0.34 8.64 -7.31
CA GLY A 160 -0.10 9.84 -7.96
C GLY A 160 0.49 9.97 -9.34
N ASP A 161 1.34 10.96 -9.52
CA ASP A 161 2.00 11.16 -10.80
C ASP A 161 3.37 11.81 -10.59
N PRO A 162 4.27 11.15 -9.83
CA PRO A 162 5.61 11.67 -9.62
C PRO A 162 6.59 11.24 -10.70
N ASP A 163 7.84 11.64 -10.54
CA ASP A 163 8.91 11.31 -11.49
C ASP A 163 9.06 9.81 -11.64
N THR A 164 8.68 9.10 -10.60
CA THR A 164 8.80 7.66 -10.56
C THR A 164 7.41 7.03 -10.53
N ALA A 165 6.46 7.68 -11.18
CA ALA A 165 5.06 7.22 -11.22
C ALA A 165 4.93 5.78 -11.73
N GLU A 166 5.96 5.26 -12.39
CA GLU A 166 5.95 3.89 -12.91
C GLU A 166 6.03 2.85 -11.79
N TYR A 167 6.23 3.31 -10.56
CA TYR A 167 6.23 2.40 -9.41
C TYR A 167 5.39 2.98 -8.29
N VAL A 168 4.53 2.17 -7.72
CA VAL A 168 3.62 2.63 -6.68
C VAL A 168 3.88 1.86 -5.40
N ALA A 169 3.41 2.38 -4.28
CA ALA A 169 3.54 1.67 -3.00
C ALA A 169 2.44 2.09 -2.05
N TYR A 170 2.02 1.16 -1.20
CA TYR A 170 1.03 1.45 -0.18
C TYR A 170 1.45 0.77 1.12
N VAL A 171 1.29 1.45 2.23
CA VAL A 171 1.63 0.88 3.51
C VAL A 171 0.47 1.00 4.48
N ALA A 172 0.15 -0.11 5.11
CA ALA A 172 -1.00 -0.19 6.00
C ALA A 172 -0.66 -1.03 7.23
N LYS A 173 -1.63 -1.20 8.11
CA LYS A 173 -1.43 -1.99 9.32
C LYS A 173 -1.32 -3.46 8.96
N ASP A 174 -0.21 -4.06 9.31
CA ASP A 174 0.08 -5.45 8.97
C ASP A 174 -0.23 -6.36 10.15
N PRO A 175 -0.96 -7.46 9.89
CA PRO A 175 -1.40 -8.39 10.94
C PRO A 175 -0.30 -9.34 11.40
N VAL A 176 0.83 -9.32 10.70
CA VAL A 176 1.94 -10.21 11.05
C VAL A 176 2.94 -9.48 11.94
N ASN A 177 3.35 -8.30 11.52
CA ASN A 177 4.29 -7.51 12.31
C ASN A 177 3.60 -6.31 12.93
N GLN A 178 3.70 -5.14 12.32
CA GLN A 178 3.05 -3.93 12.81
C GLN A 178 2.36 -3.22 11.65
N ARG A 179 3.16 -2.54 10.86
CA ARG A 179 2.71 -1.99 9.58
C ARG A 179 3.69 -2.43 8.52
N ALA A 180 3.27 -2.41 7.27
CA ALA A 180 4.16 -2.82 6.20
C ALA A 180 3.92 -2.02 4.94
N CYS A 181 5.01 -1.56 4.34
CA CYS A 181 4.97 -0.87 3.07
C CYS A 181 5.13 -1.87 1.95
N HIS A 182 4.16 -1.92 1.07
CA HIS A 182 4.16 -2.87 -0.03
C HIS A 182 4.29 -2.12 -1.35
N ILE A 183 5.25 -2.52 -2.16
CA ILE A 183 5.52 -1.82 -3.41
C ILE A 183 4.84 -2.55 -4.56
N LEU A 184 4.06 -1.80 -5.34
CA LEU A 184 3.31 -2.36 -6.45
C LEU A 184 3.98 -1.99 -7.76
N GLU A 185 4.26 -3.00 -8.54
CA GLU A 185 4.88 -2.82 -9.83
C GLU A 185 3.82 -2.98 -10.92
N CYS A 186 4.12 -2.49 -12.13
CA CYS A 186 3.19 -2.52 -13.25
C CYS A 186 1.88 -1.84 -12.89
N PRO A 187 1.91 -0.54 -12.54
CA PRO A 187 0.73 0.20 -12.11
C PRO A 187 -0.29 0.44 -13.22
N GLU A 188 0.22 0.79 -14.40
CA GLU A 188 -0.62 1.03 -15.57
C GLU A 188 -1.56 2.22 -15.32
N GLY A 189 -1.18 3.05 -14.35
CA GLY A 189 -2.00 4.19 -14.00
C GLY A 189 -2.60 4.08 -12.61
N LEU A 190 -2.46 2.90 -11.99
CA LEU A 190 -3.04 2.66 -10.67
C LEU A 190 -2.55 3.68 -9.66
N ALA A 191 -1.36 4.22 -9.88
CA ALA A 191 -0.78 5.20 -8.95
C ALA A 191 -1.79 6.29 -8.60
N GLN A 192 -2.04 7.18 -9.54
CA GLN A 192 -2.98 8.27 -9.33
C GLN A 192 -4.39 7.74 -9.17
N ASP A 193 -4.68 6.63 -9.84
CA ASP A 193 -6.02 6.08 -9.84
C ASP A 193 -6.43 5.65 -8.44
N VAL A 194 -5.69 4.72 -7.85
CA VAL A 194 -6.02 4.23 -6.52
C VAL A 194 -5.97 5.36 -5.50
N ILE A 195 -4.98 6.25 -5.63
CA ILE A 195 -4.84 7.36 -4.70
C ILE A 195 -6.10 8.24 -4.71
N SER A 196 -6.44 8.72 -5.90
CA SER A 196 -7.58 9.60 -6.07
C SER A 196 -8.90 8.86 -5.77
N THR A 197 -8.96 7.58 -6.13
CA THR A 197 -10.15 6.78 -5.85
C THR A 197 -10.36 6.58 -4.35
N ILE A 198 -9.34 6.10 -3.66
CA ILE A 198 -9.43 5.85 -2.22
C ILE A 198 -9.80 7.14 -1.48
N GLY A 199 -9.12 8.23 -1.82
CA GLY A 199 -9.42 9.51 -1.21
C GLY A 199 -10.85 9.96 -1.48
N GLN A 200 -11.24 9.95 -2.76
CA GLN A 200 -12.57 10.41 -3.16
C GLN A 200 -13.66 9.53 -2.56
N ALA A 201 -13.38 8.24 -2.46
CA ALA A 201 -14.34 7.29 -1.90
C ALA A 201 -14.59 7.57 -0.42
N PHE A 202 -13.52 7.57 0.37
CA PHE A 202 -13.66 7.76 1.80
C PHE A 202 -14.15 9.17 2.11
N GLU A 203 -13.89 10.11 1.19
CA GLU A 203 -14.38 11.47 1.33
C GLU A 203 -15.91 11.50 1.41
N LEU A 204 -16.55 10.48 0.86
CA LEU A 204 -18.00 10.39 0.89
C LEU A 204 -18.44 9.95 2.30
N ARG A 205 -17.54 9.30 3.02
CA ARG A 205 -17.84 8.77 4.34
C ARG A 205 -17.42 9.77 5.42
N PHE A 206 -16.26 10.39 5.21
CA PHE A 206 -15.78 11.47 6.08
C PHE A 206 -15.29 12.62 5.22
N LYS A 207 -15.60 13.83 5.62
CA LYS A 207 -15.34 14.99 4.78
C LYS A 207 -13.99 15.63 5.08
N GLN A 208 -13.82 16.87 4.64
CA GLN A 208 -12.54 17.59 4.68
C GLN A 208 -12.33 18.26 6.03
N TYR A 209 -13.20 17.93 6.97
CA TYR A 209 -13.22 18.53 8.29
C TYR A 209 -12.03 18.12 9.15
N LEU A 210 -11.28 17.14 8.67
CA LEU A 210 -10.06 16.71 9.32
C LEU A 210 -8.92 16.72 8.30
N ARG A 211 -7.74 16.27 8.73
CA ARG A 211 -6.53 16.38 7.91
C ARG A 211 -6.22 17.83 7.62
N ARG B 1 25.93 13.58 5.46
CA ARG B 1 25.32 14.92 5.44
C ARG B 1 23.80 14.82 5.59
N ALA B 2 23.21 15.77 6.30
CA ALA B 2 21.77 15.76 6.53
C ALA B 2 21.23 17.17 6.51
N LYS B 3 20.00 17.31 6.02
CA LYS B 3 19.33 18.60 5.97
C LYS B 3 17.88 18.40 5.58
N TRP B 4 17.65 18.10 4.31
CA TRP B 4 16.30 17.83 3.83
C TRP B 4 15.87 16.44 4.30
N ASP B 5 16.81 15.51 4.24
CA ASP B 5 16.54 14.14 4.66
C ASP B 5 17.53 13.70 5.75
N THR B 6 17.43 12.44 6.15
CA THR B 6 18.19 11.92 7.27
C THR B 6 19.48 11.25 6.80
N ALA B 7 19.46 10.83 5.54
CA ALA B 7 20.59 10.18 4.90
C ALA B 7 20.23 9.90 3.45
N ASN B 8 21.22 9.93 2.57
CA ASN B 8 20.95 9.82 1.15
C ASN B 8 22.06 9.12 0.40
N ASN B 9 21.65 8.22 -0.49
CA ASN B 9 22.52 7.48 -1.40
C ASN B 9 21.62 6.59 -2.26
N PRO B 10 22.14 5.84 -3.26
CA PRO B 10 21.30 4.99 -4.12
C PRO B 10 20.69 3.82 -3.36
N LEU B 11 19.58 4.10 -2.70
CA LEU B 11 18.83 3.14 -1.91
C LEU B 11 17.74 3.88 -1.18
N LYS B 13 16.37 7.84 -0.31
CA LYS B 13 16.26 9.26 -0.60
C LYS B 13 14.80 9.64 -0.81
N GLU B 14 14.36 10.69 -0.13
CA GLU B 14 13.02 11.24 -0.36
C GLU B 14 12.96 11.83 -1.76
N ALA B 15 11.96 11.43 -2.53
CA ALA B 15 11.79 11.88 -3.90
C ALA B 15 10.43 11.46 -4.41
N THR B 16 9.44 11.55 -3.56
CA THR B 16 8.15 10.93 -3.84
C THR B 16 7.03 11.60 -3.04
N SER B 17 5.79 11.42 -3.48
CA SER B 17 4.65 11.89 -2.73
C SER B 17 3.87 10.71 -2.16
N THR B 18 3.88 10.58 -0.84
CA THR B 18 3.17 9.50 -0.19
C THR B 18 2.16 10.03 0.81
N PHE B 19 0.92 9.56 0.66
CA PHE B 19 -0.20 9.99 1.48
C PHE B 19 -1.37 9.06 1.22
N THR B 20 -2.51 9.33 1.82
CA THR B 20 -3.68 8.48 1.63
C THR B 20 -4.97 9.21 1.95
N ASN B 21 -5.27 9.26 3.23
CA ASN B 21 -6.60 9.60 3.69
C ASN B 21 -6.52 10.02 5.15
N ILE B 22 -7.63 10.46 5.72
CA ILE B 22 -7.67 10.74 7.14
C ILE B 22 -7.83 9.43 7.91
N THR B 23 -6.70 8.78 8.12
CA THR B 23 -6.66 7.54 8.85
C THR B 23 -5.32 7.41 9.55
N ARG B 25 -3.53 9.14 11.13
CA ARG B 25 -2.86 10.42 11.34
C ARG B 25 -3.40 11.47 10.36
N GLY B 26 -3.99 12.53 10.91
CA GLY B 26 -4.46 13.65 10.11
C GLY B 26 -3.30 14.44 9.52
N THR B 27 -3.10 14.30 8.23
CA THR B 27 -1.98 14.95 7.56
C THR B 27 -2.42 15.48 6.20
N GLY A 21 -14.46 -34.06 17.50
CA GLY A 21 -13.60 -32.98 16.99
C GLY A 21 -12.55 -32.57 18.01
N GLN A 22 -12.39 -31.26 18.20
CA GLN A 22 -11.48 -30.75 19.20
C GLN A 22 -12.26 -30.32 20.43
N LEU A 23 -11.60 -30.28 21.57
CA LEU A 23 -12.28 -30.08 22.83
C LEU A 23 -12.17 -28.64 23.28
N GLY A 24 -13.30 -27.97 23.34
CA GLY A 24 -13.33 -26.57 23.74
C GLY A 24 -12.66 -25.69 22.70
N GLY A 25 -13.12 -25.81 21.47
CA GLY A 25 -12.47 -25.13 20.39
C GLY A 25 -13.39 -24.94 19.21
N GLU A 26 -13.50 -23.70 18.78
CA GLU A 26 -14.33 -23.36 17.66
C GLU A 26 -13.48 -22.62 16.64
N GLU A 27 -14.02 -22.42 15.45
CA GLU A 27 -13.35 -21.57 14.50
C GLU A 27 -13.65 -20.12 14.84
N TRP A 28 -12.67 -19.47 15.46
CA TRP A 28 -12.86 -18.12 15.95
C TRP A 28 -12.32 -17.12 14.96
N THR A 29 -13.21 -16.60 14.15
CA THR A 29 -12.85 -15.65 13.11
C THR A 29 -14.12 -14.96 12.60
N ARG A 30 -14.33 -13.74 13.08
CA ARG A 30 -15.57 -13.01 12.80
C ARG A 30 -15.68 -12.66 11.31
N HIS A 31 -16.67 -13.24 10.66
CA HIS A 31 -16.96 -12.94 9.27
C HIS A 31 -18.43 -13.22 8.98
N GLY A 32 -19.16 -12.18 8.66
CA GLY A 32 -20.58 -12.33 8.38
C GLY A 32 -20.88 -11.92 6.96
N SER A 33 -21.18 -12.89 6.12
CA SER A 33 -21.37 -12.63 4.71
C SER A 33 -22.80 -12.19 4.45
N PHE A 34 -22.96 -10.94 4.02
CA PHE A 34 -24.27 -10.41 3.69
C PHE A 34 -24.18 -9.61 2.40
N VAL A 35 -24.92 -10.02 1.39
CA VAL A 35 -24.90 -9.36 0.11
C VAL A 35 -26.12 -8.46 -0.08
N ASN A 36 -25.91 -7.16 0.09
CA ASN A 36 -26.98 -6.19 -0.13
C ASN A 36 -26.45 -5.03 -0.95
N LYS A 37 -27.02 -4.83 -2.12
CA LYS A 37 -26.56 -3.78 -3.02
C LYS A 37 -27.62 -2.68 -3.14
N PRO A 38 -27.19 -1.41 -2.99
CA PRO A 38 -28.09 -0.26 -3.07
C PRO A 38 -28.43 0.09 -4.52
N THR A 39 -29.22 1.13 -4.70
CA THR A 39 -29.57 1.62 -6.03
C THR A 39 -28.31 1.97 -6.82
N ARG A 40 -28.20 1.40 -8.03
CA ARG A 40 -27.01 1.56 -8.85
C ARG A 40 -27.01 2.91 -9.59
N GLY A 41 -27.49 3.94 -8.93
CA GLY A 41 -27.50 5.27 -9.52
C GLY A 41 -26.18 5.99 -9.33
N TRP A 42 -25.12 5.36 -9.80
CA TRP A 42 -23.78 5.92 -9.66
C TRP A 42 -23.20 6.25 -11.04
N LEU A 43 -21.99 6.78 -11.07
CA LEU A 43 -21.26 6.95 -12.31
C LEU A 43 -20.36 5.73 -12.51
N HIS A 44 -19.63 5.69 -13.62
CA HIS A 44 -18.89 4.49 -13.99
C HIS A 44 -17.92 4.02 -12.90
N PRO A 45 -16.99 4.87 -12.42
CA PRO A 45 -16.07 4.50 -11.34
C PRO A 45 -16.77 4.33 -9.99
N ASN A 46 -17.69 5.24 -9.68
CA ASN A 46 -18.38 5.25 -8.39
C ASN A 46 -19.22 3.99 -8.23
N ASP A 47 -19.82 3.55 -9.32
CA ASP A 47 -20.66 2.36 -9.30
C ASP A 47 -19.85 1.17 -8.80
N LYS A 48 -18.59 1.13 -9.19
CA LYS A 48 -17.71 0.05 -8.81
C LYS A 48 -17.23 0.21 -7.40
N VAL A 49 -16.59 1.33 -7.09
CA VAL A 49 -16.06 1.55 -5.74
C VAL A 49 -17.13 1.34 -4.68
N MET A 50 -18.37 1.66 -5.02
CA MET A 50 -19.48 1.48 -4.09
C MET A 50 -20.12 0.10 -4.25
N GLY A 51 -19.87 -0.52 -5.39
CA GLY A 51 -20.36 -1.87 -5.63
C GLY A 51 -19.26 -2.90 -5.64
N PRO A 52 -18.89 -3.42 -6.82
CA PRO A 52 -17.82 -4.42 -6.95
C PRO A 52 -16.43 -3.84 -6.66
N GLY A 53 -16.06 -2.81 -7.40
CA GLY A 53 -14.78 -2.16 -7.20
C GLY A 53 -14.05 -1.90 -8.51
N VAL A 54 -13.39 -0.76 -8.63
CA VAL A 54 -12.61 -0.46 -9.82
C VAL A 54 -11.30 -1.23 -9.77
N SER A 55 -10.73 -1.52 -10.92
CA SER A 55 -9.58 -2.39 -11.00
C SER A 55 -8.45 -1.78 -11.83
N TYR A 56 -7.27 -1.76 -11.26
CA TYR A 56 -6.09 -1.25 -11.94
C TYR A 56 -5.04 -2.35 -12.11
N LEU A 57 -4.16 -2.21 -13.08
CA LEU A 57 -3.11 -3.20 -13.30
C LEU A 57 -1.86 -2.80 -12.53
N VAL A 58 -1.39 -3.71 -11.68
CA VAL A 58 -0.23 -3.46 -10.84
C VAL A 58 0.67 -4.69 -10.83
N ARG A 59 1.90 -4.55 -10.39
CA ARG A 59 2.82 -5.66 -10.35
C ARG A 59 3.51 -5.75 -8.99
N TYR A 60 3.25 -6.82 -8.27
CA TYR A 60 3.85 -7.04 -6.96
C TYR A 60 5.36 -7.06 -7.12
N MET A 61 6.01 -6.07 -6.54
CA MET A 61 7.46 -5.93 -6.64
C MET A 61 8.04 -5.68 -5.26
N GLY A 62 8.41 -6.76 -4.57
CA GLY A 62 9.01 -6.64 -3.26
C GLY A 62 8.02 -6.24 -2.19
N CYS A 63 8.40 -6.42 -0.92
CA CYS A 63 7.55 -6.00 0.18
C CYS A 63 8.39 -5.75 1.44
N VAL A 64 8.02 -4.73 2.18
CA VAL A 64 8.79 -4.33 3.36
C VAL A 64 7.92 -4.37 4.62
N GLU A 65 8.40 -5.06 5.64
CA GLU A 65 7.67 -5.17 6.89
C GLU A 65 7.90 -3.92 7.72
N VAL A 66 6.87 -3.10 7.85
CA VAL A 66 6.94 -1.86 8.61
C VAL A 66 6.17 -2.01 9.92
N LEU A 67 6.84 -1.77 11.04
CA LEU A 67 6.23 -1.95 12.35
C LEU A 67 5.87 -0.59 12.94
N GLN A 68 5.62 0.37 12.05
CA GLN A 68 5.37 1.74 12.45
C GLN A 68 4.20 2.32 11.65
N SER A 69 3.69 3.45 12.08
CA SER A 69 2.58 4.12 11.41
C SER A 69 2.87 5.62 11.30
N MET A 70 2.08 6.34 10.51
CA MET A 70 2.32 7.78 10.30
C MET A 70 2.16 8.57 11.60
N ARG A 71 1.26 8.13 12.47
CA ARG A 71 1.07 8.81 13.75
C ARG A 71 2.19 8.44 14.73
N ALA A 72 3.11 7.60 14.26
CA ALA A 72 4.22 7.13 15.10
C ALA A 72 5.57 7.39 14.43
N LEU A 73 5.54 7.97 13.24
CA LEU A 73 6.76 8.24 12.50
C LEU A 73 6.96 9.73 12.26
N ASP A 74 8.18 10.06 11.94
CA ASP A 74 8.56 11.42 11.61
C ASP A 74 8.10 11.75 10.20
N PHE A 75 7.80 13.00 9.93
CA PHE A 75 7.21 13.39 8.64
C PHE A 75 8.15 13.11 7.47
N ASN A 76 9.45 13.19 7.71
CA ASN A 76 10.42 12.82 6.68
C ASN A 76 10.64 11.31 6.73
N THR A 77 10.79 10.81 7.95
CA THR A 77 11.01 9.40 8.19
C THR A 77 9.95 8.53 7.50
N ARG A 78 8.68 8.91 7.60
CA ARG A 78 7.60 8.11 7.04
C ARG A 78 7.70 8.05 5.51
N THR A 79 8.03 9.15 4.89
CA THR A 79 8.22 9.19 3.45
C THR A 79 9.51 8.48 3.06
N GLN A 80 10.43 8.43 4.01
CA GLN A 80 11.76 7.90 3.77
C GLN A 80 11.70 6.40 3.78
N VAL A 81 11.03 5.86 4.81
CA VAL A 81 10.86 4.44 4.96
C VAL A 81 10.05 3.84 3.80
N THR A 82 9.05 4.59 3.34
CA THR A 82 8.22 4.13 2.23
C THR A 82 9.03 4.16 0.93
N ARG A 83 9.65 5.31 0.64
CA ARG A 83 10.45 5.45 -0.58
C ARG A 83 11.63 4.49 -0.58
N GLU A 84 12.21 4.26 0.60
CA GLU A 84 13.28 3.29 0.75
C GLU A 84 12.85 1.96 0.13
N ALA A 85 11.74 1.44 0.63
CA ALA A 85 11.20 0.17 0.17
C ALA A 85 11.12 0.14 -1.36
N ILE A 86 10.38 1.10 -1.89
CA ILE A 86 10.20 1.22 -3.33
C ILE A 86 11.53 1.34 -4.06
N SER A 87 12.51 1.95 -3.41
CA SER A 87 13.76 2.29 -4.05
C SER A 87 14.67 1.06 -4.16
N LEU A 88 15.05 0.49 -3.02
CA LEU A 88 15.96 -0.65 -3.04
C LEU A 88 15.32 -1.84 -3.73
N VAL A 89 14.00 -1.91 -3.68
CA VAL A 89 13.27 -2.93 -4.41
C VAL A 89 13.44 -2.74 -5.92
N CYS A 90 13.08 -1.56 -6.41
CA CYS A 90 13.12 -1.29 -7.84
C CYS A 90 14.56 -1.34 -8.37
N GLU A 91 15.51 -1.07 -7.49
CA GLU A 91 16.91 -1.03 -7.87
C GLU A 91 17.61 -2.33 -7.55
N ALA A 92 16.85 -3.39 -7.30
CA ALA A 92 17.48 -4.68 -7.04
C ALA A 92 16.66 -5.85 -7.59
N VAL A 93 15.37 -5.90 -7.24
CA VAL A 93 14.53 -6.99 -7.71
C VAL A 93 14.12 -6.76 -9.16
N PRO A 94 13.76 -7.82 -9.89
CA PRO A 94 13.35 -7.71 -11.28
C PRO A 94 11.94 -7.17 -11.44
N GLY A 95 11.72 -6.45 -12.52
CA GLY A 95 10.43 -5.89 -12.80
C GLY A 95 10.48 -4.41 -13.11
N ALA A 96 11.26 -3.68 -12.32
CA ALA A 96 11.34 -2.23 -12.44
C ALA A 96 11.72 -1.78 -13.85
N LYS A 97 11.20 -0.63 -14.24
CA LYS A 97 11.42 -0.09 -15.58
C LYS A 97 12.85 0.39 -15.75
N GLY A 98 13.50 0.69 -14.63
CA GLY A 98 14.89 1.11 -14.67
C GLY A 98 15.62 0.81 -13.37
N ALA A 99 16.59 -0.10 -13.43
CA ALA A 99 17.38 -0.46 -12.27
C ALA A 99 18.87 -0.38 -12.58
N THR A 100 19.60 0.26 -11.69
CA THR A 100 21.06 0.36 -11.82
C THR A 100 21.72 -0.41 -10.68
N ARG A 101 20.88 -1.16 -9.94
CA ARG A 101 21.32 -1.96 -8.81
C ARG A 101 21.88 -1.07 -7.70
N ARG A 102 20.99 -0.30 -7.09
CA ARG A 102 21.36 0.54 -5.95
C ARG A 102 20.97 -0.17 -4.66
N ARG A 103 21.93 -0.80 -4.02
CA ARG A 103 21.70 -1.40 -2.73
C ARG A 103 22.95 -1.31 -1.87
N LYS A 104 22.85 -0.59 -0.76
CA LYS A 104 23.92 -0.54 0.22
C LYS A 104 23.88 -1.79 1.08
N PRO A 105 25.03 -2.43 1.27
CA PRO A 105 25.12 -3.75 1.88
C PRO A 105 25.03 -3.73 3.40
N CYS A 106 24.97 -2.53 3.99
CA CYS A 106 24.78 -2.40 5.41
C CYS A 106 23.43 -3.00 5.82
N SER A 107 23.44 -3.89 6.79
CA SER A 107 22.30 -4.77 7.04
C SER A 107 21.22 -4.13 7.90
N ARG A 108 20.60 -3.11 7.35
CA ARG A 108 19.38 -2.55 7.91
C ARG A 108 18.58 -1.94 6.76
N PRO A 109 17.26 -1.73 6.93
CA PRO A 109 16.43 -1.15 5.87
C PRO A 109 16.88 0.27 5.52
N LEU A 110 16.49 1.24 6.32
CA LEU A 110 16.94 2.62 6.12
C LEU A 110 17.71 3.09 7.34
N SER A 111 17.11 2.87 8.51
CA SER A 111 17.77 3.20 9.76
C SER A 111 17.19 2.34 10.88
N SER A 112 16.65 1.17 10.50
CA SER A 112 16.01 0.28 11.45
C SER A 112 14.88 1.00 12.21
N ILE A 113 14.18 1.86 11.48
CA ILE A 113 13.05 2.59 12.03
C ILE A 113 11.82 1.71 12.04
N LEU A 114 11.66 1.00 10.95
CA LEU A 114 10.57 0.07 10.79
C LEU A 114 11.08 -1.36 10.94
N GLY A 115 10.37 -2.34 10.37
CA GLY A 115 10.81 -3.71 10.45
C GLY A 115 12.04 -3.97 9.61
N ARG A 116 11.82 -4.33 8.34
CA ARG A 116 12.93 -4.55 7.40
C ARG A 116 12.39 -4.77 6.00
N SER A 117 13.24 -4.53 5.02
CA SER A 117 12.88 -4.65 3.61
C SER A 117 13.07 -6.09 3.13
N ASN A 118 11.96 -6.73 2.75
CA ASN A 118 12.04 -8.12 2.30
C ASN A 118 11.85 -8.21 0.80
N LEU A 119 12.96 -8.19 0.08
CA LEU A 119 12.93 -8.27 -1.37
C LEU A 119 12.81 -9.74 -1.79
N LYS A 120 11.61 -10.28 -1.72
CA LYS A 120 11.38 -11.67 -2.05
C LYS A 120 10.24 -11.83 -3.05
N PHE A 121 9.08 -11.24 -2.74
CA PHE A 121 7.92 -11.38 -3.60
C PHE A 121 7.91 -10.31 -4.68
N ALA A 122 8.55 -10.59 -5.79
CA ALA A 122 8.65 -9.63 -6.88
C ALA A 122 8.38 -10.28 -8.23
N GLY A 123 7.59 -9.62 -9.06
CA GLY A 123 7.32 -10.10 -10.39
C GLY A 123 5.98 -10.80 -10.51
N MET A 124 5.04 -10.41 -9.68
CA MET A 124 3.72 -11.03 -9.73
C MET A 124 2.66 -10.03 -10.13
N PRO A 125 2.04 -10.20 -11.29
CA PRO A 125 0.97 -9.32 -11.76
C PRO A 125 -0.25 -9.37 -10.83
N ILE A 126 -0.74 -8.20 -10.46
CA ILE A 126 -1.91 -8.09 -9.59
C ILE A 126 -2.84 -7.00 -10.09
N THR A 127 -3.92 -6.78 -9.36
CA THR A 127 -4.94 -5.85 -9.76
C THR A 127 -5.46 -5.05 -8.58
N LEU A 128 -5.24 -3.74 -8.62
CA LEU A 128 -5.66 -2.85 -7.54
C LEU A 128 -7.17 -2.68 -7.59
N THR A 129 -7.86 -3.25 -6.61
CA THR A 129 -9.32 -3.16 -6.56
C THR A 129 -9.75 -2.19 -5.48
N VAL A 130 -10.31 -1.06 -5.90
CA VAL A 130 -10.72 -0.02 -4.97
C VAL A 130 -12.19 -0.19 -4.58
N SER A 131 -12.45 -0.19 -3.29
CA SER A 131 -13.80 -0.31 -2.79
C SER A 131 -14.03 0.66 -1.63
N THR A 132 -15.24 1.15 -1.51
CA THR A 132 -15.60 2.11 -0.46
C THR A 132 -15.43 1.48 0.93
N SER A 133 -15.34 0.15 0.97
CA SER A 133 -15.11 -0.54 2.23
C SER A 133 -13.93 -1.50 2.13
N SER A 134 -13.17 -1.43 1.03
CA SER A 134 -12.13 -2.42 0.78
C SER A 134 -11.03 -1.86 -0.11
N LEU A 135 -9.84 -2.40 0.05
CA LEU A 135 -8.72 -2.05 -0.82
C LEU A 135 -7.85 -3.29 -1.02
N ASN A 136 -8.31 -4.17 -1.90
CA ASN A 136 -7.70 -5.48 -2.08
C ASN A 136 -7.12 -5.60 -3.48
N LEU A 137 -6.17 -6.51 -3.65
CA LEU A 137 -5.54 -6.72 -4.95
C LEU A 137 -5.77 -8.14 -5.44
N MET A 138 -6.25 -8.27 -6.66
CA MET A 138 -6.49 -9.58 -7.24
C MET A 138 -5.27 -10.02 -8.03
N ALA A 139 -4.69 -11.15 -7.67
CA ALA A 139 -3.53 -11.67 -8.36
C ALA A 139 -3.86 -12.06 -9.80
N ALA A 140 -3.25 -11.38 -10.76
CA ALA A 140 -3.48 -11.65 -12.17
C ALA A 140 -2.56 -12.76 -12.66
N ASP A 141 -1.70 -13.23 -11.76
CA ASP A 141 -0.79 -14.33 -12.06
C ASP A 141 -1.49 -15.67 -11.81
N CYS A 142 -2.77 -15.58 -11.46
CA CYS A 142 -3.58 -16.75 -11.11
C CYS A 142 -3.10 -17.35 -9.79
N LYS A 143 -3.41 -16.65 -8.71
CA LYS A 143 -3.09 -17.12 -7.38
C LYS A 143 -4.35 -17.09 -6.51
N GLN A 144 -4.82 -15.88 -6.27
CA GLN A 144 -6.01 -15.62 -5.45
C GLN A 144 -6.14 -14.12 -5.27
N ILE A 145 -6.90 -13.69 -4.29
CA ILE A 145 -6.99 -12.28 -3.99
C ILE A 145 -6.21 -11.97 -2.72
N ILE A 146 -5.31 -11.01 -2.81
CA ILE A 146 -4.46 -10.64 -1.70
C ILE A 146 -4.87 -9.28 -1.13
N ALA A 147 -4.03 -8.76 -0.22
CA ALA A 147 -4.25 -7.46 0.41
C ALA A 147 -5.45 -7.49 1.35
N ASN A 148 -5.89 -6.33 1.77
CA ASN A 148 -6.94 -6.21 2.76
C ASN A 148 -8.29 -5.90 2.13
N HIS A 149 -9.23 -6.82 2.26
CA HIS A 149 -10.63 -6.55 1.90
C HIS A 149 -11.28 -5.69 2.99
N HIS A 150 -10.50 -4.75 3.51
CA HIS A 150 -10.86 -4.00 4.69
C HIS A 150 -10.12 -2.68 4.71
N MET A 151 -10.87 -1.59 4.52
CA MET A 151 -10.29 -0.26 4.43
C MET A 151 -9.70 0.18 5.76
N GLN A 152 -10.36 -0.18 6.86
CA GLN A 152 -9.95 0.29 8.19
C GLN A 152 -8.66 -0.35 8.68
N SER A 153 -8.03 -1.16 7.85
CA SER A 153 -6.78 -1.78 8.23
C SER A 153 -5.69 -1.47 7.20
N ILE A 154 -5.76 -0.29 6.62
CA ILE A 154 -4.68 0.18 5.76
C ILE A 154 -3.76 1.08 6.58
N SER A 155 -2.85 1.78 5.93
CA SER A 155 -1.96 2.70 6.64
C SER A 155 -1.65 3.94 5.79
N PHE A 156 -0.91 3.74 4.71
CA PHE A 156 -0.57 4.84 3.80
C PHE A 156 -0.20 4.29 2.43
N ALA A 157 0.04 5.16 1.46
CA ALA A 157 0.30 4.71 0.10
C ALA A 157 1.11 5.75 -0.66
N SER A 158 2.14 5.27 -1.35
CA SER A 158 3.02 6.13 -2.10
C SER A 158 2.57 6.19 -3.55
N GLY A 159 2.36 7.40 -4.04
CA GLY A 159 1.87 7.60 -5.38
C GLY A 159 1.77 9.06 -5.73
N GLY A 160 0.82 9.39 -6.60
CA GLY A 160 0.65 10.77 -7.02
C GLY A 160 1.44 11.07 -8.27
N ASP A 161 2.31 12.07 -8.20
CA ASP A 161 3.15 12.44 -9.34
C ASP A 161 4.55 12.90 -8.91
N PRO A 162 5.27 12.10 -8.10
CA PRO A 162 6.63 12.40 -7.69
C PRO A 162 7.67 11.64 -8.53
N ASP A 163 8.91 11.64 -8.07
CA ASP A 163 9.98 10.81 -8.67
C ASP A 163 9.60 9.34 -8.62
N THR A 164 8.59 9.07 -7.82
CA THR A 164 8.14 7.74 -7.56
C THR A 164 6.76 7.53 -8.20
N ALA A 165 6.48 8.29 -9.23
CA ALA A 165 5.20 8.14 -9.91
C ALA A 165 5.19 6.90 -10.81
N GLU A 166 6.38 6.45 -11.20
CA GLU A 166 6.52 5.28 -12.06
C GLU A 166 6.52 3.99 -11.25
N TYR A 167 6.57 4.11 -9.94
CA TYR A 167 6.54 2.96 -9.04
C TYR A 167 5.63 3.27 -7.86
N VAL A 168 4.56 2.53 -7.71
CA VAL A 168 3.57 2.86 -6.71
C VAL A 168 3.76 1.95 -5.50
N ALA A 169 3.16 2.30 -4.38
CA ALA A 169 3.25 1.46 -3.20
C ALA A 169 2.05 1.65 -2.30
N TYR A 170 1.57 0.57 -1.70
CA TYR A 170 0.52 0.67 -0.71
C TYR A 170 0.95 -0.03 0.56
N VAL A 171 0.76 0.63 1.68
CA VAL A 171 1.14 0.08 2.97
C VAL A 171 -0.10 -0.14 3.81
N ALA A 172 -0.33 -1.39 4.19
CA ALA A 172 -1.53 -1.74 4.93
C ALA A 172 -1.21 -2.72 6.06
N LYS A 173 -2.22 -3.02 6.85
CA LYS A 173 -2.08 -3.98 7.95
C LYS A 173 -2.45 -5.38 7.48
N ASP A 174 -1.49 -6.11 6.95
CA ASP A 174 -1.70 -7.50 6.62
C ASP A 174 -1.95 -8.29 7.89
N PRO A 175 -3.10 -8.97 7.98
CA PRO A 175 -3.53 -9.67 9.21
C PRO A 175 -2.47 -10.62 9.79
N VAL A 176 -1.65 -11.18 8.92
CA VAL A 176 -0.60 -12.11 9.35
C VAL A 176 0.54 -11.36 10.05
N ASN A 177 0.73 -10.11 9.68
CA ASN A 177 1.81 -9.30 10.21
C ASN A 177 1.25 -8.09 10.94
N GLN A 178 2.08 -7.09 11.18
CA GLN A 178 1.62 -5.83 11.75
C GLN A 178 1.24 -4.88 10.63
N ARG A 179 2.23 -4.49 9.85
CA ARG A 179 2.02 -3.69 8.65
C ARG A 179 3.09 -4.00 7.62
N ALA A 180 2.77 -3.84 6.36
CA ALA A 180 3.73 -4.11 5.31
C ALA A 180 3.55 -3.16 4.14
N CYS A 181 4.67 -2.70 3.60
CA CYS A 181 4.65 -1.83 2.44
C CYS A 181 4.80 -2.67 1.18
N HIS A 182 3.77 -2.67 0.35
CA HIS A 182 3.77 -3.47 -0.86
C HIS A 182 4.00 -2.56 -2.07
N ILE A 183 5.02 -2.85 -2.84
CA ILE A 183 5.38 -1.99 -3.98
C ILE A 183 4.79 -2.55 -5.28
N LEU A 184 4.24 -1.65 -6.09
CA LEU A 184 3.57 -2.01 -7.33
C LEU A 184 4.34 -1.46 -8.52
N GLU A 185 4.59 -2.33 -9.48
CA GLU A 185 5.27 -1.95 -10.70
C GLU A 185 4.25 -1.89 -11.84
N CYS A 186 4.61 -1.20 -12.93
CA CYS A 186 3.72 -1.00 -14.06
C CYS A 186 2.42 -0.33 -13.64
N PRO A 187 2.50 0.91 -13.09
CA PRO A 187 1.31 1.63 -12.63
C PRO A 187 0.42 2.09 -13.77
N GLU A 188 1.03 2.62 -14.82
CA GLU A 188 0.31 3.08 -16.01
C GLU A 188 -0.65 4.21 -15.65
N GLY A 189 -0.38 4.88 -14.54
CA GLY A 189 -1.23 5.94 -14.07
C GLY A 189 -1.96 5.60 -12.79
N LEU A 190 -1.88 4.32 -12.38
CA LEU A 190 -2.56 3.86 -11.18
C LEU A 190 -2.16 4.69 -9.97
N ALA A 191 -0.95 5.22 -9.98
CA ALA A 191 -0.45 6.01 -8.85
C ALA A 191 -1.46 7.06 -8.41
N GLN A 192 -1.61 8.10 -9.21
CA GLN A 192 -2.53 9.18 -8.90
C GLN A 192 -3.97 8.70 -9.03
N ASP A 193 -4.20 7.73 -9.90
CA ASP A 193 -5.56 7.27 -10.17
C ASP A 193 -6.15 6.59 -8.95
N VAL A 194 -5.46 5.59 -8.41
CA VAL A 194 -5.96 4.89 -7.23
C VAL A 194 -6.02 5.85 -6.05
N ILE A 195 -5.01 6.72 -5.92
CA ILE A 195 -4.99 7.67 -4.82
C ILE A 195 -6.20 8.59 -4.89
N SER A 196 -6.44 9.13 -6.08
CA SER A 196 -7.54 10.05 -6.30
C SER A 196 -8.89 9.33 -6.20
N THR A 197 -8.94 8.09 -6.68
CA THR A 197 -10.16 7.29 -6.62
C THR A 197 -10.51 6.90 -5.18
N ILE A 198 -9.56 6.28 -4.48
CA ILE A 198 -9.77 5.87 -3.09
C ILE A 198 -10.10 7.09 -2.25
N GLY A 199 -9.43 8.21 -2.54
CA GLY A 199 -9.74 9.45 -1.87
C GLY A 199 -11.15 9.93 -2.16
N GLN A 200 -11.49 10.07 -3.44
CA GLN A 200 -12.80 10.56 -3.87
C GLN A 200 -13.92 9.67 -3.33
N ALA A 201 -13.67 8.38 -3.27
CA ALA A 201 -14.64 7.45 -2.72
C ALA A 201 -14.81 7.68 -1.22
N PHE A 202 -13.77 7.37 -0.47
CA PHE A 202 -13.85 7.36 0.98
C PHE A 202 -14.07 8.76 1.55
N GLU A 203 -13.86 9.81 0.75
CA GLU A 203 -14.05 11.16 1.25
C GLU A 203 -15.54 11.48 1.44
N LEU A 204 -16.43 10.63 0.95
CA LEU A 204 -17.84 10.80 1.28
C LEU A 204 -18.13 10.16 2.64
N ARG A 205 -17.17 9.39 3.11
CA ARG A 205 -17.21 8.79 4.44
C ARG A 205 -16.33 9.61 5.37
N PHE A 206 -15.77 10.69 4.83
CA PHE A 206 -14.86 11.56 5.57
C PHE A 206 -15.67 12.50 6.45
N LYS A 207 -15.06 12.96 7.53
CA LYS A 207 -15.72 13.82 8.49
C LYS A 207 -14.73 14.84 9.05
N GLN A 208 -15.23 15.98 9.48
CA GLN A 208 -14.36 17.03 10.01
C GLN A 208 -13.94 16.72 11.44
N TYR A 209 -14.42 15.61 11.96
CA TYR A 209 -14.14 15.20 13.32
C TYR A 209 -12.78 14.53 13.45
N LEU A 210 -12.18 14.18 12.33
CA LEU A 210 -10.90 13.50 12.33
C LEU A 210 -9.98 14.07 11.25
N ARG A 211 -8.68 13.81 11.41
CA ARG A 211 -7.63 14.41 10.58
C ARG A 211 -7.57 15.92 10.80
N ARG B 1 24.08 19.36 13.70
CA ARG B 1 23.68 18.20 12.89
C ARG B 1 22.25 18.35 12.38
N ALA B 2 22.10 19.01 11.24
CA ALA B 2 20.78 19.19 10.66
C ALA B 2 20.36 17.94 9.90
N LYS B 3 19.71 17.04 10.60
CA LYS B 3 19.26 15.79 10.00
C LYS B 3 17.75 15.70 10.00
N TRP B 4 17.15 16.09 8.89
CA TRP B 4 15.72 15.94 8.71
C TRP B 4 15.40 14.50 8.36
N ASP B 5 16.27 13.89 7.56
CA ASP B 5 16.16 12.47 7.26
C ASP B 5 17.01 11.66 8.24
N THR B 6 17.16 10.38 7.98
CA THR B 6 17.85 9.49 8.89
C THR B 6 19.06 8.84 8.21
N ALA B 7 18.98 8.71 6.89
CA ALA B 7 20.06 8.13 6.12
C ALA B 7 19.88 8.48 4.64
N ASN B 8 20.98 8.55 3.91
CA ASN B 8 20.92 8.96 2.53
C ASN B 8 22.02 8.29 1.71
N ASN B 9 21.61 7.35 0.88
CA ASN B 9 22.50 6.66 -0.06
C ASN B 9 21.63 5.98 -1.12
N PRO B 10 22.23 5.33 -2.15
CA PRO B 10 21.47 4.61 -3.18
C PRO B 10 20.69 3.44 -2.60
N LEU B 11 19.52 3.75 -2.05
CA LEU B 11 18.66 2.76 -1.40
C LEU B 11 17.54 3.47 -0.69
N LYS B 13 16.18 7.41 0.83
CA LYS B 13 16.09 8.87 0.82
C LYS B 13 14.67 9.26 0.40
N GLU B 14 14.05 10.22 1.08
CA GLU B 14 12.68 10.58 0.77
C GLU B 14 12.59 11.22 -0.61
N ALA B 15 11.66 10.73 -1.42
CA ALA B 15 11.49 11.20 -2.80
C ALA B 15 10.16 10.78 -3.37
N THR B 16 9.10 10.95 -2.60
CA THR B 16 7.77 10.58 -3.04
C THR B 16 6.71 11.15 -2.10
N SER B 17 5.46 10.90 -2.43
CA SER B 17 4.34 11.30 -1.60
C SER B 17 3.59 10.04 -1.15
N THR B 18 3.51 9.81 0.16
CA THR B 18 2.86 8.62 0.68
C THR B 18 1.85 8.99 1.76
N PHE B 19 0.59 8.71 1.47
CA PHE B 19 -0.50 9.05 2.36
C PHE B 19 -1.74 8.26 1.98
N THR B 20 -2.84 8.55 2.65
CA THR B 20 -4.14 7.94 2.38
C THR B 20 -5.22 8.78 3.01
N ASN B 21 -6.45 8.30 2.93
CA ASN B 21 -7.57 8.93 3.61
C ASN B 21 -7.46 8.70 5.12
N ILE B 22 -8.44 9.19 5.86
CA ILE B 22 -8.47 8.95 7.30
C ILE B 22 -8.82 7.50 7.59
N THR B 23 -7.94 6.82 8.31
CA THR B 23 -8.16 5.42 8.66
C THR B 23 -7.28 5.02 9.84
N ARG B 25 -4.51 6.78 10.70
CA ARG B 25 -3.76 7.94 11.10
C ARG B 25 -4.57 9.21 10.89
N GLY B 26 -4.62 10.03 11.92
CA GLY B 26 -5.27 11.31 11.82
C GLY B 26 -4.25 12.44 11.74
N THR B 27 -4.09 12.98 10.55
CA THR B 27 -3.16 14.08 10.36
C THR B 27 -3.88 15.21 9.64
N GLY A 21 -6.75 -32.86 20.88
CA GLY A 21 -7.20 -32.58 19.49
C GLY A 21 -6.05 -32.11 18.63
N GLN A 22 -6.37 -31.32 17.61
CA GLN A 22 -5.34 -30.80 16.71
C GLN A 22 -5.23 -29.30 16.84
N LEU A 23 -4.05 -28.78 16.58
CA LEU A 23 -3.77 -27.37 16.78
C LEU A 23 -3.88 -26.62 15.46
N GLY A 24 -4.89 -25.78 15.35
CA GLY A 24 -5.09 -25.03 14.14
C GLY A 24 -6.56 -24.78 13.84
N GLY A 25 -6.97 -23.53 13.93
CA GLY A 25 -8.32 -23.17 13.58
C GLY A 25 -8.38 -21.81 12.90
N GLU A 26 -8.62 -21.82 11.60
CA GLU A 26 -8.70 -20.59 10.83
C GLU A 26 -9.91 -20.65 9.90
N GLU A 27 -10.96 -19.94 10.27
CA GLU A 27 -12.19 -19.95 9.48
C GLU A 27 -12.16 -18.81 8.46
N TRP A 28 -11.95 -19.18 7.20
CA TRP A 28 -11.93 -18.20 6.13
C TRP A 28 -13.23 -18.29 5.33
N THR A 29 -14.28 -17.65 5.82
CA THR A 29 -15.55 -17.69 5.10
C THR A 29 -16.47 -16.54 5.53
N ARG A 30 -16.36 -15.42 4.84
CA ARG A 30 -17.34 -14.35 4.98
C ARG A 30 -18.34 -14.49 3.85
N HIS A 31 -19.32 -15.34 4.10
CA HIS A 31 -20.25 -15.78 3.06
C HIS A 31 -21.50 -14.93 3.03
N GLY A 32 -21.63 -14.00 3.98
CA GLY A 32 -22.85 -13.26 4.10
C GLY A 32 -22.61 -11.77 4.04
N SER A 33 -22.35 -11.26 2.85
CA SER A 33 -22.26 -9.84 2.66
C SER A 33 -23.66 -9.30 2.37
N PHE A 34 -24.18 -8.50 3.27
CA PHE A 34 -25.54 -7.99 3.15
C PHE A 34 -25.51 -6.62 2.50
N VAL A 35 -26.15 -6.49 1.36
CA VAL A 35 -26.06 -5.26 0.59
C VAL A 35 -27.43 -4.82 0.07
N ASN A 36 -27.92 -3.71 0.62
CA ASN A 36 -29.07 -3.04 0.05
C ASN A 36 -28.56 -1.85 -0.77
N LYS A 37 -28.41 -2.08 -2.07
CA LYS A 37 -27.81 -1.08 -2.95
C LYS A 37 -28.71 0.16 -3.07
N PRO A 38 -28.17 1.33 -2.73
CA PRO A 38 -28.88 2.60 -2.89
C PRO A 38 -28.75 3.15 -4.31
N THR A 39 -28.84 4.47 -4.43
CA THR A 39 -28.72 5.14 -5.71
C THR A 39 -27.44 4.72 -6.45
N ARG A 40 -27.54 4.58 -7.78
CA ARG A 40 -26.41 4.20 -8.61
C ARG A 40 -25.99 5.36 -9.51
N GLY A 41 -26.42 6.56 -9.17
CA GLY A 41 -26.10 7.73 -9.95
C GLY A 41 -24.70 8.23 -9.72
N TRP A 42 -23.72 7.43 -10.11
CA TRP A 42 -22.31 7.77 -9.95
C TRP A 42 -21.62 7.65 -11.29
N LEU A 43 -20.34 7.99 -11.34
CA LEU A 43 -19.54 7.71 -12.53
C LEU A 43 -18.96 6.32 -12.41
N HIS A 44 -18.32 5.86 -13.47
CA HIS A 44 -17.88 4.46 -13.55
C HIS A 44 -17.04 4.01 -12.33
N PRO A 45 -15.93 4.69 -11.99
CA PRO A 45 -15.12 4.32 -10.83
C PRO A 45 -15.87 4.50 -9.51
N ASN A 46 -16.67 5.56 -9.44
CA ASN A 46 -17.43 5.90 -8.25
C ASN A 46 -18.47 4.80 -7.98
N ASP A 47 -19.08 4.34 -9.06
CA ASP A 47 -20.09 3.27 -8.99
C ASP A 47 -19.49 2.03 -8.35
N LYS A 48 -18.27 1.71 -8.75
CA LYS A 48 -17.60 0.51 -8.28
C LYS A 48 -17.19 0.66 -6.85
N VAL A 49 -16.41 1.70 -6.60
CA VAL A 49 -15.90 1.97 -5.26
C VAL A 49 -17.04 2.05 -4.24
N MET A 50 -18.21 2.47 -4.71
CA MET A 50 -19.41 2.56 -3.86
C MET A 50 -20.36 1.39 -4.09
N GLY A 51 -19.96 0.48 -4.96
CA GLY A 51 -20.70 -0.76 -5.16
C GLY A 51 -19.82 -1.99 -5.06
N PRO A 52 -19.48 -2.62 -6.20
CA PRO A 52 -18.61 -3.81 -6.23
C PRO A 52 -17.18 -3.49 -5.82
N GLY A 53 -16.58 -2.55 -6.52
CA GLY A 53 -15.24 -2.12 -6.21
C GLY A 53 -14.38 -2.01 -7.45
N VAL A 54 -13.59 -0.93 -7.54
CA VAL A 54 -12.68 -0.76 -8.67
C VAL A 54 -11.52 -1.73 -8.57
N SER A 55 -10.98 -2.09 -9.71
CA SER A 55 -9.93 -3.09 -9.76
C SER A 55 -8.82 -2.66 -10.72
N TYR A 56 -7.60 -2.66 -10.22
CA TYR A 56 -6.44 -2.23 -11.01
C TYR A 56 -5.46 -3.39 -11.16
N LEU A 57 -4.61 -3.31 -12.17
CA LEU A 57 -3.59 -4.32 -12.38
C LEU A 57 -2.30 -3.90 -11.69
N VAL A 58 -1.82 -4.73 -10.78
CA VAL A 58 -0.62 -4.43 -10.02
C VAL A 58 0.25 -5.68 -9.92
N ARG A 59 1.51 -5.50 -9.57
CA ARG A 59 2.39 -6.65 -9.40
C ARG A 59 3.11 -6.58 -8.06
N TYR A 60 2.88 -7.60 -7.24
CA TYR A 60 3.51 -7.69 -5.94
C TYR A 60 5.01 -7.76 -6.11
N MET A 61 5.70 -6.72 -5.68
CA MET A 61 7.14 -6.66 -5.82
C MET A 61 7.77 -6.27 -4.48
N GLY A 62 8.06 -7.28 -3.68
CA GLY A 62 8.71 -7.07 -2.40
C GLY A 62 7.76 -6.50 -1.36
N CYS A 63 8.11 -6.66 -0.09
CA CYS A 63 7.34 -6.08 0.97
C CYS A 63 8.25 -5.67 2.12
N VAL A 64 8.04 -4.48 2.63
CA VAL A 64 8.83 -4.00 3.75
C VAL A 64 7.97 -3.94 4.98
N GLU A 65 8.31 -4.76 5.95
CA GLU A 65 7.52 -4.89 7.16
C GLU A 65 7.75 -3.69 8.07
N VAL A 66 6.71 -2.90 8.22
CA VAL A 66 6.73 -1.73 9.08
C VAL A 66 6.12 -2.10 10.42
N LEU A 67 6.75 -1.76 11.52
CA LEU A 67 6.17 -2.07 12.83
C LEU A 67 5.52 -0.83 13.42
N GLN A 68 5.50 0.22 12.62
CA GLN A 68 4.90 1.49 13.01
C GLN A 68 3.67 1.77 12.18
N SER A 69 3.04 2.91 12.42
CA SER A 69 1.92 3.36 11.62
C SER A 69 1.95 4.88 11.50
N MET A 70 0.92 5.45 10.88
CA MET A 70 0.87 6.90 10.65
C MET A 70 1.09 7.68 11.94
N ARG A 71 0.30 7.34 12.96
CA ARG A 71 0.37 7.98 14.27
C ARG A 71 1.73 7.78 14.97
N ALA A 72 2.62 6.99 14.38
CA ALA A 72 3.90 6.72 15.01
C ALA A 72 5.06 7.14 14.10
N LEU A 73 4.76 7.66 12.92
CA LEU A 73 5.80 8.05 11.98
C LEU A 73 5.75 9.52 11.63
N ASP A 74 6.93 10.09 11.50
CA ASP A 74 7.11 11.49 11.12
C ASP A 74 6.73 11.70 9.67
N PHE A 75 6.46 12.95 9.29
CA PHE A 75 6.07 13.28 7.92
C PHE A 75 7.14 12.87 6.91
N ASN A 76 8.40 13.20 7.22
CA ASN A 76 9.51 12.85 6.33
C ASN A 76 9.85 11.38 6.51
N THR A 77 9.90 10.95 7.76
CA THR A 77 10.20 9.57 8.10
C THR A 77 9.27 8.61 7.36
N ARG A 78 7.96 8.84 7.43
CA ARG A 78 6.98 7.95 6.80
C ARG A 78 7.19 7.94 5.28
N THR A 79 7.57 9.07 4.73
CA THR A 79 7.82 9.20 3.31
C THR A 79 9.11 8.48 2.93
N GLN A 80 10.04 8.44 3.87
CA GLN A 80 11.35 7.88 3.61
C GLN A 80 11.27 6.38 3.67
N VAL A 81 10.53 5.89 4.66
CA VAL A 81 10.35 4.47 4.85
C VAL A 81 9.57 3.87 3.68
N THR A 82 8.64 4.63 3.13
CA THR A 82 7.87 4.16 1.99
C THR A 82 8.74 4.14 0.75
N ARG A 83 9.40 5.26 0.44
CA ARG A 83 10.26 5.31 -0.73
C ARG A 83 11.43 4.34 -0.58
N GLU A 84 11.88 4.12 0.66
CA GLU A 84 12.89 3.10 0.93
C GLU A 84 12.49 1.79 0.29
N ALA A 85 11.34 1.29 0.71
CA ALA A 85 10.82 0.02 0.24
C ALA A 85 10.82 -0.03 -1.27
N ILE A 86 10.10 0.90 -1.86
CA ILE A 86 9.98 0.99 -3.31
C ILE A 86 11.35 1.07 -3.97
N SER A 87 12.31 1.68 -3.29
CA SER A 87 13.60 1.96 -3.87
C SER A 87 14.44 0.69 -3.95
N LEU A 88 14.83 0.15 -2.79
CA LEU A 88 15.71 -1.00 -2.77
C LEU A 88 15.04 -2.21 -3.38
N VAL A 89 13.71 -2.23 -3.36
CA VAL A 89 12.95 -3.27 -4.04
C VAL A 89 13.13 -3.15 -5.55
N CYS A 90 12.73 -2.00 -6.09
CA CYS A 90 12.72 -1.82 -7.55
C CYS A 90 14.14 -1.78 -8.11
N GLU A 91 15.12 -1.55 -7.24
CA GLU A 91 16.50 -1.46 -7.70
C GLU A 91 17.28 -2.73 -7.39
N ALA A 92 16.59 -3.77 -6.97
CA ALA A 92 17.28 -5.02 -6.65
C ALA A 92 16.47 -6.25 -7.06
N VAL A 93 15.23 -6.33 -6.62
CA VAL A 93 14.41 -7.52 -6.89
C VAL A 93 13.95 -7.55 -8.35
N PRO A 94 13.57 -8.74 -8.85
CA PRO A 94 13.03 -8.89 -10.19
C PRO A 94 11.57 -8.42 -10.25
N GLY A 95 11.16 -8.00 -11.42
CA GLY A 95 9.81 -7.49 -11.59
C GLY A 95 9.81 -6.06 -12.05
N ALA A 96 10.68 -5.25 -11.45
CA ALA A 96 10.79 -3.84 -11.78
C ALA A 96 11.14 -3.63 -13.25
N LYS A 97 10.57 -2.60 -13.85
CA LYS A 97 10.83 -2.31 -15.26
C LYS A 97 12.29 -1.90 -15.44
N GLY A 98 12.80 -1.15 -14.48
CA GLY A 98 14.18 -0.72 -14.55
C GLY A 98 14.84 -0.73 -13.19
N ALA A 99 15.84 -1.58 -13.04
CA ALA A 99 16.62 -1.65 -11.82
C ALA A 99 18.09 -1.41 -12.13
N THR A 100 18.65 -0.35 -11.59
CA THR A 100 20.03 0.01 -11.88
C THR A 100 20.94 -0.54 -10.79
N ARG A 101 20.37 -1.43 -9.96
CA ARG A 101 21.09 -2.12 -8.91
C ARG A 101 21.66 -1.15 -7.88
N ARG A 102 20.78 -0.65 -7.02
CA ARG A 102 21.21 0.16 -5.89
C ARG A 102 20.83 -0.55 -4.61
N ARG A 103 21.79 -1.22 -3.99
CA ARG A 103 21.54 -1.90 -2.73
C ARG A 103 22.72 -1.68 -1.80
N LYS A 104 22.44 -1.02 -0.69
CA LYS A 104 23.43 -0.71 0.30
C LYS A 104 23.58 -1.87 1.28
N PRO A 105 24.71 -2.59 1.22
CA PRO A 105 24.91 -3.82 2.00
C PRO A 105 25.13 -3.56 3.48
N CYS A 106 25.92 -2.55 3.79
CA CYS A 106 26.23 -2.23 5.17
C CYS A 106 25.30 -1.14 5.69
N SER A 107 24.02 -1.48 5.82
CA SER A 107 23.03 -0.50 6.20
C SER A 107 21.85 -1.14 6.91
N ARG A 108 21.01 -0.29 7.47
CA ARG A 108 19.73 -0.65 8.05
C ARG A 108 18.67 -0.44 6.97
N PRO A 109 17.37 -0.81 7.18
CA PRO A 109 16.34 -0.57 6.15
C PRO A 109 16.37 0.89 5.68
N LEU A 110 16.16 1.81 6.60
CA LEU A 110 16.38 3.23 6.34
C LEU A 110 16.95 3.89 7.59
N SER A 111 16.45 3.45 8.74
CA SER A 111 17.00 3.85 10.03
C SER A 111 16.45 2.96 11.14
N SER A 112 16.01 1.75 10.76
CA SER A 112 15.39 0.82 11.70
C SER A 112 14.16 1.45 12.36
N ILE A 113 13.53 2.38 11.64
CA ILE A 113 12.34 3.06 12.15
C ILE A 113 11.16 2.10 12.09
N LEU A 114 11.16 1.32 11.03
CA LEU A 114 10.13 0.33 10.81
C LEU A 114 10.70 -1.06 11.10
N GLY A 115 10.07 -2.09 10.59
CA GLY A 115 10.57 -3.45 10.79
C GLY A 115 11.82 -3.73 9.98
N ARG A 116 11.64 -4.12 8.71
CA ARG A 116 12.76 -4.36 7.82
C ARG A 116 12.27 -4.52 6.38
N SER A 117 13.17 -4.32 5.43
CA SER A 117 12.86 -4.53 4.03
C SER A 117 12.97 -6.00 3.69
N ASN A 118 11.85 -6.64 3.37
CA ASN A 118 11.85 -8.06 3.12
C ASN A 118 11.54 -8.36 1.66
N LEU A 119 12.59 -8.54 0.89
CA LEU A 119 12.45 -8.77 -0.55
C LEU A 119 12.14 -10.23 -0.81
N LYS A 120 10.96 -10.67 -0.37
CA LYS A 120 10.58 -12.08 -0.46
C LYS A 120 9.46 -12.30 -1.46
N PHE A 121 8.35 -11.58 -1.30
CA PHE A 121 7.23 -11.71 -2.21
C PHE A 121 7.38 -10.76 -3.39
N ALA A 122 8.13 -11.20 -4.39
CA ALA A 122 8.36 -10.36 -5.57
C ALA A 122 8.08 -11.13 -6.85
N GLY A 123 7.23 -10.56 -7.69
CA GLY A 123 6.94 -11.16 -8.98
C GLY A 123 5.61 -11.88 -9.00
N MET A 124 4.61 -11.32 -8.35
CA MET A 124 3.29 -11.95 -8.32
C MET A 124 2.21 -10.97 -8.78
N PRO A 125 1.55 -11.26 -9.90
CA PRO A 125 0.48 -10.41 -10.43
C PRO A 125 -0.72 -10.36 -9.48
N ILE A 126 -1.19 -9.15 -9.21
CA ILE A 126 -2.32 -8.94 -8.31
C ILE A 126 -3.27 -7.88 -8.87
N THR A 127 -4.31 -7.59 -8.11
CA THR A 127 -5.35 -6.67 -8.53
C THR A 127 -5.77 -5.77 -7.37
N LEU A 128 -5.53 -4.47 -7.52
CA LEU A 128 -5.87 -3.49 -6.51
C LEU A 128 -7.38 -3.30 -6.48
N THR A 129 -8.03 -3.81 -5.45
CA THR A 129 -9.48 -3.71 -5.36
C THR A 129 -9.88 -2.73 -4.25
N VAL A 130 -10.49 -1.62 -4.65
CA VAL A 130 -10.88 -0.59 -3.71
C VAL A 130 -12.35 -0.74 -3.35
N SER A 131 -12.66 -0.60 -2.07
CA SER A 131 -14.02 -0.74 -1.58
C SER A 131 -14.28 0.26 -0.46
N THR A 132 -15.53 0.71 -0.35
CA THR A 132 -15.95 1.67 0.67
C THR A 132 -15.34 1.38 2.04
N SER A 133 -15.34 0.10 2.43
CA SER A 133 -14.82 -0.28 3.72
C SER A 133 -13.79 -1.41 3.58
N SER A 134 -13.13 -1.49 2.43
CA SER A 134 -12.17 -2.56 2.20
C SER A 134 -11.09 -2.13 1.20
N LEU A 135 -9.92 -2.74 1.30
CA LEU A 135 -8.84 -2.45 0.36
C LEU A 135 -7.96 -3.70 0.25
N ASN A 136 -8.46 -4.66 -0.49
CA ASN A 136 -7.80 -5.94 -0.63
C ASN A 136 -7.32 -6.14 -2.06
N LEU A 137 -6.29 -6.95 -2.22
CA LEU A 137 -5.75 -7.20 -3.54
C LEU A 137 -5.98 -8.64 -3.95
N MET A 138 -6.53 -8.83 -5.13
CA MET A 138 -6.83 -10.16 -5.62
C MET A 138 -5.66 -10.68 -6.43
N ALA A 139 -5.07 -11.78 -6.01
CA ALA A 139 -3.95 -12.36 -6.72
C ALA A 139 -4.37 -12.85 -8.11
N ALA A 140 -3.85 -12.18 -9.13
CA ALA A 140 -4.21 -12.49 -10.52
C ALA A 140 -3.40 -13.68 -11.02
N ASP A 141 -2.52 -14.17 -10.16
CA ASP A 141 -1.73 -15.36 -10.44
C ASP A 141 -2.51 -16.61 -10.04
N CYS A 142 -3.72 -16.40 -9.54
CA CYS A 142 -4.56 -17.45 -9.01
C CYS A 142 -3.89 -18.07 -7.79
N LYS A 143 -3.88 -17.31 -6.70
CA LYS A 143 -3.23 -17.70 -5.46
C LYS A 143 -4.23 -17.64 -4.33
N GLN A 144 -4.72 -16.42 -4.09
CA GLN A 144 -5.70 -16.14 -3.05
C GLN A 144 -5.98 -14.64 -3.06
N ILE A 145 -6.58 -14.14 -2.00
CA ILE A 145 -6.78 -12.71 -1.86
C ILE A 145 -5.91 -12.18 -0.74
N ILE A 146 -5.09 -11.20 -1.05
CA ILE A 146 -4.17 -10.65 -0.08
C ILE A 146 -4.67 -9.31 0.44
N ALA A 147 -3.87 -8.67 1.30
CA ALA A 147 -4.24 -7.42 1.97
C ALA A 147 -5.40 -7.67 2.93
N ASN A 148 -6.10 -6.62 3.31
CA ASN A 148 -7.17 -6.79 4.28
C ASN A 148 -8.48 -6.18 3.78
N HIS A 149 -9.57 -6.72 4.31
CA HIS A 149 -10.91 -6.40 3.84
C HIS A 149 -11.50 -5.27 4.66
N HIS A 150 -10.65 -4.33 5.04
CA HIS A 150 -11.07 -3.17 5.81
C HIS A 150 -10.31 -1.93 5.36
N MET A 151 -11.00 -0.80 5.32
CA MET A 151 -10.34 0.45 4.99
C MET A 151 -9.67 1.02 6.24
N GLN A 152 -10.29 0.78 7.38
CA GLN A 152 -9.78 1.29 8.65
C GLN A 152 -8.49 0.60 9.08
N SER A 153 -8.16 -0.48 8.39
CA SER A 153 -7.03 -1.30 8.77
C SER A 153 -5.85 -1.09 7.82
N ILE A 154 -5.73 0.14 7.31
CA ILE A 154 -4.63 0.48 6.43
C ILE A 154 -3.68 1.45 7.14
N SER A 155 -2.74 2.02 6.39
CA SER A 155 -1.87 3.04 6.92
C SER A 155 -1.66 4.16 5.90
N PHE A 156 -0.77 3.94 4.93
CA PHE A 156 -0.52 4.95 3.92
C PHE A 156 -0.15 4.29 2.60
N ALA A 157 -0.05 5.07 1.54
CA ALA A 157 0.20 4.53 0.21
C ALA A 157 0.93 5.52 -0.66
N SER A 158 1.94 5.04 -1.36
CA SER A 158 2.75 5.89 -2.22
C SER A 158 2.24 5.82 -3.64
N GLY A 159 1.95 6.98 -4.21
CA GLY A 159 1.44 7.03 -5.56
C GLY A 159 1.37 8.46 -6.07
N GLY A 160 0.43 8.71 -6.96
CA GLY A 160 0.30 10.03 -7.54
C GLY A 160 1.15 10.16 -8.78
N ASP A 161 1.94 11.21 -8.85
CA ASP A 161 2.86 11.38 -9.96
C ASP A 161 4.16 12.03 -9.48
N PRO A 162 4.93 11.33 -8.62
CA PRO A 162 6.23 11.77 -8.18
C PRO A 162 7.37 11.13 -8.98
N ASP A 163 8.60 11.27 -8.49
CA ASP A 163 9.77 10.62 -9.10
C ASP A 163 9.61 9.11 -9.08
N THR A 164 8.68 8.67 -8.27
CA THR A 164 8.48 7.28 -7.99
C THR A 164 7.22 6.75 -8.69
N ALA A 165 6.59 7.60 -9.51
CA ALA A 165 5.28 7.29 -10.08
C ALA A 165 5.24 5.98 -10.89
N GLU A 166 6.40 5.50 -11.32
CA GLU A 166 6.47 4.25 -12.08
C GLU A 166 6.27 3.03 -11.20
N TYR A 167 6.47 3.20 -9.90
CA TYR A 167 6.30 2.12 -8.95
C TYR A 167 5.39 2.59 -7.82
N VAL A 168 4.37 1.81 -7.55
CA VAL A 168 3.39 2.23 -6.57
C VAL A 168 3.58 1.45 -5.27
N ALA A 169 3.01 1.91 -4.19
CA ALA A 169 3.14 1.21 -2.92
C ALA A 169 1.94 1.47 -2.03
N TYR A 170 1.63 0.51 -1.17
CA TYR A 170 0.61 0.70 -0.16
C TYR A 170 1.01 -0.07 1.08
N VAL A 171 0.98 0.58 2.22
CA VAL A 171 1.32 -0.06 3.46
C VAL A 171 0.12 -0.07 4.40
N ALA A 172 -0.24 -1.26 4.83
CA ALA A 172 -1.41 -1.44 5.66
C ALA A 172 -1.14 -2.48 6.74
N LYS A 173 -2.15 -2.78 7.53
CA LYS A 173 -2.06 -3.82 8.53
C LYS A 173 -2.04 -5.18 7.83
N ASP A 174 -0.97 -5.94 8.03
CA ASP A 174 -0.79 -7.18 7.32
C ASP A 174 -1.18 -8.37 8.21
N PRO A 175 -1.99 -9.30 7.69
CA PRO A 175 -2.50 -10.44 8.47
C PRO A 175 -1.42 -11.45 8.85
N VAL A 176 -0.42 -11.63 8.00
CA VAL A 176 0.59 -12.65 8.25
C VAL A 176 1.90 -12.01 8.72
N ASN A 177 2.08 -10.75 8.38
CA ASN A 177 3.22 -9.97 8.87
C ASN A 177 2.74 -9.12 10.05
N GLN A 178 3.35 -7.95 10.25
CA GLN A 178 2.86 -7.01 11.25
C GLN A 178 2.08 -5.90 10.54
N ARG A 179 2.78 -4.88 10.13
CA ARG A 179 2.27 -3.91 9.17
C ARG A 179 3.25 -3.97 8.01
N ALA A 180 2.81 -3.74 6.80
CA ALA A 180 3.69 -4.00 5.68
C ALA A 180 3.49 -3.03 4.54
N CYS A 181 4.59 -2.49 4.07
CA CYS A 181 4.60 -1.64 2.89
C CYS A 181 4.79 -2.50 1.66
N HIS A 182 3.73 -2.62 0.87
CA HIS A 182 3.75 -3.49 -0.31
C HIS A 182 3.96 -2.64 -1.56
N ILE A 183 4.90 -3.03 -2.40
CA ILE A 183 5.21 -2.29 -3.61
C ILE A 183 4.59 -2.97 -4.82
N LEU A 184 3.94 -2.19 -5.68
CA LEU A 184 3.25 -2.70 -6.84
C LEU A 184 3.96 -2.26 -8.11
N GLU A 185 4.25 -3.22 -8.97
CA GLU A 185 4.89 -2.96 -10.24
C GLU A 185 3.84 -3.01 -11.35
N CYS A 186 4.16 -2.39 -12.49
CA CYS A 186 3.26 -2.32 -13.63
C CYS A 186 1.95 -1.61 -13.25
N PRO A 187 2.05 -0.34 -12.79
CA PRO A 187 0.87 0.40 -12.32
C PRO A 187 -0.09 0.77 -13.44
N GLU A 188 0.45 1.19 -14.58
CA GLU A 188 -0.37 1.54 -15.75
C GLU A 188 -1.28 2.72 -15.41
N GLY A 189 -0.90 3.51 -14.42
CA GLY A 189 -1.70 4.64 -14.00
C GLY A 189 -2.35 4.43 -12.65
N LEU A 190 -2.28 3.21 -12.13
CA LEU A 190 -2.91 2.88 -10.85
C LEU A 190 -2.42 3.80 -9.75
N ALA A 191 -1.19 4.29 -9.86
CA ALA A 191 -0.59 5.13 -8.82
C ALA A 191 -1.54 6.23 -8.37
N GLN A 192 -1.69 7.24 -9.21
CA GLN A 192 -2.54 8.38 -8.88
C GLN A 192 -4.01 7.99 -8.88
N ASP A 193 -4.35 6.98 -9.67
CA ASP A 193 -5.75 6.58 -9.79
C ASP A 193 -6.26 5.97 -8.49
N VAL A 194 -5.57 4.94 -8.00
CA VAL A 194 -5.98 4.30 -6.75
C VAL A 194 -5.91 5.28 -5.59
N ILE A 195 -4.86 6.10 -5.58
CA ILE A 195 -4.69 7.08 -4.51
C ILE A 195 -5.86 8.04 -4.48
N SER A 196 -6.21 8.57 -5.64
CA SER A 196 -7.32 9.50 -5.76
C SER A 196 -8.64 8.81 -5.45
N THR A 197 -8.83 7.62 -6.00
CA THR A 197 -10.03 6.84 -5.78
C THR A 197 -10.24 6.52 -4.29
N ILE A 198 -9.27 5.84 -3.69
CA ILE A 198 -9.35 5.46 -2.27
C ILE A 198 -9.57 6.69 -1.39
N GLY A 199 -8.78 7.74 -1.62
CA GLY A 199 -8.92 8.96 -0.86
C GLY A 199 -10.29 9.58 -1.04
N GLN A 200 -10.65 9.85 -2.30
CA GLN A 200 -11.92 10.48 -2.64
C GLN A 200 -13.10 9.67 -2.08
N ALA A 201 -12.98 8.36 -2.14
CA ALA A 201 -14.04 7.48 -1.67
C ALA A 201 -14.21 7.58 -0.15
N PHE A 202 -13.23 7.07 0.60
CA PHE A 202 -13.38 6.93 2.04
C PHE A 202 -13.51 8.29 2.72
N GLU A 203 -12.81 9.28 2.20
CA GLU A 203 -12.83 10.61 2.79
C GLU A 203 -14.17 11.30 2.52
N LEU A 204 -14.92 10.81 1.54
CA LEU A 204 -16.20 11.41 1.22
C LEU A 204 -17.28 10.88 2.15
N ARG A 205 -16.95 9.82 2.87
CA ARG A 205 -17.88 9.19 3.80
C ARG A 205 -17.69 9.76 5.19
N PHE A 206 -16.67 10.59 5.34
CA PHE A 206 -16.34 11.21 6.61
C PHE A 206 -16.25 12.72 6.46
N LYS A 207 -16.26 13.41 7.59
CA LYS A 207 -16.07 14.85 7.59
C LYS A 207 -14.67 15.20 7.11
N GLN A 208 -14.54 16.32 6.44
CA GLN A 208 -13.23 16.76 5.94
C GLN A 208 -12.57 17.70 6.95
N TYR A 209 -13.20 17.77 8.11
CA TYR A 209 -12.76 18.63 9.20
C TYR A 209 -11.42 18.20 9.78
N LEU A 210 -11.03 16.96 9.54
CA LEU A 210 -9.81 16.41 10.13
C LEU A 210 -8.81 16.02 9.07
N ARG A 211 -7.64 15.57 9.52
CA ARG A 211 -6.50 15.30 8.65
C ARG A 211 -6.02 16.59 7.97
N ARG B 1 25.05 15.32 11.63
CA ARG B 1 24.57 16.62 11.09
C ARG B 1 23.06 16.71 11.21
N ALA B 2 22.54 17.92 11.27
CA ALA B 2 21.10 18.13 11.36
C ALA B 2 20.45 17.96 9.99
N LYS B 3 19.61 16.95 9.86
CA LYS B 3 18.92 16.69 8.60
C LYS B 3 17.42 16.71 8.82
N TRP B 4 16.66 16.94 7.75
CA TRP B 4 15.21 16.89 7.83
C TRP B 4 14.75 15.43 7.81
N ASP B 5 15.63 14.59 7.31
CA ASP B 5 15.42 13.14 7.28
C ASP B 5 16.23 12.46 8.36
N THR B 6 16.10 11.15 8.44
CA THR B 6 16.84 10.36 9.40
C THR B 6 18.19 9.89 8.81
N ALA B 7 18.22 9.76 7.49
CA ALA B 7 19.38 9.25 6.76
C ALA B 7 19.01 9.18 5.28
N ASN B 8 19.98 9.09 4.37
CA ASN B 8 19.65 9.21 2.95
C ASN B 8 20.79 8.80 2.02
N ASN B 9 20.53 7.78 1.21
CA ASN B 9 21.47 7.25 0.21
C ASN B 9 20.67 6.37 -0.77
N PRO B 10 21.28 5.78 -1.84
CA PRO B 10 20.55 4.93 -2.80
C PRO B 10 19.97 3.65 -2.16
N LEU B 11 18.84 3.82 -1.52
CA LEU B 11 18.09 2.73 -0.88
C LEU B 11 16.97 3.35 -0.09
N LYS B 13 15.39 6.92 0.67
CA LYS B 13 15.09 8.30 0.31
C LYS B 13 13.67 8.63 0.76
N GLU B 14 13.38 9.90 0.96
CA GLU B 14 12.02 10.34 1.19
C GLU B 14 11.45 11.00 -0.06
N ALA B 15 11.75 10.40 -1.21
CA ALA B 15 11.35 10.97 -2.49
C ALA B 15 10.15 10.26 -3.08
N THR B 16 8.96 10.68 -2.66
CA THR B 16 7.72 10.19 -3.21
C THR B 16 6.54 10.76 -2.41
N SER B 17 5.33 10.46 -2.82
CA SER B 17 4.15 10.94 -2.13
C SER B 17 3.36 9.77 -1.57
N THR B 18 3.38 9.62 -0.25
CA THR B 18 2.67 8.52 0.38
C THR B 18 1.70 9.03 1.44
N PHE B 19 0.44 8.63 1.29
CA PHE B 19 -0.63 9.03 2.19
C PHE B 19 -1.88 8.25 1.84
N THR B 20 -2.98 8.56 2.50
CA THR B 20 -4.25 7.91 2.21
C THR B 20 -5.43 8.86 2.49
N ASN B 21 -5.87 8.87 3.74
CA ASN B 21 -7.01 9.66 4.17
C ASN B 21 -7.15 9.59 5.68
N ILE B 22 -8.30 9.97 6.21
CA ILE B 22 -8.52 9.89 7.64
C ILE B 22 -8.88 8.46 8.06
N THR B 23 -7.86 7.67 8.33
CA THR B 23 -8.07 6.28 8.71
C THR B 23 -7.44 5.96 10.06
N ARG B 25 -4.97 7.61 11.61
CA ARG B 25 -4.42 8.76 12.29
C ARG B 25 -4.63 10.04 11.45
N GLY B 26 -5.12 11.10 12.10
CA GLY B 26 -5.26 12.39 11.45
C GLY B 26 -3.93 13.12 11.39
N THR B 27 -3.31 13.10 10.22
CA THR B 27 -2.01 13.70 10.06
C THR B 27 -1.92 14.46 8.73
N GLY A 21 2.58 -34.64 13.45
CA GLY A 21 1.30 -34.21 14.04
C GLY A 21 0.62 -33.14 13.23
N GLN A 22 -0.59 -32.77 13.61
CA GLN A 22 -1.33 -31.74 12.90
C GLN A 22 -1.45 -30.51 13.79
N LEU A 23 -0.65 -29.50 13.49
CA LEU A 23 -0.66 -28.26 14.25
C LEU A 23 -0.88 -27.09 13.31
N GLY A 24 -1.28 -25.96 13.87
CA GLY A 24 -1.59 -24.80 13.05
C GLY A 24 -3.05 -24.77 12.66
N GLY A 25 -3.57 -23.58 12.39
CA GLY A 25 -4.97 -23.45 12.02
C GLY A 25 -5.31 -22.02 11.64
N GLU A 26 -5.51 -21.80 10.36
CA GLU A 26 -5.76 -20.45 9.85
C GLU A 26 -7.20 -20.38 9.34
N GLU A 27 -7.85 -19.25 9.58
CA GLU A 27 -9.20 -19.08 9.09
C GLU A 27 -9.17 -18.42 7.72
N TRP A 28 -9.31 -19.23 6.68
CA TRP A 28 -9.22 -18.76 5.31
C TRP A 28 -10.57 -18.25 4.80
N THR A 29 -11.43 -17.94 5.72
CA THR A 29 -12.74 -17.44 5.37
C THR A 29 -12.96 -16.05 5.98
N ARG A 30 -13.20 -15.09 5.11
CA ARG A 30 -13.34 -13.71 5.51
C ARG A 30 -14.65 -13.14 5.00
N HIS A 31 -15.66 -13.15 5.86
CA HIS A 31 -16.99 -12.70 5.46
C HIS A 31 -17.06 -11.17 5.50
N GLY A 32 -16.37 -10.55 4.56
CA GLY A 32 -16.39 -9.10 4.46
C GLY A 32 -17.18 -8.64 3.26
N SER A 33 -18.07 -9.51 2.79
CA SER A 33 -18.90 -9.24 1.64
C SER A 33 -20.01 -8.26 1.99
N PHE A 34 -20.08 -7.17 1.23
CA PHE A 34 -21.12 -6.18 1.44
C PHE A 34 -21.61 -5.66 0.09
N VAL A 35 -22.91 -5.58 -0.07
CA VAL A 35 -23.50 -5.03 -1.29
C VAL A 35 -24.38 -3.84 -0.93
N ASN A 36 -23.83 -2.64 -1.06
CA ASN A 36 -24.59 -1.44 -0.79
C ASN A 36 -24.86 -0.72 -2.10
N LYS A 37 -26.06 -0.21 -2.26
CA LYS A 37 -26.46 0.44 -3.50
C LYS A 37 -27.71 1.28 -3.28
N PRO A 38 -27.54 2.54 -2.84
CA PRO A 38 -28.65 3.47 -2.61
C PRO A 38 -29.17 4.07 -3.92
N THR A 39 -28.32 4.08 -4.93
CA THR A 39 -28.63 4.68 -6.21
C THR A 39 -27.62 4.20 -7.26
N ARG A 40 -27.84 4.56 -8.51
CA ARG A 40 -26.88 4.27 -9.58
C ARG A 40 -26.38 5.56 -10.19
N GLY A 41 -26.67 6.67 -9.52
CA GLY A 41 -26.30 7.98 -10.02
C GLY A 41 -24.86 8.34 -9.76
N TRP A 42 -23.95 7.48 -10.20
CA TRP A 42 -22.53 7.76 -10.10
C TRP A 42 -21.86 7.59 -11.45
N LEU A 43 -20.63 8.08 -11.57
CA LEU A 43 -19.80 7.73 -12.70
C LEU A 43 -19.24 6.34 -12.46
N HIS A 44 -18.69 5.73 -13.49
CA HIS A 44 -18.32 4.32 -13.44
C HIS A 44 -17.35 3.96 -12.29
N PRO A 45 -16.24 4.68 -12.08
CA PRO A 45 -15.35 4.38 -10.95
C PRO A 45 -16.05 4.54 -9.61
N ASN A 46 -16.84 5.60 -9.48
CA ASN A 46 -17.58 5.85 -8.24
C ASN A 46 -18.63 4.78 -8.02
N ASP A 47 -19.27 4.40 -9.11
CA ASP A 47 -20.31 3.37 -9.09
C ASP A 47 -19.78 2.12 -8.44
N LYS A 48 -18.54 1.79 -8.75
CA LYS A 48 -17.90 0.61 -8.25
C LYS A 48 -17.38 0.83 -6.86
N VAL A 49 -16.52 1.82 -6.71
CA VAL A 49 -15.87 2.12 -5.43
C VAL A 49 -16.89 2.16 -4.29
N MET A 50 -18.09 2.59 -4.62
CA MET A 50 -19.18 2.64 -3.67
C MET A 50 -19.86 1.28 -3.55
N GLY A 51 -20.12 0.67 -4.70
CA GLY A 51 -20.80 -0.63 -4.70
C GLY A 51 -19.84 -1.83 -4.74
N PRO A 52 -19.60 -2.42 -5.93
CA PRO A 52 -18.80 -3.65 -6.08
C PRO A 52 -17.29 -3.45 -5.90
N GLY A 53 -16.82 -2.25 -6.21
CA GLY A 53 -15.41 -1.94 -6.09
C GLY A 53 -14.70 -1.87 -7.43
N VAL A 54 -13.84 -0.88 -7.59
CA VAL A 54 -13.01 -0.75 -8.80
C VAL A 54 -11.81 -1.67 -8.71
N SER A 55 -11.22 -1.98 -9.85
CA SER A 55 -10.11 -2.92 -9.91
C SER A 55 -8.98 -2.37 -10.79
N TYR A 56 -7.76 -2.49 -10.29
CA TYR A 56 -6.57 -2.07 -11.03
C TYR A 56 -5.59 -3.25 -11.15
N LEU A 57 -4.71 -3.19 -12.13
CA LEU A 57 -3.71 -4.24 -12.31
C LEU A 57 -2.42 -3.85 -11.59
N VAL A 58 -1.96 -4.72 -10.70
CA VAL A 58 -0.79 -4.45 -9.90
C VAL A 58 0.07 -5.71 -9.80
N ARG A 59 1.35 -5.55 -9.50
CA ARG A 59 2.24 -6.69 -9.38
C ARG A 59 2.94 -6.68 -8.02
N TYR A 60 2.63 -7.68 -7.21
CA TYR A 60 3.21 -7.82 -5.88
C TYR A 60 4.72 -7.94 -6.00
N MET A 61 5.43 -6.94 -5.52
CA MET A 61 6.87 -6.91 -5.58
C MET A 61 7.46 -6.59 -4.21
N GLY A 62 7.76 -7.63 -3.45
CA GLY A 62 8.34 -7.44 -2.14
C GLY A 62 7.34 -6.91 -1.12
N CYS A 63 7.67 -7.03 0.15
CA CYS A 63 6.81 -6.52 1.21
C CYS A 63 7.65 -6.17 2.43
N VAL A 64 7.33 -5.05 3.05
CA VAL A 64 8.08 -4.58 4.19
C VAL A 64 7.20 -4.48 5.42
N GLU A 65 7.63 -5.13 6.49
CA GLU A 65 6.88 -5.13 7.73
C GLU A 65 7.09 -3.81 8.45
N VAL A 66 6.03 -3.04 8.56
CA VAL A 66 6.10 -1.77 9.26
C VAL A 66 5.21 -1.83 10.51
N LEU A 67 5.84 -1.72 11.67
CA LEU A 67 5.11 -1.88 12.93
C LEU A 67 4.72 -0.51 13.47
N GLN A 68 4.76 0.48 12.60
CA GLN A 68 4.48 1.85 12.98
C GLN A 68 3.44 2.45 12.05
N SER A 69 2.54 3.24 12.62
CA SER A 69 1.50 3.89 11.84
C SER A 69 1.91 5.33 11.50
N MET A 70 1.11 5.99 10.66
CA MET A 70 1.44 7.33 10.18
C MET A 70 1.45 8.34 11.33
N ARG A 71 0.37 8.36 12.13
CA ARG A 71 0.33 9.20 13.33
C ARG A 71 1.48 8.87 14.30
N ALA A 72 2.03 7.67 14.20
CA ALA A 72 3.10 7.24 15.08
C ALA A 72 4.46 7.41 14.42
N LEU A 73 4.46 8.00 13.24
CA LEU A 73 5.68 8.23 12.50
C LEU A 73 5.85 9.71 12.21
N ASP A 74 7.04 10.06 11.78
CA ASP A 74 7.33 11.40 11.36
C ASP A 74 6.81 11.62 9.95
N PHE A 75 6.42 12.85 9.64
CA PHE A 75 5.84 13.17 8.34
C PHE A 75 6.76 12.76 7.20
N ASN A 76 8.06 12.92 7.39
CA ASN A 76 9.02 12.49 6.39
C ASN A 76 9.37 11.02 6.59
N THR A 77 9.52 10.63 7.84
CA THR A 77 9.84 9.25 8.19
C THR A 77 8.85 8.26 7.55
N ARG A 78 7.55 8.57 7.60
CA ARG A 78 6.56 7.66 7.03
C ARG A 78 6.68 7.60 5.51
N THR A 79 7.05 8.72 4.91
CA THR A 79 7.30 8.75 3.47
C THR A 79 8.57 7.99 3.16
N GLN A 80 9.44 7.96 4.14
CA GLN A 80 10.79 7.43 3.99
C GLN A 80 10.74 5.92 4.08
N VAL A 81 10.06 5.42 5.11
CA VAL A 81 9.86 3.99 5.29
C VAL A 81 9.15 3.39 4.08
N THR A 82 8.20 4.14 3.52
CA THR A 82 7.49 3.67 2.35
C THR A 82 8.42 3.61 1.14
N ARG A 83 9.10 4.72 0.84
CA ARG A 83 9.96 4.78 -0.34
C ARG A 83 11.16 3.84 -0.18
N GLU A 84 11.61 3.66 1.07
CA GLU A 84 12.66 2.71 1.37
C GLU A 84 12.29 1.36 0.79
N ALA A 85 11.13 0.86 1.20
CA ALA A 85 10.62 -0.43 0.75
C ALA A 85 10.65 -0.51 -0.76
N ILE A 86 9.95 0.42 -1.39
CA ILE A 86 9.88 0.49 -2.84
C ILE A 86 11.26 0.53 -3.47
N SER A 87 12.21 1.14 -2.76
CA SER A 87 13.53 1.39 -3.32
C SER A 87 14.34 0.10 -3.35
N LEU A 88 14.67 -0.44 -2.17
CA LEU A 88 15.50 -1.63 -2.11
C LEU A 88 14.81 -2.83 -2.73
N VAL A 89 13.49 -2.80 -2.75
CA VAL A 89 12.74 -3.82 -3.45
C VAL A 89 12.98 -3.72 -4.95
N CYS A 90 12.71 -2.55 -5.53
CA CYS A 90 12.82 -2.36 -6.96
C CYS A 90 14.27 -2.44 -7.42
N GLU A 91 15.20 -2.25 -6.49
CA GLU A 91 16.62 -2.30 -6.83
C GLU A 91 17.28 -3.58 -6.34
N ALA A 92 16.49 -4.60 -6.07
CA ALA A 92 17.05 -5.88 -5.63
C ALA A 92 16.23 -7.05 -6.15
N VAL A 93 14.93 -7.04 -5.89
CA VAL A 93 14.07 -8.16 -6.25
C VAL A 93 13.69 -8.12 -7.74
N PRO A 94 13.28 -9.27 -8.28
CA PRO A 94 12.77 -9.35 -9.66
C PRO A 94 11.37 -8.74 -9.78
N GLY A 95 11.01 -8.36 -10.99
CA GLY A 95 9.70 -7.77 -11.22
C GLY A 95 9.79 -6.29 -11.52
N ALA A 96 10.75 -5.62 -10.90
CA ALA A 96 10.96 -4.19 -11.14
C ALA A 96 11.47 -3.97 -12.56
N LYS A 97 10.87 -2.99 -13.23
CA LYS A 97 11.26 -2.64 -14.60
C LYS A 97 12.73 -2.26 -14.68
N GLY A 98 13.21 -1.52 -13.69
CA GLY A 98 14.59 -1.11 -13.70
C GLY A 98 15.28 -1.31 -12.36
N ALA A 99 16.14 -2.32 -12.29
CA ALA A 99 16.93 -2.58 -11.09
C ALA A 99 18.41 -2.60 -11.42
N THR A 100 19.16 -1.73 -10.79
CA THR A 100 20.60 -1.65 -10.99
C THR A 100 21.32 -2.38 -9.86
N ARG A 101 20.53 -2.91 -8.92
CA ARG A 101 21.04 -3.64 -7.76
C ARG A 101 21.75 -2.67 -6.80
N ARG A 102 21.02 -2.21 -5.80
CA ARG A 102 21.58 -1.38 -4.75
C ARG A 102 21.05 -1.83 -3.41
N ARG A 103 21.91 -2.45 -2.62
CA ARG A 103 21.53 -2.88 -1.28
C ARG A 103 22.64 -2.59 -0.29
N LYS A 104 22.39 -1.63 0.59
CA LYS A 104 23.32 -1.31 1.66
C LYS A 104 23.59 -2.55 2.51
N PRO A 105 24.86 -2.97 2.57
CA PRO A 105 25.24 -4.25 3.19
C PRO A 105 24.85 -4.36 4.67
N CYS A 106 25.56 -3.65 5.53
CA CYS A 106 25.29 -3.70 6.96
C CYS A 106 24.45 -2.50 7.37
N SER A 107 23.16 -2.58 7.11
CA SER A 107 22.26 -1.48 7.39
C SER A 107 20.89 -1.96 7.87
N ARG A 108 20.39 -1.29 8.89
CA ARG A 108 18.99 -1.38 9.27
C ARG A 108 18.14 -0.85 8.11
N PRO A 109 16.81 -1.16 8.06
CA PRO A 109 15.97 -0.86 6.87
C PRO A 109 16.16 0.58 6.38
N LEU A 110 15.72 1.55 7.17
CA LEU A 110 16.08 2.93 6.90
C LEU A 110 16.68 3.61 8.14
N SER A 111 16.33 3.08 9.31
CA SER A 111 16.80 3.58 10.61
C SER A 111 16.23 2.75 11.76
N SER A 112 15.80 1.51 11.45
CA SER A 112 15.12 0.65 12.42
C SER A 112 13.85 1.31 12.97
N ILE A 113 13.29 2.26 12.22
CA ILE A 113 12.06 2.92 12.62
C ILE A 113 10.90 1.97 12.47
N LEU A 114 10.75 1.41 11.28
CA LEU A 114 9.74 0.41 11.00
C LEU A 114 10.30 -0.98 11.27
N GLY A 115 9.56 -2.01 10.87
CA GLY A 115 9.98 -3.37 11.12
C GLY A 115 11.24 -3.75 10.35
N ARG A 116 11.05 -4.12 9.10
CA ARG A 116 12.15 -4.48 8.23
C ARG A 116 11.64 -4.85 6.84
N SER A 117 12.52 -4.77 5.87
CA SER A 117 12.19 -5.05 4.49
C SER A 117 12.29 -6.55 4.20
N ASN A 118 11.17 -7.17 3.87
CA ASN A 118 11.14 -8.61 3.62
C ASN A 118 10.98 -8.87 2.13
N LEU A 119 12.10 -9.11 1.46
CA LEU A 119 12.07 -9.33 0.02
C LEU A 119 11.77 -10.80 -0.26
N LYS A 120 10.49 -11.16 -0.17
CA LYS A 120 10.08 -12.54 -0.34
C LYS A 120 9.06 -12.70 -1.46
N PHE A 121 7.95 -12.00 -1.37
CA PHE A 121 6.90 -12.13 -2.37
C PHE A 121 7.07 -11.12 -3.49
N ALA A 122 7.86 -11.48 -4.49
CA ALA A 122 8.11 -10.60 -5.61
C ALA A 122 7.85 -11.30 -6.94
N GLY A 123 6.88 -10.78 -7.69
CA GLY A 123 6.54 -11.35 -8.98
C GLY A 123 5.19 -12.03 -8.98
N MET A 124 4.25 -11.47 -8.24
CA MET A 124 2.91 -12.05 -8.16
C MET A 124 1.85 -11.07 -8.65
N PRO A 125 1.16 -11.42 -9.75
CA PRO A 125 0.12 -10.57 -10.33
C PRO A 125 -1.10 -10.44 -9.40
N ILE A 126 -1.53 -9.20 -9.16
CA ILE A 126 -2.67 -8.94 -8.31
C ILE A 126 -3.57 -7.85 -8.87
N THR A 127 -4.62 -7.55 -8.14
CA THR A 127 -5.65 -6.63 -8.58
C THR A 127 -6.08 -5.72 -7.42
N LEU A 128 -5.79 -4.43 -7.56
CA LEU A 128 -6.13 -3.45 -6.53
C LEU A 128 -7.63 -3.21 -6.55
N THR A 129 -8.33 -3.73 -5.56
CA THR A 129 -9.76 -3.54 -5.48
C THR A 129 -10.11 -2.49 -4.42
N VAL A 130 -10.59 -1.35 -4.88
CA VAL A 130 -10.95 -0.25 -3.99
C VAL A 130 -12.41 -0.32 -3.59
N SER A 131 -12.67 -0.22 -2.31
CA SER A 131 -14.05 -0.29 -1.81
C SER A 131 -14.26 0.70 -0.68
N THR A 132 -15.48 1.23 -0.59
CA THR A 132 -15.86 2.19 0.45
C THR A 132 -15.30 1.81 1.83
N SER A 133 -15.52 0.58 2.23
CA SER A 133 -15.07 0.11 3.53
C SER A 133 -14.08 -1.04 3.38
N SER A 134 -13.44 -1.14 2.22
CA SER A 134 -12.52 -2.26 1.97
C SER A 134 -11.40 -1.85 1.03
N LEU A 135 -10.22 -2.41 1.26
CA LEU A 135 -9.09 -2.21 0.35
C LEU A 135 -8.31 -3.51 0.26
N ASN A 136 -8.72 -4.34 -0.69
CA ASN A 136 -8.25 -5.71 -0.76
C ASN A 136 -7.84 -6.06 -2.19
N LEU A 137 -6.82 -6.90 -2.33
CA LEU A 137 -6.24 -7.18 -3.63
C LEU A 137 -6.52 -8.62 -4.05
N MET A 138 -7.00 -8.80 -5.27
CA MET A 138 -7.28 -10.12 -5.77
C MET A 138 -6.07 -10.65 -6.52
N ALA A 139 -5.60 -11.83 -6.16
CA ALA A 139 -4.46 -12.42 -6.85
C ALA A 139 -4.84 -12.83 -8.27
N ALA A 140 -4.28 -12.12 -9.25
CA ALA A 140 -4.58 -12.37 -10.65
C ALA A 140 -3.90 -13.65 -11.13
N ASP A 141 -3.15 -14.26 -10.22
CA ASP A 141 -2.48 -15.52 -10.49
C ASP A 141 -3.44 -16.69 -10.30
N CYS A 142 -4.71 -16.37 -10.09
CA CYS A 142 -5.76 -17.38 -9.88
C CYS A 142 -5.46 -18.18 -8.62
N LYS A 143 -4.94 -17.49 -7.61
CA LYS A 143 -4.51 -18.13 -6.38
C LYS A 143 -5.58 -17.96 -5.32
N GLN A 144 -5.74 -16.73 -4.86
CA GLN A 144 -6.75 -16.40 -3.87
C GLN A 144 -6.89 -14.88 -3.79
N ILE A 145 -7.47 -14.39 -2.72
CA ILE A 145 -7.56 -12.96 -2.52
C ILE A 145 -6.78 -12.56 -1.27
N ILE A 146 -6.01 -11.48 -1.39
CA ILE A 146 -5.16 -11.03 -0.30
C ILE A 146 -5.58 -9.65 0.20
N ALA A 147 -5.00 -9.23 1.32
CA ALA A 147 -5.25 -7.94 1.95
C ALA A 147 -6.54 -7.97 2.77
N ASN A 148 -7.01 -6.81 3.19
CA ASN A 148 -8.11 -6.73 4.12
C ASN A 148 -9.32 -6.04 3.51
N HIS A 149 -10.49 -6.50 3.90
CA HIS A 149 -11.74 -5.88 3.48
C HIS A 149 -12.13 -4.81 4.48
N HIS A 150 -11.15 -4.03 4.94
CA HIS A 150 -11.39 -3.09 6.02
C HIS A 150 -10.63 -1.79 5.81
N MET A 151 -11.28 -0.84 5.15
CA MET A 151 -10.70 0.47 4.86
C MET A 151 -10.30 1.20 6.14
N GLN A 152 -11.05 0.94 7.21
CA GLN A 152 -10.81 1.59 8.50
C GLN A 152 -9.47 1.16 9.09
N SER A 153 -8.84 0.17 8.49
CA SER A 153 -7.63 -0.40 9.03
C SER A 153 -6.47 -0.29 8.05
N ILE A 154 -6.43 0.80 7.30
CA ILE A 154 -5.30 1.05 6.41
C ILE A 154 -4.30 1.97 7.10
N SER A 155 -3.32 2.48 6.37
CA SER A 155 -2.39 3.43 6.92
C SER A 155 -2.02 4.50 5.89
N PHE A 156 -1.19 4.15 4.92
CA PHE A 156 -0.79 5.09 3.89
C PHE A 156 -0.35 4.36 2.63
N ALA A 157 -0.20 5.08 1.53
CA ALA A 157 0.11 4.47 0.26
C ALA A 157 0.90 5.43 -0.62
N SER A 158 1.92 4.91 -1.29
CA SER A 158 2.77 5.73 -2.13
C SER A 158 2.27 5.67 -3.56
N GLY A 159 2.01 6.84 -4.12
CA GLY A 159 1.50 6.93 -5.47
C GLY A 159 1.49 8.35 -5.96
N GLY A 160 0.54 8.66 -6.83
CA GLY A 160 0.48 9.99 -7.41
C GLY A 160 1.25 10.07 -8.70
N ASP A 161 2.17 11.02 -8.79
CA ASP A 161 3.01 11.17 -9.96
C ASP A 161 4.42 11.68 -9.61
N PRO A 162 5.06 11.13 -8.55
CA PRO A 162 6.38 11.59 -8.12
C PRO A 162 7.50 10.83 -8.81
N ASP A 163 8.71 10.97 -8.27
CA ASP A 163 9.89 10.25 -8.76
C ASP A 163 9.79 8.74 -8.49
N THR A 164 8.59 8.30 -8.26
CA THR A 164 8.33 6.95 -7.84
C THR A 164 7.03 6.46 -8.49
N ALA A 165 6.46 7.28 -9.38
CA ALA A 165 5.14 7.02 -9.93
C ALA A 165 5.02 5.65 -10.61
N GLU A 166 6.12 5.15 -11.19
CA GLU A 166 6.08 3.87 -11.89
C GLU A 166 6.22 2.68 -10.94
N TYR A 167 6.35 2.95 -9.66
CA TYR A 167 6.35 1.90 -8.64
C TYR A 167 5.46 2.33 -7.48
N VAL A 168 4.35 1.65 -7.31
CA VAL A 168 3.37 2.09 -6.34
C VAL A 168 3.48 1.23 -5.09
N ALA A 169 2.92 1.69 -3.99
CA ALA A 169 2.94 0.92 -2.76
C ALA A 169 1.76 1.27 -1.89
N TYR A 170 1.32 0.33 -1.08
CA TYR A 170 0.27 0.60 -0.11
C TYR A 170 0.59 -0.12 1.18
N VAL A 171 0.48 0.58 2.28
CA VAL A 171 0.71 -0.01 3.58
C VAL A 171 -0.55 0.07 4.42
N ALA A 172 -0.96 -1.06 4.95
CA ALA A 172 -2.18 -1.16 5.71
C ALA A 172 -2.00 -2.14 6.87
N LYS A 173 -3.02 -2.29 7.69
CA LYS A 173 -2.97 -3.23 8.79
C LYS A 173 -3.13 -4.64 8.25
N ASP A 174 -2.15 -5.48 8.52
CA ASP A 174 -2.09 -6.81 7.93
C ASP A 174 -2.65 -7.84 8.92
N PRO A 175 -3.57 -8.69 8.45
CA PRO A 175 -4.22 -9.70 9.30
C PRO A 175 -3.29 -10.85 9.68
N VAL A 176 -2.12 -10.90 9.06
CA VAL A 176 -1.15 -11.94 9.35
C VAL A 176 -0.05 -11.40 10.26
N ASN A 177 0.50 -10.26 9.88
CA ASN A 177 1.57 -9.63 10.65
C ASN A 177 1.03 -8.52 11.55
N GLN A 178 1.33 -7.27 11.20
CA GLN A 178 0.85 -6.12 11.95
C GLN A 178 0.41 -5.04 10.98
N ARG A 179 1.38 -4.39 10.38
CA ARG A 179 1.15 -3.49 9.26
C ARG A 179 2.23 -3.76 8.24
N ALA A 180 1.88 -3.69 6.97
CA ALA A 180 2.84 -4.03 5.95
C ALA A 180 2.72 -3.12 4.74
N CYS A 181 3.87 -2.74 4.22
CA CYS A 181 3.97 -1.97 3.00
C CYS A 181 4.15 -2.92 1.83
N HIS A 182 3.15 -2.99 0.97
CA HIS A 182 3.20 -3.86 -0.19
C HIS A 182 3.48 -3.03 -1.43
N ILE A 183 4.52 -3.40 -2.16
CA ILE A 183 4.91 -2.62 -3.33
C ILE A 183 4.34 -3.26 -4.60
N LEU A 184 3.66 -2.44 -5.41
CA LEU A 184 3.01 -2.89 -6.62
C LEU A 184 3.77 -2.40 -7.84
N GLU A 185 4.08 -3.30 -8.73
CA GLU A 185 4.76 -2.97 -9.96
C GLU A 185 3.77 -2.96 -11.12
N CYS A 186 4.16 -2.34 -12.22
CA CYS A 186 3.32 -2.21 -13.41
C CYS A 186 2.00 -1.52 -13.07
N PRO A 187 2.07 -0.26 -12.59
CA PRO A 187 0.88 0.49 -12.16
C PRO A 187 -0.04 0.88 -13.31
N GLU A 188 0.54 1.36 -14.42
CA GLU A 188 -0.23 1.75 -15.59
C GLU A 188 -1.15 2.94 -15.27
N GLY A 189 -0.80 3.68 -14.23
CA GLY A 189 -1.61 4.79 -13.81
C GLY A 189 -2.29 4.57 -12.48
N LEU A 190 -2.24 3.33 -11.97
CA LEU A 190 -2.90 2.97 -10.71
C LEU A 190 -2.41 3.88 -9.58
N ALA A 191 -1.20 4.38 -9.69
CA ALA A 191 -0.61 5.24 -8.65
C ALA A 191 -1.58 6.34 -8.24
N GLN A 192 -1.74 7.34 -9.09
CA GLN A 192 -2.61 8.47 -8.80
C GLN A 192 -4.06 8.04 -8.79
N ASP A 193 -4.37 6.98 -9.53
CA ASP A 193 -5.74 6.53 -9.66
C ASP A 193 -6.24 5.96 -8.34
N VAL A 194 -5.58 4.92 -7.82
CA VAL A 194 -6.01 4.31 -6.56
C VAL A 194 -5.94 5.31 -5.42
N ILE A 195 -4.89 6.13 -5.41
CA ILE A 195 -4.73 7.15 -4.36
C ILE A 195 -5.93 8.09 -4.33
N SER A 196 -6.22 8.66 -5.49
CA SER A 196 -7.31 9.62 -5.61
C SER A 196 -8.66 8.94 -5.40
N THR A 197 -8.81 7.73 -5.93
CA THR A 197 -10.03 6.97 -5.78
C THR A 197 -10.29 6.64 -4.30
N ILE A 198 -9.36 5.94 -3.67
CA ILE A 198 -9.51 5.53 -2.27
C ILE A 198 -9.78 6.76 -1.38
N GLY A 199 -8.91 7.76 -1.50
CA GLY A 199 -9.04 8.94 -0.68
C GLY A 199 -10.37 9.63 -0.86
N GLN A 200 -10.68 10.01 -2.10
CA GLN A 200 -11.90 10.76 -2.40
C GLN A 200 -13.15 9.93 -2.11
N ALA A 201 -13.05 8.61 -2.28
CA ALA A 201 -14.16 7.72 -1.97
C ALA A 201 -14.51 7.81 -0.50
N PHE A 202 -13.56 7.43 0.36
CA PHE A 202 -13.83 7.37 1.79
C PHE A 202 -14.15 8.75 2.35
N GLU A 203 -13.50 9.79 1.82
CA GLU A 203 -13.69 11.14 2.34
C GLU A 203 -14.96 11.79 1.76
N LEU A 204 -15.67 11.07 0.89
CA LEU A 204 -16.87 11.61 0.28
C LEU A 204 -17.98 11.74 1.31
N ARG A 205 -17.80 11.07 2.44
CA ARG A 205 -18.79 11.10 3.51
C ARG A 205 -18.23 11.82 4.74
N PHE A 206 -17.10 12.51 4.55
CA PHE A 206 -16.43 13.21 5.64
C PHE A 206 -16.18 14.67 5.26
N LYS A 207 -15.86 15.48 6.26
CA LYS A 207 -15.68 16.91 6.04
C LYS A 207 -14.24 17.33 6.32
N GLN A 208 -14.03 18.64 6.44
CA GLN A 208 -12.70 19.21 6.64
C GLN A 208 -12.34 19.25 8.11
N TYR A 209 -13.21 18.66 8.91
CA TYR A 209 -13.07 18.65 10.35
C TYR A 209 -11.89 17.78 10.79
N LEU A 210 -11.47 16.90 9.91
CA LEU A 210 -10.35 16.02 10.17
C LEU A 210 -9.34 16.10 9.02
N ARG A 211 -8.19 15.44 9.20
CA ARG A 211 -7.04 15.57 8.32
C ARG A 211 -6.41 16.96 8.48
N ARG B 1 18.16 20.59 12.50
CA ARG B 1 18.90 19.58 11.71
C ARG B 1 18.84 19.91 10.22
N ALA B 2 19.94 19.63 9.53
CA ALA B 2 19.97 19.77 8.08
C ALA B 2 19.52 18.48 7.43
N LYS B 3 19.40 17.45 8.26
CA LYS B 3 18.91 16.16 7.81
C LYS B 3 17.46 16.25 7.37
N TRP B 4 17.22 16.20 6.07
CA TRP B 4 15.87 16.18 5.54
C TRP B 4 15.17 14.91 6.00
N ASP B 5 15.90 13.80 5.94
CA ASP B 5 15.39 12.52 6.37
C ASP B 5 16.24 11.95 7.50
N THR B 6 16.04 10.69 7.84
CA THR B 6 16.70 10.09 8.98
C THR B 6 17.98 9.38 8.55
N ALA B 7 18.02 8.99 7.28
CA ALA B 7 19.18 8.34 6.69
C ALA B 7 18.92 8.13 5.20
N ASN B 8 19.93 8.33 4.37
CA ASN B 8 19.73 8.24 2.93
C ASN B 8 20.95 7.70 2.19
N ASN B 9 20.68 6.63 1.46
CA ASN B 9 21.64 6.00 0.54
C ASN B 9 20.81 5.17 -0.43
N PRO B 10 21.40 4.58 -1.50
CA PRO B 10 20.65 3.74 -2.44
C PRO B 10 20.03 2.51 -1.78
N LEU B 11 18.83 2.70 -1.23
CA LEU B 11 18.07 1.66 -0.54
C LEU B 11 16.91 2.31 0.17
N LYS B 13 15.41 6.21 1.18
CA LYS B 13 15.36 7.64 0.91
C LYS B 13 13.91 8.07 0.72
N GLU B 14 13.53 9.18 1.33
CA GLU B 14 12.25 9.80 1.03
C GLU B 14 12.33 10.38 -0.37
N ALA B 15 11.45 9.93 -1.26
CA ALA B 15 11.50 10.31 -2.66
C ALA B 15 10.15 10.05 -3.35
N THR B 16 9.08 10.24 -2.61
CA THR B 16 7.75 9.95 -3.13
C THR B 16 6.68 10.62 -2.28
N SER B 17 5.43 10.35 -2.59
CA SER B 17 4.32 10.86 -1.83
C SER B 17 3.44 9.71 -1.36
N THR B 18 3.49 9.41 -0.07
CA THR B 18 2.69 8.33 0.48
C THR B 18 1.71 8.87 1.50
N PHE B 19 0.45 8.55 1.26
CA PHE B 19 -0.66 8.98 2.10
C PHE B 19 -1.90 8.25 1.66
N THR B 20 -3.03 8.54 2.28
CA THR B 20 -4.28 7.92 1.90
C THR B 20 -5.45 8.87 2.12
N ASN B 21 -5.93 8.89 3.35
CA ASN B 21 -7.14 9.59 3.70
C ASN B 21 -7.24 9.70 5.21
N ILE B 22 -8.41 10.10 5.70
CA ILE B 22 -8.61 10.25 7.13
C ILE B 22 -9.14 8.95 7.75
N THR B 23 -8.21 8.08 8.10
CA THR B 23 -8.57 6.79 8.69
C THR B 23 -7.69 6.47 9.90
N ARG B 25 -4.84 8.31 10.64
CA ARG B 25 -4.05 9.51 10.88
C ARG B 25 -4.52 10.65 9.98
N GLY B 26 -4.98 11.73 10.58
CA GLY B 26 -5.30 12.93 9.81
C GLY B 26 -4.06 13.56 9.23
N THR B 27 -3.69 13.14 8.03
CA THR B 27 -2.49 13.61 7.38
C THR B 27 -2.86 14.41 6.13
N GLY A 21 -6.90 -27.60 31.68
CA GLY A 21 -7.09 -27.64 30.21
C GLY A 21 -6.43 -26.45 29.53
N GLN A 22 -6.40 -26.47 28.21
CA GLN A 22 -5.81 -25.38 27.45
C GLN A 22 -6.85 -24.31 27.17
N LEU A 23 -6.43 -23.07 27.22
CA LEU A 23 -7.29 -21.96 26.87
C LEU A 23 -6.58 -21.09 25.85
N GLY A 24 -6.69 -21.49 24.60
CA GLY A 24 -6.00 -20.81 23.53
C GLY A 24 -6.27 -21.44 22.19
N GLY A 25 -6.18 -20.65 21.14
CA GLY A 25 -6.48 -21.12 19.82
C GLY A 25 -7.63 -20.35 19.22
N GLU A 26 -7.32 -19.49 18.26
CA GLU A 26 -8.33 -18.62 17.69
C GLU A 26 -8.62 -19.04 16.27
N GLU A 27 -9.66 -18.47 15.70
CA GLU A 27 -9.91 -18.63 14.28
C GLU A 27 -9.80 -17.27 13.62
N TRP A 28 -8.94 -17.16 12.62
CA TRP A 28 -8.60 -15.86 12.05
C TRP A 28 -9.48 -15.52 10.87
N THR A 29 -10.49 -16.32 10.65
CA THR A 29 -11.38 -16.08 9.54
C THR A 29 -12.82 -15.85 10.03
N ARG A 30 -13.16 -14.58 10.17
CA ARG A 30 -14.51 -14.19 10.53
C ARG A 30 -14.93 -12.98 9.71
N HIS A 31 -15.69 -13.27 8.67
CA HIS A 31 -16.10 -12.26 7.70
C HIS A 31 -17.40 -11.60 8.15
N GLY A 32 -17.41 -10.27 8.15
CA GLY A 32 -18.59 -9.54 8.53
C GLY A 32 -19.37 -9.14 7.31
N SER A 33 -20.27 -10.00 6.89
CA SER A 33 -20.98 -9.78 5.65
C SER A 33 -22.00 -8.65 5.78
N PHE A 34 -21.77 -7.59 5.04
CA PHE A 34 -22.69 -6.46 4.98
C PHE A 34 -22.63 -5.84 3.58
N VAL A 35 -23.68 -6.07 2.81
CA VAL A 35 -23.71 -5.60 1.43
C VAL A 35 -24.89 -4.67 1.19
N ASN A 36 -24.64 -3.59 0.47
CA ASN A 36 -25.67 -2.63 0.14
C ASN A 36 -25.65 -2.37 -1.36
N LYS A 37 -26.82 -2.10 -1.92
CA LYS A 37 -26.93 -1.85 -3.35
C LYS A 37 -27.09 -0.36 -3.62
N PRO A 38 -26.02 0.29 -4.12
CA PRO A 38 -26.03 1.73 -4.38
C PRO A 38 -26.66 2.07 -5.73
N THR A 39 -27.52 3.08 -5.72
CA THR A 39 -28.14 3.57 -6.94
C THR A 39 -27.07 4.14 -7.88
N ARG A 40 -27.04 3.63 -9.11
CA ARG A 40 -25.93 3.90 -10.04
C ARG A 40 -25.97 5.32 -10.64
N GLY A 41 -26.50 6.27 -9.89
CA GLY A 41 -26.46 7.65 -10.33
C GLY A 41 -25.13 8.29 -9.98
N TRP A 42 -24.04 7.70 -10.49
CA TRP A 42 -22.70 8.17 -10.18
C TRP A 42 -22.00 8.67 -11.44
N LEU A 43 -20.70 8.94 -11.29
CA LEU A 43 -19.82 9.21 -12.43
C LEU A 43 -19.02 7.94 -12.72
N HIS A 44 -18.16 7.99 -13.72
CA HIS A 44 -17.44 6.79 -14.18
C HIS A 44 -16.71 6.06 -13.04
N PRO A 45 -15.74 6.69 -12.35
CA PRO A 45 -14.99 6.03 -11.27
C PRO A 45 -15.89 5.66 -10.08
N ASN A 46 -16.78 6.58 -9.72
CA ASN A 46 -17.62 6.41 -8.56
C ASN A 46 -18.61 5.28 -8.75
N ASP A 47 -19.10 5.13 -9.97
CA ASP A 47 -20.05 4.08 -10.32
C ASP A 47 -19.45 2.72 -10.00
N LYS A 48 -18.19 2.56 -10.33
CA LYS A 48 -17.51 1.31 -10.14
C LYS A 48 -17.13 1.14 -8.70
N VAL A 49 -16.40 2.11 -8.19
CA VAL A 49 -15.90 2.07 -6.82
C VAL A 49 -17.01 1.76 -5.81
N MET A 50 -18.21 2.23 -6.13
CA MET A 50 -19.38 1.98 -5.29
C MET A 50 -20.07 0.66 -5.66
N GLY A 51 -19.94 0.27 -6.91
CA GLY A 51 -20.53 -0.95 -7.39
C GLY A 51 -19.53 -2.10 -7.54
N PRO A 52 -19.09 -2.39 -8.78
CA PRO A 52 -18.17 -3.50 -9.06
C PRO A 52 -16.73 -3.22 -8.64
N GLY A 53 -16.32 -1.98 -8.74
CA GLY A 53 -14.97 -1.58 -8.39
C GLY A 53 -14.14 -1.24 -9.61
N VAL A 54 -13.38 -0.15 -9.53
CA VAL A 54 -12.46 0.21 -10.61
C VAL A 54 -11.25 -0.72 -10.55
N SER A 55 -10.60 -0.89 -11.67
CA SER A 55 -9.52 -1.86 -11.78
C SER A 55 -8.34 -1.27 -12.54
N TYR A 56 -7.16 -1.39 -11.97
CA TYR A 56 -5.95 -0.87 -12.57
C TYR A 56 -4.92 -1.99 -12.74
N LEU A 57 -3.96 -1.78 -13.62
CA LEU A 57 -2.93 -2.79 -13.86
C LEU A 57 -1.70 -2.47 -13.03
N VAL A 58 -1.26 -3.45 -12.24
CA VAL A 58 -0.14 -3.25 -11.34
C VAL A 58 0.76 -4.48 -11.34
N ARG A 59 1.98 -4.32 -10.86
CA ARG A 59 2.93 -5.42 -10.81
C ARG A 59 3.50 -5.54 -9.40
N TYR A 60 3.24 -6.67 -8.76
CA TYR A 60 3.76 -6.94 -7.43
C TYR A 60 5.27 -6.99 -7.50
N MET A 61 5.91 -6.01 -6.89
CA MET A 61 7.34 -5.90 -6.92
C MET A 61 7.88 -5.71 -5.50
N GLY A 62 8.07 -6.82 -4.79
CA GLY A 62 8.65 -6.77 -3.46
C GLY A 62 7.70 -6.20 -2.42
N CYS A 63 8.05 -6.37 -1.15
CA CYS A 63 7.28 -5.77 -0.08
C CYS A 63 8.16 -5.55 1.14
N VAL A 64 7.82 -4.57 1.94
CA VAL A 64 8.53 -4.34 3.17
C VAL A 64 7.60 -4.53 4.36
N GLU A 65 7.95 -5.46 5.22
CA GLU A 65 7.11 -5.83 6.33
C GLU A 65 7.28 -4.79 7.43
N VAL A 66 6.26 -3.97 7.60
CA VAL A 66 6.30 -2.86 8.55
C VAL A 66 5.45 -3.20 9.78
N LEU A 67 6.08 -3.30 10.94
CA LEU A 67 5.36 -3.66 12.17
C LEU A 67 4.82 -2.42 12.86
N GLN A 68 4.72 -1.34 12.11
CA GLN A 68 4.32 -0.04 12.64
C GLN A 68 3.25 0.56 11.75
N SER A 69 2.83 1.78 12.07
CA SER A 69 1.90 2.53 11.23
C SER A 69 2.09 4.01 11.48
N MET A 70 1.29 4.85 10.84
CA MET A 70 1.44 6.30 10.97
C MET A 70 1.22 6.75 12.41
N ARG A 71 0.19 6.20 13.06
CA ARG A 71 -0.04 6.46 14.49
C ARG A 71 1.16 6.05 15.36
N ALA A 72 2.10 5.29 14.79
CA ALA A 72 3.24 4.80 15.52
C ALA A 72 4.55 5.16 14.83
N LEU A 73 4.49 6.10 13.89
CA LEU A 73 5.67 6.50 13.15
C LEU A 73 5.79 8.01 13.06
N ASP A 74 7.01 8.45 12.81
CA ASP A 74 7.29 9.85 12.63
C ASP A 74 6.80 10.32 11.26
N PHE A 75 6.48 11.60 11.16
CA PHE A 75 5.89 12.14 9.94
C PHE A 75 6.82 12.01 8.75
N ASN A 76 8.13 12.03 8.97
CA ASN A 76 9.09 11.80 7.90
C ASN A 76 9.43 10.33 7.83
N THR A 77 9.63 9.74 9.00
CA THR A 77 9.94 8.33 9.11
C THR A 77 8.96 7.46 8.30
N ARG A 78 7.66 7.71 8.45
CA ARG A 78 6.65 6.93 7.75
C ARG A 78 6.81 7.06 6.24
N THR A 79 7.16 8.24 5.77
CA THR A 79 7.37 8.46 4.36
C THR A 79 8.68 7.82 3.92
N GLN A 80 9.63 7.69 4.86
CA GLN A 80 10.93 7.20 4.51
C GLN A 80 10.88 5.70 4.41
N VAL A 81 10.18 5.08 5.36
CA VAL A 81 10.04 3.64 5.37
C VAL A 81 9.32 3.18 4.11
N THR A 82 8.36 3.97 3.65
CA THR A 82 7.63 3.65 2.43
C THR A 82 8.54 3.82 1.20
N ARG A 83 9.19 4.98 1.11
CA ARG A 83 10.05 5.26 -0.04
C ARG A 83 11.24 4.32 -0.07
N GLU A 84 11.70 3.91 1.11
CA GLU A 84 12.75 2.91 1.23
C GLU A 84 12.36 1.67 0.46
N ALA A 85 11.20 1.12 0.81
CA ALA A 85 10.68 -0.08 0.17
C ALA A 85 10.75 0.04 -1.33
N ILE A 86 10.05 1.04 -1.84
CA ILE A 86 9.96 1.28 -3.26
C ILE A 86 11.35 1.46 -3.88
N SER A 87 12.28 1.95 -3.09
CA SER A 87 13.60 2.32 -3.59
C SER A 87 14.47 1.10 -3.76
N LEU A 88 14.85 0.45 -2.66
CA LEU A 88 15.75 -0.69 -2.73
C LEU A 88 15.11 -1.83 -3.50
N VAL A 89 13.80 -1.86 -3.55
CA VAL A 89 13.09 -2.84 -4.35
C VAL A 89 13.33 -2.57 -5.83
N CYS A 90 12.98 -1.36 -6.28
CA CYS A 90 13.04 -1.02 -7.70
C CYS A 90 14.50 -0.98 -8.17
N GLU A 91 15.42 -0.81 -7.23
CA GLU A 91 16.83 -0.73 -7.57
C GLU A 91 17.54 -2.04 -7.26
N ALA A 92 16.80 -3.13 -7.13
CA ALA A 92 17.41 -4.43 -6.87
C ALA A 92 16.63 -5.58 -7.49
N VAL A 93 15.36 -5.73 -7.11
CA VAL A 93 14.55 -6.83 -7.61
C VAL A 93 14.23 -6.67 -9.10
N PRO A 94 13.88 -7.76 -9.78
CA PRO A 94 13.47 -7.72 -11.18
C PRO A 94 12.05 -7.14 -11.33
N GLY A 95 11.77 -6.60 -12.49
CA GLY A 95 10.46 -6.04 -12.75
C GLY A 95 10.52 -4.55 -12.98
N ALA A 96 11.34 -3.86 -12.19
CA ALA A 96 11.50 -2.42 -12.31
C ALA A 96 11.91 -2.01 -13.71
N LYS A 97 11.39 -0.89 -14.16
CA LYS A 97 11.69 -0.38 -15.49
C LYS A 97 13.09 0.21 -15.53
N GLY A 98 13.49 0.87 -14.45
CA GLY A 98 14.81 1.45 -14.37
C GLY A 98 15.50 1.14 -13.05
N ALA A 99 16.51 0.28 -13.12
CA ALA A 99 17.27 -0.12 -11.93
C ALA A 99 18.77 -0.02 -12.19
N THR A 100 19.45 0.72 -11.33
CA THR A 100 20.90 0.84 -11.41
C THR A 100 21.54 -0.16 -10.45
N ARG A 101 20.69 -0.90 -9.73
CA ARG A 101 21.12 -1.88 -8.74
C ARG A 101 21.88 -1.19 -7.61
N ARG A 102 21.14 -0.57 -6.71
CA ARG A 102 21.73 0.06 -5.54
C ARG A 102 21.14 -0.54 -4.28
N ARG A 103 21.90 -1.42 -3.63
CA ARG A 103 21.51 -1.91 -2.33
C ARG A 103 22.69 -1.83 -1.38
N LYS A 104 22.49 -1.15 -0.26
CA LYS A 104 23.47 -1.13 0.81
C LYS A 104 23.41 -2.44 1.57
N PRO A 105 24.44 -3.29 1.41
CA PRO A 105 24.45 -4.65 1.96
C PRO A 105 24.51 -4.67 3.48
N CYS A 106 25.49 -4.00 4.06
CA CYS A 106 25.64 -3.98 5.51
C CYS A 106 24.92 -2.77 6.09
N SER A 107 23.60 -2.80 6.04
CA SER A 107 22.79 -1.70 6.53
C SER A 107 21.43 -2.19 7.00
N ARG A 108 20.84 -1.45 7.92
CA ARG A 108 19.45 -1.66 8.33
C ARG A 108 18.53 -1.30 7.16
N PRO A 109 17.23 -1.68 7.20
CA PRO A 109 16.29 -1.34 6.11
C PRO A 109 16.31 0.16 5.84
N LEU A 110 16.00 0.94 6.85
CA LEU A 110 16.22 2.37 6.81
C LEU A 110 16.78 2.85 8.15
N SER A 111 16.16 2.40 9.22
CA SER A 111 16.65 2.71 10.56
C SER A 111 16.16 1.65 11.53
N SER A 112 15.82 0.47 11.00
CA SER A 112 15.26 -0.62 11.79
C SER A 112 13.98 -0.16 12.51
N ILE A 113 13.28 0.80 11.89
CA ILE A 113 12.07 1.39 12.46
C ILE A 113 10.92 0.41 12.35
N LEU A 114 10.83 -0.21 11.20
CA LEU A 114 9.77 -1.15 10.89
C LEU A 114 10.29 -2.58 11.04
N GLY A 115 9.65 -3.51 10.35
CA GLY A 115 10.13 -4.88 10.35
C GLY A 115 11.39 -5.02 9.53
N ARG A 116 11.23 -5.18 8.23
CA ARG A 116 12.38 -5.28 7.33
C ARG A 116 11.92 -5.26 5.88
N SER A 117 12.83 -4.98 4.97
CA SER A 117 12.53 -5.01 3.57
C SER A 117 12.57 -6.45 3.05
N ASN A 118 11.41 -7.00 2.74
CA ASN A 118 11.32 -8.38 2.28
C ASN A 118 11.14 -8.43 0.76
N LEU A 119 12.25 -8.42 0.06
CA LEU A 119 12.24 -8.48 -1.40
C LEU A 119 12.05 -9.92 -1.84
N LYS A 120 10.80 -10.39 -1.77
CA LYS A 120 10.48 -11.78 -2.03
C LYS A 120 9.53 -11.93 -3.22
N PHE A 121 8.38 -11.32 -3.12
CA PHE A 121 7.38 -11.43 -4.18
C PHE A 121 7.56 -10.31 -5.19
N ALA A 122 8.45 -10.52 -6.13
CA ALA A 122 8.71 -9.52 -7.16
C ALA A 122 8.55 -10.12 -8.54
N GLY A 123 7.62 -9.58 -9.31
CA GLY A 123 7.39 -10.05 -10.65
C GLY A 123 6.07 -10.79 -10.79
N MET A 124 5.04 -10.29 -10.15
CA MET A 124 3.73 -10.91 -10.27
C MET A 124 2.68 -9.91 -10.74
N PRO A 125 1.98 -10.20 -11.83
CA PRO A 125 0.95 -9.33 -12.37
C PRO A 125 -0.30 -9.29 -11.50
N ILE A 126 -0.76 -8.10 -11.16
CA ILE A 126 -1.95 -7.94 -10.34
C ILE A 126 -2.83 -6.80 -10.86
N THR A 127 -3.96 -6.62 -10.20
CA THR A 127 -4.95 -5.63 -10.61
C THR A 127 -5.48 -4.89 -9.39
N LEU A 128 -5.26 -3.58 -9.35
CA LEU A 128 -5.70 -2.74 -8.25
C LEU A 128 -7.21 -2.55 -8.34
N THR A 129 -7.95 -3.18 -7.45
CA THR A 129 -9.39 -3.06 -7.43
C THR A 129 -9.85 -2.15 -6.30
N VAL A 130 -10.31 -0.96 -6.64
CA VAL A 130 -10.73 0.00 -5.65
C VAL A 130 -12.24 -0.10 -5.40
N SER A 131 -12.60 -0.29 -4.15
CA SER A 131 -13.98 -0.34 -3.74
C SER A 131 -14.19 0.59 -2.55
N THR A 132 -15.37 1.17 -2.45
CA THR A 132 -15.68 2.10 -1.38
C THR A 132 -15.52 1.45 0.00
N SER A 133 -15.57 0.13 0.05
CA SER A 133 -15.39 -0.59 1.31
C SER A 133 -14.33 -1.68 1.16
N SER A 134 -13.55 -1.62 0.10
CA SER A 134 -12.55 -2.65 -0.17
C SER A 134 -11.39 -2.11 -1.00
N LEU A 135 -10.22 -2.65 -0.78
CA LEU A 135 -9.06 -2.27 -1.57
C LEU A 135 -8.19 -3.51 -1.77
N ASN A 136 -8.61 -4.35 -2.69
CA ASN A 136 -7.97 -5.62 -2.92
C ASN A 136 -7.36 -5.67 -4.31
N LEU A 137 -6.38 -6.53 -4.47
CA LEU A 137 -5.71 -6.68 -5.76
C LEU A 137 -5.97 -8.06 -6.32
N MET A 138 -6.45 -8.10 -7.54
CA MET A 138 -6.71 -9.37 -8.20
C MET A 138 -5.46 -9.82 -8.92
N ALA A 139 -4.92 -10.97 -8.52
CA ALA A 139 -3.73 -11.51 -9.17
C ALA A 139 -4.01 -11.88 -10.61
N ALA A 140 -3.42 -11.14 -11.54
CA ALA A 140 -3.56 -11.42 -12.96
C ALA A 140 -2.74 -12.65 -13.32
N ASP A 141 -1.96 -13.09 -12.34
CA ASP A 141 -1.25 -14.37 -12.37
C ASP A 141 -2.26 -15.53 -12.35
N CYS A 142 -3.53 -15.18 -12.13
CA CYS A 142 -4.63 -16.15 -12.06
C CYS A 142 -4.45 -17.01 -10.81
N LYS A 143 -3.95 -16.37 -9.77
CA LYS A 143 -3.64 -17.03 -8.52
C LYS A 143 -4.87 -16.98 -7.61
N GLN A 144 -5.22 -15.77 -7.22
CA GLN A 144 -6.37 -15.51 -6.38
C GLN A 144 -6.47 -14.02 -6.16
N ILE A 145 -7.20 -13.61 -5.14
CA ILE A 145 -7.31 -12.20 -4.83
C ILE A 145 -6.57 -11.89 -3.54
N ILE A 146 -5.64 -10.96 -3.62
CA ILE A 146 -4.83 -10.61 -2.47
C ILE A 146 -5.27 -9.27 -1.88
N ALA A 147 -4.53 -8.82 -0.86
CA ALA A 147 -4.80 -7.56 -0.18
C ALA A 147 -6.08 -7.65 0.66
N ASN A 148 -6.60 -6.51 1.05
CA ASN A 148 -7.72 -6.47 1.99
C ASN A 148 -9.05 -6.26 1.30
N HIS A 149 -10.04 -7.04 1.70
CA HIS A 149 -11.40 -6.87 1.19
C HIS A 149 -12.16 -5.88 2.06
N HIS A 150 -11.42 -4.99 2.71
CA HIS A 150 -12.01 -3.99 3.57
C HIS A 150 -11.14 -2.75 3.58
N MET A 151 -11.76 -1.58 3.68
CA MET A 151 -11.02 -0.32 3.66
C MET A 151 -10.48 -0.01 5.05
N GLN A 152 -11.19 -0.45 6.08
CA GLN A 152 -10.81 -0.16 7.47
C GLN A 152 -9.64 -1.00 7.95
N SER A 153 -8.96 -1.65 7.04
CA SER A 153 -7.83 -2.47 7.41
C SER A 153 -6.59 -2.12 6.58
N ILE A 154 -6.55 -0.90 6.05
CA ILE A 154 -5.41 -0.43 5.31
C ILE A 154 -4.54 0.46 6.20
N SER A 155 -3.58 1.15 5.61
CA SER A 155 -2.74 2.06 6.38
C SER A 155 -2.40 3.32 5.59
N PHE A 156 -1.55 3.19 4.58
CA PHE A 156 -1.18 4.32 3.74
C PHE A 156 -0.70 3.84 2.38
N ALA A 157 -0.49 4.76 1.45
CA ALA A 157 -0.12 4.39 0.09
C ALA A 157 0.69 5.50 -0.57
N SER A 158 1.77 5.12 -1.21
CA SER A 158 2.64 6.07 -1.87
C SER A 158 2.26 6.18 -3.33
N GLY A 159 1.97 7.40 -3.77
CA GLY A 159 1.55 7.61 -5.13
C GLY A 159 1.33 9.08 -5.42
N GLY A 160 0.50 9.37 -6.41
CA GLY A 160 0.26 10.74 -6.80
C GLY A 160 1.16 11.15 -7.93
N ASP A 161 1.99 12.15 -7.68
CA ASP A 161 3.02 12.55 -8.65
C ASP A 161 4.31 12.94 -7.91
N PRO A 162 4.89 12.01 -7.13
CA PRO A 162 6.11 12.28 -6.38
C PRO A 162 7.38 11.88 -7.13
N ASP A 163 8.49 11.84 -6.41
CA ASP A 163 9.79 11.48 -6.97
C ASP A 163 9.75 10.11 -7.61
N THR A 164 8.97 9.24 -7.01
CA THR A 164 8.88 7.87 -7.46
C THR A 164 7.53 7.60 -8.12
N ALA A 165 6.95 8.64 -8.72
CA ALA A 165 5.62 8.55 -9.35
C ALA A 165 5.50 7.35 -10.32
N GLU A 166 6.62 6.90 -10.88
CA GLU A 166 6.59 5.79 -11.84
C GLU A 166 6.40 4.45 -11.12
N TYR A 167 6.65 4.42 -9.83
CA TYR A 167 6.47 3.20 -9.03
C TYR A 167 5.55 3.49 -7.87
N VAL A 168 4.50 2.72 -7.74
CA VAL A 168 3.49 2.99 -6.75
C VAL A 168 3.65 2.05 -5.58
N ALA A 169 3.02 2.35 -4.46
CA ALA A 169 3.10 1.48 -3.30
C ALA A 169 1.87 1.63 -2.43
N TYR A 170 1.44 0.54 -1.84
CA TYR A 170 0.35 0.58 -0.89
C TYR A 170 0.69 -0.31 0.31
N VAL A 171 0.50 0.21 1.49
CA VAL A 171 0.76 -0.56 2.69
C VAL A 171 -0.51 -0.70 3.51
N ALA A 172 -0.82 -1.94 3.83
CA ALA A 172 -2.06 -2.26 4.51
C ALA A 172 -1.84 -3.46 5.42
N LYS A 173 -2.88 -3.85 6.16
CA LYS A 173 -2.80 -5.01 7.04
C LYS A 173 -2.50 -6.25 6.21
N ASP A 174 -1.46 -6.98 6.59
CA ASP A 174 -0.96 -8.09 5.79
C ASP A 174 -1.17 -9.41 6.52
N PRO A 175 -1.85 -10.37 5.88
CA PRO A 175 -2.20 -11.65 6.48
C PRO A 175 -1.00 -12.61 6.60
N VAL A 176 0.13 -12.22 6.04
CA VAL A 176 1.33 -13.04 6.12
C VAL A 176 2.07 -12.78 7.43
N ASN A 177 1.93 -11.56 7.96
CA ASN A 177 2.55 -11.21 9.23
C ASN A 177 1.73 -10.18 10.02
N GLN A 178 1.91 -8.91 9.72
CA GLN A 178 1.22 -7.84 10.43
C GLN A 178 0.62 -6.85 9.44
N ARG A 179 1.46 -6.00 8.89
CA ARG A 179 1.07 -5.11 7.81
C ARG A 179 2.30 -4.86 6.94
N ALA A 180 2.10 -4.71 5.65
CA ALA A 180 3.23 -4.66 4.74
C ALA A 180 3.06 -3.60 3.66
N CYS A 181 4.18 -2.99 3.32
CA CYS A 181 4.24 -2.02 2.22
C CYS A 181 4.51 -2.77 0.92
N HIS A 182 3.50 -2.85 0.07
CA HIS A 182 3.62 -3.57 -1.20
C HIS A 182 3.87 -2.57 -2.33
N ILE A 183 4.87 -2.84 -3.17
CA ILE A 183 5.22 -1.93 -4.24
C ILE A 183 4.69 -2.43 -5.59
N LEU A 184 4.06 -1.54 -6.35
CA LEU A 184 3.47 -1.87 -7.63
C LEU A 184 4.28 -1.26 -8.76
N GLU A 185 4.63 -2.07 -9.74
CA GLU A 185 5.33 -1.60 -10.92
C GLU A 185 4.35 -1.54 -12.10
N CYS A 186 4.71 -0.77 -13.13
CA CYS A 186 3.86 -0.60 -14.30
C CYS A 186 2.49 -0.06 -13.90
N PRO A 187 2.45 1.15 -13.30
CA PRO A 187 1.22 1.73 -12.76
C PRO A 187 0.22 2.13 -13.83
N GLU A 188 0.71 2.66 -14.94
CA GLU A 188 -0.14 3.09 -16.04
C GLU A 188 -0.93 4.33 -15.62
N GLY A 189 -0.39 5.05 -14.63
CA GLY A 189 -1.07 6.22 -14.10
C GLY A 189 -1.85 5.90 -12.85
N LEU A 190 -1.86 4.63 -12.46
CA LEU A 190 -2.60 4.18 -11.29
C LEU A 190 -2.22 4.97 -10.06
N ALA A 191 -0.99 5.45 -10.00
CA ALA A 191 -0.51 6.21 -8.84
C ALA A 191 -1.52 7.29 -8.44
N GLN A 192 -1.58 8.34 -9.22
CA GLN A 192 -2.47 9.45 -8.95
C GLN A 192 -3.93 9.03 -9.09
N ASP A 193 -4.19 8.06 -9.96
CA ASP A 193 -5.55 7.65 -10.25
C ASP A 193 -6.18 6.96 -9.05
N VAL A 194 -5.54 5.89 -8.56
CA VAL A 194 -6.06 5.16 -7.42
C VAL A 194 -6.13 6.06 -6.19
N ILE A 195 -5.13 6.93 -6.04
CA ILE A 195 -5.11 7.84 -4.91
C ILE A 195 -6.33 8.77 -4.96
N SER A 196 -6.58 9.32 -6.15
CA SER A 196 -7.73 10.17 -6.37
C SER A 196 -9.03 9.38 -6.13
N THR A 197 -9.11 8.19 -6.72
CA THR A 197 -10.29 7.35 -6.61
C THR A 197 -10.58 6.92 -5.17
N ILE A 198 -9.60 6.29 -4.53
CA ILE A 198 -9.75 5.83 -3.15
C ILE A 198 -10.10 6.99 -2.22
N GLY A 199 -9.44 8.13 -2.45
CA GLY A 199 -9.76 9.33 -1.69
C GLY A 199 -11.18 9.80 -1.95
N GLN A 200 -11.53 9.91 -3.23
CA GLN A 200 -12.87 10.31 -3.67
C GLN A 200 -13.93 9.44 -3.02
N ALA A 201 -13.77 8.13 -3.15
CA ALA A 201 -14.73 7.17 -2.64
C ALA A 201 -14.88 7.30 -1.13
N PHE A 202 -13.78 7.16 -0.40
CA PHE A 202 -13.84 7.16 1.04
C PHE A 202 -14.19 8.54 1.59
N GLU A 203 -14.06 9.57 0.76
CA GLU A 203 -14.48 10.92 1.14
C GLU A 203 -15.99 10.98 1.27
N LEU A 204 -16.70 10.12 0.53
CA LEU A 204 -18.15 10.06 0.63
C LEU A 204 -18.55 9.10 1.74
N ARG A 205 -17.57 8.43 2.30
CA ARG A 205 -17.77 7.47 3.38
C ARG A 205 -16.89 7.82 4.56
N PHE A 206 -16.61 9.11 4.73
CA PHE A 206 -15.62 9.57 5.69
C PHE A 206 -16.19 9.60 7.11
N LYS A 207 -15.30 9.57 8.08
CA LYS A 207 -15.68 9.65 9.47
C LYS A 207 -15.32 11.03 10.02
N GLN A 208 -16.30 11.71 10.59
CA GLN A 208 -16.15 13.11 11.00
C GLN A 208 -15.49 13.20 12.36
N TYR A 209 -15.63 12.15 13.15
CA TYR A 209 -15.14 12.11 14.52
C TYR A 209 -13.62 12.28 14.61
N LEU A 210 -12.94 12.01 13.51
CA LEU A 210 -11.48 11.95 13.52
C LEU A 210 -10.90 12.32 12.15
N ARG A 211 -9.58 12.10 12.03
CA ARG A 211 -8.78 12.41 10.83
C ARG A 211 -8.41 13.89 10.85
N ARG B 1 19.22 10.95 14.22
CA ARG B 1 19.16 11.43 12.81
C ARG B 1 20.05 12.65 12.62
N ALA B 2 20.62 12.77 11.43
CA ALA B 2 21.52 13.88 11.12
C ALA B 2 20.78 14.99 10.37
N LYS B 3 19.89 14.58 9.48
CA LYS B 3 19.08 15.53 8.74
C LYS B 3 17.65 15.50 9.26
N TRP B 4 16.69 15.99 8.47
CA TRP B 4 15.28 15.92 8.87
C TRP B 4 14.82 14.47 8.88
N ASP B 5 15.53 13.65 8.11
CA ASP B 5 15.26 12.22 8.05
C ASP B 5 16.16 11.47 9.03
N THR B 6 15.88 10.20 9.21
CA THR B 6 16.65 9.37 10.13
C THR B 6 18.00 8.94 9.52
N ALA B 7 18.05 8.78 8.19
CA ALA B 7 19.24 8.25 7.52
C ALA B 7 19.11 8.40 6.01
N ASN B 8 20.21 8.17 5.28
CA ASN B 8 20.23 8.41 3.84
C ASN B 8 21.39 7.68 3.14
N ASN B 9 21.05 7.03 2.03
CA ASN B 9 22.02 6.42 1.11
C ASN B 9 21.20 5.83 -0.04
N PRO B 10 21.84 5.41 -1.16
CA PRO B 10 21.10 4.75 -2.26
C PRO B 10 20.42 3.46 -1.81
N LEU B 11 19.24 3.63 -1.22
CA LEU B 11 18.42 2.55 -0.70
C LEU B 11 17.25 3.15 0.05
N LYS B 13 15.74 6.81 1.78
CA LYS B 13 15.61 8.26 1.84
C LYS B 13 14.16 8.62 1.56
N GLU B 14 13.61 9.53 2.34
CA GLU B 14 12.26 10.03 2.13
C GLU B 14 12.22 10.83 0.83
N ALA B 15 11.34 10.41 -0.09
CA ALA B 15 11.21 11.08 -1.38
C ALA B 15 9.95 10.63 -2.09
N THR B 16 8.82 10.96 -1.50
CA THR B 16 7.51 10.62 -2.08
C THR B 16 6.39 11.06 -1.14
N SER B 17 5.16 10.73 -1.50
CA SER B 17 4.01 11.04 -0.66
C SER B 17 3.18 9.79 -0.45
N THR B 18 3.09 9.35 0.81
CA THR B 18 2.35 8.14 1.12
C THR B 18 1.26 8.43 2.15
N PHE B 19 0.02 8.15 1.78
CA PHE B 19 -1.14 8.40 2.62
C PHE B 19 -2.35 7.71 2.03
N THR B 20 -3.50 7.84 2.71
CA THR B 20 -4.76 7.35 2.20
C THR B 20 -5.90 8.19 2.75
N ASN B 21 -6.28 7.89 3.99
CA ASN B 21 -7.35 8.61 4.69
C ASN B 21 -7.43 8.04 6.11
N ILE B 22 -8.51 8.33 6.83
CA ILE B 22 -8.67 7.78 8.17
C ILE B 22 -8.96 6.28 8.13
N THR B 23 -8.00 5.51 8.63
CA THR B 23 -8.19 4.08 8.79
C THR B 23 -7.35 3.58 9.96
N ARG B 25 -4.73 5.71 11.19
CA ARG B 25 -4.23 6.90 11.85
C ARG B 25 -4.99 8.12 11.35
N GLY B 26 -5.48 8.94 12.28
CA GLY B 26 -6.06 10.20 11.92
C GLY B 26 -4.98 11.25 11.78
N THR B 27 -4.93 11.91 10.64
CA THR B 27 -3.88 12.88 10.37
C THR B 27 -4.41 13.98 9.47
N GLY A 21 -1.49 -26.97 27.63
CA GLY A 21 -2.40 -25.82 27.47
C GLY A 21 -3.69 -26.22 26.77
N GLN A 22 -4.45 -25.22 26.34
CA GLN A 22 -5.72 -25.47 25.68
C GLN A 22 -5.80 -24.70 24.38
N LEU A 23 -5.77 -25.39 23.28
CA LEU A 23 -5.89 -24.75 21.99
C LEU A 23 -7.19 -25.19 21.33
N GLY A 24 -8.27 -24.51 21.70
CA GLY A 24 -9.57 -24.84 21.16
C GLY A 24 -10.44 -23.60 21.06
N GLY A 25 -9.77 -22.46 20.92
CA GLY A 25 -10.47 -21.20 20.79
C GLY A 25 -9.73 -20.29 19.83
N GLU A 26 -10.28 -20.11 18.65
CA GLU A 26 -9.60 -19.37 17.61
C GLU A 26 -10.41 -18.14 17.24
N GLU A 27 -9.84 -17.32 16.38
CA GLU A 27 -10.55 -16.17 15.85
C GLU A 27 -10.90 -16.41 14.39
N TRP A 28 -12.18 -16.59 14.13
CA TRP A 28 -12.64 -16.88 12.77
C TRP A 28 -13.31 -15.66 12.17
N THR A 29 -13.24 -14.56 12.86
CA THR A 29 -13.99 -13.39 12.49
C THR A 29 -13.09 -12.27 11.98
N ARG A 30 -12.44 -12.56 10.87
CA ARG A 30 -11.65 -11.57 10.16
C ARG A 30 -12.31 -11.30 8.81
N HIS A 31 -13.51 -11.85 8.68
CA HIS A 31 -14.33 -11.68 7.48
C HIS A 31 -15.51 -10.77 7.81
N GLY A 32 -15.44 -9.53 7.36
CA GLY A 32 -16.51 -8.58 7.62
C GLY A 32 -16.67 -7.59 6.51
N SER A 33 -17.65 -7.81 5.65
CA SER A 33 -17.92 -6.92 4.53
C SER A 33 -18.97 -5.89 4.90
N PHE A 34 -18.77 -4.65 4.47
CA PHE A 34 -19.74 -3.60 4.71
C PHE A 34 -20.66 -3.47 3.50
N VAL A 35 -21.86 -4.01 3.62
CA VAL A 35 -22.80 -4.02 2.52
C VAL A 35 -23.90 -2.97 2.72
N ASN A 36 -23.79 -1.88 1.99
CA ASN A 36 -24.77 -0.81 2.02
C ASN A 36 -24.48 0.17 0.89
N LYS A 37 -25.47 0.98 0.52
CA LYS A 37 -25.33 1.88 -0.61
C LYS A 37 -25.33 3.34 -0.12
N PRO A 38 -24.29 4.10 -0.48
CA PRO A 38 -24.16 5.50 -0.09
C PRO A 38 -24.92 6.44 -1.02
N THR A 39 -24.53 6.44 -2.29
CA THR A 39 -25.09 7.36 -3.27
C THR A 39 -25.21 6.68 -4.62
N ARG A 40 -26.25 7.00 -5.38
CA ARG A 40 -26.40 6.46 -6.73
C ARG A 40 -26.13 7.54 -7.76
N GLY A 41 -25.81 8.74 -7.28
CA GLY A 41 -25.41 9.80 -8.17
C GLY A 41 -23.93 9.68 -8.49
N TRP A 42 -23.55 8.50 -8.97
CA TRP A 42 -22.15 8.18 -9.18
C TRP A 42 -21.77 8.29 -10.64
N LEU A 43 -20.49 8.10 -10.88
CA LEU A 43 -19.94 8.08 -12.22
C LEU A 43 -19.36 6.70 -12.47
N HIS A 44 -18.76 6.49 -13.63
CA HIS A 44 -18.26 5.17 -14.02
C HIS A 44 -17.38 4.52 -12.95
N PRO A 45 -16.29 5.19 -12.48
CA PRO A 45 -15.44 4.63 -11.43
C PRO A 45 -16.16 4.48 -10.08
N ASN A 46 -16.94 5.49 -9.72
CA ASN A 46 -17.64 5.50 -8.42
C ASN A 46 -18.67 4.37 -8.38
N ASP A 47 -19.27 4.12 -9.53
CA ASP A 47 -20.22 3.02 -9.70
C ASP A 47 -19.62 1.71 -9.21
N LYS A 48 -18.36 1.50 -9.57
CA LYS A 48 -17.67 0.27 -9.22
C LYS A 48 -17.19 0.31 -7.80
N VAL A 49 -16.46 1.36 -7.47
CA VAL A 49 -15.88 1.49 -6.14
C VAL A 49 -16.94 1.34 -5.05
N MET A 50 -18.16 1.76 -5.37
CA MET A 50 -19.29 1.65 -4.45
C MET A 50 -20.06 0.37 -4.68
N GLY A 51 -19.91 -0.19 -5.87
CA GLY A 51 -20.51 -1.48 -6.19
C GLY A 51 -19.50 -2.61 -6.15
N PRO A 52 -19.12 -3.16 -7.32
CA PRO A 52 -18.13 -4.24 -7.41
C PRO A 52 -16.72 -3.77 -7.06
N GLY A 53 -16.22 -2.80 -7.81
CA GLY A 53 -14.90 -2.25 -7.57
C GLY A 53 -14.16 -1.99 -8.86
N VAL A 54 -13.39 -0.90 -8.91
CA VAL A 54 -12.57 -0.60 -10.07
C VAL A 54 -11.32 -1.45 -10.02
N SER A 55 -10.65 -1.61 -11.15
CA SER A 55 -9.50 -2.48 -11.23
C SER A 55 -8.41 -1.88 -12.10
N TYR A 56 -7.20 -1.86 -11.57
CA TYR A 56 -6.04 -1.30 -12.27
C TYR A 56 -4.99 -2.38 -12.50
N LEU A 57 -4.12 -2.15 -13.47
CA LEU A 57 -3.04 -3.09 -13.77
C LEU A 57 -1.79 -2.77 -12.96
N VAL A 58 -1.30 -3.74 -12.20
CA VAL A 58 -0.15 -3.53 -11.34
C VAL A 58 0.78 -4.75 -11.40
N ARG A 59 2.05 -4.56 -11.04
CA ARG A 59 2.99 -5.66 -11.02
C ARG A 59 3.63 -5.79 -9.65
N TYR A 60 3.42 -6.95 -9.02
CA TYR A 60 3.98 -7.24 -7.71
C TYR A 60 5.50 -7.27 -7.83
N MET A 61 6.15 -6.32 -7.20
CA MET A 61 7.59 -6.23 -7.22
C MET A 61 8.14 -6.04 -5.81
N GLY A 62 8.34 -7.16 -5.12
CA GLY A 62 8.91 -7.12 -3.78
C GLY A 62 7.93 -6.66 -2.73
N CYS A 63 8.27 -6.86 -1.47
CA CYS A 63 7.45 -6.35 -0.38
C CYS A 63 8.30 -6.00 0.82
N VAL A 64 7.78 -5.18 1.70
CA VAL A 64 8.46 -4.87 2.94
C VAL A 64 7.51 -5.07 4.10
N GLU A 65 7.94 -5.91 5.03
CA GLU A 65 7.13 -6.32 6.14
C GLU A 65 7.23 -5.25 7.23
N VAL A 66 6.17 -4.48 7.40
CA VAL A 66 6.17 -3.34 8.32
C VAL A 66 5.22 -3.60 9.50
N LEU A 67 5.76 -3.66 10.71
CA LEU A 67 4.95 -3.95 11.89
C LEU A 67 4.56 -2.66 12.61
N GLN A 68 4.65 -1.55 11.89
CA GLN A 68 4.36 -0.24 12.46
C GLN A 68 3.18 0.39 11.74
N SER A 69 2.43 1.22 12.44
CA SER A 69 1.24 1.84 11.87
C SER A 69 1.50 3.32 11.57
N MET A 70 0.55 3.95 10.88
CA MET A 70 0.66 5.38 10.55
C MET A 70 0.81 6.19 11.82
N ARG A 71 -0.19 6.06 12.69
CA ARG A 71 -0.18 6.67 14.02
C ARG A 71 1.11 6.40 14.79
N ALA A 72 1.79 5.31 14.45
CA ALA A 72 2.97 4.88 15.19
C ALA A 72 4.25 5.20 14.43
N LEU A 73 4.16 5.98 13.37
CA LEU A 73 5.33 6.35 12.59
C LEU A 73 5.50 7.86 12.50
N ASP A 74 6.74 8.26 12.28
CA ASP A 74 7.10 9.67 12.14
C ASP A 74 6.73 10.18 10.76
N PHE A 75 6.56 11.50 10.63
CA PHE A 75 6.14 12.13 9.39
C PHE A 75 7.04 11.75 8.22
N ASN A 76 8.35 11.82 8.44
CA ASN A 76 9.31 11.46 7.39
C ASN A 76 9.53 9.96 7.40
N THR A 77 9.55 9.39 8.60
CA THR A 77 9.76 7.97 8.78
C THR A 77 8.79 7.14 7.93
N ARG A 78 7.50 7.48 7.99
CA ARG A 78 6.49 6.75 7.23
C ARG A 78 6.78 6.85 5.73
N THR A 79 7.27 8.00 5.31
CA THR A 79 7.60 8.24 3.92
C THR A 79 8.90 7.52 3.55
N GLN A 80 9.76 7.32 4.54
CA GLN A 80 11.07 6.77 4.29
C GLN A 80 10.93 5.27 4.16
N VAL A 81 10.16 4.69 5.08
CA VAL A 81 9.92 3.26 5.07
C VAL A 81 9.19 2.82 3.80
N THR A 82 8.27 3.66 3.33
CA THR A 82 7.53 3.35 2.10
C THR A 82 8.44 3.47 0.88
N ARG A 83 9.08 4.64 0.72
CA ARG A 83 9.91 4.87 -0.45
C ARG A 83 11.11 3.94 -0.43
N GLU A 84 11.65 3.64 0.75
CA GLU A 84 12.72 2.66 0.87
C GLU A 84 12.33 1.39 0.16
N ALA A 85 11.16 0.85 0.53
CA ALA A 85 10.67 -0.38 -0.07
C ALA A 85 10.73 -0.28 -1.58
N ILE A 86 10.06 0.72 -2.11
CA ILE A 86 10.03 0.96 -3.54
C ILE A 86 11.45 1.19 -4.08
N SER A 87 12.32 1.73 -3.24
CA SER A 87 13.66 2.13 -3.65
C SER A 87 14.58 0.92 -3.81
N LEU A 88 14.92 0.28 -2.69
CA LEU A 88 15.85 -0.83 -2.73
C LEU A 88 15.28 -1.99 -3.53
N VAL A 89 13.96 -2.08 -3.63
CA VAL A 89 13.32 -3.07 -4.47
C VAL A 89 13.60 -2.76 -5.94
N CYS A 90 13.23 -1.55 -6.37
CA CYS A 90 13.34 -1.19 -7.79
C CYS A 90 14.81 -1.14 -8.23
N GLU A 91 15.70 -0.89 -7.27
CA GLU A 91 17.12 -0.75 -7.59
C GLU A 91 17.84 -2.07 -7.36
N ALA A 92 17.11 -3.15 -7.20
CA ALA A 92 17.74 -4.45 -7.00
C ALA A 92 16.96 -5.59 -7.67
N VAL A 93 15.71 -5.79 -7.29
CA VAL A 93 14.94 -6.91 -7.83
C VAL A 93 14.60 -6.68 -9.30
N PRO A 94 14.29 -7.75 -10.04
CA PRO A 94 13.86 -7.65 -11.43
C PRO A 94 12.43 -7.11 -11.53
N GLY A 95 12.13 -6.47 -12.64
CA GLY A 95 10.81 -5.91 -12.83
C GLY A 95 10.85 -4.42 -13.11
N ALA A 96 11.64 -3.69 -12.33
CA ALA A 96 11.75 -2.24 -12.47
C ALA A 96 12.29 -1.85 -13.84
N LYS A 97 11.85 -0.69 -14.31
CA LYS A 97 12.34 -0.17 -15.58
C LYS A 97 13.74 0.38 -15.42
N GLY A 98 13.93 1.26 -14.44
CA GLY A 98 15.22 1.87 -14.24
C GLY A 98 15.85 1.47 -12.92
N ALA A 99 16.84 0.58 -13.00
CA ALA A 99 17.62 0.19 -11.84
C ALA A 99 19.09 0.41 -12.12
N THR A 100 19.81 0.89 -11.13
CA THR A 100 21.24 1.11 -11.26
C THR A 100 21.99 0.22 -10.26
N ARG A 101 21.21 -0.60 -9.53
CA ARG A 101 21.72 -1.45 -8.46
C ARG A 101 22.18 -0.60 -7.29
N ARG A 102 21.28 -0.41 -6.34
CA ARG A 102 21.62 0.27 -5.10
C ARG A 102 21.20 -0.58 -3.91
N ARG A 103 22.18 -1.22 -3.30
CA ARG A 103 21.97 -1.94 -2.07
C ARG A 103 23.08 -1.61 -1.09
N LYS A 104 22.72 -0.94 0.00
CA LYS A 104 23.67 -0.67 1.06
C LYS A 104 24.06 -1.98 1.73
N PRO A 105 25.34 -2.35 1.60
CA PRO A 105 25.85 -3.68 1.97
C PRO A 105 25.59 -4.03 3.43
N CYS A 106 26.14 -3.26 4.33
CA CYS A 106 25.96 -3.52 5.75
C CYS A 106 24.95 -2.55 6.34
N SER A 107 23.68 -2.84 6.15
CA SER A 107 22.62 -1.96 6.61
C SER A 107 21.41 -2.73 7.11
N ARG A 108 20.42 -1.98 7.55
CA ARG A 108 19.18 -2.51 8.10
C ARG A 108 18.06 -2.29 7.05
N PRO A 109 16.74 -2.59 7.31
CA PRO A 109 15.73 -2.44 6.24
C PRO A 109 15.62 -0.99 5.80
N LEU A 110 15.86 -0.10 6.75
CA LEU A 110 16.15 1.29 6.47
C LEU A 110 16.73 1.92 7.72
N SER A 111 15.99 1.85 8.81
CA SER A 111 16.42 2.44 10.06
C SER A 111 15.90 1.61 11.23
N SER A 112 15.65 0.33 10.95
CA SER A 112 15.11 -0.61 11.94
C SER A 112 13.80 -0.09 12.52
N ILE A 113 13.04 0.61 11.69
CA ILE A 113 11.78 1.21 12.14
C ILE A 113 10.66 0.18 12.07
N LEU A 114 10.52 -0.39 10.89
CA LEU A 114 9.50 -1.39 10.63
C LEU A 114 10.07 -2.79 10.80
N GLY A 115 9.44 -3.77 10.18
CA GLY A 115 9.96 -5.14 10.24
C GLY A 115 11.25 -5.28 9.46
N ARG A 116 11.14 -5.54 8.16
CA ARG A 116 12.32 -5.67 7.31
C ARG A 116 11.90 -5.69 5.85
N SER A 117 12.83 -5.34 4.97
CA SER A 117 12.56 -5.33 3.55
C SER A 117 12.74 -6.73 2.98
N ASN A 118 11.65 -7.28 2.46
CA ASN A 118 11.66 -8.66 1.99
C ASN A 118 11.46 -8.72 0.48
N LEU A 119 12.56 -8.68 -0.23
CA LEU A 119 12.53 -8.72 -1.68
C LEU A 119 12.38 -10.16 -2.16
N LYS A 120 11.16 -10.69 -2.05
CA LYS A 120 10.90 -12.08 -2.36
C LYS A 120 9.95 -12.24 -3.54
N PHE A 121 8.75 -11.72 -3.42
CA PHE A 121 7.77 -11.84 -4.47
C PHE A 121 7.89 -10.70 -5.47
N ALA A 122 8.66 -10.94 -6.51
CA ALA A 122 8.89 -9.91 -7.52
C ALA A 122 8.68 -10.46 -8.93
N GLY A 123 7.83 -9.80 -9.68
CA GLY A 123 7.56 -10.20 -11.04
C GLY A 123 6.27 -10.98 -11.19
N MET A 124 5.21 -10.47 -10.58
CA MET A 124 3.90 -11.12 -10.70
C MET A 124 2.83 -10.11 -11.09
N PRO A 125 2.09 -10.36 -12.18
CA PRO A 125 1.01 -9.48 -12.63
C PRO A 125 -0.19 -9.52 -11.68
N ILE A 126 -0.65 -8.35 -11.25
CA ILE A 126 -1.79 -8.25 -10.36
C ILE A 126 -2.75 -7.14 -10.79
N THR A 127 -3.82 -6.99 -10.04
CA THR A 127 -4.88 -6.07 -10.39
C THR A 127 -5.39 -5.32 -9.15
N LEU A 128 -5.18 -4.02 -9.13
CA LEU A 128 -5.58 -3.19 -8.00
C LEU A 128 -7.09 -3.00 -8.01
N THR A 129 -7.79 -3.66 -7.09
CA THR A 129 -9.23 -3.55 -7.03
C THR A 129 -9.65 -2.61 -5.90
N VAL A 130 -10.15 -1.44 -6.27
CA VAL A 130 -10.55 -0.43 -5.31
C VAL A 130 -12.04 -0.53 -5.00
N SER A 131 -12.37 -0.64 -3.72
CA SER A 131 -13.74 -0.74 -3.29
C SER A 131 -13.94 0.06 -2.00
N THR A 132 -15.12 0.63 -1.82
CA THR A 132 -15.43 1.43 -0.65
C THR A 132 -15.38 0.59 0.64
N SER A 133 -15.30 -0.73 0.48
CA SER A 133 -15.18 -1.62 1.62
C SER A 133 -14.00 -2.58 1.42
N SER A 134 -13.30 -2.46 0.30
CA SER A 134 -12.29 -3.45 -0.06
C SER A 134 -11.11 -2.81 -0.79
N LEU A 135 -9.92 -3.35 -0.59
CA LEU A 135 -8.75 -2.90 -1.32
C LEU A 135 -7.83 -4.09 -1.55
N ASN A 136 -8.30 -5.00 -2.39
CA ASN A 136 -7.59 -6.25 -2.63
C ASN A 136 -7.02 -6.27 -4.03
N LEU A 137 -6.00 -7.08 -4.24
CA LEU A 137 -5.40 -7.20 -5.56
C LEU A 137 -5.61 -8.59 -6.12
N MET A 138 -6.15 -8.66 -7.31
CA MET A 138 -6.38 -9.93 -7.96
C MET A 138 -5.16 -10.29 -8.80
N ALA A 139 -4.54 -11.42 -8.50
CA ALA A 139 -3.40 -11.86 -9.27
C ALA A 139 -3.80 -12.17 -10.70
N ALA A 140 -3.34 -11.33 -11.64
CA ALA A 140 -3.70 -11.47 -13.04
C ALA A 140 -3.06 -12.71 -13.63
N ASP A 141 -2.11 -13.25 -12.88
CA ASP A 141 -1.46 -14.51 -13.21
C ASP A 141 -2.45 -15.67 -13.06
N CYS A 142 -3.65 -15.35 -12.55
CA CYS A 142 -4.70 -16.34 -12.31
C CYS A 142 -4.28 -17.27 -11.17
N LYS A 143 -3.55 -16.70 -10.22
CA LYS A 143 -3.04 -17.46 -9.09
C LYS A 143 -4.10 -17.52 -8.01
N GLN A 144 -4.47 -16.33 -7.52
CA GLN A 144 -5.51 -16.17 -6.52
C GLN A 144 -5.69 -14.69 -6.23
N ILE A 145 -6.31 -14.38 -5.11
CA ILE A 145 -6.48 -12.99 -4.72
C ILE A 145 -5.64 -12.69 -3.49
N ILE A 146 -4.84 -11.64 -3.57
CA ILE A 146 -3.98 -11.25 -2.47
C ILE A 146 -4.51 -9.98 -1.82
N ALA A 147 -3.80 -9.49 -0.81
CA ALA A 147 -4.20 -8.30 -0.06
C ALA A 147 -5.51 -8.55 0.69
N ASN A 148 -6.10 -7.49 1.22
CA ASN A 148 -7.31 -7.64 2.00
C ASN A 148 -8.45 -6.83 1.39
N HIS A 149 -9.59 -7.48 1.21
CA HIS A 149 -10.78 -6.79 0.76
C HIS A 149 -11.50 -6.18 1.96
N HIS A 150 -10.77 -5.32 2.66
CA HIS A 150 -11.29 -4.66 3.84
C HIS A 150 -10.63 -3.30 3.99
N MET A 151 -11.25 -2.28 3.39
CA MET A 151 -10.67 -0.93 3.35
C MET A 151 -10.31 -0.41 4.73
N GLN A 152 -11.06 -0.83 5.73
CA GLN A 152 -10.82 -0.42 7.11
C GLN A 152 -9.44 -0.86 7.60
N SER A 153 -8.91 -1.88 6.94
CA SER A 153 -7.72 -2.54 7.42
C SER A 153 -6.50 -2.19 6.57
N ILE A 154 -6.43 -0.95 6.11
CA ILE A 154 -5.28 -0.51 5.32
C ILE A 154 -4.37 0.37 6.18
N SER A 155 -3.42 1.02 5.55
CA SER A 155 -2.58 1.98 6.25
C SER A 155 -2.31 3.20 5.36
N PHE A 156 -1.34 3.08 4.46
CA PHE A 156 -0.97 4.20 3.59
C PHE A 156 -0.51 3.70 2.24
N ALA A 157 -0.34 4.59 1.28
CA ALA A 157 -0.02 4.17 -0.08
C ALA A 157 0.77 5.25 -0.81
N SER A 158 1.79 4.82 -1.52
CA SER A 158 2.67 5.72 -2.24
C SER A 158 2.20 5.85 -3.68
N GLY A 159 1.96 7.08 -4.11
CA GLY A 159 1.51 7.31 -5.46
C GLY A 159 1.49 8.79 -5.81
N GLY A 160 0.66 9.13 -6.79
CA GLY A 160 0.60 10.50 -7.25
C GLY A 160 1.41 10.70 -8.51
N ASP A 161 2.26 11.72 -8.51
CA ASP A 161 3.15 11.97 -9.63
C ASP A 161 4.49 12.55 -9.16
N PRO A 162 5.16 11.90 -8.19
CA PRO A 162 6.44 12.34 -7.67
C PRO A 162 7.62 11.65 -8.36
N ASP A 163 8.75 11.62 -7.66
CA ASP A 163 9.94 10.88 -8.06
C ASP A 163 9.61 9.43 -8.28
N THR A 164 8.59 9.03 -7.59
CA THR A 164 8.22 7.68 -7.45
C THR A 164 6.97 7.36 -8.28
N ALA A 165 6.58 8.30 -9.13
CA ALA A 165 5.33 8.16 -9.88
C ALA A 165 5.28 6.90 -10.75
N GLU A 166 6.44 6.40 -11.15
CA GLU A 166 6.49 5.23 -12.04
C GLU A 166 6.52 3.92 -11.25
N TYR A 167 6.59 4.01 -9.93
CA TYR A 167 6.53 2.84 -9.08
C TYR A 167 5.58 3.11 -7.91
N VAL A 168 4.52 2.36 -7.83
CA VAL A 168 3.49 2.65 -6.85
C VAL A 168 3.63 1.69 -5.68
N ALA A 169 3.02 2.00 -4.55
CA ALA A 169 3.09 1.11 -3.40
C ALA A 169 1.87 1.27 -2.52
N TYR A 170 1.51 0.20 -1.81
CA TYR A 170 0.44 0.29 -0.83
C TYR A 170 0.82 -0.50 0.43
N VAL A 171 0.55 0.10 1.57
CA VAL A 171 0.80 -0.53 2.85
C VAL A 171 -0.52 -0.77 3.57
N ALA A 172 -0.80 -2.03 3.87
CA ALA A 172 -2.05 -2.41 4.51
C ALA A 172 -1.84 -3.62 5.41
N LYS A 173 -2.89 -4.03 6.12
CA LYS A 173 -2.86 -5.26 6.91
C LYS A 173 -2.90 -6.46 5.96
N ASP A 174 -1.77 -6.80 5.37
CA ASP A 174 -1.71 -7.89 4.42
C ASP A 174 -1.45 -9.19 5.16
N PRO A 175 -2.18 -10.27 4.79
CA PRO A 175 -2.09 -11.57 5.46
C PRO A 175 -0.67 -12.14 5.56
N VAL A 176 0.24 -11.61 4.74
CA VAL A 176 1.63 -12.08 4.76
C VAL A 176 2.31 -11.74 6.09
N ASN A 177 1.82 -10.70 6.76
CA ASN A 177 2.41 -10.23 8.01
C ASN A 177 1.36 -9.47 8.82
N GLN A 178 1.80 -8.62 9.74
CA GLN A 178 0.92 -7.69 10.41
C GLN A 178 0.48 -6.62 9.41
N ARG A 179 1.48 -6.02 8.79
CA ARG A 179 1.28 -5.09 7.69
C ARG A 179 2.41 -5.26 6.69
N ALA A 180 2.15 -4.94 5.45
CA ALA A 180 3.18 -5.03 4.44
C ALA A 180 3.03 -3.95 3.40
N CYS A 181 4.16 -3.44 2.94
CA CYS A 181 4.21 -2.50 1.85
C CYS A 181 4.48 -3.27 0.57
N HIS A 182 3.56 -3.18 -0.38
CA HIS A 182 3.72 -3.88 -1.64
C HIS A 182 3.96 -2.88 -2.77
N ILE A 183 5.01 -3.12 -3.54
CA ILE A 183 5.39 -2.22 -4.61
C ILE A 183 4.84 -2.71 -5.94
N LEU A 184 4.15 -1.84 -6.65
CA LEU A 184 3.52 -2.17 -7.91
C LEU A 184 4.28 -1.53 -9.06
N GLU A 185 4.65 -2.34 -10.02
CA GLU A 185 5.36 -1.85 -11.19
C GLU A 185 4.40 -1.77 -12.37
N CYS A 186 4.78 -0.97 -13.38
CA CYS A 186 3.94 -0.72 -14.55
C CYS A 186 2.58 -0.14 -14.14
N PRO A 187 2.58 1.05 -13.50
CA PRO A 187 1.35 1.68 -13.03
C PRO A 187 0.50 2.23 -14.17
N GLU A 188 1.17 2.90 -15.11
CA GLU A 188 0.52 3.47 -16.29
C GLU A 188 -0.52 4.55 -15.88
N GLY A 189 -0.39 5.04 -14.65
CA GLY A 189 -1.30 6.05 -14.16
C GLY A 189 -1.98 5.66 -12.87
N LEU A 190 -1.92 4.36 -12.53
CA LEU A 190 -2.60 3.85 -11.33
C LEU A 190 -2.18 4.61 -10.09
N ALA A 191 -0.96 5.14 -10.08
CA ALA A 191 -0.44 5.87 -8.92
C ALA A 191 -1.45 6.89 -8.41
N GLN A 192 -1.61 7.96 -9.16
CA GLN A 192 -2.51 9.04 -8.76
C GLN A 192 -3.96 8.59 -8.87
N ASP A 193 -4.22 7.65 -9.78
CA ASP A 193 -5.57 7.17 -10.03
C ASP A 193 -6.12 6.47 -8.79
N VAL A 194 -5.43 5.40 -8.36
CA VAL A 194 -5.88 4.65 -7.19
C VAL A 194 -5.87 5.51 -5.94
N ILE A 195 -4.86 6.36 -5.80
CA ILE A 195 -4.75 7.23 -4.63
C ILE A 195 -5.98 8.13 -4.52
N SER A 196 -6.32 8.80 -5.62
CA SER A 196 -7.45 9.70 -5.63
C SER A 196 -8.76 8.92 -5.52
N THR A 197 -8.86 7.81 -6.24
CA THR A 197 -10.04 6.97 -6.19
C THR A 197 -10.30 6.46 -4.77
N ILE A 198 -9.33 5.79 -4.18
CA ILE A 198 -9.46 5.26 -2.82
C ILE A 198 -9.79 6.38 -1.83
N GLY A 199 -9.04 7.47 -1.94
CA GLY A 199 -9.27 8.60 -1.06
C GLY A 199 -10.67 9.18 -1.18
N GLN A 200 -11.05 9.56 -2.40
CA GLN A 200 -12.34 10.21 -2.63
C GLN A 200 -13.50 9.25 -2.45
N ALA A 201 -13.25 7.97 -2.60
CA ALA A 201 -14.28 6.97 -2.34
C ALA A 201 -14.55 6.86 -0.85
N PHE A 202 -13.53 6.45 -0.10
CA PHE A 202 -13.70 6.16 1.31
C PHE A 202 -13.93 7.42 2.12
N GLU A 203 -13.54 8.57 1.58
CA GLU A 203 -13.78 9.84 2.26
C GLU A 203 -15.29 10.12 2.34
N LEU A 204 -16.06 9.53 1.43
CA LEU A 204 -17.50 9.74 1.42
C LEU A 204 -18.18 8.87 2.47
N ARG A 205 -17.39 8.04 3.14
CA ARG A 205 -17.90 7.17 4.21
C ARG A 205 -17.76 7.88 5.56
N PHE A 206 -17.00 8.96 5.57
CA PHE A 206 -16.69 9.67 6.81
C PHE A 206 -16.97 11.15 6.68
N LYS A 207 -16.99 11.83 7.82
CA LYS A 207 -17.17 13.28 7.85
C LYS A 207 -15.79 13.95 7.91
N GLN A 208 -15.74 15.26 7.78
CA GLN A 208 -14.48 15.99 7.86
C GLN A 208 -14.15 16.33 9.31
N TYR A 209 -14.97 15.78 10.20
CA TYR A 209 -14.86 15.98 11.62
C TYR A 209 -13.58 15.38 12.23
N LEU A 210 -12.98 14.45 11.52
CA LEU A 210 -11.78 13.78 11.99
C LEU A 210 -10.66 13.86 10.97
N ARG A 211 -9.58 13.11 11.24
CA ARG A 211 -8.40 13.08 10.38
C ARG A 211 -7.67 14.42 10.46
N ARG B 1 9.82 18.26 18.48
CA ARG B 1 10.35 17.25 17.52
C ARG B 1 10.68 17.92 16.20
N ALA B 2 11.93 17.79 15.76
CA ALA B 2 12.38 18.36 14.51
C ALA B 2 13.44 17.47 13.88
N LYS B 3 13.22 17.08 12.63
CA LYS B 3 14.17 16.23 11.93
C LYS B 3 13.89 16.29 10.43
N TRP B 4 14.90 15.99 9.63
CA TRP B 4 14.68 15.79 8.21
C TRP B 4 14.35 14.32 7.97
N ASP B 5 15.34 13.47 8.20
CA ASP B 5 15.16 12.02 8.11
C ASP B 5 15.79 11.35 9.31
N THR B 6 15.61 10.04 9.40
CA THR B 6 16.23 9.26 10.45
C THR B 6 17.60 8.74 9.99
N ALA B 7 17.80 8.74 8.67
CA ALA B 7 19.01 8.23 8.02
C ALA B 7 18.73 8.10 6.53
N ASN B 8 19.69 8.44 5.68
CA ASN B 8 19.43 8.47 4.23
C ASN B 8 20.61 7.95 3.42
N ASN B 9 20.32 7.08 2.46
CA ASN B 9 21.29 6.60 1.49
C ASN B 9 20.55 6.33 0.17
N PRO B 10 21.23 5.84 -0.89
CA PRO B 10 20.54 5.43 -2.12
C PRO B 10 19.44 4.40 -1.87
N LEU B 11 19.54 3.70 -0.74
CA LEU B 11 18.50 2.77 -0.33
C LEU B 11 17.33 3.55 0.25
N LYS B 13 15.58 6.30 1.17
CA LYS B 13 15.51 7.67 0.71
C LYS B 13 14.05 8.09 0.64
N GLU B 14 13.61 8.94 1.56
CA GLU B 14 12.23 9.44 1.56
C GLU B 14 12.03 10.44 0.42
N ALA B 15 10.86 10.41 -0.21
CA ALA B 15 10.60 11.29 -1.35
C ALA B 15 9.12 11.29 -1.74
N THR B 16 8.61 10.11 -2.05
CA THR B 16 7.27 9.97 -2.59
C THR B 16 6.19 10.38 -1.59
N SER B 17 5.00 10.64 -2.11
CA SER B 17 3.86 10.98 -1.28
C SER B 17 3.07 9.74 -0.94
N THR B 18 3.13 9.31 0.32
CA THR B 18 2.42 8.12 0.74
C THR B 18 1.38 8.45 1.81
N PHE B 19 0.13 8.12 1.52
CA PHE B 19 -0.99 8.38 2.40
C PHE B 19 -2.21 7.65 1.87
N THR B 20 -3.37 7.86 2.50
CA THR B 20 -4.62 7.27 2.05
C THR B 20 -5.80 8.14 2.42
N ASN B 21 -6.26 7.98 3.66
CA ASN B 21 -7.43 8.68 4.17
C ASN B 21 -7.61 8.33 5.65
N ILE B 22 -8.67 8.83 6.27
CA ILE B 22 -8.97 8.48 7.65
C ILE B 22 -9.46 7.03 7.73
N THR B 23 -8.55 6.13 8.07
CA THR B 23 -8.90 4.73 8.24
C THR B 23 -8.08 4.10 9.36
N ARG B 25 -5.54 5.99 10.97
CA ARG B 25 -4.92 7.10 11.69
C ARG B 25 -5.46 8.43 11.18
N GLY B 26 -5.89 9.29 12.11
CA GLY B 26 -6.32 10.64 11.77
C GLY B 26 -5.13 11.51 11.42
N THR B 27 -4.61 11.32 10.22
CA THR B 27 -3.38 11.97 9.81
C THR B 27 -3.67 13.17 8.91
N GLY A 21 -10.14 -27.93 29.02
CA GLY A 21 -10.53 -26.54 28.68
C GLY A 21 -10.32 -26.23 27.21
N GLN A 22 -11.33 -26.52 26.40
CA GLN A 22 -11.25 -26.30 24.98
C GLN A 22 -12.21 -25.21 24.58
N LEU A 23 -12.14 -24.78 23.33
CA LEU A 23 -12.98 -23.70 22.86
C LEU A 23 -14.10 -24.27 21.99
N GLY A 24 -15.31 -24.24 22.53
CA GLY A 24 -16.44 -24.82 21.83
C GLY A 24 -17.01 -23.90 20.78
N GLY A 25 -17.14 -22.62 21.12
CA GLY A 25 -17.75 -21.69 20.19
C GLY A 25 -17.11 -20.31 20.23
N GLU A 26 -16.35 -20.00 19.19
CA GLU A 26 -15.79 -18.67 18.99
C GLU A 26 -15.97 -18.28 17.53
N GLU A 27 -15.45 -17.12 17.15
CA GLU A 27 -15.49 -16.72 15.76
C GLU A 27 -14.14 -16.94 15.10
N TRP A 28 -14.00 -18.06 14.41
CA TRP A 28 -12.76 -18.42 13.75
C TRP A 28 -12.86 -18.21 12.26
N THR A 29 -13.86 -17.45 11.87
CA THR A 29 -14.15 -17.26 10.47
C THR A 29 -13.83 -15.84 10.04
N ARG A 30 -13.18 -15.73 8.90
CA ARG A 30 -12.79 -14.43 8.35
C ARG A 30 -13.76 -14.02 7.25
N HIS A 31 -14.81 -14.82 7.10
CA HIS A 31 -15.79 -14.63 6.05
C HIS A 31 -16.74 -13.49 6.40
N GLY A 32 -16.69 -12.41 5.62
CA GLY A 32 -17.57 -11.29 5.85
C GLY A 32 -18.40 -10.99 4.62
N SER A 33 -19.68 -11.30 4.71
CA SER A 33 -20.57 -11.20 3.56
C SER A 33 -21.23 -9.83 3.47
N PHE A 34 -21.05 -9.17 2.34
CA PHE A 34 -21.77 -7.95 2.04
C PHE A 34 -22.37 -8.06 0.64
N VAL A 35 -23.68 -8.31 0.60
CA VAL A 35 -24.36 -8.58 -0.65
C VAL A 35 -25.71 -7.86 -0.69
N ASN A 36 -25.93 -7.11 -1.76
CA ASN A 36 -27.15 -6.33 -1.92
C ASN A 36 -27.25 -5.80 -3.33
N LYS A 37 -28.44 -5.38 -3.73
CA LYS A 37 -28.62 -4.70 -5.00
C LYS A 37 -28.70 -3.20 -4.75
N PRO A 38 -27.61 -2.48 -4.99
CA PRO A 38 -27.52 -1.06 -4.69
C PRO A 38 -28.10 -0.17 -5.79
N THR A 39 -28.82 0.85 -5.37
CA THR A 39 -29.26 1.91 -6.27
C THR A 39 -28.05 2.72 -6.68
N ARG A 40 -27.97 3.09 -7.95
CA ARG A 40 -26.77 3.75 -8.45
C ARG A 40 -26.68 5.21 -8.05
N GLY A 41 -27.03 6.11 -8.96
CA GLY A 41 -26.81 7.53 -8.72
C GLY A 41 -25.33 7.90 -8.83
N TRP A 42 -24.47 6.94 -8.51
CA TRP A 42 -23.04 7.15 -8.59
C TRP A 42 -22.53 6.81 -9.96
N LEU A 43 -21.39 7.38 -10.29
CA LEU A 43 -20.75 7.06 -11.54
C LEU A 43 -20.10 5.69 -11.45
N HIS A 44 -19.54 5.23 -12.57
CA HIS A 44 -19.06 3.87 -12.71
C HIS A 44 -18.01 3.49 -11.64
N PRO A 45 -16.94 4.31 -11.43
CA PRO A 45 -15.94 4.00 -10.40
C PRO A 45 -16.51 4.04 -8.98
N ASN A 46 -17.34 5.04 -8.69
CA ASN A 46 -17.95 5.17 -7.37
C ASN A 46 -18.90 4.00 -7.12
N ASP A 47 -19.56 3.58 -8.19
CA ASP A 47 -20.44 2.41 -8.17
C ASP A 47 -19.68 1.19 -7.66
N LYS A 48 -18.45 1.04 -8.11
CA LYS A 48 -17.64 -0.11 -7.75
C LYS A 48 -17.04 0.07 -6.38
N VAL A 49 -16.38 1.19 -6.19
CA VAL A 49 -15.70 1.47 -4.93
C VAL A 49 -16.68 1.33 -3.75
N MET A 50 -17.95 1.61 -4.01
CA MET A 50 -18.98 1.49 -2.99
C MET A 50 -19.73 0.17 -3.11
N GLY A 51 -19.57 -0.48 -4.26
CA GLY A 51 -20.16 -1.78 -4.48
C GLY A 51 -19.12 -2.89 -4.44
N PRO A 52 -18.77 -3.46 -5.61
CA PRO A 52 -17.75 -4.51 -5.70
C PRO A 52 -16.34 -3.98 -5.50
N GLY A 53 -15.94 -3.04 -6.36
CA GLY A 53 -14.64 -2.42 -6.26
C GLY A 53 -14.00 -2.19 -7.61
N VAL A 54 -13.33 -1.04 -7.78
CA VAL A 54 -12.67 -0.72 -9.04
C VAL A 54 -11.36 -1.50 -9.14
N SER A 55 -10.84 -1.62 -10.35
CA SER A 55 -9.66 -2.43 -10.59
C SER A 55 -8.62 -1.68 -11.42
N TYR A 56 -7.37 -1.80 -11.00
CA TYR A 56 -6.25 -1.20 -11.73
C TYR A 56 -5.18 -2.25 -11.99
N LEU A 57 -4.34 -2.01 -12.98
CA LEU A 57 -3.28 -2.96 -13.32
C LEU A 57 -1.98 -2.56 -12.64
N VAL A 58 -1.46 -3.46 -11.82
CA VAL A 58 -0.26 -3.19 -11.02
C VAL A 58 0.68 -4.40 -11.10
N ARG A 59 1.93 -4.19 -10.71
CA ARG A 59 2.90 -5.28 -10.71
C ARG A 59 3.56 -5.40 -9.35
N TYR A 60 3.36 -6.55 -8.70
CA TYR A 60 3.98 -6.82 -7.42
C TYR A 60 5.48 -6.81 -7.59
N MET A 61 6.12 -5.82 -6.99
CA MET A 61 7.55 -5.68 -7.08
C MET A 61 8.13 -5.48 -5.68
N GLY A 62 8.42 -6.58 -5.01
CA GLY A 62 9.05 -6.55 -3.71
C GLY A 62 8.09 -6.17 -2.60
N CYS A 63 8.49 -6.44 -1.36
CA CYS A 63 7.67 -6.11 -0.20
C CYS A 63 8.54 -5.84 1.03
N VAL A 64 8.22 -4.80 1.76
CA VAL A 64 8.98 -4.46 2.95
C VAL A 64 8.12 -4.62 4.18
N GLU A 65 8.59 -5.44 5.10
CA GLU A 65 7.85 -5.74 6.31
C GLU A 65 7.99 -4.58 7.28
N VAL A 66 6.91 -3.85 7.49
CA VAL A 66 6.92 -2.65 8.32
C VAL A 66 6.04 -2.84 9.55
N LEU A 67 6.63 -2.80 10.74
CA LEU A 67 5.87 -3.03 11.97
C LEU A 67 5.45 -1.71 12.59
N GLN A 68 5.60 -0.64 11.85
CA GLN A 68 5.30 0.70 12.35
C GLN A 68 4.31 1.40 11.42
N SER A 69 3.37 2.11 11.99
CA SER A 69 2.44 2.92 11.20
C SER A 69 2.81 4.39 11.33
N MET A 70 2.08 5.26 10.64
CA MET A 70 2.39 6.67 10.64
C MET A 70 2.21 7.32 12.02
N ARG A 71 1.35 6.75 12.85
CA ARG A 71 1.19 7.24 14.22
C ARG A 71 2.26 6.66 15.13
N ALA A 72 3.19 5.93 14.54
CA ALA A 72 4.32 5.38 15.28
C ALA A 72 5.62 5.71 14.56
N LEU A 73 5.53 6.68 13.65
CA LEU A 73 6.67 7.09 12.85
C LEU A 73 6.72 8.60 12.73
N ASP A 74 7.88 9.09 12.31
CA ASP A 74 8.07 10.51 12.10
C ASP A 74 7.49 10.92 10.76
N PHE A 75 7.21 12.21 10.60
CA PHE A 75 6.63 12.74 9.37
C PHE A 75 7.50 12.41 8.17
N ASN A 76 8.81 12.42 8.37
CA ASN A 76 9.75 12.08 7.32
C ASN A 76 10.03 10.59 7.33
N THR A 77 10.20 10.03 8.53
CA THR A 77 10.50 8.61 8.67
C THR A 77 9.48 7.76 7.91
N ARG A 78 8.20 8.05 8.09
CA ARG A 78 7.14 7.31 7.43
C ARG A 78 7.31 7.37 5.90
N THR A 79 7.65 8.55 5.41
CA THR A 79 7.84 8.76 3.99
C THR A 79 9.12 8.08 3.52
N GLN A 80 10.08 7.95 4.42
CA GLN A 80 11.39 7.46 4.06
C GLN A 80 11.34 5.97 3.97
N VAL A 81 10.68 5.35 4.93
CA VAL A 81 10.52 3.91 4.97
C VAL A 81 9.75 3.43 3.75
N THR A 82 8.76 4.20 3.32
CA THR A 82 7.97 3.85 2.16
C THR A 82 8.81 3.98 0.87
N ARG A 83 9.39 5.16 0.66
CA ARG A 83 10.18 5.39 -0.54
C ARG A 83 11.42 4.48 -0.56
N GLU A 84 11.94 4.17 0.63
CA GLU A 84 13.05 3.22 0.76
C GLU A 84 12.69 1.95 0.03
N ALA A 85 11.58 1.35 0.44
CA ALA A 85 11.10 0.11 -0.15
C ALA A 85 11.08 0.21 -1.66
N ILE A 86 10.34 1.19 -2.14
CA ILE A 86 10.19 1.41 -3.57
C ILE A 86 11.53 1.62 -4.25
N SER A 87 12.48 2.19 -3.52
CA SER A 87 13.75 2.60 -4.10
C SER A 87 14.67 1.39 -4.29
N LEU A 88 15.08 0.75 -3.20
CA LEU A 88 16.01 -0.37 -3.29
C LEU A 88 15.39 -1.52 -4.07
N VAL A 89 14.07 -1.59 -4.08
CA VAL A 89 13.36 -2.59 -4.87
C VAL A 89 13.50 -2.29 -6.35
N CYS A 90 13.08 -1.10 -6.77
CA CYS A 90 13.08 -0.74 -8.18
C CYS A 90 14.51 -0.66 -8.71
N GLU A 91 15.46 -0.39 -7.82
CA GLU A 91 16.84 -0.24 -8.21
C GLU A 91 17.61 -1.54 -8.02
N ALA A 92 16.89 -2.66 -7.89
CA ALA A 92 17.55 -3.94 -7.75
C ALA A 92 16.74 -5.08 -8.38
N VAL A 93 15.53 -5.32 -7.86
CA VAL A 93 14.71 -6.44 -8.35
C VAL A 93 14.26 -6.21 -9.79
N PRO A 94 13.85 -7.28 -10.49
CA PRO A 94 13.29 -7.17 -11.84
C PRO A 94 11.88 -6.60 -11.82
N GLY A 95 11.49 -5.98 -12.91
CA GLY A 95 10.14 -5.42 -13.01
C GLY A 95 10.15 -3.93 -13.20
N ALA A 96 11.16 -3.25 -12.66
CA ALA A 96 11.25 -1.80 -12.73
C ALA A 96 11.42 -1.32 -14.17
N LYS A 97 11.19 -0.02 -14.38
CA LYS A 97 11.32 0.56 -15.71
C LYS A 97 12.64 1.29 -15.85
N GLY A 98 13.20 1.69 -14.72
CA GLY A 98 14.47 2.37 -14.71
C GLY A 98 15.28 2.03 -13.48
N ALA A 99 16.31 1.21 -13.64
CA ALA A 99 17.16 0.78 -12.53
C ALA A 99 18.63 0.94 -12.89
N THR A 100 19.38 1.48 -11.96
CA THR A 100 20.82 1.62 -12.11
C THR A 100 21.53 0.64 -11.18
N ARG A 101 20.72 -0.12 -10.43
CA ARG A 101 21.21 -1.10 -9.45
C ARG A 101 21.90 -0.39 -8.30
N ARG A 102 21.13 -0.04 -7.29
CA ARG A 102 21.66 0.64 -6.11
C ARG A 102 21.50 -0.23 -4.88
N ARG A 103 22.62 -0.78 -4.40
CA ARG A 103 22.61 -1.59 -3.20
C ARG A 103 23.73 -1.17 -2.26
N LYS A 104 23.33 -0.60 -1.12
CA LYS A 104 24.28 -0.30 -0.05
C LYS A 104 24.61 -1.58 0.69
N PRO A 105 25.91 -1.89 0.84
CA PRO A 105 26.37 -3.18 1.37
C PRO A 105 25.82 -3.50 2.76
N CYS A 106 25.88 -2.53 3.66
CA CYS A 106 25.40 -2.71 5.02
C CYS A 106 23.91 -3.02 5.02
N SER A 107 23.52 -4.09 5.70
CA SER A 107 22.17 -4.58 5.65
C SER A 107 21.23 -3.80 6.58
N ARG A 108 20.53 -2.83 6.03
CA ARG A 108 19.44 -2.16 6.72
C ARG A 108 18.37 -1.82 5.71
N PRO A 109 17.13 -1.67 6.16
CA PRO A 109 16.07 -1.12 5.33
C PRO A 109 16.38 0.35 4.99
N LEU A 110 16.19 1.22 5.98
CA LEU A 110 16.58 2.62 5.83
C LEU A 110 17.38 3.09 7.04
N SER A 111 16.96 2.65 8.20
CA SER A 111 17.60 3.01 9.46
C SER A 111 17.21 2.02 10.54
N SER A 112 16.75 0.84 10.09
CA SER A 112 16.25 -0.20 10.99
C SER A 112 15.09 0.33 11.84
N ILE A 113 14.25 1.15 11.20
CA ILE A 113 13.10 1.75 11.87
C ILE A 113 11.95 0.75 11.89
N LEU A 114 11.63 0.25 10.71
CA LEU A 114 10.58 -0.72 10.55
C LEU A 114 11.15 -2.14 10.63
N GLY A 115 10.44 -3.11 10.07
CA GLY A 115 10.93 -4.47 10.04
C GLY A 115 12.17 -4.61 9.19
N ARG A 116 11.98 -4.76 7.88
CA ARG A 116 13.09 -4.87 6.94
C ARG A 116 12.57 -5.00 5.51
N SER A 117 13.42 -4.70 4.56
CA SER A 117 13.07 -4.81 3.16
C SER A 117 13.25 -6.24 2.68
N ASN A 118 12.18 -6.85 2.20
CA ASN A 118 12.24 -8.22 1.73
C ASN A 118 11.88 -8.30 0.25
N LEU A 119 12.90 -8.31 -0.58
CA LEU A 119 12.73 -8.32 -2.02
C LEU A 119 12.44 -9.74 -2.49
N LYS A 120 11.19 -10.15 -2.31
CA LYS A 120 10.77 -11.52 -2.54
C LYS A 120 9.87 -11.60 -3.77
N PHE A 121 8.66 -11.12 -3.61
CA PHE A 121 7.67 -11.18 -4.66
C PHE A 121 7.86 -10.04 -5.64
N ALA A 122 8.70 -10.24 -6.63
CA ALA A 122 8.95 -9.22 -7.61
C ALA A 122 8.74 -9.73 -9.03
N GLY A 123 7.80 -9.10 -9.73
CA GLY A 123 7.53 -9.46 -11.10
C GLY A 123 6.23 -10.21 -11.27
N MET A 124 5.24 -9.91 -10.43
CA MET A 124 3.97 -10.61 -10.51
C MET A 124 2.83 -9.64 -10.81
N PRO A 125 2.14 -9.81 -11.94
CA PRO A 125 1.01 -8.96 -12.31
C PRO A 125 -0.17 -9.10 -11.35
N ILE A 126 -0.70 -7.97 -10.90
CA ILE A 126 -1.83 -7.96 -9.97
C ILE A 126 -2.83 -6.89 -10.35
N THR A 127 -3.90 -6.81 -9.57
CA THR A 127 -5.01 -5.92 -9.86
C THR A 127 -5.42 -5.17 -8.60
N LEU A 128 -5.22 -3.86 -8.59
CA LEU A 128 -5.57 -3.03 -7.45
C LEU A 128 -7.09 -2.88 -7.39
N THR A 129 -7.71 -3.53 -6.43
CA THR A 129 -9.15 -3.45 -6.27
C THR A 129 -9.52 -2.55 -5.10
N VAL A 130 -10.09 -1.39 -5.40
CA VAL A 130 -10.45 -0.41 -4.38
C VAL A 130 -11.90 -0.57 -3.96
N SER A 131 -12.11 -0.67 -2.66
CA SER A 131 -13.45 -0.78 -2.10
C SER A 131 -13.55 0.02 -0.81
N THR A 132 -14.71 0.62 -0.57
CA THR A 132 -14.91 1.40 0.65
C THR A 132 -14.75 0.53 1.90
N SER A 133 -14.80 -0.78 1.72
CA SER A 133 -14.62 -1.71 2.81
C SER A 133 -13.54 -2.75 2.50
N SER A 134 -12.73 -2.50 1.49
CA SER A 134 -11.69 -3.46 1.11
C SER A 134 -10.61 -2.81 0.24
N LEU A 135 -9.39 -3.33 0.33
CA LEU A 135 -8.32 -2.88 -0.54
C LEU A 135 -7.43 -4.08 -0.85
N ASN A 136 -7.93 -4.93 -1.71
CA ASN A 136 -7.27 -6.19 -2.03
C ASN A 136 -6.77 -6.19 -3.46
N LEU A 137 -5.78 -7.01 -3.74
CA LEU A 137 -5.23 -7.09 -5.08
C LEU A 137 -5.39 -8.48 -5.64
N MET A 138 -5.98 -8.56 -6.82
CA MET A 138 -6.21 -9.83 -7.48
C MET A 138 -5.00 -10.18 -8.33
N ALA A 139 -4.37 -11.30 -8.05
CA ALA A 139 -3.22 -11.73 -8.82
C ALA A 139 -3.61 -12.04 -10.27
N ALA A 140 -3.17 -11.18 -11.18
CA ALA A 140 -3.52 -11.29 -12.60
C ALA A 140 -2.64 -12.35 -13.26
N ASP A 141 -1.71 -12.87 -12.49
CA ASP A 141 -0.87 -13.97 -12.92
C ASP A 141 -1.65 -15.28 -12.82
N CYS A 142 -2.91 -15.16 -12.40
CA CYS A 142 -3.82 -16.30 -12.20
C CYS A 142 -3.33 -17.14 -11.02
N LYS A 143 -3.39 -16.54 -9.84
CA LYS A 143 -2.93 -17.20 -8.63
C LYS A 143 -4.05 -17.23 -7.59
N GLN A 144 -4.30 -16.07 -6.98
CA GLN A 144 -5.34 -15.90 -5.97
C GLN A 144 -5.51 -14.42 -5.68
N ILE A 145 -6.10 -14.11 -4.56
CA ILE A 145 -6.26 -12.72 -4.18
C ILE A 145 -5.41 -12.42 -2.96
N ILE A 146 -4.55 -11.42 -3.09
CA ILE A 146 -3.65 -11.04 -2.02
C ILE A 146 -4.16 -9.79 -1.31
N ALA A 147 -3.33 -9.26 -0.40
CA ALA A 147 -3.65 -8.06 0.37
C ALA A 147 -4.79 -8.35 1.35
N ASN A 148 -5.48 -7.33 1.81
CA ASN A 148 -6.52 -7.50 2.81
C ASN A 148 -7.87 -7.02 2.30
N HIS A 149 -8.89 -7.81 2.60
CA HIS A 149 -10.25 -7.52 2.18
C HIS A 149 -10.93 -6.61 3.21
N HIS A 150 -10.18 -5.63 3.71
CA HIS A 150 -10.65 -4.71 4.74
C HIS A 150 -10.03 -3.33 4.58
N MET A 151 -10.80 -2.36 4.13
CA MET A 151 -10.31 -1.00 3.94
C MET A 151 -9.88 -0.38 5.27
N GLN A 152 -10.52 -0.81 6.35
CA GLN A 152 -10.19 -0.32 7.67
C GLN A 152 -8.90 -0.96 8.20
N SER A 153 -8.28 -1.79 7.38
CA SER A 153 -7.08 -2.50 7.78
C SER A 153 -5.87 -2.04 6.96
N ILE A 154 -5.93 -0.84 6.41
CA ILE A 154 -4.82 -0.30 5.66
C ILE A 154 -4.08 0.76 6.48
N SER A 155 -3.00 1.31 5.94
CA SER A 155 -2.27 2.34 6.67
C SER A 155 -1.95 3.52 5.77
N PHE A 156 -0.97 3.37 4.88
CA PHE A 156 -0.59 4.46 3.97
C PHE A 156 -0.10 3.88 2.65
N ALA A 157 0.01 4.74 1.65
CA ALA A 157 0.35 4.30 0.30
C ALA A 157 1.05 5.40 -0.46
N SER A 158 2.08 5.04 -1.20
CA SER A 158 2.86 6.02 -1.93
C SER A 158 2.32 6.12 -3.35
N GLY A 159 1.96 7.32 -3.75
CA GLY A 159 1.37 7.52 -5.05
C GLY A 159 1.13 8.98 -5.34
N GLY A 160 0.11 9.26 -6.13
CA GLY A 160 -0.15 10.62 -6.54
C GLY A 160 0.65 10.98 -7.77
N ASP A 161 1.41 12.05 -7.69
CA ASP A 161 2.32 12.41 -8.77
C ASP A 161 3.57 13.09 -8.21
N PRO A 162 4.36 12.37 -7.40
CA PRO A 162 5.63 12.86 -6.89
C PRO A 162 6.81 12.43 -7.77
N ASP A 163 8.01 12.60 -7.23
CA ASP A 163 9.25 12.15 -7.88
C ASP A 163 9.19 10.66 -8.15
N THR A 164 8.35 10.02 -7.37
CA THR A 164 8.28 8.59 -7.32
C THR A 164 7.05 8.07 -8.08
N ALA A 165 6.34 8.97 -8.77
CA ALA A 165 5.03 8.65 -9.38
C ALA A 165 5.09 7.47 -10.37
N GLU A 166 6.27 7.15 -10.88
CA GLU A 166 6.41 6.04 -11.83
C GLU A 166 6.38 4.69 -11.12
N TYR A 167 6.53 4.70 -9.81
CA TYR A 167 6.41 3.50 -9.00
C TYR A 167 5.45 3.74 -7.86
N VAL A 168 4.52 2.83 -7.66
CA VAL A 168 3.51 3.03 -6.64
C VAL A 168 3.76 2.05 -5.50
N ALA A 169 3.17 2.31 -4.34
CA ALA A 169 3.29 1.41 -3.21
C ALA A 169 2.09 1.55 -2.29
N TYR A 170 1.79 0.50 -1.55
CA TYR A 170 0.76 0.58 -0.54
C TYR A 170 1.16 -0.27 0.66
N VAL A 171 1.04 0.30 1.85
CA VAL A 171 1.34 -0.43 3.06
C VAL A 171 0.09 -0.53 3.91
N ALA A 172 -0.26 -1.75 4.26
CA ALA A 172 -1.46 -2.02 4.99
C ALA A 172 -1.21 -3.09 6.04
N LYS A 173 -2.21 -3.36 6.86
CA LYS A 173 -2.10 -4.40 7.87
C LYS A 173 -2.47 -5.74 7.23
N ASP A 174 -1.47 -6.35 6.62
CA ASP A 174 -1.68 -7.57 5.84
C ASP A 174 -1.48 -8.80 6.73
N PRO A 175 -2.40 -9.77 6.63
CA PRO A 175 -2.39 -11.00 7.46
C PRO A 175 -1.09 -11.82 7.35
N VAL A 176 -0.27 -11.54 6.34
CA VAL A 176 1.00 -12.25 6.18
C VAL A 176 1.99 -11.86 7.28
N ASN A 177 1.75 -10.71 7.89
CA ASN A 177 2.60 -10.20 8.96
C ASN A 177 1.79 -9.25 9.81
N GLN A 178 2.43 -8.22 10.36
CA GLN A 178 1.70 -7.16 11.03
C GLN A 178 1.24 -6.14 10.00
N ARG A 179 2.19 -5.37 9.49
CA ARG A 179 1.94 -4.48 8.36
C ARG A 179 3.05 -4.69 7.32
N ALA A 180 2.74 -4.46 6.06
CA ALA A 180 3.72 -4.64 5.00
C ALA A 180 3.53 -3.63 3.89
N CYS A 181 4.65 -3.16 3.34
CA CYS A 181 4.64 -2.23 2.23
C CYS A 181 4.86 -2.99 0.93
N HIS A 182 3.88 -2.92 0.04
CA HIS A 182 3.95 -3.62 -1.23
C HIS A 182 4.14 -2.63 -2.36
N ILE A 183 5.15 -2.84 -3.18
CA ILE A 183 5.46 -1.90 -4.25
C ILE A 183 4.86 -2.39 -5.57
N LEU A 184 4.19 -1.49 -6.30
CA LEU A 184 3.53 -1.81 -7.54
C LEU A 184 4.24 -1.15 -8.71
N GLU A 185 4.55 -1.93 -9.73
CA GLU A 185 5.16 -1.41 -10.93
C GLU A 185 4.15 -1.36 -12.06
N CYS A 186 4.47 -0.61 -13.11
CA CYS A 186 3.60 -0.45 -14.27
C CYS A 186 2.26 0.15 -13.84
N PRO A 187 2.28 1.32 -13.17
CA PRO A 187 1.07 1.94 -12.64
C PRO A 187 0.11 2.42 -13.73
N GLU A 188 0.68 3.03 -14.76
CA GLU A 188 -0.12 3.53 -15.89
C GLU A 188 -1.06 4.65 -15.42
N GLY A 189 -0.74 5.22 -14.27
CA GLY A 189 -1.57 6.27 -13.72
C GLY A 189 -2.23 5.84 -12.41
N LEU A 190 -2.12 4.55 -12.08
CA LEU A 190 -2.76 4.02 -10.88
C LEU A 190 -2.33 4.79 -9.64
N ALA A 191 -1.14 5.37 -9.68
CA ALA A 191 -0.61 6.12 -8.54
C ALA A 191 -1.64 7.14 -8.04
N GLN A 192 -1.85 8.18 -8.83
CA GLN A 192 -2.80 9.22 -8.48
C GLN A 192 -4.22 8.69 -8.52
N ASP A 193 -4.46 7.69 -9.36
CA ASP A 193 -5.81 7.15 -9.54
C ASP A 193 -6.28 6.46 -8.26
N VAL A 194 -5.55 5.45 -7.81
CA VAL A 194 -5.93 4.71 -6.62
C VAL A 194 -5.92 5.61 -5.38
N ILE A 195 -4.95 6.52 -5.33
CA ILE A 195 -4.86 7.46 -4.21
C ILE A 195 -6.10 8.36 -4.17
N SER A 196 -6.47 8.86 -5.34
CA SER A 196 -7.65 9.71 -5.45
C SER A 196 -8.92 8.90 -5.15
N THR A 197 -8.98 7.69 -5.68
CA THR A 197 -10.14 6.82 -5.49
C THR A 197 -10.29 6.42 -4.03
N ILE A 198 -9.27 5.80 -3.46
CA ILE A 198 -9.31 5.36 -2.06
C ILE A 198 -9.56 6.56 -1.14
N GLY A 199 -8.85 7.66 -1.44
CA GLY A 199 -9.01 8.86 -0.65
C GLY A 199 -10.39 9.47 -0.75
N GLN A 200 -10.92 9.57 -1.96
CA GLN A 200 -12.22 10.20 -2.18
C GLN A 200 -13.35 9.28 -1.72
N ALA A 201 -13.14 7.97 -1.84
CA ALA A 201 -14.10 7.02 -1.29
C ALA A 201 -14.20 7.26 0.22
N PHE A 202 -13.06 7.28 0.87
CA PHE A 202 -13.00 7.65 2.29
C PHE A 202 -13.62 9.02 2.52
N GLU A 203 -13.32 9.96 1.61
CA GLU A 203 -13.83 11.32 1.70
C GLU A 203 -15.36 11.36 1.64
N LEU A 204 -15.98 10.33 1.08
CA LEU A 204 -17.42 10.31 0.94
C LEU A 204 -18.08 10.15 2.30
N ARG A 205 -17.30 9.73 3.29
CA ARG A 205 -17.81 9.51 4.63
C ARG A 205 -16.99 10.27 5.68
N PHE A 206 -15.69 10.44 5.43
CA PHE A 206 -14.80 11.08 6.40
C PHE A 206 -14.01 12.22 5.76
N LYS A 207 -13.86 13.31 6.49
CA LYS A 207 -13.00 14.41 6.07
C LYS A 207 -12.44 15.19 7.26
N GLN A 208 -13.29 15.95 7.93
CA GLN A 208 -12.82 16.89 8.96
C GLN A 208 -13.18 16.47 10.39
N TYR A 209 -13.90 15.37 10.54
CA TYR A 209 -14.20 14.84 11.87
C TYR A 209 -12.98 14.22 12.51
N LEU A 210 -12.00 13.90 11.67
CA LEU A 210 -10.79 13.22 12.11
C LEU A 210 -9.65 13.53 11.17
N ARG A 211 -8.49 12.90 11.41
CA ARG A 211 -7.36 12.95 10.50
C ARG A 211 -6.69 14.32 10.52
N ARG B 1 18.24 14.32 14.22
CA ARG B 1 19.44 14.75 13.45
C ARG B 1 19.29 16.21 13.03
N ALA B 2 20.35 16.76 12.44
CA ALA B 2 20.32 18.12 11.91
C ALA B 2 19.68 18.13 10.53
N LYS B 3 19.16 16.98 10.15
CA LYS B 3 18.46 16.81 8.88
C LYS B 3 17.01 16.44 9.15
N TRP B 4 16.15 16.59 8.15
CA TRP B 4 14.76 16.24 8.28
C TRP B 4 14.57 14.73 8.26
N ASP B 5 15.51 14.05 7.63
CA ASP B 5 15.50 12.60 7.53
C ASP B 5 16.36 11.97 8.63
N THR B 6 16.26 10.65 8.75
CA THR B 6 17.08 9.90 9.69
C THR B 6 18.44 9.56 9.05
N ALA B 7 18.42 9.47 7.72
CA ALA B 7 19.57 9.05 6.92
C ALA B 7 19.11 8.93 5.49
N ASN B 8 20.01 9.05 4.52
CA ASN B 8 19.59 8.89 3.13
C ASN B 8 20.75 8.57 2.20
N ASN B 9 20.42 7.81 1.18
CA ASN B 9 21.31 7.44 0.09
C ASN B 9 20.46 6.78 -1.01
N PRO B 10 21.03 6.38 -2.18
CA PRO B 10 20.26 5.80 -3.29
C PRO B 10 19.30 4.67 -2.87
N LEU B 11 19.67 3.91 -1.86
CA LEU B 11 18.83 2.79 -1.39
C LEU B 11 17.62 3.31 -0.64
N LYS B 13 15.85 6.93 0.92
CA LYS B 13 15.68 8.39 0.96
C LYS B 13 14.18 8.71 0.95
N GLU B 14 13.78 9.82 1.57
CA GLU B 14 12.42 10.31 1.43
C GLU B 14 12.30 11.09 0.12
N ALA B 15 11.28 10.79 -0.68
CA ALA B 15 11.17 11.39 -2.01
C ALA B 15 9.82 11.10 -2.66
N THR B 16 8.79 10.97 -1.85
CA THR B 16 7.47 10.67 -2.38
C THR B 16 6.39 11.08 -1.38
N SER B 17 5.13 10.91 -1.76
CA SER B 17 4.02 11.19 -0.89
C SER B 17 3.26 9.91 -0.59
N THR B 18 3.31 9.47 0.66
CA THR B 18 2.67 8.23 1.04
C THR B 18 1.60 8.47 2.12
N PHE B 19 0.37 8.11 1.78
CA PHE B 19 -0.77 8.32 2.65
C PHE B 19 -1.98 7.62 2.04
N THR B 20 -3.14 7.81 2.65
CA THR B 20 -4.40 7.31 2.11
C THR B 20 -5.51 8.31 2.42
N ASN B 21 -6.08 8.18 3.61
CA ASN B 21 -6.93 9.21 4.16
C ASN B 21 -7.00 9.03 5.68
N ILE B 22 -7.84 8.13 6.15
CA ILE B 22 -8.00 7.89 7.58
C ILE B 22 -8.40 6.43 7.84
N THR B 23 -7.53 5.69 8.53
CA THR B 23 -7.74 4.26 8.73
C THR B 23 -7.14 3.77 10.04
N ARG B 25 -4.64 5.31 11.49
CA ARG B 25 -3.99 6.49 12.07
C ARG B 25 -4.73 7.75 11.68
N GLY B 26 -4.84 8.67 12.62
CA GLY B 26 -5.41 9.97 12.33
C GLY B 26 -4.32 10.98 12.02
N THR B 27 -3.72 10.84 10.86
CA THR B 27 -2.59 11.65 10.48
C THR B 27 -2.58 11.83 8.96
N GLY A 21 2.37 -29.82 14.43
CA GLY A 21 1.56 -28.64 14.06
C GLY A 21 0.25 -29.04 13.42
N GLN A 22 -0.72 -29.37 14.26
CA GLN A 22 -2.01 -29.82 13.76
C GLN A 22 -2.97 -28.64 13.68
N LEU A 23 -3.17 -28.13 12.49
CA LEU A 23 -4.07 -27.00 12.29
C LEU A 23 -5.06 -27.30 11.17
N GLY A 24 -6.14 -27.97 11.52
CA GLY A 24 -7.17 -28.27 10.56
C GLY A 24 -8.21 -27.17 10.49
N GLY A 25 -7.76 -25.99 10.07
CA GLY A 25 -8.66 -24.85 9.97
C GLY A 25 -8.34 -23.99 8.78
N GLU A 26 -9.19 -24.08 7.76
CA GLU A 26 -9.00 -23.34 6.53
C GLU A 26 -10.29 -22.65 6.14
N GLU A 27 -10.24 -21.34 5.96
CA GLU A 27 -11.41 -20.60 5.55
C GLU A 27 -11.28 -20.17 4.10
N TRP A 28 -11.87 -20.96 3.21
CA TRP A 28 -11.82 -20.70 1.78
C TRP A 28 -13.20 -20.34 1.27
N THR A 29 -13.97 -19.70 2.13
CA THR A 29 -15.33 -19.35 1.80
C THR A 29 -15.53 -17.84 1.97
N ARG A 30 -16.34 -17.24 1.10
CA ARG A 30 -16.57 -15.81 1.16
C ARG A 30 -17.75 -15.52 2.08
N HIS A 31 -17.57 -14.55 2.97
CA HIS A 31 -18.61 -14.17 3.90
C HIS A 31 -18.55 -12.67 4.16
N GLY A 32 -19.65 -12.00 3.87
CA GLY A 32 -19.69 -10.56 3.97
C GLY A 32 -20.01 -9.92 2.64
N SER A 33 -21.29 -9.94 2.28
CA SER A 33 -21.73 -9.36 1.02
C SER A 33 -21.94 -7.86 1.20
N PHE A 34 -21.15 -7.06 0.51
CA PHE A 34 -21.18 -5.62 0.70
C PHE A 34 -21.55 -4.90 -0.59
N VAL A 35 -22.52 -3.98 -0.47
CA VAL A 35 -22.93 -3.14 -1.58
C VAL A 35 -23.93 -2.08 -1.09
N ASN A 36 -23.47 -0.85 -0.99
CA ASN A 36 -24.34 0.25 -0.55
C ASN A 36 -24.96 0.92 -1.77
N LYS A 37 -26.23 0.62 -2.01
CA LYS A 37 -26.88 1.06 -3.24
C LYS A 37 -28.24 1.72 -2.97
N PRO A 38 -28.24 2.98 -2.54
CA PRO A 38 -29.43 3.81 -2.56
C PRO A 38 -29.50 4.64 -3.85
N THR A 39 -28.38 4.63 -4.55
CA THR A 39 -28.17 5.44 -5.75
C THR A 39 -27.26 4.68 -6.70
N ARG A 40 -27.38 4.92 -8.00
CA ARG A 40 -26.49 4.32 -8.98
C ARG A 40 -25.93 5.37 -9.94
N GLY A 41 -26.30 6.62 -9.72
CA GLY A 41 -25.81 7.71 -10.56
C GLY A 41 -24.40 8.14 -10.21
N TRP A 42 -23.45 7.22 -10.37
CA TRP A 42 -22.06 7.50 -10.05
C TRP A 42 -21.22 7.34 -11.31
N LEU A 43 -20.06 8.00 -11.35
CA LEU A 43 -19.10 7.73 -12.40
C LEU A 43 -18.58 6.30 -12.29
N HIS A 44 -17.89 5.86 -13.32
CA HIS A 44 -17.52 4.46 -13.46
C HIS A 44 -16.78 3.88 -12.24
N PRO A 45 -15.68 4.50 -11.76
CA PRO A 45 -14.97 3.99 -10.58
C PRO A 45 -15.81 4.09 -9.31
N ASN A 46 -16.52 5.21 -9.17
CA ASN A 46 -17.34 5.45 -7.97
C ASN A 46 -18.48 4.44 -7.91
N ASP A 47 -19.00 4.10 -9.07
CA ASP A 47 -20.05 3.09 -9.20
C ASP A 47 -19.62 1.79 -8.55
N LYS A 48 -18.35 1.45 -8.74
CA LYS A 48 -17.80 0.20 -8.23
C LYS A 48 -17.48 0.33 -6.77
N VAL A 49 -16.63 1.30 -6.45
CA VAL A 49 -16.19 1.52 -5.07
C VAL A 49 -17.38 1.58 -4.10
N MET A 50 -18.50 2.07 -4.61
CA MET A 50 -19.73 2.17 -3.83
C MET A 50 -20.58 0.91 -3.96
N GLY A 51 -20.44 0.23 -5.08
CA GLY A 51 -21.18 -1.00 -5.30
C GLY A 51 -20.34 -2.25 -5.11
N PRO A 52 -19.93 -2.90 -6.22
CA PRO A 52 -19.12 -4.12 -6.15
C PRO A 52 -17.71 -3.88 -5.61
N GLY A 53 -17.03 -2.88 -6.16
CA GLY A 53 -15.68 -2.56 -5.75
C GLY A 53 -14.74 -2.55 -6.94
N VAL A 54 -13.90 -1.51 -7.04
CA VAL A 54 -12.95 -1.43 -8.14
C VAL A 54 -11.81 -2.42 -7.95
N SER A 55 -11.18 -2.79 -9.04
CA SER A 55 -10.10 -3.76 -8.99
C SER A 55 -9.03 -3.41 -10.01
N TYR A 56 -7.79 -3.32 -9.57
CA TYR A 56 -6.67 -2.97 -10.44
C TYR A 56 -5.67 -4.11 -10.49
N LEU A 57 -4.80 -4.07 -11.49
CA LEU A 57 -3.76 -5.08 -11.62
C LEU A 57 -2.48 -4.61 -10.96
N VAL A 58 -1.99 -5.39 -10.01
CA VAL A 58 -0.80 -5.04 -9.27
C VAL A 58 0.07 -6.28 -9.12
N ARG A 59 1.36 -6.10 -8.89
CA ARG A 59 2.24 -7.23 -8.70
C ARG A 59 3.00 -7.13 -7.39
N TYR A 60 2.77 -8.07 -6.50
CA TYR A 60 3.42 -8.11 -5.20
C TYR A 60 4.92 -8.24 -5.40
N MET A 61 5.63 -7.19 -5.03
CA MET A 61 7.07 -7.15 -5.20
C MET A 61 7.72 -6.71 -3.89
N GLY A 62 8.07 -7.68 -3.06
CA GLY A 62 8.72 -7.39 -1.79
C GLY A 62 7.76 -6.77 -0.78
N CYS A 63 8.17 -6.73 0.47
CA CYS A 63 7.36 -6.12 1.50
C CYS A 63 8.21 -5.71 2.69
N VAL A 64 7.90 -4.57 3.28
CA VAL A 64 8.70 -4.05 4.37
C VAL A 64 7.87 -3.98 5.64
N GLU A 65 8.41 -4.56 6.70
CA GLU A 65 7.73 -4.62 7.98
C GLU A 65 7.92 -3.31 8.72
N VAL A 66 6.86 -2.52 8.79
CA VAL A 66 6.90 -1.19 9.42
C VAL A 66 6.06 -1.19 10.69
N LEU A 67 6.71 -0.96 11.83
CA LEU A 67 6.01 -1.02 13.12
C LEU A 67 5.52 0.36 13.53
N GLN A 68 5.69 1.33 12.66
CA GLN A 68 5.34 2.70 12.97
C GLN A 68 4.12 3.12 12.19
N SER A 69 3.50 4.20 12.64
CA SER A 69 2.41 4.81 11.91
C SER A 69 2.77 6.25 11.59
N MET A 70 1.96 6.92 10.77
CA MET A 70 2.23 8.31 10.42
C MET A 70 2.18 9.21 11.65
N ARG A 71 1.30 8.89 12.60
CA ARG A 71 1.25 9.62 13.87
C ARG A 71 2.45 9.29 14.76
N ALA A 72 3.36 8.47 14.26
CA ALA A 72 4.58 8.15 14.97
C ALA A 72 5.78 8.36 14.07
N LEU A 73 5.54 8.99 12.92
CA LEU A 73 6.58 9.23 11.94
C LEU A 73 6.67 10.70 11.60
N ASP A 74 7.78 11.07 11.01
CA ASP A 74 7.97 12.41 10.50
C ASP A 74 7.38 12.50 9.11
N PHE A 75 7.08 13.71 8.65
CA PHE A 75 6.50 13.91 7.33
C PHE A 75 7.42 13.35 6.25
N ASN A 76 8.70 13.68 6.32
CA ASN A 76 9.67 13.21 5.35
C ASN A 76 9.99 11.75 5.62
N THR A 77 10.12 11.42 6.89
CA THR A 77 10.40 10.06 7.32
C THR A 77 9.37 9.09 6.76
N ARG A 78 8.10 9.42 6.89
CA ARG A 78 7.02 8.58 6.37
C ARG A 78 7.18 8.38 4.86
N THR A 79 7.45 9.48 4.17
CA THR A 79 7.68 9.44 2.74
C THR A 79 8.90 8.59 2.39
N GLN A 80 9.90 8.60 3.27
CA GLN A 80 11.18 8.03 2.96
C GLN A 80 11.15 6.55 3.26
N VAL A 81 10.53 6.17 4.37
CA VAL A 81 10.42 4.78 4.74
C VAL A 81 9.63 4.02 3.67
N THR A 82 8.63 4.69 3.11
CA THR A 82 7.81 4.11 2.07
C THR A 82 8.64 3.96 0.78
N ARG A 83 9.25 5.06 0.34
CA ARG A 83 10.04 5.03 -0.89
C ARG A 83 11.24 4.09 -0.73
N GLU A 84 11.78 4.01 0.48
CA GLU A 84 12.87 3.08 0.77
C GLU A 84 12.48 1.68 0.32
N ALA A 85 11.36 1.21 0.86
CA ALA A 85 10.84 -0.11 0.51
C ALA A 85 10.77 -0.29 -0.99
N ILE A 86 10.03 0.59 -1.64
CA ILE A 86 9.85 0.55 -3.08
C ILE A 86 11.19 0.57 -3.81
N SER A 87 12.17 1.24 -3.22
CA SER A 87 13.43 1.49 -3.89
C SER A 87 14.30 0.24 -3.88
N LEU A 88 14.70 -0.22 -2.69
CA LEU A 88 15.60 -1.35 -2.60
C LEU A 88 14.95 -2.61 -3.14
N VAL A 89 13.63 -2.63 -3.11
CA VAL A 89 12.87 -3.71 -3.72
C VAL A 89 13.02 -3.68 -5.24
N CYS A 90 12.63 -2.57 -5.84
CA CYS A 90 12.61 -2.45 -7.30
C CYS A 90 14.02 -2.48 -7.87
N GLU A 91 15.00 -2.18 -7.03
CA GLU A 91 16.38 -2.12 -7.49
C GLU A 91 17.17 -3.34 -7.02
N ALA A 92 16.48 -4.40 -6.62
CA ALA A 92 17.17 -5.62 -6.22
C ALA A 92 16.37 -6.87 -6.56
N VAL A 93 15.11 -6.92 -6.15
CA VAL A 93 14.29 -8.11 -6.39
C VAL A 93 13.80 -8.17 -7.83
N PRO A 94 13.46 -9.37 -8.32
CA PRO A 94 12.91 -9.54 -9.66
C PRO A 94 11.46 -9.08 -9.76
N GLY A 95 11.05 -8.71 -10.96
CA GLY A 95 9.69 -8.28 -11.18
C GLY A 95 9.63 -6.83 -11.63
N ALA A 96 10.48 -6.00 -11.04
CA ALA A 96 10.54 -4.58 -11.36
C ALA A 96 10.83 -4.34 -12.83
N LYS A 97 10.23 -3.28 -13.37
CA LYS A 97 10.44 -2.91 -14.76
C LYS A 97 11.90 -2.52 -15.00
N GLY A 98 12.40 -1.62 -14.16
CA GLY A 98 13.75 -1.13 -14.32
C GLY A 98 14.54 -1.20 -13.04
N ALA A 99 15.52 -2.10 -13.00
CA ALA A 99 16.43 -2.22 -11.89
C ALA A 99 17.86 -2.03 -12.35
N THR A 100 18.64 -1.32 -11.56
CA THR A 100 20.05 -1.12 -11.85
C THR A 100 20.90 -1.68 -10.70
N ARG A 101 20.22 -2.38 -9.79
CA ARG A 101 20.85 -2.97 -8.61
C ARG A 101 21.36 -1.86 -7.69
N ARG A 102 20.53 -1.52 -6.71
CA ARG A 102 20.92 -0.57 -5.67
C ARG A 102 20.54 -1.13 -4.31
N ARG A 103 21.51 -1.68 -3.59
CA ARG A 103 21.23 -2.15 -2.26
C ARG A 103 22.41 -1.91 -1.34
N LYS A 104 22.15 -1.23 -0.24
CA LYS A 104 23.13 -1.06 0.83
C LYS A 104 23.16 -2.34 1.66
N PRO A 105 24.21 -3.16 1.53
CA PRO A 105 24.28 -4.47 2.18
C PRO A 105 24.38 -4.36 3.70
N CYS A 106 25.36 -3.61 4.18
CA CYS A 106 25.56 -3.45 5.60
C CYS A 106 24.89 -2.17 6.10
N SER A 107 23.56 -2.17 6.08
CA SER A 107 22.79 -1.02 6.50
C SER A 107 21.42 -1.42 7.02
N ARG A 108 21.03 -0.81 8.12
CA ARG A 108 19.65 -0.82 8.57
C ARG A 108 18.78 -0.15 7.48
N PRO A 109 17.44 -0.37 7.47
CA PRO A 109 16.60 -0.04 6.31
C PRO A 109 16.82 1.38 5.79
N LEU A 110 16.45 2.36 6.57
CA LEU A 110 16.73 3.74 6.23
C LEU A 110 17.29 4.48 7.44
N SER A 111 16.76 4.13 8.60
CA SER A 111 17.24 4.68 9.86
C SER A 111 16.69 3.88 11.04
N SER A 112 16.38 2.60 10.79
CA SER A 112 15.74 1.75 11.81
C SER A 112 14.49 2.41 12.39
N ILE A 113 13.85 3.24 11.58
CA ILE A 113 12.65 3.95 12.00
C ILE A 113 11.51 2.98 12.13
N LEU A 114 11.31 2.24 11.06
CA LEU A 114 10.31 1.19 11.02
C LEU A 114 10.95 -0.14 11.42
N GLY A 115 10.36 -1.25 11.01
CA GLY A 115 10.94 -2.54 11.29
C GLY A 115 12.16 -2.80 10.43
N ARG A 116 11.93 -3.30 9.22
CA ARG A 116 13.00 -3.58 8.27
C ARG A 116 12.43 -4.08 6.95
N SER A 117 13.22 -3.99 5.90
CA SER A 117 12.78 -4.41 4.59
C SER A 117 12.95 -5.92 4.41
N ASN A 118 11.87 -6.61 4.02
CA ASN A 118 11.94 -8.05 3.79
C ASN A 118 11.64 -8.37 2.33
N LEU A 119 12.69 -8.61 1.57
CA LEU A 119 12.54 -8.92 0.16
C LEU A 119 12.26 -10.41 -0.01
N LYS A 120 11.05 -10.84 0.38
CA LYS A 120 10.72 -12.25 0.34
C LYS A 120 9.69 -12.55 -0.74
N PHE A 121 8.55 -11.90 -0.66
CA PHE A 121 7.47 -12.16 -1.59
C PHE A 121 7.53 -11.21 -2.77
N ALA A 122 8.26 -11.60 -3.79
CA ALA A 122 8.42 -10.78 -4.98
C ALA A 122 8.11 -11.56 -6.23
N GLY A 123 7.05 -11.16 -6.92
CA GLY A 123 6.68 -11.80 -8.17
C GLY A 123 5.33 -12.49 -8.10
N MET A 124 4.40 -11.93 -7.34
CA MET A 124 3.08 -12.53 -7.24
C MET A 124 2.01 -11.55 -7.72
N PRO A 125 1.30 -11.89 -8.80
CA PRO A 125 0.23 -11.04 -9.33
C PRO A 125 -0.94 -10.92 -8.35
N ILE A 126 -1.40 -9.69 -8.15
CA ILE A 126 -2.51 -9.41 -7.25
C ILE A 126 -3.46 -8.39 -7.87
N THR A 127 -4.51 -8.06 -7.12
CA THR A 127 -5.57 -7.21 -7.62
C THR A 127 -5.99 -6.21 -6.54
N LEU A 128 -5.74 -4.94 -6.81
CA LEU A 128 -6.07 -3.88 -5.87
C LEU A 128 -7.58 -3.68 -5.84
N THR A 129 -8.23 -4.20 -4.81
CA THR A 129 -9.67 -4.12 -4.70
C THR A 129 -10.07 -3.07 -3.65
N VAL A 130 -10.75 -2.02 -4.09
CA VAL A 130 -11.17 -0.96 -3.19
C VAL A 130 -12.64 -1.08 -2.85
N SER A 131 -12.98 -0.77 -1.61
CA SER A 131 -14.33 -0.87 -1.13
C SER A 131 -14.60 0.21 -0.09
N THR A 132 -15.84 0.67 -0.01
CA THR A 132 -16.24 1.71 0.95
C THR A 132 -15.81 1.40 2.38
N SER A 133 -15.64 0.12 2.71
CA SER A 133 -15.23 -0.26 4.04
C SER A 133 -14.01 -1.19 4.02
N SER A 134 -13.45 -1.43 2.83
CA SER A 134 -12.42 -2.45 2.68
C SER A 134 -11.36 -2.03 1.67
N LEU A 135 -10.15 -2.54 1.83
CA LEU A 135 -9.10 -2.31 0.85
C LEU A 135 -8.17 -3.52 0.83
N ASN A 136 -8.61 -4.56 0.14
CA ASN A 136 -7.90 -5.83 0.11
C ASN A 136 -7.43 -6.16 -1.29
N LEU A 137 -6.42 -6.99 -1.39
CA LEU A 137 -5.87 -7.36 -2.68
C LEU A 137 -6.14 -8.83 -2.96
N MET A 138 -6.70 -9.11 -4.12
CA MET A 138 -7.01 -10.47 -4.51
C MET A 138 -5.84 -11.04 -5.29
N ALA A 139 -5.26 -12.12 -4.80
CA ALA A 139 -4.13 -12.75 -5.47
C ALA A 139 -4.54 -13.29 -6.83
N ALA A 140 -4.04 -12.66 -7.88
CA ALA A 140 -4.36 -13.04 -9.25
C ALA A 140 -3.56 -14.28 -9.64
N ASP A 141 -2.66 -14.68 -8.75
CA ASP A 141 -1.91 -15.92 -8.91
C ASP A 141 -2.81 -17.12 -8.59
N CYS A 142 -4.07 -16.80 -8.28
CA CYS A 142 -5.09 -17.79 -7.99
C CYS A 142 -4.75 -18.55 -6.71
N LYS A 143 -4.69 -17.81 -5.61
CA LYS A 143 -4.42 -18.38 -4.31
C LYS A 143 -5.53 -18.04 -3.34
N GLN A 144 -5.48 -16.82 -2.83
CA GLN A 144 -6.40 -16.37 -1.81
C GLN A 144 -6.51 -14.86 -1.87
N ILE A 145 -7.14 -14.28 -0.86
CA ILE A 145 -7.24 -12.84 -0.78
C ILE A 145 -6.35 -12.33 0.35
N ILE A 146 -5.47 -11.42 0.02
CA ILE A 146 -4.54 -10.88 0.98
C ILE A 146 -4.97 -9.47 1.39
N ALA A 147 -4.15 -8.82 2.21
CA ALA A 147 -4.41 -7.47 2.70
C ALA A 147 -5.60 -7.47 3.68
N ASN A 148 -6.10 -6.28 3.98
CA ASN A 148 -7.14 -6.14 4.99
C ASN A 148 -8.45 -5.66 4.37
N HIS A 149 -9.55 -6.24 4.82
CA HIS A 149 -10.86 -5.84 4.35
C HIS A 149 -11.46 -4.81 5.31
N HIS A 150 -10.60 -3.99 5.88
CA HIS A 150 -11.04 -3.02 6.85
C HIS A 150 -10.33 -1.69 6.67
N MET A 151 -11.00 -0.77 5.97
CA MET A 151 -10.44 0.55 5.67
C MET A 151 -9.94 1.27 6.91
N GLN A 152 -10.66 1.11 8.02
CA GLN A 152 -10.33 1.79 9.27
C GLN A 152 -8.95 1.39 9.78
N SER A 153 -8.42 0.32 9.25
CA SER A 153 -7.21 -0.26 9.78
C SER A 153 -6.06 -0.20 8.78
N ILE A 154 -6.05 0.83 7.95
CA ILE A 154 -4.97 1.06 7.00
C ILE A 154 -3.91 1.96 7.63
N SER A 155 -2.99 2.46 6.82
CA SER A 155 -1.98 3.38 7.33
C SER A 155 -1.68 4.49 6.32
N PHE A 156 -0.97 4.15 5.24
CA PHE A 156 -0.65 5.11 4.18
C PHE A 156 -0.33 4.37 2.89
N ALA A 157 -0.15 5.10 1.80
CA ALA A 157 0.09 4.47 0.51
C ALA A 157 0.78 5.43 -0.44
N SER A 158 1.81 4.95 -1.12
CA SER A 158 2.55 5.78 -2.05
C SER A 158 2.03 5.56 -3.47
N GLY A 159 1.64 6.65 -4.11
CA GLY A 159 1.10 6.59 -5.44
C GLY A 159 0.97 7.97 -6.04
N GLY A 160 -0.02 8.14 -6.91
CA GLY A 160 -0.22 9.42 -7.54
C GLY A 160 0.69 9.61 -8.73
N ASP A 161 1.48 10.67 -8.71
CA ASP A 161 2.43 10.94 -9.77
C ASP A 161 3.67 11.65 -9.23
N PRO A 162 4.46 10.96 -8.41
CA PRO A 162 5.74 11.45 -7.95
C PRO A 162 6.89 10.89 -8.78
N ASP A 163 8.11 11.11 -8.34
CA ASP A 163 9.29 10.57 -9.00
C ASP A 163 9.41 9.07 -8.78
N THR A 164 8.33 8.50 -8.32
CA THR A 164 8.26 7.09 -8.00
C THR A 164 7.00 6.48 -8.60
N ALA A 165 6.28 7.27 -9.42
CA ALA A 165 5.01 6.84 -10.00
C ALA A 165 5.15 5.55 -10.84
N GLU A 166 6.39 5.17 -11.13
CA GLU A 166 6.68 3.94 -11.85
C GLU A 166 6.25 2.72 -11.04
N TYR A 167 6.37 2.80 -9.72
CA TYR A 167 6.00 1.71 -8.84
C TYR A 167 5.07 2.21 -7.76
N VAL A 168 4.16 1.37 -7.31
CA VAL A 168 3.18 1.80 -6.32
C VAL A 168 3.39 1.03 -5.03
N ALA A 169 2.88 1.53 -3.91
CA ALA A 169 2.98 0.81 -2.66
C ALA A 169 1.83 1.17 -1.73
N TYR A 170 1.40 0.21 -0.93
CA TYR A 170 0.40 0.46 0.09
C TYR A 170 0.89 -0.13 1.40
N VAL A 171 0.68 0.57 2.49
CA VAL A 171 1.05 0.07 3.80
C VAL A 171 -0.13 0.21 4.76
N ALA A 172 -0.47 -0.90 5.39
CA ALA A 172 -1.65 -0.97 6.23
C ALA A 172 -1.46 -2.02 7.31
N LYS A 173 -2.51 -2.28 8.09
CA LYS A 173 -2.46 -3.37 9.06
C LYS A 173 -2.98 -4.65 8.43
N ASP A 174 -2.10 -5.34 7.72
CA ASP A 174 -2.44 -6.59 7.06
C ASP A 174 -2.31 -7.75 8.05
N PRO A 175 -2.87 -8.92 7.71
CA PRO A 175 -2.74 -10.13 8.53
C PRO A 175 -1.34 -10.74 8.51
N VAL A 176 -0.34 -9.88 8.39
CA VAL A 176 1.05 -10.30 8.32
C VAL A 176 1.81 -9.82 9.55
N ASN A 177 1.96 -8.50 9.67
CA ASN A 177 2.62 -7.88 10.81
C ASN A 177 1.68 -6.89 11.47
N GLN A 178 2.23 -5.99 12.28
CA GLN A 178 1.47 -4.86 12.79
C GLN A 178 1.05 -3.98 11.63
N ARG A 179 2.05 -3.46 10.94
CA ARG A 179 1.85 -2.76 9.68
C ARG A 179 2.89 -3.20 8.68
N ALA A 180 2.54 -3.22 7.42
CA ALA A 180 3.49 -3.63 6.39
C ALA A 180 3.32 -2.80 5.14
N CYS A 181 4.44 -2.47 4.52
CA CYS A 181 4.46 -1.74 3.26
C CYS A 181 4.65 -2.73 2.11
N HIS A 182 3.66 -2.80 1.25
CA HIS A 182 3.66 -3.75 0.14
C HIS A 182 3.86 -3.00 -1.16
N ILE A 183 4.84 -3.42 -1.94
CA ILE A 183 5.15 -2.72 -3.18
C ILE A 183 4.49 -3.43 -4.37
N LEU A 184 3.82 -2.66 -5.21
CA LEU A 184 3.10 -3.20 -6.36
C LEU A 184 3.81 -2.79 -7.65
N GLU A 185 4.06 -3.79 -8.49
CA GLU A 185 4.69 -3.58 -9.78
C GLU A 185 3.63 -3.63 -10.88
N CYS A 186 3.96 -3.03 -12.03
CA CYS A 186 3.06 -2.96 -13.18
C CYS A 186 1.75 -2.29 -12.83
N PRO A 187 1.80 -0.99 -12.44
CA PRO A 187 0.61 -0.25 -12.02
C PRO A 187 -0.33 0.07 -13.18
N GLU A 188 0.24 0.47 -14.32
CA GLU A 188 -0.54 0.82 -15.51
C GLU A 188 -1.39 2.07 -15.22
N GLY A 189 -1.07 2.77 -14.15
CA GLY A 189 -1.82 3.93 -13.76
C GLY A 189 -2.52 3.76 -12.43
N LEU A 190 -2.48 2.54 -11.88
CA LEU A 190 -3.13 2.25 -10.60
C LEU A 190 -2.67 3.24 -9.53
N ALA A 191 -1.43 3.72 -9.65
CA ALA A 191 -0.89 4.66 -8.67
C ALA A 191 -1.88 5.78 -8.36
N GLN A 192 -2.03 6.71 -9.28
CA GLN A 192 -2.91 7.85 -9.10
C GLN A 192 -4.36 7.41 -9.09
N ASP A 193 -4.66 6.32 -9.78
CA ASP A 193 -6.04 5.86 -9.92
C ASP A 193 -6.58 5.36 -8.60
N VAL A 194 -5.88 4.41 -7.98
CA VAL A 194 -6.32 3.88 -6.68
C VAL A 194 -6.30 4.96 -5.62
N ILE A 195 -5.28 5.82 -5.66
CA ILE A 195 -5.17 6.91 -4.69
C ILE A 195 -6.36 7.86 -4.82
N SER A 196 -6.69 8.21 -6.05
CA SER A 196 -7.83 9.08 -6.32
C SER A 196 -9.13 8.38 -5.92
N THR A 197 -9.28 7.12 -6.34
CA THR A 197 -10.47 6.34 -6.02
C THR A 197 -10.69 6.23 -4.52
N ILE A 198 -9.71 5.64 -3.83
CA ILE A 198 -9.80 5.43 -2.38
C ILE A 198 -10.02 6.76 -1.67
N GLY A 199 -9.28 7.78 -2.10
CA GLY A 199 -9.41 9.10 -1.51
C GLY A 199 -10.80 9.68 -1.69
N GLN A 200 -11.27 9.71 -2.93
CA GLN A 200 -12.57 10.31 -3.25
C GLN A 200 -13.73 9.50 -2.68
N ALA A 201 -13.54 8.19 -2.57
CA ALA A 201 -14.55 7.34 -1.96
C ALA A 201 -14.68 7.67 -0.48
N PHE A 202 -13.59 7.50 0.26
CA PHE A 202 -13.60 7.74 1.70
C PHE A 202 -13.80 9.23 1.99
N GLU A 203 -13.60 10.06 0.96
CA GLU A 203 -13.85 11.49 1.07
C GLU A 203 -15.29 11.78 1.49
N LEU A 204 -16.19 10.84 1.22
CA LEU A 204 -17.58 11.01 1.63
C LEU A 204 -17.71 11.02 3.15
N ARG A 205 -16.67 10.54 3.83
CA ARG A 205 -16.63 10.57 5.29
C ARG A 205 -15.43 11.41 5.76
N PHE A 206 -14.80 12.10 4.82
CA PHE A 206 -13.65 12.94 5.12
C PHE A 206 -14.13 14.32 5.56
N LYS A 207 -13.77 14.70 6.78
CA LYS A 207 -14.22 15.98 7.33
C LYS A 207 -13.04 16.89 7.63
N GLN A 208 -13.35 18.14 7.97
CA GLN A 208 -12.35 19.15 8.26
C GLN A 208 -12.07 19.18 9.77
N TYR A 209 -12.83 18.36 10.49
CA TYR A 209 -12.71 18.26 11.95
C TYR A 209 -11.34 17.76 12.38
N LEU A 210 -10.64 17.12 11.47
CA LEU A 210 -9.38 16.46 11.79
C LEU A 210 -8.47 16.37 10.56
N ARG A 211 -7.31 15.74 10.75
CA ARG A 211 -6.33 15.52 9.69
C ARG A 211 -5.73 16.86 9.25
N ARG B 1 15.45 11.10 12.10
CA ARG B 1 16.34 12.29 12.07
C ARG B 1 15.81 13.29 11.05
N ALA B 2 16.05 14.57 11.29
CA ALA B 2 15.52 15.61 10.41
C ALA B 2 16.59 16.61 9.99
N LYS B 3 17.08 16.45 8.78
CA LYS B 3 17.93 17.45 8.14
C LYS B 3 17.20 17.93 6.89
N TRP B 4 17.36 17.18 5.82
CA TRP B 4 16.44 17.20 4.71
C TRP B 4 15.60 15.94 4.84
N ASP B 5 16.30 14.90 5.26
CA ASP B 5 15.72 13.60 5.58
C ASP B 5 16.45 13.01 6.78
N THR B 6 16.34 11.70 6.96
CA THR B 6 16.98 11.02 8.08
C THR B 6 18.32 10.42 7.65
N ALA B 7 18.46 10.17 6.35
CA ALA B 7 19.64 9.55 5.77
C ALA B 7 19.41 9.41 4.27
N ASN B 8 20.45 9.04 3.51
CA ASN B 8 20.30 8.95 2.06
C ASN B 8 21.39 8.13 1.39
N ASN B 9 20.93 7.27 0.49
CA ASN B 9 21.72 6.53 -0.48
C ASN B 9 20.70 5.91 -1.42
N PRO B 10 21.08 5.17 -2.49
CA PRO B 10 20.10 4.68 -3.48
C PRO B 10 19.05 3.73 -2.89
N LEU B 11 19.26 3.28 -1.65
CA LEU B 11 18.31 2.41 -0.98
C LEU B 11 17.18 3.22 -0.37
N LYS B 13 15.75 7.14 0.21
CA LYS B 13 15.61 8.55 -0.09
C LYS B 13 14.13 8.86 -0.32
N GLU B 14 13.64 9.94 0.27
CA GLU B 14 12.27 10.38 0.03
C GLU B 14 12.14 10.83 -1.42
N ALA B 15 11.12 10.35 -2.11
CA ALA B 15 10.94 10.65 -3.53
C ALA B 15 9.59 10.16 -4.07
N THR B 16 8.61 10.05 -3.19
CA THR B 16 7.30 9.58 -3.60
C THR B 16 6.21 10.24 -2.76
N SER B 17 4.96 10.05 -3.14
CA SER B 17 3.85 10.62 -2.41
C SER B 17 3.08 9.52 -1.69
N THR B 18 3.34 9.35 -0.41
CA THR B 18 2.67 8.32 0.36
C THR B 18 1.77 8.95 1.42
N PHE B 19 0.50 8.56 1.39
CA PHE B 19 -0.49 9.06 2.32
C PHE B 19 -1.81 8.33 2.10
N THR B 20 -2.81 8.70 2.89
CA THR B 20 -4.18 8.24 2.72
C THR B 20 -5.12 9.26 3.37
N ASN B 21 -6.41 8.96 3.41
CA ASN B 21 -7.37 9.82 4.08
C ASN B 21 -7.23 9.69 5.60
N ILE B 22 -8.01 10.47 6.33
CA ILE B 22 -8.03 10.38 7.79
C ILE B 22 -8.67 9.06 8.21
N THR B 23 -7.87 8.15 8.73
CA THR B 23 -8.37 6.86 9.20
C THR B 23 -7.59 6.38 10.41
N ARG B 25 -4.62 7.90 11.50
CA ARG B 25 -3.93 8.99 12.16
C ARG B 25 -4.46 10.33 11.66
N GLY B 26 -4.34 11.35 12.49
CA GLY B 26 -4.76 12.68 12.09
C GLY B 26 -3.60 13.48 11.58
N THR B 27 -3.06 13.05 10.46
CA THR B 27 -1.85 13.61 9.90
C THR B 27 -1.85 13.46 8.39
N GLY A 21 -18.82 -33.68 16.87
CA GLY A 21 -20.07 -32.91 17.13
C GLY A 21 -20.03 -31.56 16.45
N GLN A 22 -19.97 -30.51 17.24
CA GLN A 22 -19.93 -29.16 16.70
C GLN A 22 -18.52 -28.61 16.81
N LEU A 23 -18.26 -27.48 16.16
CA LEU A 23 -16.91 -26.93 16.10
C LEU A 23 -16.85 -25.61 16.86
N GLY A 24 -15.63 -25.16 17.14
CA GLY A 24 -15.43 -23.88 17.79
C GLY A 24 -15.60 -22.73 16.82
N GLY A 25 -16.81 -22.21 16.73
CA GLY A 25 -17.11 -21.18 15.76
C GLY A 25 -17.47 -21.79 14.42
N GLU A 26 -18.74 -21.74 14.08
CA GLU A 26 -19.22 -22.41 12.89
C GLU A 26 -19.81 -21.42 11.91
N GLU A 27 -19.05 -21.12 10.87
CA GLU A 27 -19.57 -20.31 9.79
C GLU A 27 -20.17 -21.21 8.73
N TRP A 28 -21.48 -21.30 8.72
CA TRP A 28 -22.19 -22.15 7.79
C TRP A 28 -23.08 -21.33 6.89
N THR A 29 -22.70 -20.07 6.75
CA THR A 29 -23.50 -19.12 6.01
C THR A 29 -22.76 -18.68 4.75
N ARG A 30 -23.37 -17.78 4.01
CA ARG A 30 -22.80 -17.32 2.74
C ARG A 30 -21.74 -16.27 2.98
N HIS A 31 -20.49 -16.71 3.10
CA HIS A 31 -19.35 -15.82 3.26
C HIS A 31 -19.23 -14.92 2.03
N GLY A 32 -19.52 -13.64 2.22
CA GLY A 32 -19.64 -12.73 1.11
C GLY A 32 -21.10 -12.43 0.83
N SER A 33 -21.78 -11.91 1.84
CA SER A 33 -23.22 -11.70 1.78
C SER A 33 -23.58 -10.37 1.13
N PHE A 34 -24.36 -10.43 0.07
CA PHE A 34 -24.90 -9.22 -0.55
C PHE A 34 -26.36 -9.06 -0.14
N VAL A 35 -26.64 -8.01 0.63
CA VAL A 35 -27.99 -7.76 1.11
C VAL A 35 -28.87 -7.15 0.01
N ASN A 36 -30.11 -7.61 -0.07
CA ASN A 36 -31.06 -7.06 -1.04
C ASN A 36 -31.67 -5.78 -0.49
N LYS A 37 -31.27 -4.68 -1.09
CA LYS A 37 -31.76 -3.36 -0.70
C LYS A 37 -31.47 -2.40 -1.84
N PRO A 38 -32.00 -1.15 -1.78
CA PRO A 38 -31.65 -0.11 -2.75
C PRO A 38 -30.14 0.06 -2.86
N THR A 39 -29.56 -0.53 -3.90
CA THR A 39 -28.12 -0.52 -4.09
C THR A 39 -27.81 -0.47 -5.59
N ARG A 40 -26.53 -0.31 -5.90
CA ARG A 40 -26.04 -0.29 -7.28
C ARG A 40 -26.38 1.03 -7.98
N GLY A 41 -27.05 1.92 -7.27
CA GLY A 41 -27.38 3.21 -7.83
C GLY A 41 -26.24 4.20 -7.69
N TRP A 42 -25.06 3.79 -8.14
CA TRP A 42 -23.87 4.66 -8.06
C TRP A 42 -23.25 4.83 -9.44
N LEU A 43 -22.25 5.70 -9.53
CA LEU A 43 -21.45 5.83 -10.74
C LEU A 43 -20.49 4.65 -10.84
N HIS A 44 -19.75 4.58 -11.94
CA HIS A 44 -18.96 3.39 -12.26
C HIS A 44 -17.99 2.99 -11.13
N PRO A 45 -17.07 3.88 -10.69
CA PRO A 45 -16.14 3.56 -9.61
C PRO A 45 -16.83 3.36 -8.26
N ASN A 46 -17.74 4.28 -7.94
CA ASN A 46 -18.45 4.26 -6.65
C ASN A 46 -19.24 2.97 -6.50
N ASP A 47 -19.85 2.53 -7.59
CA ASP A 47 -20.67 1.33 -7.58
C ASP A 47 -19.86 0.14 -7.07
N LYS A 48 -18.64 0.05 -7.54
CA LYS A 48 -17.77 -1.05 -7.19
C LYS A 48 -17.21 -0.86 -5.80
N VAL A 49 -16.53 0.25 -5.63
CA VAL A 49 -15.86 0.55 -4.36
C VAL A 49 -16.80 0.34 -3.15
N MET A 50 -18.07 0.62 -3.36
CA MET A 50 -19.07 0.45 -2.32
C MET A 50 -19.65 -0.96 -2.34
N GLY A 51 -19.65 -1.57 -3.51
CA GLY A 51 -20.15 -2.92 -3.66
C GLY A 51 -19.03 -3.96 -3.77
N PRO A 52 -18.77 -4.48 -4.99
CA PRO A 52 -17.78 -5.55 -5.22
C PRO A 52 -16.33 -5.10 -5.06
N GLY A 53 -16.08 -3.83 -5.36
CA GLY A 53 -14.75 -3.27 -5.26
C GLY A 53 -14.09 -3.10 -6.61
N VAL A 54 -13.48 -1.93 -6.85
CA VAL A 54 -12.74 -1.71 -8.09
C VAL A 54 -11.44 -2.48 -8.03
N SER A 55 -10.84 -2.72 -9.18
CA SER A 55 -9.64 -3.52 -9.23
C SER A 55 -8.65 -2.95 -10.25
N TYR A 56 -7.40 -2.80 -9.82
CA TYR A 56 -6.34 -2.28 -10.67
C TYR A 56 -5.25 -3.33 -10.86
N LEU A 57 -4.45 -3.18 -11.90
CA LEU A 57 -3.36 -4.10 -12.15
C LEU A 57 -2.09 -3.62 -11.47
N VAL A 58 -1.46 -4.49 -10.67
CA VAL A 58 -0.26 -4.12 -9.95
C VAL A 58 0.73 -5.28 -9.94
N ARG A 59 1.99 -4.98 -9.66
CA ARG A 59 3.02 -6.02 -9.59
C ARG A 59 3.69 -5.99 -8.22
N TYR A 60 3.61 -7.09 -7.51
CA TYR A 60 4.29 -7.22 -6.24
C TYR A 60 5.78 -7.21 -6.49
N MET A 61 6.43 -6.14 -6.07
CA MET A 61 7.84 -5.96 -6.31
C MET A 61 8.54 -5.61 -5.00
N GLY A 62 8.99 -6.63 -4.29
CA GLY A 62 9.70 -6.44 -3.05
C GLY A 62 8.78 -6.02 -1.91
N CYS A 63 9.26 -6.15 -0.69
CA CYS A 63 8.48 -5.74 0.47
C CYS A 63 9.41 -5.28 1.58
N VAL A 64 9.07 -4.17 2.21
CA VAL A 64 9.88 -3.67 3.30
C VAL A 64 9.10 -3.74 4.60
N GLU A 65 9.66 -4.43 5.57
CA GLU A 65 9.00 -4.64 6.83
C GLU A 65 9.21 -3.43 7.72
N VAL A 66 8.15 -2.66 7.91
CA VAL A 66 8.21 -1.45 8.70
C VAL A 66 7.62 -1.73 10.09
N LEU A 67 8.41 -1.54 11.14
CA LEU A 67 7.95 -1.79 12.49
C LEU A 67 7.59 -0.49 13.19
N GLN A 68 7.09 0.46 12.40
CA GLN A 68 6.75 1.79 12.91
C GLN A 68 5.44 2.27 12.26
N SER A 69 4.85 3.32 12.82
CA SER A 69 3.63 3.88 12.27
C SER A 69 3.88 5.32 11.86
N MET A 70 2.90 5.90 11.17
CA MET A 70 3.01 7.30 10.74
C MET A 70 2.96 8.24 11.93
N ARG A 71 2.14 7.89 12.93
CA ARG A 71 2.14 8.65 14.19
C ARG A 71 3.45 8.45 14.96
N ALA A 72 4.26 7.52 14.50
CA ALA A 72 5.53 7.22 15.16
C ALA A 72 6.71 7.57 14.25
N LEU A 73 6.41 8.21 13.13
CA LEU A 73 7.43 8.59 12.17
C LEU A 73 7.37 10.07 11.88
N ASP A 74 8.50 10.58 11.42
CA ASP A 74 8.61 11.96 11.00
C ASP A 74 8.04 12.11 9.60
N PHE A 75 7.62 13.31 9.23
CA PHE A 75 7.05 13.55 7.91
C PHE A 75 8.03 13.15 6.80
N ASN A 76 9.29 13.54 6.95
CA ASN A 76 10.30 13.20 5.97
C ASN A 76 10.70 11.75 6.16
N THR A 77 10.85 11.34 7.42
CA THR A 77 11.22 9.97 7.74
C THR A 77 10.27 8.98 7.07
N ARG A 78 8.96 9.18 7.24
CA ARG A 78 7.96 8.30 6.66
C ARG A 78 8.12 8.25 5.14
N THR A 79 8.23 9.42 4.53
CA THR A 79 8.37 9.50 3.09
C THR A 79 9.69 8.87 2.63
N GLN A 80 10.69 8.88 3.49
CA GLN A 80 12.00 8.43 3.13
C GLN A 80 12.06 6.93 3.24
N VAL A 81 11.47 6.40 4.32
CA VAL A 81 11.43 4.97 4.55
C VAL A 81 10.59 4.27 3.48
N THR A 82 9.51 4.92 3.06
CA THR A 82 8.64 4.35 2.05
C THR A 82 9.30 4.44 0.68
N ARG A 83 9.85 5.61 0.37
CA ARG A 83 10.52 5.80 -0.91
C ARG A 83 11.83 5.02 -0.95
N GLU A 84 12.37 4.70 0.21
CA GLU A 84 13.49 3.79 0.33
C GLU A 84 13.11 2.46 -0.31
N ALA A 85 12.03 1.89 0.20
CA ALA A 85 11.53 0.61 -0.27
C ALA A 85 11.42 0.61 -1.78
N ILE A 86 10.65 1.54 -2.29
CA ILE A 86 10.42 1.66 -3.73
C ILE A 86 11.74 1.84 -4.48
N SER A 87 12.73 2.43 -3.83
CA SER A 87 13.99 2.76 -4.47
C SER A 87 14.87 1.53 -4.63
N LEU A 88 15.33 0.98 -3.50
CA LEU A 88 16.27 -0.13 -3.57
C LEU A 88 15.60 -1.36 -4.17
N VAL A 89 14.29 -1.42 -4.09
CA VAL A 89 13.54 -2.46 -4.76
C VAL A 89 13.65 -2.30 -6.27
N CYS A 90 13.24 -1.15 -6.78
CA CYS A 90 13.20 -0.93 -8.22
C CYS A 90 14.60 -0.91 -8.81
N GLU A 91 15.59 -0.60 -7.97
CA GLU A 91 16.96 -0.47 -8.44
C GLU A 91 17.77 -1.71 -8.10
N ALA A 92 17.10 -2.81 -7.78
CA ALA A 92 17.79 -4.05 -7.50
C ALA A 92 17.01 -5.27 -7.96
N VAL A 93 15.76 -5.37 -7.53
CA VAL A 93 14.96 -6.56 -7.84
C VAL A 93 14.45 -6.52 -9.28
N PRO A 94 14.09 -7.68 -9.84
CA PRO A 94 13.50 -7.75 -11.18
C PRO A 94 12.06 -7.26 -11.20
N GLY A 95 11.60 -6.85 -12.36
CA GLY A 95 10.25 -6.36 -12.50
C GLY A 95 10.20 -4.88 -12.82
N ALA A 96 11.10 -4.12 -12.21
CA ALA A 96 11.15 -2.66 -12.42
C ALA A 96 11.34 -2.31 -13.88
N LYS A 97 10.76 -1.19 -14.29
CA LYS A 97 10.88 -0.69 -15.65
C LYS A 97 12.34 -0.39 -15.96
N GLY A 98 12.96 0.37 -15.06
CA GLY A 98 14.35 0.72 -15.21
C GLY A 98 15.09 0.64 -13.89
N ALA A 99 16.19 -0.10 -13.88
CA ALA A 99 17.01 -0.24 -12.70
C ALA A 99 18.47 0.00 -13.04
N THR A 100 19.12 0.88 -12.30
CA THR A 100 20.53 1.17 -12.51
C THR A 100 21.40 0.25 -11.66
N ARG A 101 20.74 -0.52 -10.80
CA ARG A 101 21.40 -1.34 -9.78
C ARG A 101 22.12 -0.45 -8.79
N ARG A 102 21.45 -0.18 -7.68
CA ARG A 102 22.05 0.58 -6.59
C ARG A 102 21.59 0.02 -5.26
N ARG A 103 22.44 -0.78 -4.63
CA ARG A 103 22.14 -1.24 -3.28
C ARG A 103 23.32 -0.96 -2.37
N LYS A 104 23.13 0.01 -1.50
CA LYS A 104 24.14 0.36 -0.51
C LYS A 104 24.42 -0.82 0.41
N PRO A 105 25.69 -1.22 0.54
CA PRO A 105 26.08 -2.39 1.35
C PRO A 105 26.07 -2.09 2.85
N CYS A 106 25.36 -1.04 3.23
CA CYS A 106 25.23 -0.66 4.62
C CYS A 106 24.25 -1.59 5.31
N SER A 107 24.46 -1.83 6.61
CA SER A 107 23.52 -2.64 7.37
C SER A 107 22.36 -1.76 7.84
N ARG A 108 21.69 -1.15 6.89
CA ARG A 108 20.55 -0.29 7.15
C ARG A 108 19.57 -0.34 6.00
N PRO A 109 18.28 -0.30 6.31
CA PRO A 109 17.24 -0.14 5.31
C PRO A 109 17.32 1.25 4.68
N LEU A 110 17.24 2.26 5.53
CA LEU A 110 17.51 3.64 5.13
C LEU A 110 18.30 4.35 6.22
N SER A 111 17.82 4.27 7.45
CA SER A 111 18.52 4.78 8.61
C SER A 111 18.21 3.92 9.82
N SER A 112 17.79 2.67 9.54
CA SER A 112 17.35 1.75 10.57
C SER A 112 16.22 2.35 11.40
N ILE A 113 15.30 3.02 10.71
CA ILE A 113 14.14 3.63 11.36
C ILE A 113 13.04 2.60 11.51
N LEU A 114 12.77 1.91 10.42
CA LEU A 114 11.78 0.87 10.40
C LEU A 114 12.43 -0.50 10.58
N GLY A 115 11.75 -1.55 10.15
CA GLY A 115 12.30 -2.89 10.28
C GLY A 115 13.50 -3.09 9.35
N ARG A 116 13.23 -3.50 8.12
CA ARG A 116 14.29 -3.69 7.14
C ARG A 116 13.69 -3.98 5.76
N SER A 117 14.46 -3.72 4.72
CA SER A 117 14.03 -3.95 3.36
C SER A 117 14.22 -5.41 3.00
N ASN A 118 13.13 -6.08 2.64
CA ASN A 118 13.20 -7.50 2.33
C ASN A 118 12.81 -7.74 0.88
N LEU A 119 13.81 -7.86 0.04
CA LEU A 119 13.58 -8.03 -1.39
C LEU A 119 13.33 -9.51 -1.70
N LYS A 120 12.24 -10.05 -1.15
CA LYS A 120 11.95 -11.46 -1.31
C LYS A 120 10.79 -11.71 -2.25
N PHE A 121 9.69 -11.02 -2.05
CA PHE A 121 8.53 -11.18 -2.90
C PHE A 121 8.55 -10.18 -4.04
N ALA A 122 9.27 -10.52 -5.10
CA ALA A 122 9.37 -9.64 -6.26
C ALA A 122 9.02 -10.39 -7.53
N GLY A 123 8.07 -9.85 -8.28
CA GLY A 123 7.71 -10.43 -9.56
C GLY A 123 6.42 -11.20 -9.53
N MET A 124 5.46 -10.75 -8.73
CA MET A 124 4.19 -11.45 -8.64
C MET A 124 3.04 -10.53 -9.01
N PRO A 125 2.31 -10.86 -10.09
CA PRO A 125 1.18 -10.05 -10.54
C PRO A 125 0.04 -10.05 -9.52
N ILE A 126 -0.45 -8.87 -9.20
CA ILE A 126 -1.54 -8.72 -8.25
C ILE A 126 -2.58 -7.73 -8.75
N THR A 127 -3.60 -7.52 -7.95
CA THR A 127 -4.73 -6.70 -8.32
C THR A 127 -5.17 -5.83 -7.13
N LEU A 128 -5.03 -4.52 -7.28
CA LEU A 128 -5.40 -3.58 -6.24
C LEU A 128 -6.91 -3.49 -6.16
N THR A 129 -7.48 -4.12 -5.15
CA THR A 129 -8.93 -4.12 -4.99
C THR A 129 -9.34 -3.11 -3.93
N VAL A 130 -9.97 -2.03 -4.38
CA VAL A 130 -10.38 -0.96 -3.48
C VAL A 130 -11.81 -1.17 -3.03
N SER A 131 -11.99 -1.28 -1.72
CA SER A 131 -13.30 -1.40 -1.13
C SER A 131 -13.48 -0.30 -0.08
N THR A 132 -14.69 0.20 0.03
CA THR A 132 -15.00 1.27 0.99
C THR A 132 -14.68 0.83 2.43
N SER A 133 -14.58 -0.49 2.64
CA SER A 133 -14.23 -1.00 3.96
C SER A 133 -13.05 -1.98 3.89
N SER A 134 -12.38 -2.04 2.75
CA SER A 134 -11.32 -3.03 2.55
C SER A 134 -10.29 -2.55 1.53
N LEU A 135 -9.05 -2.98 1.67
CA LEU A 135 -8.01 -2.63 0.71
C LEU A 135 -7.06 -3.81 0.56
N ASN A 136 -7.51 -4.78 -0.21
CA ASN A 136 -6.78 -6.04 -0.38
C ASN A 136 -6.35 -6.22 -1.82
N LEU A 137 -5.32 -7.02 -2.02
CA LEU A 137 -4.80 -7.26 -3.36
C LEU A 137 -4.96 -8.71 -3.75
N MET A 138 -5.60 -8.94 -4.87
CA MET A 138 -5.81 -10.28 -5.38
C MET A 138 -4.64 -10.69 -6.24
N ALA A 139 -3.97 -11.77 -5.87
CA ALA A 139 -2.85 -12.26 -6.66
C ALA A 139 -3.32 -12.77 -8.02
N ALA A 140 -2.95 -12.04 -9.07
CA ALA A 140 -3.29 -12.42 -10.43
C ALA A 140 -2.47 -13.64 -10.85
N ASP A 141 -1.52 -13.98 -9.99
CA ASP A 141 -0.76 -15.21 -10.10
C ASP A 141 -1.69 -16.41 -9.88
N CYS A 142 -2.90 -16.11 -9.37
CA CYS A 142 -3.92 -17.12 -9.09
C CYS A 142 -3.49 -17.99 -7.93
N LYS A 143 -2.82 -17.36 -6.97
CA LYS A 143 -2.27 -18.06 -5.82
C LYS A 143 -3.18 -17.89 -4.60
N GLN A 144 -3.49 -16.64 -4.27
CA GLN A 144 -4.39 -16.32 -3.18
C GLN A 144 -4.64 -14.82 -3.12
N ILE A 145 -5.13 -14.35 -1.99
CA ILE A 145 -5.38 -12.93 -1.80
C ILE A 145 -4.52 -12.39 -0.67
N ILE A 146 -3.79 -11.34 -0.95
CA ILE A 146 -2.89 -10.75 0.02
C ILE A 146 -3.46 -9.44 0.55
N ALA A 147 -2.73 -8.81 1.46
CA ALA A 147 -3.14 -7.56 2.09
C ALA A 147 -4.33 -7.78 3.01
N ASN A 148 -4.90 -6.70 3.52
CA ASN A 148 -5.95 -6.80 4.52
C ASN A 148 -7.30 -6.33 3.99
N HIS A 149 -8.33 -7.06 4.37
CA HIS A 149 -9.69 -6.77 3.94
C HIS A 149 -10.30 -5.73 4.87
N HIS A 150 -9.46 -4.81 5.33
CA HIS A 150 -9.87 -3.82 6.33
C HIS A 150 -9.29 -2.46 5.98
N MET A 151 -10.09 -1.42 6.10
CA MET A 151 -9.61 -0.06 5.88
C MET A 151 -8.97 0.48 7.15
N GLN A 152 -9.41 -0.02 8.30
CA GLN A 152 -8.94 0.47 9.59
C GLN A 152 -7.60 -0.17 9.99
N SER A 153 -7.00 -0.89 9.08
CA SER A 153 -5.75 -1.55 9.38
C SER A 153 -4.67 -1.16 8.36
N ILE A 154 -4.75 0.06 7.86
CA ILE A 154 -3.75 0.53 6.91
C ILE A 154 -2.80 1.50 7.60
N SER A 155 -1.91 2.13 6.85
CA SER A 155 -0.97 3.09 7.42
C SER A 155 -0.78 4.30 6.50
N PHE A 156 -0.18 4.08 5.35
CA PHE A 156 0.02 5.15 4.36
C PHE A 156 0.29 4.54 2.99
N ALA A 157 0.30 5.36 1.95
CA ALA A 157 0.46 4.86 0.59
C ALA A 157 1.09 5.91 -0.30
N SER A 158 2.07 5.50 -1.09
CA SER A 158 2.76 6.42 -1.97
C SER A 158 2.21 6.30 -3.38
N GLY A 159 1.78 7.42 -3.93
CA GLY A 159 1.18 7.42 -5.25
C GLY A 159 0.92 8.82 -5.74
N GLY A 160 -0.11 8.98 -6.55
CA GLY A 160 -0.42 10.27 -7.12
C GLY A 160 0.31 10.49 -8.42
N ASP A 161 1.10 11.55 -8.48
CA ASP A 161 1.95 11.82 -9.63
C ASP A 161 3.22 12.56 -9.20
N PRO A 162 4.09 11.88 -8.42
CA PRO A 162 5.37 12.43 -8.01
C PRO A 162 6.49 12.03 -8.96
N ASP A 163 7.72 12.30 -8.55
CA ASP A 163 8.93 11.90 -9.30
C ASP A 163 8.96 10.39 -9.50
N THR A 164 8.09 9.73 -8.77
CA THR A 164 8.12 8.30 -8.65
C THR A 164 6.78 7.69 -9.12
N ALA A 165 5.99 8.47 -9.85
CA ALA A 165 4.65 8.03 -10.24
C ALA A 165 4.65 6.75 -11.08
N GLU A 166 5.82 6.35 -11.58
CA GLU A 166 5.94 5.12 -12.36
C GLU A 166 5.96 3.89 -11.46
N TYR A 167 6.18 4.09 -10.17
CA TYR A 167 6.17 3.00 -9.20
C TYR A 167 5.29 3.39 -8.02
N VAL A 168 4.40 2.51 -7.63
CA VAL A 168 3.46 2.82 -6.56
C VAL A 168 3.78 1.99 -5.33
N ALA A 169 3.28 2.39 -4.18
CA ALA A 169 3.51 1.63 -2.95
C ALA A 169 2.39 1.85 -1.95
N TYR A 170 2.08 0.83 -1.19
CA TYR A 170 1.12 0.95 -0.11
C TYR A 170 1.66 0.28 1.14
N VAL A 171 1.53 0.97 2.25
CA VAL A 171 2.00 0.46 3.54
C VAL A 171 0.81 0.23 4.45
N ALA A 172 0.62 -1.00 4.85
CA ALA A 172 -0.52 -1.37 5.68
C ALA A 172 -0.15 -2.51 6.61
N LYS A 173 -1.06 -2.87 7.50
CA LYS A 173 -0.83 -4.01 8.38
C LYS A 173 -0.90 -5.31 7.60
N ASP A 174 0.25 -5.83 7.22
CA ASP A 174 0.33 -7.12 6.56
C ASP A 174 -0.17 -8.19 7.52
N PRO A 175 -1.26 -8.89 7.16
CA PRO A 175 -1.93 -9.86 8.05
C PRO A 175 -0.97 -10.87 8.67
N VAL A 176 0.06 -11.25 7.93
CA VAL A 176 1.00 -12.26 8.38
C VAL A 176 2.27 -11.66 8.96
N ASN A 177 2.33 -10.34 8.95
CA ASN A 177 3.53 -9.64 9.42
C ASN A 177 3.14 -8.55 10.44
N GLN A 178 4.08 -7.67 10.77
CA GLN A 178 3.81 -6.52 11.61
C GLN A 178 3.00 -5.50 10.81
N ARG A 179 3.69 -4.78 9.94
CA ARG A 179 3.09 -4.00 8.89
C ARG A 179 4.15 -3.82 7.82
N ALA A 180 3.76 -3.76 6.57
CA ALA A 180 4.74 -3.80 5.51
C ALA A 180 4.44 -2.83 4.38
N CYS A 181 5.50 -2.27 3.84
CA CYS A 181 5.42 -1.41 2.67
C CYS A 181 5.56 -2.27 1.42
N HIS A 182 4.48 -2.42 0.67
CA HIS A 182 4.51 -3.23 -0.54
C HIS A 182 4.58 -2.33 -1.77
N ILE A 183 5.54 -2.60 -2.65
CA ILE A 183 5.73 -1.78 -3.83
C ILE A 183 5.07 -2.44 -5.04
N LEU A 184 4.29 -1.66 -5.77
CA LEU A 184 3.56 -2.14 -6.92
C LEU A 184 4.20 -1.61 -8.20
N GLU A 185 4.50 -2.52 -9.10
CA GLU A 185 5.02 -2.15 -10.41
C GLU A 185 3.87 -2.21 -11.42
N CYS A 186 4.03 -1.52 -12.55
CA CYS A 186 3.03 -1.48 -13.61
C CYS A 186 1.72 -0.85 -13.11
N PRO A 187 1.77 0.43 -12.69
CA PRO A 187 0.58 1.12 -12.18
C PRO A 187 -0.43 1.44 -13.27
N GLU A 188 0.05 1.95 -14.40
CA GLU A 188 -0.81 2.30 -15.52
C GLU A 188 -1.82 3.36 -15.09
N GLY A 189 -1.43 4.15 -14.11
CA GLY A 189 -2.32 5.19 -13.59
C GLY A 189 -2.88 4.86 -12.23
N LEU A 190 -2.70 3.61 -11.78
CA LEU A 190 -3.25 3.16 -10.49
C LEU A 190 -2.81 4.08 -9.36
N ALA A 191 -1.63 4.67 -9.48
CA ALA A 191 -1.10 5.55 -8.43
C ALA A 191 -2.15 6.58 -7.98
N GLN A 192 -2.39 7.55 -8.83
CA GLN A 192 -3.34 8.61 -8.54
C GLN A 192 -4.76 8.05 -8.49
N ASP A 193 -5.03 7.00 -9.25
CA ASP A 193 -6.38 6.48 -9.38
C ASP A 193 -6.83 5.81 -8.09
N VAL A 194 -6.03 4.87 -7.59
CA VAL A 194 -6.36 4.20 -6.33
C VAL A 194 -6.40 5.21 -5.19
N ILE A 195 -5.47 6.16 -5.20
CA ILE A 195 -5.42 7.17 -4.16
C ILE A 195 -6.69 8.01 -4.18
N SER A 196 -7.10 8.44 -5.37
CA SER A 196 -8.33 9.18 -5.55
C SER A 196 -9.53 8.34 -5.13
N THR A 197 -9.60 7.11 -5.64
CA THR A 197 -10.71 6.21 -5.35
C THR A 197 -10.83 5.92 -3.85
N ILE A 198 -9.76 5.39 -3.26
CA ILE A 198 -9.74 5.07 -1.85
C ILE A 198 -10.10 6.31 -1.03
N GLY A 199 -9.57 7.45 -1.45
CA GLY A 199 -9.92 8.70 -0.81
C GLY A 199 -11.41 9.00 -0.87
N GLN A 200 -11.96 8.99 -2.09
CA GLN A 200 -13.38 9.27 -2.28
C GLN A 200 -14.25 8.31 -1.49
N ALA A 201 -13.80 7.08 -1.36
CA ALA A 201 -14.53 6.06 -0.63
C ALA A 201 -14.50 6.33 0.87
N PHE A 202 -13.30 6.39 1.46
CA PHE A 202 -13.20 6.56 2.90
C PHE A 202 -13.66 7.95 3.35
N GLU A 203 -13.83 8.87 2.40
CA GLU A 203 -14.39 10.19 2.71
C GLU A 203 -15.80 10.05 3.29
N LEU A 204 -16.46 8.94 2.99
CA LEU A 204 -17.80 8.69 3.51
C LEU A 204 -17.75 8.19 4.95
N ARG A 205 -16.57 8.19 5.55
CA ARG A 205 -16.41 7.68 6.90
C ARG A 205 -15.87 8.74 7.87
N PHE A 206 -15.10 9.70 7.37
CA PHE A 206 -14.48 10.70 8.25
C PHE A 206 -14.82 12.11 7.79
N LYS A 207 -14.59 13.07 8.68
CA LYS A 207 -14.79 14.46 8.35
C LYS A 207 -13.51 15.27 8.58
N GLN A 208 -13.65 16.58 8.66
CA GLN A 208 -12.51 17.49 8.71
C GLN A 208 -12.12 17.78 10.14
N TYR A 209 -12.73 17.05 11.05
CA TYR A 209 -12.49 17.18 12.47
C TYR A 209 -11.09 16.71 12.85
N LEU A 210 -10.49 15.90 11.99
CA LEU A 210 -9.23 15.26 12.30
C LEU A 210 -8.35 15.12 11.07
N ARG A 211 -7.15 14.56 11.28
CA ARG A 211 -6.14 14.35 10.24
C ARG A 211 -5.67 15.69 9.68
N ARG B 1 26.25 19.19 7.45
CA ARG B 1 25.86 19.64 6.09
C ARG B 1 24.37 19.85 6.03
N ALA B 2 23.90 20.48 4.96
CA ALA B 2 22.47 20.72 4.76
C ALA B 2 21.74 19.39 4.57
N LYS B 3 20.98 19.00 5.57
CA LYS B 3 20.25 17.73 5.55
C LYS B 3 18.85 17.92 6.09
N TRP B 4 17.86 17.83 5.22
CA TRP B 4 16.47 17.94 5.62
C TRP B 4 15.92 16.57 5.97
N ASP B 5 16.80 15.58 5.86
CA ASP B 5 16.45 14.18 6.05
C ASP B 5 17.36 13.54 7.08
N THR B 6 17.10 12.27 7.36
CA THR B 6 17.90 11.51 8.31
C THR B 6 19.17 10.98 7.62
N ALA B 7 19.12 10.87 6.29
CA ALA B 7 20.18 10.29 5.48
C ALA B 7 19.70 10.18 4.04
N ASN B 8 20.62 10.14 3.08
CA ASN B 8 20.21 10.02 1.67
C ASN B 8 21.38 9.66 0.78
N ASN B 9 21.08 8.77 -0.17
CA ASN B 9 22.02 8.27 -1.19
C ASN B 9 21.23 7.31 -2.08
N PRO B 10 21.82 6.72 -3.15
CA PRO B 10 21.10 5.77 -4.01
C PRO B 10 20.61 4.52 -3.26
N LEU B 11 19.42 4.65 -2.68
CA LEU B 11 18.72 3.59 -1.95
C LEU B 11 17.64 4.22 -1.10
N LYS B 13 16.02 7.79 -0.25
CA LYS B 13 15.69 9.18 -0.59
C LYS B 13 14.18 9.40 -0.39
N GLU B 14 13.79 10.62 -0.03
CA GLU B 14 12.38 11.00 -0.06
C GLU B 14 12.07 11.60 -1.44
N ALA B 15 11.19 10.92 -2.18
CA ALA B 15 10.92 11.33 -3.57
C ALA B 15 9.54 10.87 -4.03
N THR B 16 8.61 10.79 -3.10
CA THR B 16 7.26 10.38 -3.44
C THR B 16 6.29 10.93 -2.39
N SER B 17 5.00 10.86 -2.68
CA SER B 17 4.00 11.32 -1.74
C SER B 17 3.27 10.14 -1.13
N THR B 18 3.48 9.90 0.15
CA THR B 18 2.86 8.76 0.81
C THR B 18 2.01 9.22 1.99
N PHE B 19 0.74 8.84 1.93
CA PHE B 19 -0.25 9.17 2.93
C PHE B 19 -1.51 8.37 2.66
N THR B 20 -2.52 8.50 3.51
CA THR B 20 -3.80 7.84 3.28
C THR B 20 -4.94 8.58 3.97
N ASN B 21 -5.16 8.23 5.24
CA ASN B 21 -6.33 8.68 5.96
C ASN B 21 -6.03 8.80 7.45
N ILE B 22 -7.01 9.30 8.20
CA ILE B 22 -6.92 9.45 9.65
C ILE B 22 -6.71 8.09 10.34
N THR B 23 -7.13 7.04 9.65
CA THR B 23 -7.22 5.67 10.18
C THR B 23 -6.14 5.32 11.22
N ARG B 25 -3.31 7.39 11.92
CA ARG B 25 -2.54 8.57 12.29
C ARG B 25 -3.17 9.82 11.69
N GLY B 26 -3.58 10.75 12.57
CA GLY B 26 -4.06 12.03 12.10
C GLY B 26 -2.91 12.93 11.71
N THR B 27 -2.31 12.63 10.57
CA THR B 27 -1.12 13.32 10.12
C THR B 27 -1.49 14.62 9.40
N GLY A 21 -19.64 -22.39 25.11
CA GLY A 21 -20.54 -23.50 25.49
C GLY A 21 -20.16 -24.81 24.83
N GLN A 22 -21.14 -25.51 24.30
CA GLN A 22 -20.91 -26.75 23.60
C GLN A 22 -20.46 -26.46 22.17
N LEU A 23 -20.05 -27.49 21.47
CA LEU A 23 -19.41 -27.31 20.19
C LEU A 23 -20.39 -27.52 19.05
N GLY A 24 -20.85 -26.43 18.48
CA GLY A 24 -21.81 -26.49 17.40
C GLY A 24 -22.79 -25.34 17.46
N GLY A 25 -22.48 -24.28 16.76
CA GLY A 25 -23.33 -23.10 16.78
C GLY A 25 -23.39 -22.44 15.42
N GLU A 26 -24.56 -22.47 14.81
CA GLU A 26 -24.73 -21.91 13.49
C GLU A 26 -25.76 -20.80 13.49
N GLU A 27 -25.40 -19.69 12.90
CA GLU A 27 -26.33 -18.60 12.71
C GLU A 27 -26.72 -18.53 11.25
N TRP A 28 -27.97 -18.80 10.96
CA TRP A 28 -28.44 -18.81 9.59
C TRP A 28 -29.07 -17.48 9.22
N THR A 29 -28.83 -16.49 10.05
CA THR A 29 -29.32 -15.16 9.81
C THR A 29 -28.19 -14.15 10.03
N ARG A 30 -27.18 -14.24 9.17
CA ARG A 30 -25.93 -13.53 9.39
C ARG A 30 -25.99 -12.10 8.87
N HIS A 31 -25.11 -11.25 9.38
CA HIS A 31 -25.05 -9.86 8.98
C HIS A 31 -24.42 -9.73 7.60
N GLY A 32 -23.93 -10.85 7.07
CA GLY A 32 -23.50 -10.90 5.69
C GLY A 32 -24.70 -11.09 4.79
N SER A 33 -25.64 -10.16 4.92
CA SER A 33 -26.94 -10.30 4.32
C SER A 33 -26.90 -10.00 2.83
N PHE A 34 -27.18 -11.01 2.02
CA PHE A 34 -27.35 -10.80 0.60
C PHE A 34 -28.71 -10.16 0.37
N VAL A 35 -28.71 -8.86 0.13
CA VAL A 35 -29.95 -8.11 -0.03
C VAL A 35 -29.72 -6.85 -0.85
N ASN A 36 -30.55 -6.66 -1.86
CA ASN A 36 -30.44 -5.48 -2.70
C ASN A 36 -31.41 -4.40 -2.25
N LYS A 37 -30.96 -3.58 -1.32
CA LYS A 37 -31.75 -2.45 -0.87
C LYS A 37 -31.59 -1.29 -1.86
N PRO A 38 -32.63 -0.47 -2.02
CA PRO A 38 -32.65 0.63 -2.99
C PRO A 38 -31.59 1.70 -2.70
N THR A 39 -30.37 1.43 -3.17
CA THR A 39 -29.28 2.39 -3.06
C THR A 39 -28.05 1.87 -3.81
N ARG A 40 -28.03 2.08 -5.12
CA ARG A 40 -26.85 1.78 -5.91
C ARG A 40 -26.55 2.95 -6.83
N GLY A 41 -26.91 4.14 -6.38
CA GLY A 41 -26.58 5.35 -7.11
C GLY A 41 -25.15 5.77 -6.88
N TRP A 42 -24.23 4.86 -7.13
CA TRP A 42 -22.80 5.13 -6.94
C TRP A 42 -22.11 5.08 -8.29
N LEU A 43 -21.16 5.98 -8.52
CA LEU A 43 -20.37 5.93 -9.75
C LEU A 43 -19.60 4.63 -9.84
N HIS A 44 -19.09 4.34 -11.02
CA HIS A 44 -18.52 3.04 -11.34
C HIS A 44 -17.48 2.56 -10.30
N PRO A 45 -16.43 3.35 -9.99
CA PRO A 45 -15.44 2.96 -8.98
C PRO A 45 -16.03 2.85 -7.58
N ASN A 46 -16.90 3.78 -7.25
CA ASN A 46 -17.53 3.84 -5.93
C ASN A 46 -18.44 2.64 -5.71
N ASP A 47 -19.13 2.26 -6.76
CA ASP A 47 -20.03 1.13 -6.72
C ASP A 47 -19.29 -0.12 -6.27
N LYS A 48 -18.08 -0.26 -6.76
CA LYS A 48 -17.26 -1.41 -6.46
C LYS A 48 -16.62 -1.27 -5.11
N VAL A 49 -15.94 -0.16 -4.91
CA VAL A 49 -15.24 0.08 -3.64
C VAL A 49 -16.17 -0.11 -2.45
N MET A 50 -17.44 0.18 -2.66
CA MET A 50 -18.46 0.01 -1.62
C MET A 50 -19.12 -1.36 -1.69
N GLY A 51 -19.02 -1.99 -2.86
CA GLY A 51 -19.55 -3.33 -3.03
C GLY A 51 -18.47 -4.39 -3.18
N PRO A 52 -18.25 -4.93 -4.40
CA PRO A 52 -17.29 -6.02 -4.65
C PRO A 52 -15.82 -5.59 -4.58
N GLY A 53 -15.58 -4.33 -4.89
CA GLY A 53 -14.24 -3.78 -4.85
C GLY A 53 -13.67 -3.51 -6.23
N VAL A 54 -13.02 -2.36 -6.39
CA VAL A 54 -12.36 -2.03 -7.65
C VAL A 54 -11.05 -2.78 -7.76
N SER A 55 -10.57 -2.94 -8.98
CA SER A 55 -9.36 -3.69 -9.25
C SER A 55 -8.44 -2.92 -10.18
N TYR A 56 -7.17 -2.82 -9.81
CA TYR A 56 -6.17 -2.17 -10.64
C TYR A 56 -5.04 -3.15 -10.98
N LEU A 57 -4.37 -2.93 -12.09
CA LEU A 57 -3.30 -3.82 -12.52
C LEU A 57 -1.97 -3.33 -11.94
N VAL A 58 -1.35 -4.17 -11.14
CA VAL A 58 -0.11 -3.79 -10.45
C VAL A 58 0.92 -4.92 -10.58
N ARG A 59 2.17 -4.63 -10.28
CA ARG A 59 3.21 -5.65 -10.31
C ARG A 59 4.05 -5.61 -9.04
N TYR A 60 4.09 -6.74 -8.35
CA TYR A 60 4.89 -6.88 -7.16
C TYR A 60 6.36 -6.76 -7.51
N MET A 61 6.98 -5.69 -7.01
CA MET A 61 8.39 -5.44 -7.27
C MET A 61 9.12 -5.12 -5.97
N GLY A 62 9.58 -6.16 -5.28
CA GLY A 62 10.32 -5.98 -4.05
C GLY A 62 9.43 -5.63 -2.87
N CYS A 63 9.94 -5.82 -1.66
CA CYS A 63 9.19 -5.47 -0.47
C CYS A 63 10.13 -5.10 0.67
N VAL A 64 9.81 -4.04 1.38
CA VAL A 64 10.64 -3.59 2.49
C VAL A 64 9.89 -3.73 3.80
N GLU A 65 10.49 -4.45 4.74
CA GLU A 65 9.88 -4.69 6.02
C GLU A 65 10.05 -3.48 6.93
N VAL A 66 8.97 -2.74 7.09
CA VAL A 66 8.94 -1.61 7.99
C VAL A 66 8.21 -2.01 9.29
N LEU A 67 8.95 -2.03 10.39
CA LEU A 67 8.39 -2.45 11.67
C LEU A 67 7.75 -1.26 12.38
N GLN A 68 7.32 -0.30 11.59
CA GLN A 68 6.81 0.97 12.10
C GLN A 68 5.59 1.42 11.32
N SER A 69 4.60 1.95 12.01
CA SER A 69 3.42 2.47 11.37
C SER A 69 3.49 3.99 11.27
N MET A 70 2.54 4.61 10.59
CA MET A 70 2.58 6.06 10.37
C MET A 70 2.54 6.81 11.70
N ARG A 71 1.68 6.35 12.62
CA ARG A 71 1.66 6.87 14.01
C ARG A 71 3.05 6.92 14.62
N ALA A 72 3.90 5.96 14.27
CA ALA A 72 5.19 5.80 14.90
C ALA A 72 6.31 6.38 14.04
N LEU A 73 5.94 7.03 12.94
CA LEU A 73 6.94 7.56 12.04
C LEU A 73 6.81 9.05 11.85
N ASP A 74 7.96 9.68 11.62
CA ASP A 74 8.07 11.11 11.45
C ASP A 74 7.45 11.54 10.12
N PHE A 75 7.03 12.79 10.03
CA PHE A 75 6.35 13.32 8.85
C PHE A 75 7.14 13.09 7.56
N ASN A 76 8.46 13.21 7.63
CA ASN A 76 9.29 12.99 6.45
C ASN A 76 9.83 11.57 6.46
N THR A 77 10.15 11.10 7.65
CA THR A 77 10.66 9.76 7.84
C THR A 77 9.75 8.73 7.15
N ARG A 78 8.44 8.84 7.38
CA ARG A 78 7.47 7.94 6.77
C ARG A 78 7.61 7.95 5.24
N THR A 79 7.78 9.14 4.69
CA THR A 79 7.89 9.31 3.26
C THR A 79 9.22 8.77 2.75
N GLN A 80 10.24 8.82 3.59
CA GLN A 80 11.57 8.46 3.18
C GLN A 80 11.73 6.97 3.18
N VAL A 81 11.22 6.34 4.23
CA VAL A 81 11.28 4.92 4.37
C VAL A 81 10.53 4.23 3.23
N THR A 82 9.41 4.81 2.84
CA THR A 82 8.62 4.27 1.77
C THR A 82 9.32 4.48 0.43
N ARG A 83 9.80 5.70 0.19
CA ARG A 83 10.48 6.01 -1.06
C ARG A 83 11.80 5.25 -1.14
N GLU A 84 12.38 4.95 0.03
CA GLU A 84 13.57 4.11 0.09
C GLU A 84 13.29 2.82 -0.64
N ALA A 85 12.24 2.13 -0.20
CA ALA A 85 11.82 0.88 -0.79
C ALA A 85 11.71 1.00 -2.29
N ILE A 86 10.84 1.91 -2.72
CA ILE A 86 10.60 2.15 -4.13
C ILE A 86 11.91 2.49 -4.86
N SER A 87 12.85 3.09 -4.14
CA SER A 87 14.07 3.59 -4.74
C SER A 87 15.03 2.45 -5.03
N LEU A 88 15.60 1.84 -3.98
CA LEU A 88 16.60 0.80 -4.18
C LEU A 88 16.02 -0.40 -4.91
N VAL A 89 14.72 -0.57 -4.81
CA VAL A 89 14.03 -1.60 -5.57
C VAL A 89 14.10 -1.29 -7.06
N CYS A 90 13.61 -0.11 -7.44
CA CYS A 90 13.53 0.26 -8.85
C CYS A 90 14.92 0.50 -9.43
N GLU A 91 15.91 0.69 -8.56
CA GLU A 91 17.27 0.95 -9.02
C GLU A 91 18.13 -0.30 -8.90
N ALA A 92 17.51 -1.45 -8.68
CA ALA A 92 18.26 -2.69 -8.55
C ALA A 92 17.51 -3.90 -9.10
N VAL A 93 16.30 -4.14 -8.63
CA VAL A 93 15.55 -5.33 -9.05
C VAL A 93 14.99 -5.15 -10.46
N PRO A 94 14.63 -6.27 -11.12
CA PRO A 94 14.03 -6.23 -12.46
C PRO A 94 12.56 -5.79 -12.42
N GLY A 95 12.11 -5.22 -13.53
CA GLY A 95 10.75 -4.75 -13.63
C GLY A 95 10.68 -3.27 -13.88
N ALA A 96 11.52 -2.53 -13.15
CA ALA A 96 11.60 -1.08 -13.28
C ALA A 96 11.99 -0.65 -14.69
N LYS A 97 11.29 0.34 -15.21
CA LYS A 97 11.57 0.90 -16.53
C LYS A 97 12.98 1.48 -16.58
N GLY A 98 13.30 2.30 -15.59
CA GLY A 98 14.59 2.95 -15.57
C GLY A 98 15.33 2.71 -14.28
N ALA A 99 16.36 1.88 -14.35
CA ALA A 99 17.22 1.62 -13.20
C ALA A 99 18.64 2.04 -13.53
N THR A 100 19.20 2.88 -12.69
CA THR A 100 20.55 3.37 -12.91
C THR A 100 21.55 2.48 -12.19
N ARG A 101 21.02 1.49 -11.45
CA ARG A 101 21.82 0.58 -10.66
C ARG A 101 22.57 1.35 -9.57
N ARG A 102 21.91 1.58 -8.46
CA ARG A 102 22.55 2.15 -7.28
C ARG A 102 22.11 1.39 -6.04
N ARG A 103 23.00 0.55 -5.54
CA ARG A 103 22.73 -0.15 -4.30
C ARG A 103 23.90 0.00 -3.36
N LYS A 104 23.63 0.45 -2.15
CA LYS A 104 24.65 0.52 -1.12
C LYS A 104 24.66 -0.77 -0.32
N PRO A 105 25.71 -1.58 -0.51
CA PRO A 105 25.79 -2.94 0.04
C PRO A 105 25.82 -2.98 1.57
N CYS A 106 26.89 -2.46 2.15
CA CYS A 106 27.06 -2.48 3.60
C CYS A 106 26.56 -1.19 4.21
N SER A 107 25.26 -1.11 4.39
CA SER A 107 24.62 0.05 4.97
C SER A 107 23.27 -0.33 5.53
N ARG A 108 22.80 0.41 6.52
CA ARG A 108 21.45 0.25 7.04
C ARG A 108 20.45 0.66 5.95
N PRO A 109 19.16 0.31 6.06
CA PRO A 109 18.18 0.58 5.00
C PRO A 109 18.15 2.06 4.61
N LEU A 110 17.62 2.90 5.47
CA LEU A 110 17.65 4.34 5.25
C LEU A 110 18.19 5.06 6.48
N SER A 111 17.85 4.55 7.66
CA SER A 111 18.39 5.07 8.91
C SER A 111 18.13 4.06 10.03
N SER A 112 17.85 2.81 9.65
CA SER A 112 17.43 1.78 10.61
C SER A 112 16.18 2.21 11.37
N ILE A 113 15.36 3.04 10.72
CA ILE A 113 14.10 3.49 11.30
C ILE A 113 13.11 2.34 11.25
N LEU A 114 13.07 1.71 10.11
CA LEU A 114 12.21 0.57 9.88
C LEU A 114 13.02 -0.73 9.97
N GLY A 115 12.46 -1.81 9.43
CA GLY A 115 13.14 -3.09 9.47
C GLY A 115 14.31 -3.14 8.50
N ARG A 116 14.03 -3.49 7.26
CA ARG A 116 15.06 -3.59 6.24
C ARG A 116 14.43 -3.83 4.87
N SER A 117 15.18 -3.50 3.83
CA SER A 117 14.71 -3.69 2.46
C SER A 117 14.96 -5.12 2.00
N ASN A 118 13.90 -5.82 1.63
CA ASN A 118 14.03 -7.20 1.19
C ASN A 118 13.67 -7.32 -0.29
N LEU A 119 14.68 -7.29 -1.13
CA LEU A 119 14.46 -7.40 -2.56
C LEU A 119 14.30 -8.87 -2.93
N LYS A 120 13.19 -9.46 -2.54
CA LYS A 120 12.95 -10.87 -2.79
C LYS A 120 11.87 -11.08 -3.84
N PHE A 121 10.70 -10.51 -3.60
CA PHE A 121 9.56 -10.76 -4.45
C PHE A 121 9.41 -9.68 -5.51
N ALA A 122 10.11 -9.85 -6.60
CA ALA A 122 10.07 -8.87 -7.69
C ALA A 122 9.73 -9.54 -9.01
N GLY A 123 8.68 -9.07 -9.65
CA GLY A 123 8.32 -9.58 -10.96
C GLY A 123 7.07 -10.43 -10.94
N MET A 124 6.09 -10.06 -10.14
CA MET A 124 4.84 -10.83 -10.09
C MET A 124 3.63 -9.93 -10.32
N PRO A 125 2.84 -10.21 -11.36
CA PRO A 125 1.61 -9.44 -11.64
C PRO A 125 0.54 -9.65 -10.56
N ILE A 126 -0.02 -8.55 -10.08
CA ILE A 126 -1.05 -8.59 -9.06
C ILE A 126 -2.19 -7.62 -9.39
N THR A 127 -3.16 -7.54 -8.51
CA THR A 127 -4.36 -6.75 -8.74
C THR A 127 -4.75 -6.00 -7.47
N LEU A 128 -4.68 -4.68 -7.53
CA LEU A 128 -5.02 -3.82 -6.40
C LEU A 128 -6.54 -3.80 -6.23
N THR A 129 -7.03 -4.48 -5.22
CA THR A 129 -8.46 -4.54 -4.98
C THR A 129 -8.85 -3.65 -3.80
N VAL A 130 -9.50 -2.54 -4.11
CA VAL A 130 -9.90 -1.58 -3.10
C VAL A 130 -11.31 -1.86 -2.61
N SER A 131 -11.50 -1.81 -1.31
CA SER A 131 -12.79 -2.12 -0.72
C SER A 131 -13.00 -1.28 0.54
N THR A 132 -14.23 -0.88 0.80
CA THR A 132 -14.54 -0.04 1.96
C THR A 132 -14.34 -0.81 3.28
N SER A 133 -14.03 -2.10 3.18
CA SER A 133 -13.67 -2.88 4.36
C SER A 133 -12.38 -3.66 4.14
N SER A 134 -11.70 -3.41 3.01
CA SER A 134 -10.61 -4.28 2.59
C SER A 134 -9.62 -3.56 1.66
N LEU A 135 -8.38 -3.99 1.67
CA LEU A 135 -7.39 -3.50 0.71
C LEU A 135 -6.38 -4.61 0.44
N ASN A 136 -6.77 -5.52 -0.44
CA ASN A 136 -6.03 -6.75 -0.67
C ASN A 136 -5.75 -6.95 -2.15
N LEU A 137 -4.66 -7.62 -2.48
CA LEU A 137 -4.21 -7.74 -3.86
C LEU A 137 -4.30 -9.18 -4.35
N MET A 138 -4.91 -9.36 -5.50
CA MET A 138 -5.05 -10.68 -6.08
C MET A 138 -3.91 -10.94 -7.05
N ALA A 139 -3.19 -12.03 -6.86
CA ALA A 139 -2.09 -12.37 -7.76
C ALA A 139 -2.61 -12.71 -9.15
N ALA A 140 -2.28 -11.85 -10.11
CA ALA A 140 -2.76 -12.02 -11.48
C ALA A 140 -1.95 -13.10 -12.19
N ASP A 141 -0.85 -13.48 -11.56
CA ASP A 141 0.00 -14.56 -12.07
C ASP A 141 -0.68 -15.91 -11.89
N CYS A 142 -1.84 -15.88 -11.22
CA CYS A 142 -2.60 -17.09 -10.90
C CYS A 142 -1.81 -17.94 -9.91
N LYS A 143 -1.67 -17.40 -8.71
CA LYS A 143 -0.90 -18.03 -7.66
C LYS A 143 -1.75 -18.19 -6.41
N GLN A 144 -2.23 -17.05 -5.93
CA GLN A 144 -3.03 -16.97 -4.72
C GLN A 144 -3.46 -15.53 -4.52
N ILE A 145 -3.83 -15.19 -3.30
CA ILE A 145 -4.15 -13.82 -2.97
C ILE A 145 -3.21 -13.31 -1.89
N ILE A 146 -2.81 -12.04 -1.98
CA ILE A 146 -1.89 -11.45 -1.04
C ILE A 146 -2.46 -10.16 -0.45
N ALA A 147 -1.88 -9.73 0.67
CA ALA A 147 -2.31 -8.54 1.42
C ALA A 147 -3.46 -8.88 2.35
N ASN A 148 -4.10 -7.87 2.90
CA ASN A 148 -5.13 -8.10 3.91
C ASN A 148 -6.47 -7.49 3.51
N HIS A 149 -7.53 -8.26 3.74
CA HIS A 149 -8.87 -7.80 3.42
C HIS A 149 -9.44 -6.99 4.59
N HIS A 150 -8.55 -6.22 5.21
CA HIS A 150 -8.89 -5.35 6.32
C HIS A 150 -8.31 -3.97 6.08
N MET A 151 -9.08 -2.94 6.34
CA MET A 151 -8.60 -1.58 6.16
C MET A 151 -7.81 -1.14 7.37
N GLN A 152 -8.20 -1.61 8.54
CA GLN A 152 -7.61 -1.17 9.81
C GLN A 152 -6.26 -1.82 10.04
N SER A 153 -5.75 -2.50 9.04
CA SER A 153 -4.46 -3.15 9.16
C SER A 153 -3.49 -2.67 8.10
N ILE A 154 -3.72 -1.46 7.59
CA ILE A 154 -2.80 -0.87 6.63
C ILE A 154 -1.98 0.22 7.31
N SER A 155 -1.27 1.01 6.54
CA SER A 155 -0.54 2.13 7.07
C SER A 155 -0.57 3.32 6.10
N PHE A 156 0.14 3.21 4.98
CA PHE A 156 0.18 4.29 4.01
C PHE A 156 0.58 3.76 2.63
N ALA A 157 0.48 4.61 1.62
CA ALA A 157 0.71 4.19 0.24
C ALA A 157 1.18 5.37 -0.60
N SER A 158 2.19 5.15 -1.42
CA SER A 158 2.77 6.21 -2.21
C SER A 158 2.20 6.21 -3.62
N GLY A 159 1.67 7.34 -4.03
CA GLY A 159 1.07 7.45 -5.33
C GLY A 159 0.84 8.89 -5.71
N GLY A 160 -0.09 9.14 -6.61
CA GLY A 160 -0.38 10.48 -7.04
C GLY A 160 0.36 10.82 -8.31
N ASP A 161 1.11 11.90 -8.30
CA ASP A 161 1.92 12.29 -9.45
C ASP A 161 3.29 12.84 -8.99
N PRO A 162 4.04 12.08 -8.17
CA PRO A 162 5.33 12.51 -7.65
C PRO A 162 6.49 12.07 -8.54
N ASP A 163 7.71 12.23 -8.02
CA ASP A 163 8.95 11.89 -8.77
C ASP A 163 9.02 10.41 -9.10
N THR A 164 8.06 9.65 -8.63
CA THR A 164 8.01 8.23 -8.88
C THR A 164 6.59 7.82 -9.26
N ALA A 165 5.88 8.71 -9.97
CA ALA A 165 4.51 8.43 -10.38
C ALA A 165 4.38 7.15 -11.22
N GLU A 166 5.49 6.69 -11.79
CA GLU A 166 5.49 5.46 -12.57
C GLU A 166 5.69 4.22 -11.70
N TYR A 167 6.05 4.43 -10.45
CA TYR A 167 6.25 3.33 -9.51
C TYR A 167 5.49 3.60 -8.24
N VAL A 168 4.50 2.78 -7.98
CA VAL A 168 3.58 3.03 -6.88
C VAL A 168 3.97 2.14 -5.71
N ALA A 169 3.44 2.43 -4.52
CA ALA A 169 3.74 1.61 -3.36
C ALA A 169 2.61 1.65 -2.35
N TYR A 170 2.53 0.63 -1.53
CA TYR A 170 1.61 0.62 -0.41
C TYR A 170 2.23 -0.19 0.72
N VAL A 171 2.16 0.34 1.92
CA VAL A 171 2.69 -0.35 3.08
C VAL A 171 1.56 -0.62 4.08
N ALA A 172 1.48 -1.87 4.49
CA ALA A 172 0.44 -2.32 5.38
C ALA A 172 0.97 -3.43 6.26
N LYS A 173 0.16 -3.90 7.20
CA LYS A 173 0.54 -5.01 8.04
C LYS A 173 0.57 -6.29 7.21
N ASP A 174 1.76 -6.85 7.06
CA ASP A 174 1.99 -7.91 6.09
C ASP A 174 1.52 -9.25 6.64
N PRO A 175 0.92 -10.09 5.77
CA PRO A 175 0.44 -11.42 6.17
C PRO A 175 1.59 -12.42 6.40
N VAL A 176 2.69 -12.27 5.69
CA VAL A 176 3.78 -13.24 5.76
C VAL A 176 5.01 -12.65 6.47
N ASN A 177 5.14 -11.34 6.40
CA ASN A 177 6.23 -10.64 7.09
C ASN A 177 5.65 -9.76 8.19
N GLN A 178 6.44 -8.81 8.70
CA GLN A 178 5.97 -7.91 9.75
C GLN A 178 4.92 -6.94 9.19
N ARG A 179 5.39 -5.79 8.75
CA ARG A 179 4.58 -4.81 8.06
C ARG A 179 5.44 -4.30 6.93
N ALA A 180 4.93 -4.33 5.71
CA ALA A 180 5.83 -4.17 4.59
C ALA A 180 5.32 -3.19 3.55
N CYS A 181 6.27 -2.46 2.98
CA CYS A 181 6.02 -1.61 1.85
C CYS A 181 6.19 -2.42 0.58
N HIS A 182 5.10 -2.61 -0.14
CA HIS A 182 5.12 -3.34 -1.39
C HIS A 182 5.12 -2.35 -2.55
N ILE A 183 6.08 -2.48 -3.45
CA ILE A 183 6.19 -1.54 -4.56
C ILE A 183 5.54 -2.14 -5.81
N LEU A 184 4.60 -1.38 -6.38
CA LEU A 184 3.83 -1.85 -7.52
C LEU A 184 4.37 -1.24 -8.80
N GLU A 185 4.66 -2.11 -9.75
CA GLU A 185 5.15 -1.70 -11.04
C GLU A 185 4.02 -1.80 -12.06
N CYS A 186 4.16 -1.07 -13.18
CA CYS A 186 3.13 -1.03 -14.22
C CYS A 186 1.79 -0.52 -13.67
N PRO A 187 1.77 0.72 -13.15
CA PRO A 187 0.58 1.29 -12.52
C PRO A 187 -0.56 1.60 -13.49
N GLU A 188 -0.21 2.20 -14.64
CA GLU A 188 -1.20 2.61 -15.65
C GLU A 188 -2.03 3.78 -15.13
N GLY A 189 -1.58 4.37 -14.03
CA GLY A 189 -2.33 5.44 -13.40
C GLY A 189 -2.86 5.05 -12.04
N LEU A 190 -2.67 3.78 -11.67
CA LEU A 190 -3.15 3.26 -10.39
C LEU A 190 -2.63 4.10 -9.24
N ALA A 191 -1.47 4.75 -9.44
CA ALA A 191 -0.87 5.59 -8.40
C ALA A 191 -1.91 6.52 -7.78
N GLN A 192 -2.25 7.57 -8.52
CA GLN A 192 -3.22 8.54 -8.05
C GLN A 192 -4.60 7.92 -7.94
N ASP A 193 -4.86 6.93 -8.78
CA ASP A 193 -6.18 6.31 -8.83
C ASP A 193 -6.50 5.61 -7.52
N VAL A 194 -5.68 4.65 -7.12
CA VAL A 194 -5.90 3.92 -5.88
C VAL A 194 -5.86 4.87 -4.69
N ILE A 195 -4.93 5.82 -4.71
CA ILE A 195 -4.80 6.78 -3.62
C ILE A 195 -6.07 7.61 -3.49
N SER A 196 -6.55 8.12 -4.61
CA SER A 196 -7.74 8.96 -4.63
C SER A 196 -8.99 8.14 -4.37
N THR A 197 -9.00 6.90 -4.84
CA THR A 197 -10.13 5.99 -4.61
C THR A 197 -10.21 5.60 -3.14
N ILE A 198 -9.14 5.01 -2.61
CA ILE A 198 -9.09 4.61 -1.21
C ILE A 198 -9.37 5.80 -0.30
N GLY A 199 -8.77 6.94 -0.63
CA GLY A 199 -8.96 8.15 0.15
C GLY A 199 -10.40 8.60 0.17
N GLN A 200 -10.98 8.83 -1.01
CA GLN A 200 -12.34 9.37 -1.10
C GLN A 200 -13.37 8.34 -0.66
N ALA A 201 -13.08 7.06 -0.86
CA ALA A 201 -13.95 6.00 -0.37
C ALA A 201 -14.06 6.08 1.14
N PHE A 202 -12.91 6.01 1.80
CA PHE A 202 -12.88 6.03 3.25
C PHE A 202 -13.09 7.43 3.80
N GLU A 203 -13.12 8.42 2.92
CA GLU A 203 -13.56 9.75 3.30
C GLU A 203 -15.07 9.76 3.48
N LEU A 204 -15.75 8.88 2.74
CA LEU A 204 -17.20 8.76 2.83
C LEU A 204 -17.56 7.86 4.01
N ARG A 205 -16.62 6.99 4.36
CA ARG A 205 -16.81 6.07 5.46
C ARG A 205 -16.38 6.71 6.78
N PHE A 206 -15.30 7.48 6.72
CA PHE A 206 -14.76 8.13 7.91
C PHE A 206 -14.71 9.64 7.69
N LYS A 207 -15.40 10.37 8.53
CA LYS A 207 -15.48 11.81 8.40
C LYS A 207 -14.40 12.50 9.24
N GLN A 208 -14.73 13.67 9.76
CA GLN A 208 -13.74 14.53 10.42
C GLN A 208 -13.70 14.22 11.91
N TYR A 209 -14.39 13.16 12.27
CA TYR A 209 -14.41 12.64 13.63
C TYR A 209 -13.01 12.20 14.05
N LEU A 210 -12.18 11.94 13.07
CA LEU A 210 -10.81 11.52 13.29
C LEU A 210 -9.92 12.06 12.17
N ARG A 211 -8.65 11.69 12.20
CA ARG A 211 -7.71 12.01 11.14
C ARG A 211 -7.52 13.52 11.03
N ARG B 1 23.84 19.65 11.62
CA ARG B 1 23.44 19.29 10.25
C ARG B 1 22.01 19.75 9.98
N ALA B 2 21.88 20.80 9.18
CA ALA B 2 20.58 21.26 8.74
C ALA B 2 20.01 20.26 7.74
N LYS B 3 18.92 19.60 8.11
CA LYS B 3 18.38 18.52 7.31
C LYS B 3 16.86 18.47 7.37
N TRP B 4 16.26 18.29 6.20
CA TRP B 4 14.84 18.07 6.07
C TRP B 4 14.54 16.58 6.23
N ASP B 5 15.50 15.77 5.83
CA ASP B 5 15.40 14.32 5.94
C ASP B 5 16.44 13.77 6.92
N THR B 6 16.35 12.47 7.17
CA THR B 6 17.28 11.81 8.07
C THR B 6 18.58 11.42 7.35
N ALA B 7 18.52 11.29 6.02
CA ALA B 7 19.65 10.81 5.21
C ALA B 7 19.26 10.71 3.74
N ASN B 8 20.25 10.61 2.84
CA ASN B 8 19.99 10.54 1.40
C ASN B 8 21.26 10.19 0.63
N ASN B 9 21.13 9.29 -0.34
CA ASN B 9 22.27 8.82 -1.14
C ASN B 9 21.74 7.91 -2.27
N PRO B 10 22.62 7.31 -3.12
CA PRO B 10 22.17 6.43 -4.21
C PRO B 10 21.58 5.11 -3.70
N LEU B 11 20.40 5.23 -3.13
CA LEU B 11 19.62 4.10 -2.63
C LEU B 11 18.32 4.62 -2.10
N LYS B 13 16.06 8.21 -0.31
CA LYS B 13 15.75 9.65 -0.21
C LYS B 13 14.22 9.81 -0.21
N GLU B 14 13.73 10.81 0.50
CA GLU B 14 12.33 11.18 0.43
C GLU B 14 12.05 11.83 -0.92
N ALA B 15 11.17 11.22 -1.71
CA ALA B 15 10.87 11.71 -3.05
C ALA B 15 9.56 11.12 -3.57
N THR B 16 8.48 11.38 -2.85
CA THR B 16 7.17 10.88 -3.23
C THR B 16 6.12 11.37 -2.23
N SER B 17 4.88 10.95 -2.43
CA SER B 17 3.81 11.28 -1.51
C SER B 17 3.10 9.99 -1.09
N THR B 18 3.22 9.63 0.18
CA THR B 18 2.67 8.38 0.66
C THR B 18 1.75 8.58 1.85
N PHE B 19 0.53 8.08 1.70
CA PHE B 19 -0.50 8.18 2.72
C PHE B 19 -1.69 7.34 2.28
N THR B 20 -2.77 7.39 3.04
CA THR B 20 -4.01 6.71 2.67
C THR B 20 -5.21 7.55 3.07
N ASN B 21 -5.56 7.48 4.35
CA ASN B 21 -6.58 8.34 4.93
C ASN B 21 -6.51 8.22 6.45
N ILE B 22 -7.27 7.30 7.02
CA ILE B 22 -7.29 7.13 8.46
C ILE B 22 -7.18 5.66 8.87
N THR B 23 -5.96 5.22 9.06
CA THR B 23 -5.66 3.94 9.65
C THR B 23 -4.29 4.01 10.29
N ARG B 25 -3.08 5.90 12.38
CA ARG B 25 -2.81 7.23 12.95
C ARG B 25 -3.70 8.26 12.28
N GLY B 26 -4.08 9.28 13.03
CA GLY B 26 -4.80 10.41 12.45
C GLY B 26 -3.83 11.37 11.79
N THR B 27 -3.49 11.09 10.54
CA THR B 27 -2.48 11.86 9.82
C THR B 27 -3.10 13.08 9.13
N GLY A 21 -13.69 -38.19 16.75
CA GLY A 21 -14.60 -37.02 16.65
C GLY A 21 -13.85 -35.75 16.35
N GLN A 22 -14.52 -34.62 16.47
CA GLN A 22 -13.91 -33.33 16.19
C GLN A 22 -13.04 -32.87 17.37
N LEU A 23 -11.73 -33.01 17.20
CA LEU A 23 -10.81 -32.46 18.18
C LEU A 23 -9.95 -31.41 17.51
N GLY A 24 -10.29 -30.15 17.79
CA GLY A 24 -9.70 -29.06 17.05
C GLY A 24 -10.70 -28.51 16.06
N GLY A 25 -10.66 -29.02 14.84
CA GLY A 25 -11.64 -28.64 13.84
C GLY A 25 -11.38 -27.27 13.28
N GLU A 26 -10.89 -27.24 12.05
CA GLU A 26 -10.50 -26.00 11.43
C GLU A 26 -11.59 -25.54 10.48
N GLU A 27 -12.28 -24.50 10.86
CA GLU A 27 -13.39 -24.01 10.08
C GLU A 27 -12.91 -22.98 9.07
N TRP A 28 -12.95 -23.34 7.81
CA TRP A 28 -12.56 -22.44 6.75
C TRP A 28 -13.72 -22.11 5.85
N THR A 29 -14.51 -21.15 6.26
CA THR A 29 -15.65 -20.70 5.50
C THR A 29 -15.98 -19.25 5.86
N ARG A 30 -15.59 -18.34 4.99
CA ARG A 30 -15.72 -16.93 5.28
C ARG A 30 -17.06 -16.40 4.77
N HIS A 31 -18.00 -16.26 5.68
CA HIS A 31 -19.31 -15.74 5.37
C HIS A 31 -19.60 -14.51 6.21
N GLY A 32 -20.80 -13.97 6.07
CA GLY A 32 -21.16 -12.76 6.76
C GLY A 32 -21.22 -11.60 5.79
N SER A 33 -21.37 -11.94 4.52
CA SER A 33 -21.42 -10.96 3.46
C SER A 33 -22.72 -10.17 3.51
N PHE A 34 -22.62 -8.89 3.78
CA PHE A 34 -23.78 -8.04 3.89
C PHE A 34 -23.98 -7.26 2.60
N VAL A 35 -25.07 -7.56 1.91
CA VAL A 35 -25.38 -6.87 0.68
C VAL A 35 -26.59 -5.97 0.86
N ASN A 36 -26.43 -4.70 0.52
CA ASN A 36 -27.52 -3.74 0.56
C ASN A 36 -27.46 -2.86 -0.67
N LYS A 37 -28.63 -2.51 -1.19
CA LYS A 37 -28.68 -1.72 -2.40
C LYS A 37 -29.35 -0.37 -2.15
N PRO A 38 -28.54 0.70 -2.11
CA PRO A 38 -29.01 2.06 -1.98
C PRO A 38 -29.24 2.70 -3.35
N THR A 39 -29.24 4.03 -3.39
CA THR A 39 -29.36 4.75 -4.66
C THR A 39 -28.15 4.43 -5.54
N ARG A 40 -28.37 3.68 -6.62
CA ARG A 40 -27.25 3.23 -7.46
C ARG A 40 -26.88 4.29 -8.50
N GLY A 41 -27.31 5.52 -8.28
CA GLY A 41 -26.97 6.61 -9.17
C GLY A 41 -25.60 7.18 -8.89
N TRP A 42 -24.59 6.32 -8.86
CA TRP A 42 -23.22 6.75 -8.64
C TRP A 42 -22.54 6.95 -9.98
N LEU A 43 -21.35 7.54 -9.98
CA LEU A 43 -20.55 7.54 -11.19
C LEU A 43 -19.85 6.20 -11.30
N HIS A 44 -19.20 5.94 -12.42
CA HIS A 44 -18.71 4.60 -12.74
C HIS A 44 -17.75 4.04 -11.68
N PRO A 45 -16.66 4.75 -11.30
CA PRO A 45 -15.74 4.27 -10.26
C PRO A 45 -16.40 4.23 -8.89
N ASN A 46 -17.18 5.26 -8.58
CA ASN A 46 -17.86 5.37 -7.30
C ASN A 46 -18.84 4.22 -7.12
N ASP A 47 -19.49 3.86 -8.22
CA ASP A 47 -20.45 2.78 -8.23
C ASP A 47 -19.83 1.51 -7.68
N LYS A 48 -18.62 1.23 -8.16
CA LYS A 48 -17.90 0.04 -7.75
C LYS A 48 -17.40 0.18 -6.34
N VAL A 49 -16.60 1.21 -6.08
CA VAL A 49 -15.99 1.38 -4.75
C VAL A 49 -17.03 1.35 -3.64
N MET A 50 -18.23 1.80 -3.95
CA MET A 50 -19.33 1.79 -2.99
C MET A 50 -20.01 0.42 -2.94
N GLY A 51 -20.00 -0.27 -4.07
CA GLY A 51 -20.58 -1.59 -4.15
C GLY A 51 -19.53 -2.69 -4.13
N PRO A 52 -19.22 -3.28 -5.30
CA PRO A 52 -18.22 -4.35 -5.40
C PRO A 52 -16.79 -3.88 -5.16
N GLY A 53 -16.37 -2.88 -5.93
CA GLY A 53 -15.03 -2.33 -5.80
C GLY A 53 -14.33 -2.23 -7.15
N VAL A 54 -13.62 -1.13 -7.38
CA VAL A 54 -12.85 -0.98 -8.62
C VAL A 54 -11.59 -1.83 -8.55
N SER A 55 -11.04 -2.16 -9.70
CA SER A 55 -9.93 -3.09 -9.77
C SER A 55 -8.85 -2.59 -10.74
N TYR A 56 -7.61 -2.57 -10.27
CA TYR A 56 -6.48 -2.14 -11.08
C TYR A 56 -5.42 -3.24 -11.13
N LEU A 57 -4.54 -3.18 -12.12
CA LEU A 57 -3.49 -4.18 -12.27
C LEU A 57 -2.22 -3.73 -11.54
N VAL A 58 -1.75 -4.57 -10.64
CA VAL A 58 -0.56 -4.25 -9.85
C VAL A 58 0.32 -5.50 -9.72
N ARG A 59 1.59 -5.30 -9.40
CA ARG A 59 2.51 -6.43 -9.24
C ARG A 59 3.17 -6.38 -7.87
N TYR A 60 2.94 -7.42 -7.09
CA TYR A 60 3.56 -7.55 -5.78
C TYR A 60 5.07 -7.65 -5.94
N MET A 61 5.77 -6.62 -5.52
CA MET A 61 7.21 -6.58 -5.65
C MET A 61 7.86 -6.18 -4.32
N GLY A 62 8.20 -7.19 -3.52
CA GLY A 62 8.88 -6.95 -2.26
C GLY A 62 7.93 -6.46 -1.18
N CYS A 63 8.32 -6.63 0.08
CA CYS A 63 7.51 -6.18 1.18
C CYS A 63 8.39 -5.72 2.34
N VAL A 64 8.07 -4.60 2.94
CA VAL A 64 8.86 -4.07 4.03
C VAL A 64 8.07 -4.08 5.32
N GLU A 65 8.65 -4.71 6.34
CA GLU A 65 7.99 -4.85 7.63
C GLU A 65 8.22 -3.60 8.45
N VAL A 66 7.20 -2.77 8.52
CA VAL A 66 7.27 -1.50 9.23
C VAL A 66 6.53 -1.64 10.56
N LEU A 67 7.14 -1.14 11.62
CA LEU A 67 6.57 -1.32 12.95
C LEU A 67 6.01 -0.01 13.46
N GLN A 68 5.81 0.91 12.52
CA GLN A 68 5.37 2.26 12.83
C GLN A 68 4.38 2.72 11.75
N SER A 69 3.50 3.64 12.10
CA SER A 69 2.62 4.23 11.11
C SER A 69 2.82 5.75 11.12
N MET A 70 2.02 6.50 10.38
CA MET A 70 2.15 7.97 10.38
C MET A 70 1.89 8.52 11.77
N ARG A 71 1.00 7.84 12.49
CA ARG A 71 0.75 8.10 13.89
C ARG A 71 2.04 8.02 14.74
N ALA A 72 3.08 7.43 14.17
CA ALA A 72 4.32 7.21 14.91
C ALA A 72 5.54 7.60 14.08
N LEU A 73 5.33 8.32 12.98
CA LEU A 73 6.44 8.68 12.10
C LEU A 73 6.45 10.15 11.78
N ASP A 74 7.63 10.63 11.42
CA ASP A 74 7.83 12.04 11.07
C ASP A 74 7.39 12.29 9.64
N PHE A 75 7.12 13.55 9.31
CA PHE A 75 6.64 13.93 7.99
C PHE A 75 7.63 13.55 6.89
N ASN A 76 8.92 13.73 7.16
CA ASN A 76 9.95 13.34 6.19
C ASN A 76 10.24 11.85 6.31
N THR A 77 10.30 11.38 7.56
CA THR A 77 10.59 9.99 7.85
C THR A 77 9.61 9.04 7.17
N ARG A 78 8.31 9.36 7.25
CA ARG A 78 7.28 8.51 6.66
C ARG A 78 7.53 8.33 5.16
N THR A 79 7.86 9.44 4.50
CA THR A 79 8.13 9.43 3.07
C THR A 79 9.41 8.67 2.76
N GLN A 80 10.42 8.85 3.61
CA GLN A 80 11.70 8.19 3.42
C GLN A 80 11.53 6.67 3.53
N VAL A 81 10.87 6.24 4.60
CA VAL A 81 10.63 4.83 4.86
C VAL A 81 9.88 4.16 3.69
N THR A 82 8.91 4.88 3.14
CA THR A 82 8.13 4.36 2.03
C THR A 82 8.98 4.30 0.75
N ARG A 83 9.63 5.42 0.43
CA ARG A 83 10.46 5.51 -0.76
C ARG A 83 11.62 4.52 -0.69
N GLU A 84 12.13 4.29 0.52
CA GLU A 84 13.18 3.31 0.74
C GLU A 84 12.75 1.97 0.19
N ALA A 85 11.62 1.48 0.68
CA ALA A 85 11.08 0.19 0.27
C ALA A 85 11.03 0.10 -1.23
N ILE A 86 10.34 1.03 -1.85
CA ILE A 86 10.19 1.06 -3.30
C ILE A 86 11.54 1.13 -3.99
N SER A 87 12.51 1.74 -3.33
CA SER A 87 13.81 1.99 -3.93
C SER A 87 14.62 0.71 -4.01
N LEU A 88 15.01 0.18 -2.85
CA LEU A 88 15.88 -0.98 -2.82
C LEU A 88 15.18 -2.21 -3.39
N VAL A 89 13.86 -2.21 -3.34
CA VAL A 89 13.09 -3.25 -4.00
C VAL A 89 13.27 -3.16 -5.50
N CYS A 90 12.95 -2.01 -6.07
CA CYS A 90 12.97 -1.83 -7.53
C CYS A 90 14.42 -1.83 -8.04
N GLU A 91 15.38 -1.66 -7.14
CA GLU A 91 16.77 -1.64 -7.53
C GLU A 91 17.49 -2.92 -7.10
N ALA A 92 16.74 -3.98 -6.80
CA ALA A 92 17.38 -5.23 -6.42
C ALA A 92 16.55 -6.45 -6.82
N VAL A 93 15.27 -6.45 -6.46
CA VAL A 93 14.42 -7.62 -6.72
C VAL A 93 13.97 -7.66 -8.18
N PRO A 94 13.55 -8.85 -8.65
CA PRO A 94 13.00 -9.00 -9.99
C PRO A 94 11.58 -8.46 -10.07
N GLY A 95 11.18 -8.05 -11.26
CA GLY A 95 9.85 -7.51 -11.44
C GLY A 95 9.89 -6.05 -11.81
N ALA A 96 10.87 -5.33 -11.26
CA ALA A 96 11.01 -3.90 -11.48
C ALA A 96 11.36 -3.58 -12.93
N LYS A 97 10.96 -2.39 -13.36
CA LYS A 97 11.24 -1.90 -14.70
C LYS A 97 12.73 -2.01 -15.06
N GLY A 98 13.57 -1.33 -14.28
CA GLY A 98 14.99 -1.33 -14.56
C GLY A 98 15.83 -1.11 -13.32
N ALA A 99 16.45 -2.17 -12.84
CA ALA A 99 17.26 -2.10 -11.63
C ALA A 99 18.72 -1.89 -11.95
N THR A 100 19.29 -0.83 -11.41
CA THR A 100 20.71 -0.55 -11.57
C THR A 100 21.47 -1.11 -10.37
N ARG A 101 20.72 -1.80 -9.50
CA ARG A 101 21.27 -2.47 -8.33
C ARG A 101 21.82 -1.45 -7.32
N ARG A 102 20.92 -0.76 -6.65
CA ARG A 102 21.29 0.14 -5.57
C ARG A 102 20.98 -0.50 -4.23
N ARG A 103 21.99 -1.04 -3.60
CA ARG A 103 21.84 -1.57 -2.25
C ARG A 103 23.13 -1.37 -1.49
N LYS A 104 23.14 -0.35 -0.65
CA LYS A 104 24.34 0.06 0.05
C LYS A 104 24.74 -0.94 1.13
N PRO A 105 26.06 -1.06 1.40
CA PRO A 105 26.61 -2.03 2.36
C PRO A 105 26.27 -1.70 3.82
N CYS A 106 25.40 -0.73 4.01
CA CYS A 106 24.97 -0.34 5.34
C CYS A 106 23.75 -1.17 5.74
N SER A 107 23.95 -2.10 6.67
CA SER A 107 22.94 -3.07 7.00
C SER A 107 21.92 -2.52 7.99
N ARG A 108 21.02 -1.73 7.46
CA ARG A 108 19.84 -1.29 8.16
C ARG A 108 18.74 -1.07 7.11
N PRO A 109 17.47 -0.88 7.48
CA PRO A 109 16.43 -0.58 6.49
C PRO A 109 16.71 0.75 5.80
N LEU A 110 16.49 1.85 6.51
CA LEU A 110 16.88 3.16 6.04
C LEU A 110 17.62 3.89 7.14
N SER A 111 16.95 4.03 8.26
CA SER A 111 17.51 4.70 9.40
C SER A 111 17.14 3.95 10.67
N SER A 112 16.82 2.66 10.50
CA SER A 112 16.40 1.80 11.59
C SER A 112 15.16 2.37 12.28
N ILE A 113 14.31 3.00 11.47
CA ILE A 113 13.09 3.64 11.96
C ILE A 113 12.00 2.61 12.13
N LEU A 114 11.92 1.71 11.18
CA LEU A 114 10.91 0.66 11.17
C LEU A 114 11.54 -0.71 11.40
N GLY A 115 10.81 -1.75 11.01
CA GLY A 115 11.32 -3.11 11.11
C GLY A 115 12.50 -3.35 10.19
N ARG A 116 12.21 -3.77 8.97
CA ARG A 116 13.26 -3.99 7.97
C ARG A 116 12.64 -4.26 6.61
N SER A 117 13.40 -4.02 5.56
CA SER A 117 12.95 -4.29 4.21
C SER A 117 13.16 -5.76 3.89
N ASN A 118 12.09 -6.48 3.55
CA ASN A 118 12.18 -7.91 3.29
C ASN A 118 11.86 -8.20 1.84
N LEU A 119 12.91 -8.35 1.06
CA LEU A 119 12.76 -8.58 -0.36
C LEU A 119 12.49 -10.07 -0.64
N LYS A 120 11.34 -10.56 -0.15
CA LYS A 120 11.02 -11.97 -0.30
C LYS A 120 9.84 -12.20 -1.23
N PHE A 121 8.74 -11.50 -0.98
CA PHE A 121 7.55 -11.66 -1.81
C PHE A 121 7.60 -10.73 -2.99
N ALA A 122 8.20 -11.19 -4.09
CA ALA A 122 8.34 -10.37 -5.27
C ALA A 122 8.01 -11.15 -6.54
N GLY A 123 7.22 -10.54 -7.41
CA GLY A 123 6.90 -11.13 -8.69
C GLY A 123 5.57 -11.83 -8.70
N MET A 124 4.56 -11.22 -8.10
CA MET A 124 3.23 -11.82 -8.09
C MET A 124 2.19 -10.82 -8.59
N PRO A 125 1.48 -11.16 -9.68
CA PRO A 125 0.42 -10.30 -10.22
C PRO A 125 -0.76 -10.19 -9.26
N ILE A 126 -1.20 -8.96 -9.00
CA ILE A 126 -2.32 -8.71 -8.11
C ILE A 126 -3.26 -7.65 -8.69
N THR A 127 -4.31 -7.36 -7.95
CA THR A 127 -5.35 -6.46 -8.40
C THR A 127 -5.77 -5.52 -7.27
N LEU A 128 -5.53 -4.23 -7.47
CA LEU A 128 -5.87 -3.23 -6.48
C LEU A 128 -7.38 -3.04 -6.47
N THR A 129 -8.03 -3.53 -5.43
CA THR A 129 -9.48 -3.45 -5.32
C THR A 129 -9.88 -2.41 -4.29
N VAL A 130 -10.43 -1.29 -4.77
CA VAL A 130 -10.80 -0.19 -3.89
C VAL A 130 -12.25 -0.31 -3.46
N SER A 131 -12.48 -0.24 -2.16
CA SER A 131 -13.82 -0.27 -1.60
C SER A 131 -13.95 0.78 -0.51
N THR A 132 -15.13 1.39 -0.40
CA THR A 132 -15.36 2.44 0.58
C THR A 132 -15.19 1.95 2.02
N SER A 133 -15.11 0.64 2.19
CA SER A 133 -14.90 0.06 3.51
C SER A 133 -13.72 -0.92 3.49
N SER A 134 -13.09 -1.08 2.33
CA SER A 134 -12.08 -2.12 2.16
C SER A 134 -11.02 -1.70 1.15
N LEU A 135 -9.80 -2.19 1.33
CA LEU A 135 -8.74 -1.94 0.36
C LEU A 135 -7.88 -3.19 0.24
N ASN A 136 -8.39 -4.17 -0.49
CA ASN A 136 -7.76 -5.46 -0.60
C ASN A 136 -7.27 -5.70 -2.02
N LEU A 137 -6.29 -6.57 -2.16
CA LEU A 137 -5.74 -6.88 -3.47
C LEU A 137 -6.03 -8.32 -3.83
N MET A 138 -6.57 -8.53 -5.01
CA MET A 138 -6.87 -9.88 -5.47
C MET A 138 -5.68 -10.42 -6.24
N ALA A 139 -5.16 -11.56 -5.83
CA ALA A 139 -4.03 -12.16 -6.52
C ALA A 139 -4.43 -12.60 -7.92
N ALA A 140 -3.91 -11.90 -8.92
CA ALA A 140 -4.20 -12.19 -10.32
C ALA A 140 -3.40 -13.39 -10.79
N ASP A 141 -2.57 -13.87 -9.88
CA ASP A 141 -1.82 -15.10 -10.07
C ASP A 141 -2.74 -16.31 -9.86
N CYS A 142 -4.00 -16.01 -9.54
CA CYS A 142 -5.04 -17.00 -9.33
C CYS A 142 -4.74 -17.84 -8.10
N LYS A 143 -4.73 -17.19 -6.95
CA LYS A 143 -4.51 -17.87 -5.68
C LYS A 143 -5.67 -17.57 -4.73
N GLN A 144 -5.75 -16.32 -4.31
CA GLN A 144 -6.79 -15.88 -3.37
C GLN A 144 -6.73 -14.37 -3.25
N ILE A 145 -7.40 -13.83 -2.25
CA ILE A 145 -7.39 -12.40 -2.04
C ILE A 145 -6.53 -12.05 -0.83
N ILE A 146 -5.63 -11.10 -1.02
CA ILE A 146 -4.71 -10.70 0.03
C ILE A 146 -5.06 -9.30 0.54
N ALA A 147 -4.18 -8.77 1.40
CA ALA A 147 -4.34 -7.42 1.96
C ALA A 147 -5.54 -7.34 2.91
N ASN A 148 -5.95 -6.12 3.24
CA ASN A 148 -6.98 -5.91 4.24
C ASN A 148 -8.32 -5.59 3.63
N HIS A 149 -9.35 -6.27 4.11
CA HIS A 149 -10.72 -5.92 3.77
C HIS A 149 -11.21 -4.84 4.72
N HIS A 150 -10.29 -3.98 5.10
CA HIS A 150 -10.55 -2.95 6.10
C HIS A 150 -9.91 -1.63 5.69
N MET A 151 -10.75 -0.66 5.34
CA MET A 151 -10.28 0.67 4.98
C MET A 151 -9.64 1.35 6.19
N GLN A 152 -10.22 1.14 7.35
CA GLN A 152 -9.81 1.84 8.57
C GLN A 152 -8.41 1.44 9.00
N SER A 153 -8.05 0.21 8.73
CA SER A 153 -6.82 -0.37 9.23
C SER A 153 -5.66 -0.25 8.23
N ILE A 154 -5.63 0.86 7.52
CA ILE A 154 -4.54 1.13 6.59
C ILE A 154 -3.56 2.11 7.23
N SER A 155 -2.64 2.64 6.44
CA SER A 155 -1.72 3.65 6.95
C SER A 155 -1.47 4.73 5.89
N PHE A 156 -0.70 4.39 4.87
CA PHE A 156 -0.40 5.35 3.80
C PHE A 156 -0.04 4.62 2.52
N ALA A 157 0.16 5.38 1.45
CA ALA A 157 0.44 4.78 0.14
C ALA A 157 1.14 5.78 -0.76
N SER A 158 2.19 5.35 -1.42
CA SER A 158 2.93 6.24 -2.28
C SER A 158 2.43 6.07 -3.71
N GLY A 159 2.03 7.18 -4.30
CA GLY A 159 1.45 7.16 -5.62
C GLY A 159 1.28 8.55 -6.16
N GLY A 160 0.27 8.74 -6.99
CA GLY A 160 0.06 10.03 -7.61
C GLY A 160 0.91 10.18 -8.83
N ASP A 161 1.62 11.29 -8.94
CA ASP A 161 2.54 11.49 -10.06
C ASP A 161 3.81 12.20 -9.58
N PRO A 162 4.65 11.49 -8.79
CA PRO A 162 5.98 11.94 -8.40
C PRO A 162 7.07 11.32 -9.27
N ASP A 163 8.32 11.49 -8.85
CA ASP A 163 9.47 10.86 -9.52
C ASP A 163 9.38 9.35 -9.42
N THR A 164 8.46 8.90 -8.62
CA THR A 164 8.27 7.49 -8.33
C THR A 164 6.95 6.99 -8.91
N ALA A 165 6.33 7.79 -9.79
CA ALA A 165 4.99 7.48 -10.28
C ALA A 165 4.90 6.17 -11.06
N GLU A 166 6.02 5.58 -11.44
CA GLU A 166 5.99 4.36 -12.23
C GLU A 166 6.25 3.11 -11.39
N TYR A 167 6.44 3.28 -10.08
CA TYR A 167 6.34 2.14 -9.15
C TYR A 167 5.56 2.61 -7.93
N VAL A 168 4.48 1.94 -7.62
CA VAL A 168 3.54 2.39 -6.61
C VAL A 168 3.75 1.59 -5.33
N ALA A 169 3.22 2.05 -4.20
CA ALA A 169 3.30 1.29 -2.97
C ALA A 169 2.14 1.65 -2.04
N TYR A 170 1.76 0.71 -1.19
CA TYR A 170 0.74 0.95 -0.18
C TYR A 170 1.13 0.22 1.10
N VAL A 171 0.93 0.86 2.23
CA VAL A 171 1.26 0.24 3.50
C VAL A 171 0.08 0.33 4.47
N ALA A 172 -0.24 -0.81 5.06
CA ALA A 172 -1.39 -0.93 5.94
C ALA A 172 -1.08 -1.90 7.08
N LYS A 173 -2.07 -2.14 7.93
CA LYS A 173 -1.93 -3.10 9.02
C LYS A 173 -2.06 -4.52 8.46
N ASP A 174 -1.04 -4.94 7.73
CA ASP A 174 -1.06 -6.22 7.04
C ASP A 174 -0.77 -7.36 8.01
N PRO A 175 -1.54 -8.46 7.92
CA PRO A 175 -1.43 -9.60 8.85
C PRO A 175 -0.06 -10.30 8.84
N VAL A 176 0.83 -9.87 7.95
CA VAL A 176 2.18 -10.44 7.91
C VAL A 176 2.99 -10.00 9.13
N ASN A 177 2.60 -8.88 9.72
CA ASN A 177 3.31 -8.31 10.86
C ASN A 177 2.44 -7.21 11.49
N GLN A 178 3.06 -6.32 12.25
CA GLN A 178 2.37 -5.18 12.83
C GLN A 178 1.74 -4.31 11.73
N ARG A 179 2.54 -4.04 10.70
CA ARG A 179 2.07 -3.38 9.50
C ARG A 179 3.16 -3.52 8.43
N ALA A 180 2.79 -3.40 7.16
CA ALA A 180 3.75 -3.66 6.11
C ALA A 180 3.54 -2.76 4.90
N CYS A 181 4.64 -2.35 4.30
CA CYS A 181 4.60 -1.59 3.05
C CYS A 181 4.77 -2.55 1.89
N HIS A 182 3.83 -2.50 0.96
CA HIS A 182 3.85 -3.38 -0.21
C HIS A 182 4.05 -2.55 -1.47
N ILE A 183 5.03 -2.93 -2.27
CA ILE A 183 5.36 -2.18 -3.47
C ILE A 183 4.71 -2.85 -4.69
N LEU A 184 3.99 -2.05 -5.47
CA LEU A 184 3.29 -2.54 -6.65
C LEU A 184 4.02 -2.08 -7.91
N GLU A 185 4.37 -3.03 -8.75
CA GLU A 185 5.04 -2.74 -9.99
C GLU A 185 4.07 -2.89 -11.16
N CYS A 186 4.41 -2.32 -12.31
CA CYS A 186 3.55 -2.33 -13.49
C CYS A 186 2.24 -1.59 -13.20
N PRO A 187 2.31 -0.32 -12.74
CA PRO A 187 1.13 0.44 -12.36
C PRO A 187 0.27 0.82 -13.55
N GLU A 188 0.92 1.26 -14.62
CA GLU A 188 0.24 1.64 -15.84
C GLU A 188 -0.79 2.75 -15.57
N GLY A 189 -0.52 3.55 -14.55
CA GLY A 189 -1.41 4.63 -14.19
C GLY A 189 -2.05 4.44 -12.82
N LEU A 190 -1.97 3.22 -12.28
CA LEU A 190 -2.63 2.90 -11.01
C LEU A 190 -2.18 3.85 -9.90
N ALA A 191 -0.96 4.38 -10.02
CA ALA A 191 -0.43 5.30 -9.01
C ALA A 191 -1.43 6.40 -8.68
N GLN A 192 -1.59 7.32 -9.61
CA GLN A 192 -2.50 8.44 -9.42
C GLN A 192 -3.95 7.95 -9.40
N ASP A 193 -4.19 6.86 -10.11
CA ASP A 193 -5.55 6.34 -10.25
C ASP A 193 -6.09 5.85 -8.92
N VAL A 194 -5.41 4.88 -8.31
CA VAL A 194 -5.87 4.33 -7.04
C VAL A 194 -5.86 5.39 -5.95
N ILE A 195 -4.84 6.25 -5.96
CA ILE A 195 -4.75 7.30 -4.96
C ILE A 195 -5.96 8.23 -5.07
N SER A 196 -6.23 8.70 -6.28
CA SER A 196 -7.37 9.55 -6.55
C SER A 196 -8.66 8.83 -6.20
N THR A 197 -8.79 7.61 -6.69
CA THR A 197 -10.01 6.83 -6.51
C THR A 197 -10.30 6.53 -5.03
N ILE A 198 -9.30 6.05 -4.30
CA ILE A 198 -9.47 5.77 -2.88
C ILE A 198 -9.84 7.04 -2.14
N GLY A 199 -9.22 8.15 -2.53
CA GLY A 199 -9.61 9.43 -2.00
C GLY A 199 -11.05 9.78 -2.33
N GLN A 200 -11.42 9.64 -3.60
CA GLN A 200 -12.77 9.96 -4.06
C GLN A 200 -13.82 9.10 -3.34
N ALA A 201 -13.49 7.84 -3.16
CA ALA A 201 -14.37 6.92 -2.46
C ALA A 201 -14.54 7.35 -1.01
N PHE A 202 -13.41 7.51 -0.32
CA PHE A 202 -13.43 7.84 1.09
C PHE A 202 -14.07 9.21 1.33
N GLU A 203 -13.89 10.14 0.38
CA GLU A 203 -14.44 11.48 0.54
C GLU A 203 -15.94 11.50 0.25
N LEU A 204 -16.50 10.38 -0.17
CA LEU A 204 -17.95 10.26 -0.28
C LEU A 204 -18.52 10.05 1.12
N ARG A 205 -17.66 9.51 1.98
CA ARG A 205 -17.99 9.24 3.37
C ARG A 205 -17.07 10.06 4.27
N PHE A 206 -16.66 11.22 3.77
CA PHE A 206 -15.55 11.97 4.35
C PHE A 206 -15.95 12.71 5.62
N LYS A 207 -14.93 13.13 6.35
CA LYS A 207 -15.11 13.99 7.51
C LYS A 207 -14.10 15.14 7.43
N GLN A 208 -14.59 16.35 7.59
CA GLN A 208 -13.75 17.55 7.45
C GLN A 208 -13.16 17.94 8.79
N TYR A 209 -13.39 17.08 9.76
CA TYR A 209 -13.00 17.32 11.13
C TYR A 209 -11.52 17.01 11.37
N LEU A 210 -10.95 16.24 10.47
CA LEU A 210 -9.61 15.69 10.67
C LEU A 210 -8.76 15.78 9.40
N ARG A 211 -7.52 15.30 9.51
CA ARG A 211 -6.54 15.30 8.42
C ARG A 211 -6.17 16.72 8.02
N ARG B 1 26.60 19.16 6.28
CA ARG B 1 26.28 20.47 6.91
C ARG B 1 24.82 20.52 7.34
N ALA B 2 23.91 20.33 6.40
CA ALA B 2 22.49 20.44 6.66
C ALA B 2 21.69 19.43 5.84
N LYS B 3 20.64 18.89 6.45
CA LYS B 3 19.75 17.95 5.79
C LYS B 3 18.31 18.25 6.19
N TRP B 4 17.37 17.72 5.42
CA TRP B 4 15.97 17.79 5.82
C TRP B 4 15.48 16.40 6.21
N ASP B 5 16.23 15.40 5.79
CA ASP B 5 15.91 14.01 6.10
C ASP B 5 16.79 13.49 7.23
N THR B 6 16.50 12.26 7.67
CA THR B 6 17.24 11.63 8.74
C THR B 6 18.53 10.95 8.21
N ALA B 7 18.54 10.67 6.91
CA ALA B 7 19.65 9.98 6.24
C ALA B 7 19.30 9.77 4.78
N ASN B 8 20.29 9.53 3.93
CA ASN B 8 20.01 9.37 2.50
C ASN B 8 21.20 8.85 1.71
N ASN B 9 20.86 8.03 0.71
CA ASN B 9 21.77 7.49 -0.30
C ASN B 9 20.94 6.56 -1.18
N PRO B 10 21.46 5.98 -2.28
CA PRO B 10 20.66 5.13 -3.17
C PRO B 10 20.16 3.84 -2.50
N LEU B 11 19.00 3.96 -1.87
CA LEU B 11 18.32 2.89 -1.16
C LEU B 11 17.29 3.53 -0.27
N LYS B 13 16.00 7.30 0.82
CA LYS B 13 15.85 8.73 0.62
C LYS B 13 14.36 9.05 0.58
N GLU B 14 14.01 10.29 0.86
CA GLU B 14 12.65 10.75 0.62
C GLU B 14 12.58 11.27 -0.81
N ALA B 15 11.59 10.82 -1.58
CA ALA B 15 11.54 11.17 -3.01
C ALA B 15 10.24 10.70 -3.67
N THR B 16 9.17 10.70 -2.92
CA THR B 16 7.88 10.31 -3.44
C THR B 16 6.76 10.91 -2.59
N SER B 17 5.52 10.73 -3.01
CA SER B 17 4.39 11.25 -2.27
C SER B 17 3.56 10.09 -1.72
N THR B 18 3.62 9.90 -0.41
CA THR B 18 2.92 8.79 0.21
C THR B 18 1.92 9.29 1.26
N PHE B 19 0.68 8.87 1.09
CA PHE B 19 -0.43 9.24 1.95
C PHE B 19 -1.66 8.45 1.53
N THR B 20 -2.78 8.76 2.14
CA THR B 20 -4.06 8.18 1.72
C THR B 20 -5.19 9.18 1.93
N ASN B 21 -5.57 9.33 3.18
CA ASN B 21 -6.59 10.28 3.60
C ASN B 21 -6.64 10.23 5.12
N ILE B 22 -7.76 10.56 5.74
CA ILE B 22 -7.86 10.43 7.17
C ILE B 22 -8.26 9.01 7.55
N THR B 23 -7.25 8.20 7.78
CA THR B 23 -7.46 6.85 8.26
C THR B 23 -6.26 6.46 9.12
N ARG B 25 -4.57 7.71 11.18
CA ARG B 25 -3.87 8.88 11.68
C ARG B 25 -4.24 10.10 10.82
N GLY B 26 -4.52 11.22 11.48
CA GLY B 26 -4.89 12.43 10.78
C GLY B 26 -3.69 13.22 10.34
N THR B 27 -3.12 12.82 9.22
CA THR B 27 -1.84 13.32 8.80
C THR B 27 -1.68 13.17 7.29
N GLY A 21 -19.54 -46.00 7.87
CA GLY A 21 -18.86 -44.73 8.21
C GLY A 21 -19.14 -44.30 9.63
N GLN A 22 -19.88 -43.23 9.80
CA GLN A 22 -20.26 -42.74 11.12
C GLN A 22 -21.62 -42.06 11.08
N LEU A 23 -22.22 -41.87 12.24
CA LEU A 23 -23.55 -41.29 12.32
C LEU A 23 -23.45 -39.83 12.72
N GLY A 24 -23.79 -38.94 11.79
CA GLY A 24 -23.78 -37.54 12.10
C GLY A 24 -23.38 -36.69 10.92
N GLY A 25 -23.00 -35.46 11.19
CA GLY A 25 -22.60 -34.55 10.14
C GLY A 25 -22.30 -33.17 10.69
N GLU A 26 -21.03 -32.79 10.68
CA GLU A 26 -20.60 -31.52 11.20
C GLU A 26 -20.24 -30.60 10.04
N GLU A 27 -20.89 -29.46 9.95
CA GLU A 27 -20.63 -28.53 8.87
C GLU A 27 -19.88 -27.31 9.41
N TRP A 28 -18.59 -27.24 9.12
CA TRP A 28 -17.76 -26.17 9.63
C TRP A 28 -17.48 -25.12 8.57
N THR A 29 -18.55 -24.67 7.95
CA THR A 29 -18.49 -23.59 7.00
C THR A 29 -19.76 -22.76 7.15
N ARG A 30 -19.63 -21.45 7.11
CA ARG A 30 -20.76 -20.57 7.36
C ARG A 30 -21.26 -19.92 6.08
N HIS A 31 -22.57 -19.70 6.03
CA HIS A 31 -23.18 -18.96 4.96
C HIS A 31 -23.58 -17.60 5.49
N GLY A 32 -22.67 -16.63 5.39
CA GLY A 32 -22.92 -15.33 5.96
C GLY A 32 -22.79 -14.23 4.94
N SER A 33 -23.65 -14.26 3.94
CA SER A 33 -23.65 -13.25 2.91
C SER A 33 -24.40 -12.02 3.42
N PHE A 34 -23.69 -10.92 3.58
CA PHE A 34 -24.29 -9.71 4.12
C PHE A 34 -24.96 -8.89 3.03
N VAL A 35 -26.22 -8.59 3.23
CA VAL A 35 -26.99 -7.86 2.24
C VAL A 35 -26.98 -6.37 2.55
N ASN A 36 -26.82 -5.57 1.50
CA ASN A 36 -26.88 -4.11 1.61
C ASN A 36 -27.14 -3.52 0.24
N LYS A 37 -27.93 -2.45 0.19
CA LYS A 37 -28.24 -1.80 -1.07
C LYS A 37 -28.55 -0.32 -0.86
N PRO A 38 -27.53 0.54 -0.96
CA PRO A 38 -27.71 1.99 -0.92
C PRO A 38 -28.37 2.49 -2.21
N THR A 39 -27.91 1.95 -3.32
CA THR A 39 -28.45 2.25 -4.65
C THR A 39 -27.50 1.66 -5.70
N ARG A 40 -27.79 1.88 -6.97
CA ARG A 40 -26.91 1.47 -8.05
C ARG A 40 -26.51 2.70 -8.87
N GLY A 41 -26.97 3.86 -8.42
CA GLY A 41 -26.70 5.10 -9.14
C GLY A 41 -25.34 5.69 -8.84
N TRP A 42 -24.29 4.94 -9.15
CA TRP A 42 -22.93 5.42 -8.98
C TRP A 42 -22.21 5.38 -10.32
N LEU A 43 -20.95 5.76 -10.34
CA LEU A 43 -20.10 5.48 -11.49
C LEU A 43 -19.43 4.13 -11.28
N HIS A 44 -18.77 3.63 -12.30
CA HIS A 44 -18.30 2.24 -12.32
C HIS A 44 -17.38 1.91 -11.12
N PRO A 45 -16.32 2.70 -10.85
CA PRO A 45 -15.45 2.45 -9.69
C PRO A 45 -16.17 2.67 -8.36
N ASN A 46 -16.96 3.73 -8.29
CA ASN A 46 -17.66 4.10 -7.06
C ASN A 46 -18.68 3.04 -6.70
N ASP A 47 -19.29 2.47 -7.72
CA ASP A 47 -20.26 1.39 -7.56
C ASP A 47 -19.64 0.24 -6.75
N LYS A 48 -18.40 -0.08 -7.10
CA LYS A 48 -17.71 -1.20 -6.49
C LYS A 48 -17.21 -0.83 -5.12
N VAL A 49 -16.48 0.26 -5.06
CA VAL A 49 -15.90 0.72 -3.80
C VAL A 49 -16.97 0.86 -2.72
N MET A 50 -18.17 1.20 -3.15
CA MET A 50 -19.30 1.33 -2.24
C MET A 50 -20.02 -0.01 -2.05
N GLY A 51 -19.84 -0.92 -3.00
CA GLY A 51 -20.40 -2.24 -2.90
C GLY A 51 -19.35 -3.31 -2.65
N PRO A 52 -19.00 -4.11 -3.68
CA PRO A 52 -17.99 -5.17 -3.56
C PRO A 52 -16.57 -4.62 -3.37
N GLY A 53 -16.14 -3.80 -4.33
CA GLY A 53 -14.82 -3.19 -4.25
C GLY A 53 -14.09 -3.28 -5.57
N VAL A 54 -13.43 -2.20 -5.96
CA VAL A 54 -12.66 -2.19 -7.20
C VAL A 54 -11.39 -3.00 -7.05
N SER A 55 -10.87 -3.47 -8.17
CA SER A 55 -9.71 -4.34 -8.17
C SER A 55 -8.70 -3.89 -9.21
N TYR A 56 -7.47 -3.69 -8.77
CA TYR A 56 -6.39 -3.28 -9.66
C TYR A 56 -5.31 -4.36 -9.69
N LEU A 57 -4.54 -4.40 -10.77
CA LEU A 57 -3.47 -5.38 -10.89
C LEU A 57 -2.16 -4.79 -10.35
N VAL A 58 -1.57 -5.47 -9.39
CA VAL A 58 -0.36 -4.97 -8.73
C VAL A 58 0.62 -6.12 -8.55
N ARG A 59 1.90 -5.79 -8.35
CA ARG A 59 2.90 -6.81 -8.11
C ARG A 59 3.62 -6.55 -6.79
N TYR A 60 3.50 -7.49 -5.86
CA TYR A 60 4.19 -7.39 -4.58
C TYR A 60 5.68 -7.41 -4.82
N MET A 61 6.32 -6.29 -4.60
CA MET A 61 7.73 -6.16 -4.85
C MET A 61 8.43 -5.57 -3.63
N GLY A 62 8.93 -6.46 -2.77
CA GLY A 62 9.66 -6.03 -1.60
C GLY A 62 8.74 -5.49 -0.52
N CYS A 63 9.21 -5.49 0.71
CA CYS A 63 8.42 -4.96 1.81
C CYS A 63 9.33 -4.30 2.84
N VAL A 64 8.94 -3.13 3.30
CA VAL A 64 9.74 -2.42 4.28
C VAL A 64 8.98 -2.31 5.59
N GLU A 65 9.57 -2.87 6.63
CA GLU A 65 8.95 -2.90 7.94
C GLU A 65 9.12 -1.55 8.62
N VAL A 66 8.03 -0.81 8.72
CA VAL A 66 8.06 0.52 9.31
C VAL A 66 7.43 0.48 10.72
N LEU A 67 8.24 0.73 11.74
CA LEU A 67 7.76 0.69 13.12
C LEU A 67 7.36 2.09 13.58
N GLN A 68 7.03 2.92 12.61
CA GLN A 68 6.62 4.30 12.87
C GLN A 68 5.30 4.57 12.15
N SER A 69 4.82 5.80 12.23
CA SER A 69 3.58 6.16 11.58
C SER A 69 3.63 7.61 11.11
N MET A 70 2.60 8.03 10.39
CA MET A 70 2.48 9.43 9.97
C MET A 70 2.61 10.38 11.16
N ARG A 71 1.89 10.04 12.23
CA ARG A 71 1.92 10.82 13.47
C ARG A 71 3.34 10.94 14.03
N ALA A 72 4.16 9.93 13.77
CA ALA A 72 5.47 9.83 14.40
C ALA A 72 6.61 10.06 13.41
N LEU A 73 6.29 10.56 12.22
CA LEU A 73 7.31 10.82 11.21
C LEU A 73 7.28 12.27 10.75
N ASP A 74 8.42 12.71 10.26
CA ASP A 74 8.60 14.05 9.75
C ASP A 74 7.95 14.20 8.39
N PHE A 75 7.56 15.43 8.04
CA PHE A 75 6.86 15.70 6.79
C PHE A 75 7.66 15.28 5.57
N ASN A 76 8.98 15.36 5.67
CA ASN A 76 9.84 14.94 4.58
C ASN A 76 10.31 13.52 4.81
N THR A 77 10.67 13.23 6.06
CA THR A 77 11.09 11.91 6.45
C THR A 77 10.10 10.84 5.99
N ARG A 78 8.80 11.13 6.15
CA ARG A 78 7.75 10.19 5.76
C ARG A 78 7.86 9.83 4.27
N THR A 79 8.08 10.85 3.45
CA THR A 79 8.18 10.67 2.01
C THR A 79 9.52 10.04 1.64
N GLN A 80 10.49 10.22 2.51
CA GLN A 80 11.84 9.76 2.25
C GLN A 80 11.92 8.27 2.52
N VAL A 81 11.33 7.87 3.65
CA VAL A 81 11.31 6.47 4.03
C VAL A 81 10.48 5.65 3.03
N THR A 82 9.41 6.25 2.51
CA THR A 82 8.56 5.56 1.54
C THR A 82 9.28 5.44 0.19
N ARG A 83 9.81 6.56 -0.31
CA ARG A 83 10.50 6.57 -1.59
C ARG A 83 11.75 5.68 -1.52
N GLU A 84 12.38 5.64 -0.34
CA GLU A 84 13.50 4.75 -0.09
C GLU A 84 13.11 3.32 -0.44
N ALA A 85 12.04 2.85 0.18
CA ALA A 85 11.56 1.48 -0.03
C ALA A 85 11.41 1.19 -1.51
N ILE A 86 10.60 2.00 -2.17
CA ILE A 86 10.33 1.85 -3.59
C ILE A 86 11.63 1.89 -4.41
N SER A 87 12.62 2.60 -3.89
CA SER A 87 13.88 2.81 -4.61
C SER A 87 14.75 1.57 -4.56
N LEU A 88 15.26 1.23 -3.37
CA LEU A 88 16.18 0.12 -3.24
C LEU A 88 15.51 -1.19 -3.63
N VAL A 89 14.19 -1.24 -3.52
CA VAL A 89 13.44 -2.39 -3.99
C VAL A 89 13.53 -2.50 -5.50
N CYS A 90 13.05 -1.48 -6.20
CA CYS A 90 12.96 -1.50 -7.66
C CYS A 90 14.34 -1.57 -8.29
N GLU A 91 15.36 -1.13 -7.56
CA GLU A 91 16.71 -1.09 -8.10
C GLU A 91 17.55 -2.27 -7.65
N ALA A 92 16.92 -3.25 -7.00
CA ALA A 92 17.67 -4.41 -6.51
C ALA A 92 16.91 -5.72 -6.71
N VAL A 93 15.66 -5.75 -6.27
CA VAL A 93 14.88 -6.98 -6.34
C VAL A 93 14.34 -7.23 -7.75
N PRO A 94 14.00 -8.48 -8.07
CA PRO A 94 13.40 -8.82 -9.36
C PRO A 94 11.93 -8.42 -9.42
N GLY A 95 11.45 -8.14 -10.63
CA GLY A 95 10.08 -7.76 -10.81
C GLY A 95 9.93 -6.34 -11.30
N ALA A 96 10.86 -5.48 -10.89
CA ALA A 96 10.82 -4.07 -11.24
C ALA A 96 10.92 -3.84 -12.74
N LYS A 97 10.34 -2.74 -13.20
CA LYS A 97 10.39 -2.36 -14.61
C LYS A 97 11.84 -2.14 -15.04
N GLY A 98 12.55 -1.24 -14.35
CA GLY A 98 13.91 -0.92 -14.72
C GLY A 98 14.83 -0.82 -13.53
N ALA A 99 15.67 -1.82 -13.35
CA ALA A 99 16.65 -1.83 -12.26
C ALA A 99 18.06 -1.74 -12.81
N THR A 100 18.81 -0.76 -12.35
CA THR A 100 20.21 -0.62 -12.76
C THR A 100 21.13 -1.06 -11.63
N ARG A 101 20.54 -1.70 -10.63
CA ARG A 101 21.25 -2.18 -9.45
C ARG A 101 21.73 -1.01 -8.61
N ARG A 102 20.91 -0.65 -7.64
CA ARG A 102 21.26 0.39 -6.67
C ARG A 102 20.97 -0.10 -5.27
N ARG A 103 22.00 -0.53 -4.56
CA ARG A 103 21.83 -0.92 -3.17
C ARG A 103 23.07 -0.57 -2.38
N LYS A 104 23.01 0.56 -1.69
CA LYS A 104 24.10 1.00 -0.84
C LYS A 104 24.29 0.00 0.29
N PRO A 105 25.53 -0.51 0.44
CA PRO A 105 25.82 -1.69 1.24
C PRO A 105 25.88 -1.45 2.75
N CYS A 106 25.65 -0.22 3.18
CA CYS A 106 25.59 0.07 4.61
C CYS A 106 24.25 -0.38 5.17
N SER A 107 24.28 -1.19 6.22
CA SER A 107 23.09 -1.86 6.70
C SER A 107 22.18 -0.97 7.55
N ARG A 108 21.52 -0.06 6.86
CA ARG A 108 20.39 0.66 7.42
C ARG A 108 19.46 1.04 6.28
N PRO A 109 18.15 1.17 6.53
CA PRO A 109 17.18 1.51 5.48
C PRO A 109 17.48 2.86 4.82
N LEU A 110 17.18 3.94 5.53
CA LEU A 110 17.54 5.28 5.05
C LEU A 110 18.31 6.02 6.13
N SER A 111 17.78 5.95 7.34
CA SER A 111 18.46 6.50 8.50
C SER A 111 18.05 5.72 9.74
N SER A 112 17.53 4.52 9.52
CA SER A 112 17.01 3.68 10.60
C SER A 112 15.88 4.42 11.35
N ILE A 113 15.12 5.21 10.60
CA ILE A 113 14.00 5.97 11.15
C ILE A 113 12.86 5.02 11.45
N LEU A 114 12.62 4.15 10.50
CA LEU A 114 11.60 3.12 10.64
C LEU A 114 12.25 1.80 11.04
N GLY A 115 11.62 0.69 10.72
CA GLY A 115 12.20 -0.61 11.02
C GLY A 115 13.38 -0.91 10.13
N ARG A 116 13.10 -1.48 8.96
CA ARG A 116 14.15 -1.75 7.97
C ARG A 116 13.54 -2.19 6.66
N SER A 117 14.29 -2.02 5.59
CA SER A 117 13.87 -2.43 4.27
C SER A 117 14.14 -3.92 4.09
N ASN A 118 13.10 -4.71 3.90
CA ASN A 118 13.26 -6.15 3.81
C ASN A 118 12.89 -6.63 2.42
N LEU A 119 13.90 -6.82 1.60
CA LEU A 119 13.70 -7.23 0.24
C LEU A 119 13.53 -8.75 0.17
N LYS A 120 12.49 -9.26 0.81
CA LYS A 120 12.23 -10.69 0.77
C LYS A 120 11.01 -11.03 -0.09
N PHE A 121 9.88 -10.41 0.21
CA PHE A 121 8.67 -10.70 -0.53
C PHE A 121 8.60 -9.89 -1.82
N ALA A 122 9.23 -10.41 -2.86
CA ALA A 122 9.27 -9.71 -4.14
C ALA A 122 8.97 -10.65 -5.29
N GLY A 123 8.00 -10.27 -6.12
CA GLY A 123 7.68 -11.04 -7.30
C GLY A 123 6.38 -11.81 -7.19
N MET A 124 5.41 -11.26 -6.48
CA MET A 124 4.14 -11.94 -6.32
C MET A 124 2.99 -11.10 -6.85
N PRO A 125 2.27 -11.59 -7.87
CA PRO A 125 1.12 -10.88 -8.43
C PRO A 125 -0.03 -10.76 -7.43
N ILE A 126 -0.56 -9.56 -7.29
CA ILE A 126 -1.66 -9.31 -6.36
C ILE A 126 -2.71 -8.40 -6.98
N THR A 127 -3.73 -8.09 -6.20
CA THR A 127 -4.85 -7.33 -6.68
C THR A 127 -5.29 -6.29 -5.63
N LEU A 128 -5.12 -5.03 -5.96
CA LEU A 128 -5.48 -3.93 -5.07
C LEU A 128 -7.00 -3.81 -5.02
N THR A 129 -7.60 -4.24 -3.91
CA THR A 129 -9.04 -4.19 -3.78
C THR A 129 -9.45 -3.05 -2.85
N VAL A 130 -10.06 -2.03 -3.42
CA VAL A 130 -10.48 -0.87 -2.66
C VAL A 130 -11.92 -1.02 -2.19
N SER A 131 -12.13 -0.94 -0.90
CA SER A 131 -13.46 -1.08 -0.34
C SER A 131 -13.74 0.08 0.61
N THR A 132 -15.02 0.43 0.74
CA THR A 132 -15.47 1.52 1.59
C THR A 132 -14.82 1.49 2.97
N SER A 133 -14.71 0.30 3.54
CA SER A 133 -14.13 0.15 4.86
C SER A 133 -12.98 -0.84 4.85
N SER A 134 -12.39 -1.05 3.68
CA SER A 134 -11.38 -2.09 3.52
C SER A 134 -10.36 -1.73 2.45
N LEU A 135 -9.15 -2.23 2.61
CA LEU A 135 -8.12 -2.03 1.59
C LEU A 135 -7.19 -3.23 1.59
N ASN A 136 -7.68 -4.33 1.05
CA ASN A 136 -6.98 -5.60 1.07
C ASN A 136 -6.54 -5.98 -0.34
N LEU A 137 -5.53 -6.82 -0.42
CA LEU A 137 -5.00 -7.24 -1.72
C LEU A 137 -5.16 -8.74 -1.91
N MET A 138 -5.72 -9.13 -3.03
CA MET A 138 -5.91 -10.53 -3.34
C MET A 138 -4.72 -11.05 -4.13
N ALA A 139 -4.06 -12.06 -3.61
CA ALA A 139 -2.92 -12.66 -4.30
C ALA A 139 -3.36 -13.32 -5.59
N ALA A 140 -2.97 -12.71 -6.72
CA ALA A 140 -3.33 -13.22 -8.04
C ALA A 140 -2.55 -14.48 -8.34
N ASP A 141 -1.61 -14.76 -7.44
CA ASP A 141 -0.86 -16.02 -7.42
C ASP A 141 -1.80 -17.21 -7.18
N CYS A 142 -3.06 -16.89 -6.84
CA CYS A 142 -4.07 -17.90 -6.53
C CYS A 142 -3.71 -18.59 -5.21
N LYS A 143 -3.24 -17.78 -4.28
CA LYS A 143 -2.78 -18.27 -3.00
C LYS A 143 -3.83 -17.98 -1.93
N GLN A 144 -3.94 -16.70 -1.58
CA GLN A 144 -4.88 -16.27 -0.56
C GLN A 144 -5.06 -14.76 -0.64
N ILE A 145 -5.62 -14.17 0.40
CA ILE A 145 -5.80 -12.73 0.44
C ILE A 145 -4.90 -12.13 1.51
N ILE A 146 -4.20 -11.06 1.17
CA ILE A 146 -3.29 -10.41 2.09
C ILE A 146 -3.77 -9.01 2.45
N ALA A 147 -2.92 -8.27 3.16
CA ALA A 147 -3.24 -6.91 3.62
C ALA A 147 -4.33 -6.95 4.67
N ASN A 148 -5.04 -5.84 4.84
CA ASN A 148 -6.07 -5.77 5.87
C ASN A 148 -7.39 -5.26 5.29
N HIS A 149 -8.48 -5.89 5.71
CA HIS A 149 -9.78 -5.47 5.28
C HIS A 149 -10.35 -4.46 6.26
N HIS A 150 -9.60 -3.39 6.48
CA HIS A 150 -9.99 -2.35 7.42
C HIS A 150 -9.31 -1.02 7.08
N MET A 151 -10.07 -0.12 6.48
CA MET A 151 -9.56 1.18 6.03
C MET A 151 -8.85 1.94 7.15
N GLN A 152 -9.39 1.85 8.36
CA GLN A 152 -8.82 2.53 9.53
C GLN A 152 -7.36 2.13 9.73
N SER A 153 -7.04 0.91 9.35
CA SER A 153 -5.77 0.31 9.69
C SER A 153 -4.72 0.52 8.60
N ILE A 154 -4.80 1.67 7.92
CA ILE A 154 -3.82 1.99 6.90
C ILE A 154 -2.89 3.10 7.38
N SER A 155 -1.99 3.55 6.52
CA SER A 155 -1.09 4.65 6.88
C SER A 155 -0.69 5.48 5.65
N PHE A 156 0.19 4.95 4.82
CA PHE A 156 0.72 5.69 3.67
C PHE A 156 0.25 5.07 2.36
N ALA A 157 0.31 5.85 1.30
CA ALA A 157 0.13 5.33 -0.05
C ALA A 157 0.81 6.25 -1.05
N SER A 158 1.87 5.77 -1.67
CA SER A 158 2.62 6.56 -2.61
C SER A 158 2.14 6.24 -4.02
N GLY A 159 1.72 7.28 -4.74
CA GLY A 159 1.18 7.09 -6.06
C GLY A 159 0.84 8.41 -6.72
N GLY A 160 -0.15 8.40 -7.59
CA GLY A 160 -0.50 9.59 -8.34
C GLY A 160 0.27 9.66 -9.63
N ASP A 161 0.90 10.79 -9.89
CA ASP A 161 1.81 10.92 -11.02
C ASP A 161 3.06 11.70 -10.61
N PRO A 162 3.85 11.16 -9.65
CA PRO A 162 5.09 11.76 -9.21
C PRO A 162 6.32 11.16 -9.90
N ASP A 163 7.48 11.42 -9.31
CA ASP A 163 8.76 10.86 -9.74
C ASP A 163 8.72 9.34 -9.71
N THR A 164 7.73 8.85 -9.02
CA THR A 164 7.62 7.47 -8.67
C THR A 164 6.36 6.86 -9.31
N ALA A 165 5.76 7.58 -10.23
CA ALA A 165 4.51 7.14 -10.84
C ALA A 165 4.62 5.79 -11.56
N GLU A 166 5.85 5.35 -11.83
CA GLU A 166 6.08 4.07 -12.49
C GLU A 166 5.87 2.90 -11.53
N TYR A 167 6.16 3.10 -10.24
CA TYR A 167 6.02 2.05 -9.24
C TYR A 167 5.25 2.57 -8.04
N VAL A 168 4.25 1.85 -7.60
CA VAL A 168 3.35 2.34 -6.57
C VAL A 168 3.71 1.72 -5.23
N ALA A 169 3.21 2.28 -4.15
CA ALA A 169 3.47 1.73 -2.83
C ALA A 169 2.33 2.05 -1.88
N TYR A 170 2.05 1.16 -0.96
CA TYR A 170 1.08 1.43 0.08
C TYR A 170 1.61 0.95 1.42
N VAL A 171 1.45 1.75 2.43
CA VAL A 171 1.92 1.42 3.76
C VAL A 171 0.73 1.27 4.69
N ALA A 172 0.53 0.08 5.21
CA ALA A 172 -0.64 -0.21 6.03
C ALA A 172 -0.27 -1.17 7.14
N LYS A 173 -1.17 -1.37 8.09
CA LYS A 173 -0.92 -2.31 9.18
C LYS A 173 -0.72 -3.72 8.62
N ASP A 174 0.40 -4.32 9.00
CA ASP A 174 0.86 -5.57 8.40
C ASP A 174 0.43 -6.76 9.25
N PRO A 175 0.20 -7.93 8.63
CA PRO A 175 -0.16 -9.17 9.34
C PRO A 175 0.96 -9.69 10.26
N VAL A 176 2.22 -9.47 9.90
CA VAL A 176 3.33 -9.99 10.70
C VAL A 176 4.11 -8.89 11.40
N ASN A 177 4.11 -7.70 10.82
CA ASN A 177 4.75 -6.54 11.45
C ASN A 177 3.68 -5.58 11.96
N GLN A 178 4.08 -4.52 12.64
CA GLN A 178 3.14 -3.48 13.08
C GLN A 178 2.48 -2.86 11.86
N ARG A 179 3.29 -2.30 10.97
CA ARG A 179 2.85 -1.84 9.68
C ARG A 179 4.00 -1.90 8.71
N ALA A 180 3.72 -2.14 7.45
CA ALA A 180 4.77 -2.33 6.48
C ALA A 180 4.46 -1.60 5.18
N CYS A 181 5.51 -1.06 4.59
CA CYS A 181 5.43 -0.41 3.31
C CYS A 181 5.57 -1.46 2.22
N HIS A 182 4.51 -1.66 1.46
CA HIS A 182 4.52 -2.67 0.41
C HIS A 182 4.54 -1.99 -0.95
N ILE A 183 5.50 -2.34 -1.79
CA ILE A 183 5.66 -1.69 -3.08
C ILE A 183 5.02 -2.53 -4.18
N LEU A 184 4.19 -1.91 -5.00
CA LEU A 184 3.47 -2.58 -6.06
C LEU A 184 4.07 -2.24 -7.41
N GLU A 185 4.43 -3.26 -8.16
CA GLU A 185 4.98 -3.08 -9.48
C GLU A 185 3.94 -3.34 -10.54
N CYS A 186 4.14 -2.69 -11.69
CA CYS A 186 3.24 -2.80 -12.83
C CYS A 186 1.86 -2.24 -12.51
N PRO A 187 1.77 -0.94 -12.20
CA PRO A 187 0.53 -0.30 -11.81
C PRO A 187 -0.47 -0.16 -12.94
N GLU A 188 0.02 0.24 -14.11
CA GLU A 188 -0.83 0.42 -15.29
C GLU A 188 -1.84 1.56 -15.04
N GLY A 189 -1.53 2.42 -14.08
CA GLY A 189 -2.41 3.51 -13.75
C GLY A 189 -2.98 3.42 -12.35
N LEU A 190 -2.77 2.27 -11.70
CA LEU A 190 -3.33 2.04 -10.37
C LEU A 190 -2.89 3.12 -9.40
N ALA A 191 -1.72 3.71 -9.62
CA ALA A 191 -1.20 4.74 -8.72
C ALA A 191 -2.25 5.82 -8.43
N GLN A 192 -2.51 6.65 -9.42
CA GLN A 192 -3.46 7.74 -9.28
C GLN A 192 -4.88 7.21 -9.15
N ASP A 193 -5.12 6.02 -9.70
CA ASP A 193 -6.45 5.44 -9.73
C ASP A 193 -6.88 5.01 -8.32
N VAL A 194 -6.08 4.15 -7.69
CA VAL A 194 -6.40 3.69 -6.33
C VAL A 194 -6.43 4.88 -5.37
N ILE A 195 -5.52 5.82 -5.56
CA ILE A 195 -5.47 7.00 -4.70
C ILE A 195 -6.76 7.81 -4.83
N SER A 196 -7.16 8.05 -6.08
CA SER A 196 -8.39 8.78 -6.35
C SER A 196 -9.59 8.01 -5.78
N THR A 197 -9.64 6.72 -6.05
CA THR A 197 -10.74 5.88 -5.59
C THR A 197 -10.84 5.87 -4.05
N ILE A 198 -9.76 5.48 -3.38
CA ILE A 198 -9.74 5.40 -1.93
C ILE A 198 -10.11 6.74 -1.30
N GLY A 199 -9.58 7.82 -1.88
CA GLY A 199 -9.92 9.16 -1.43
C GLY A 199 -11.40 9.49 -1.63
N GLN A 200 -11.87 9.30 -2.86
CA GLN A 200 -13.27 9.58 -3.19
C GLN A 200 -14.23 8.71 -2.38
N ALA A 201 -13.79 7.50 -2.05
CA ALA A 201 -14.58 6.62 -1.21
C ALA A 201 -14.71 7.20 0.19
N PHE A 202 -13.58 7.32 0.88
CA PHE A 202 -13.57 7.81 2.26
C PHE A 202 -14.13 9.23 2.35
N GLU A 203 -14.17 9.92 1.21
CA GLU A 203 -14.77 11.25 1.11
C GLU A 203 -16.17 11.29 1.73
N LEU A 204 -16.85 10.14 1.78
CA LEU A 204 -18.19 10.09 2.38
C LEU A 204 -18.15 10.55 3.84
N ARG A 205 -16.99 10.38 4.47
CA ARG A 205 -16.80 10.78 5.86
C ARG A 205 -15.59 11.70 6.00
N PHE A 206 -15.07 12.17 4.86
CA PHE A 206 -13.85 12.96 4.84
C PHE A 206 -14.19 14.44 5.01
N LYS A 207 -13.31 15.15 5.70
CA LYS A 207 -13.47 16.59 5.89
C LYS A 207 -12.13 17.29 5.71
N GLN A 208 -12.19 18.59 5.42
CA GLN A 208 -11.00 19.36 5.07
C GLN A 208 -10.39 20.01 6.31
N TYR A 209 -10.94 19.63 7.44
CA TYR A 209 -10.51 20.16 8.73
C TYR A 209 -9.09 19.73 9.08
N LEU A 210 -8.66 18.64 8.46
CA LEU A 210 -7.37 18.02 8.81
C LEU A 210 -6.82 17.23 7.63
N ARG A 211 -5.55 16.84 7.74
CA ARG A 211 -4.88 15.98 6.75
C ARG A 211 -4.90 16.65 5.37
N ARG B 1 29.38 15.97 4.24
CA ARG B 1 28.31 15.20 3.57
C ARG B 1 27.03 16.03 3.48
N ALA B 2 26.56 16.27 2.27
CA ALA B 2 25.30 16.95 2.06
C ALA B 2 24.21 15.92 1.85
N LYS B 3 23.02 16.18 2.39
CA LYS B 3 21.91 15.24 2.30
C LYS B 3 20.66 15.94 1.78
N TRP B 4 19.75 15.17 1.20
CA TRP B 4 18.46 15.70 0.78
C TRP B 4 17.63 16.00 2.03
N ASP B 5 17.73 15.11 3.01
CA ASP B 5 17.07 15.30 4.29
C ASP B 5 17.82 14.55 5.37
N THR B 6 17.53 13.26 5.50
CA THR B 6 18.19 12.43 6.47
C THR B 6 19.25 11.57 5.79
N ALA B 7 19.05 11.33 4.49
CA ALA B 7 20.01 10.58 3.68
C ALA B 7 19.85 10.99 2.22
N ASN B 8 20.69 10.44 1.34
CA ASN B 8 20.61 10.74 -0.08
C ASN B 8 21.58 9.91 -0.91
N ASN B 9 21.03 9.01 -1.71
CA ASN B 9 21.80 8.19 -2.64
C ASN B 9 20.80 7.27 -3.35
N PRO B 10 21.19 6.56 -4.42
CA PRO B 10 20.29 5.62 -5.09
C PRO B 10 19.91 4.46 -4.17
N LEU B 11 18.86 4.69 -3.39
CA LEU B 11 18.36 3.75 -2.38
C LEU B 11 17.37 4.49 -1.53
N LYS B 13 15.91 8.47 -0.93
CA LYS B 13 15.69 9.85 -1.31
C LYS B 13 14.22 10.19 -1.06
N GLU B 14 13.92 11.44 -0.78
CA GLU B 14 12.55 11.90 -0.82
C GLU B 14 12.24 12.39 -2.23
N ALA B 15 11.39 11.64 -2.94
CA ALA B 15 11.05 11.97 -4.32
C ALA B 15 9.83 11.20 -4.78
N THR B 16 8.68 11.56 -4.24
CA THR B 16 7.41 10.95 -4.61
C THR B 16 6.29 11.56 -3.78
N SER B 17 5.07 11.17 -4.06
CA SER B 17 3.92 11.64 -3.31
C SER B 17 3.28 10.47 -2.58
N THR B 18 3.45 10.44 -1.25
CA THR B 18 2.84 9.39 -0.45
C THR B 18 1.91 10.01 0.59
N PHE B 19 0.66 9.61 0.50
CA PHE B 19 -0.38 10.10 1.38
C PHE B 19 -1.55 9.16 1.33
N THR B 20 -2.71 9.60 1.79
CA THR B 20 -3.93 8.81 1.74
C THR B 20 -5.13 9.68 2.04
N ASN B 21 -5.39 9.84 3.32
CA ASN B 21 -6.56 10.52 3.81
C ASN B 21 -6.46 10.58 5.34
N ILE B 22 -7.48 11.11 5.99
CA ILE B 22 -7.45 11.19 7.44
C ILE B 22 -8.07 9.94 8.08
N THR B 23 -7.27 8.88 8.13
CA THR B 23 -7.71 7.64 8.74
C THR B 23 -6.80 7.23 9.90
N ARG B 25 -3.68 9.69 10.72
CA ARG B 25 -3.01 10.90 11.18
C ARG B 25 -3.38 12.09 10.28
N GLY B 26 -3.67 13.22 10.90
CA GLY B 26 -3.99 14.43 10.15
C GLY B 26 -2.76 15.25 9.92
N THR B 27 -2.15 15.06 8.77
CA THR B 27 -0.82 15.58 8.53
C THR B 27 -0.55 15.68 7.02
#